data_2VT5
#
_entry.id   2VT5
#
_cell.length_a   65.964
_cell.length_b   284.611
_cell.length_c   83.375
_cell.angle_alpha   90.00
_cell.angle_beta   97.52
_cell.angle_gamma   90.00
#
_symmetry.space_group_name_H-M   'P 1 21 1'
#
loop_
_entity.id
_entity.type
_entity.pdbx_description
1 polymer 'FRUCTOSE-1,6-BISPHOSPHATASE 1'
2 non-polymer 4-AMINO-N-[(2-SULFANYLETHYL)CARBAMOYL]BENZENESULFONAMIDE
3 water water
#
_entity_poly.entity_id   1
_entity_poly.type   'polypeptide(L)'
_entity_poly.pdbx_seq_one_letter_code
;MADQAPFDTDVNTLTRFVMEEGRKARGTGELTQLLNSLCTAVKAISSAVRKAGIAHLYGIAGSTNVTGDQVKKLDVLSND
LVMNMLKSSFATCVLVSEEDKHAIIVEPEKRGKYVVCFDPLDGSSNIDCLVSVGTIFGIYRKKSTDEPSEKDALQPGRNL
VAAGYALYGSATMLVLAMDCGVNCFMLDPAIGEFILVDKDVKIKKKGKIYSLNEGYAKDFDPAVTEYIQRKKFPPDNSAP
YGARYVGSMVADVHRTLVYGGIFLYPANKKSPNGKLRLLYECNPMAYVMEKAGGMATTGKEAVLDVIPTDIHQRAPVILG
SPDDVLEFLKVYEKHSAQ
;
_entity_poly.pdbx_strand_id   A,B,C,D,E,F,G,H
#
loop_
_chem_comp.id
_chem_comp.type
_chem_comp.name
_chem_comp.formula
ROK non-polymer 4-AMINO-N-[(2-SULFANYLETHYL)CARBAMOYL]BENZENESULFONAMIDE 'C9 H13 N3 O3 S2'
#
# COMPACT_ATOMS: atom_id res chain seq x y z
N ASP A 10 50.96 -10.64 -11.64
CA ASP A 10 51.19 -9.18 -11.32
C ASP A 10 49.88 -8.43 -11.03
N VAL A 11 49.86 -7.75 -9.87
CA VAL A 11 48.78 -6.82 -9.49
C VAL A 11 48.58 -5.71 -10.53
N ASN A 12 47.33 -5.44 -10.85
CA ASN A 12 46.97 -4.43 -11.81
C ASN A 12 45.93 -3.50 -11.22
N THR A 13 46.06 -2.22 -11.51
CA THR A 13 45.10 -1.19 -11.09
C THR A 13 44.40 -0.64 -12.33
N LEU A 14 43.34 0.15 -12.11
CA LEU A 14 42.61 0.73 -13.24
C LEU A 14 43.48 1.66 -14.07
N THR A 15 44.18 2.58 -13.39
CA THR A 15 45.09 3.53 -14.04
C THR A 15 46.17 2.83 -14.88
N ARG A 16 46.77 1.78 -14.33
CA ARG A 16 47.81 1.04 -15.02
C ARG A 16 47.23 0.32 -16.21
N PHE A 17 46.05 -0.30 -16.02
CA PHE A 17 45.37 -1.06 -17.07
C PHE A 17 44.98 -0.21 -18.28
N VAL A 18 44.40 0.96 -18.03
CA VAL A 18 43.95 1.86 -19.10
C VAL A 18 45.16 2.50 -19.82
N MET A 19 46.13 2.96 -19.03
CA MET A 19 47.38 3.48 -19.55
C MET A 19 48.07 2.53 -20.53
N GLU A 20 48.19 1.26 -20.13
CA GLU A 20 48.80 0.22 -20.93
C GLU A 20 48.06 -0.03 -22.23
N GLU A 21 46.73 -0.10 -22.16
CA GLU A 21 45.89 -0.20 -23.36
C GLU A 21 46.10 1.00 -24.28
N GLY A 22 46.31 2.16 -23.67
CA GLY A 22 46.60 3.40 -24.39
C GLY A 22 47.88 3.35 -25.21
N ARG A 23 48.93 2.78 -24.63
CA ARG A 23 50.23 2.66 -25.28
C ARG A 23 50.19 1.72 -26.47
N LYS A 24 49.51 0.58 -26.31
CA LYS A 24 49.22 -0.34 -27.42
C LYS A 24 48.55 0.36 -28.63
N ALA A 25 47.70 1.34 -28.34
CA ALA A 25 46.90 2.03 -29.35
C ALA A 25 47.54 3.34 -29.81
N ARG A 26 48.66 3.70 -29.18
CA ARG A 26 49.39 4.93 -29.51
C ARG A 26 48.53 6.17 -29.30
N GLY A 27 47.80 6.21 -28.18
CA GLY A 27 46.94 7.36 -27.88
C GLY A 27 47.69 8.56 -27.35
N THR A 28 47.09 9.73 -27.50
CA THR A 28 47.64 10.99 -26.97
C THR A 28 47.66 11.01 -25.43
N GLY A 29 46.70 10.32 -24.81
CA GLY A 29 46.55 10.29 -23.36
C GLY A 29 45.23 10.83 -22.84
N GLU A 30 44.40 11.36 -23.74
CA GLU A 30 43.13 12.02 -23.40
C GLU A 30 42.08 11.12 -22.73
N LEU A 31 41.83 9.94 -23.31
CA LEU A 31 40.93 8.95 -22.69
C LEU A 31 41.41 8.42 -21.33
N THR A 32 42.73 8.31 -21.14
CA THR A 32 43.26 7.88 -19.86
C THR A 32 43.00 8.94 -18.80
N GLN A 33 43.26 10.20 -19.12
CA GLN A 33 43.00 11.31 -18.20
C GLN A 33 41.52 11.38 -17.81
N LEU A 34 40.65 11.18 -18.78
CA LEU A 34 39.22 11.20 -18.52
C LEU A 34 38.75 10.06 -17.64
N LEU A 35 39.26 8.85 -17.87
CA LEU A 35 38.91 7.70 -17.05
C LEU A 35 39.48 7.79 -15.63
N ASN A 36 40.67 8.39 -15.49
CA ASN A 36 41.26 8.70 -14.19
C ASN A 36 40.42 9.69 -13.38
N SER A 37 39.92 10.73 -14.04
CA SER A 37 39.10 11.74 -13.39
C SER A 37 37.76 11.16 -12.98
N LEU A 38 37.15 10.41 -13.90
CA LEU A 38 35.92 9.70 -13.62
C LEU A 38 36.08 8.78 -12.41
N CYS A 39 37.22 8.11 -12.35
CA CYS A 39 37.42 7.16 -11.30
C CYS A 39 37.77 7.83 -9.94
N THR A 40 38.32 9.03 -9.98
CA THR A 40 38.42 9.87 -8.79
C THR A 40 37.05 10.26 -8.24
N ALA A 41 36.12 10.60 -9.15
CA ALA A 41 34.74 10.96 -8.84
C ALA A 41 33.99 9.78 -8.19
N VAL A 42 34.14 8.61 -8.80
CA VAL A 42 33.52 7.39 -8.32
C VAL A 42 33.94 7.10 -6.87
N LYS A 43 35.23 7.31 -6.55
CA LYS A 43 35.70 7.06 -5.19
C LYS A 43 35.10 8.07 -4.20
N ALA A 44 34.93 9.31 -4.63
CA ALA A 44 34.29 10.33 -3.79
C ALA A 44 32.79 10.04 -3.64
N ILE A 45 32.17 9.53 -4.68
CA ILE A 45 30.79 9.07 -4.62
C ILE A 45 30.69 7.90 -3.65
N SER A 46 31.51 6.86 -3.84
CA SER A 46 31.50 5.71 -2.94
C SER A 46 31.60 6.16 -1.48
N SER A 47 32.48 7.12 -1.20
CA SER A 47 32.73 7.53 0.18
C SER A 47 31.50 8.24 0.77
N ALA A 48 30.79 8.99 -0.06
CA ALA A 48 29.62 9.72 0.38
C ALA A 48 28.43 8.78 0.54
N VAL A 49 28.30 7.82 -0.37
CA VAL A 49 27.25 6.80 -0.33
C VAL A 49 27.37 5.94 0.95
N ARG A 50 28.59 5.55 1.32
CA ARG A 50 28.85 4.78 2.55
C ARG A 50 28.72 5.60 3.85
N LYS A 51 28.45 6.89 3.67
CA LYS A 51 28.11 7.82 4.77
C LYS A 51 29.29 8.29 5.61
N ALA A 52 30.46 8.40 4.98
CA ALA A 52 31.60 8.99 5.67
C ALA A 52 31.24 10.39 6.14
N GLY A 53 31.43 10.65 7.44
CA GLY A 53 31.21 11.99 7.97
C GLY A 53 29.76 12.34 8.25
N ILE A 54 28.86 11.36 8.19
CA ILE A 54 27.44 11.54 8.57
C ILE A 54 27.26 12.03 10.03
N ALA A 55 28.24 11.72 10.88
CA ALA A 55 28.22 12.10 12.28
C ALA A 55 28.17 13.61 12.44
N HIS A 56 28.81 14.33 11.50
CA HIS A 56 28.74 15.77 11.43
C HIS A 56 27.36 16.32 11.07
N LEU A 57 26.64 15.62 10.21
CA LEU A 57 25.22 15.95 9.95
C LEU A 57 24.35 15.82 11.21
N TYR A 58 24.77 14.98 12.16
CA TYR A 58 23.94 14.67 13.30
C TYR A 58 24.33 15.33 14.60
N GLY A 59 25.30 16.26 14.53
CA GLY A 59 25.59 17.15 15.64
C GLY A 59 26.80 16.77 16.48
N ILE A 60 27.61 15.84 15.99
CA ILE A 60 28.81 15.40 16.73
C ILE A 60 29.67 16.58 17.17
N ALA A 61 29.71 17.66 16.39
CA ALA A 61 30.44 18.87 16.79
C ALA A 61 29.52 20.05 17.13
N GLY A 62 28.29 19.74 17.50
CA GLY A 62 27.25 20.76 17.71
C GLY A 62 26.78 21.38 16.40
N VAL A 71 25.55 18.45 3.54
CA VAL A 71 24.27 19.15 3.41
C VAL A 71 23.57 18.76 2.09
N LYS A 72 24.36 18.77 1.01
CA LYS A 72 23.89 18.45 -0.34
C LYS A 72 23.29 17.05 -0.40
N LYS A 73 22.18 16.87 -1.11
CA LYS A 73 21.67 15.53 -1.37
C LYS A 73 22.68 14.76 -2.24
N LEU A 74 22.68 13.43 -2.10
CA LEU A 74 23.69 12.58 -2.72
C LEU A 74 23.70 12.59 -4.25
N ASP A 75 22.53 12.66 -4.88
CA ASP A 75 22.49 12.67 -6.35
C ASP A 75 23.01 13.98 -6.93
N VAL A 76 22.68 15.10 -6.27
CA VAL A 76 23.27 16.40 -6.56
C VAL A 76 24.80 16.40 -6.35
N LEU A 77 25.26 15.87 -5.23
CA LEU A 77 26.69 15.77 -4.97
C LEU A 77 27.39 14.91 -5.99
N SER A 78 26.81 13.75 -6.32
CA SER A 78 27.33 12.83 -7.32
C SER A 78 27.41 13.50 -8.70
N ASN A 79 26.39 14.29 -9.02
CA ASN A 79 26.38 14.99 -10.30
C ASN A 79 27.50 16.04 -10.36
N ASP A 80 27.61 16.87 -9.31
CA ASP A 80 28.71 17.81 -9.16
C ASP A 80 30.09 17.15 -9.21
N LEU A 81 30.24 15.99 -8.57
CA LEU A 81 31.51 15.28 -8.56
C LEU A 81 31.92 14.81 -9.96
N VAL A 82 31.03 14.11 -10.65
CA VAL A 82 31.29 13.63 -12.00
C VAL A 82 31.54 14.80 -12.98
N MET A 83 30.62 15.78 -12.97
CA MET A 83 30.72 16.96 -13.81
C MET A 83 32.03 17.71 -13.63
N ASN A 84 32.36 18.00 -12.38
CA ASN A 84 33.56 18.77 -12.11
C ASN A 84 34.82 18.03 -12.48
N MET A 85 34.85 16.72 -12.20
CA MET A 85 36.03 15.91 -12.48
C MET A 85 36.28 15.73 -13.98
N LEU A 86 35.20 15.50 -14.73
CA LEU A 86 35.23 15.45 -16.19
C LEU A 86 35.62 16.78 -16.83
N LYS A 87 35.03 17.88 -16.38
CA LYS A 87 35.43 19.21 -16.89
C LYS A 87 36.92 19.42 -16.75
N SER A 88 37.38 19.26 -15.52
CA SER A 88 38.77 19.46 -15.14
C SER A 88 39.72 18.42 -15.76
N SER A 89 39.18 17.40 -16.43
CA SER A 89 40.00 16.39 -17.08
C SER A 89 40.68 16.94 -18.35
N PHE A 90 40.18 18.06 -18.87
CA PHE A 90 40.59 18.60 -20.18
C PHE A 90 40.38 17.62 -21.35
N ALA A 91 39.53 16.61 -21.15
CA ALA A 91 39.38 15.54 -22.13
C ALA A 91 38.00 15.49 -22.79
N THR A 92 37.11 16.40 -22.39
CA THR A 92 35.70 16.34 -22.77
C THR A 92 35.22 17.65 -23.39
N CYS A 93 34.11 17.61 -24.14
CA CYS A 93 33.52 18.83 -24.70
C CYS A 93 32.01 18.93 -24.48
N VAL A 94 31.35 17.76 -24.47
CA VAL A 94 29.90 17.69 -24.26
C VAL A 94 29.58 16.68 -23.16
N LEU A 95 28.79 17.10 -22.17
CA LEU A 95 28.43 16.22 -21.05
C LEU A 95 26.93 16.18 -20.90
N VAL A 96 26.40 14.95 -20.91
CA VAL A 96 24.99 14.74 -20.75
C VAL A 96 24.81 13.94 -19.46
N SER A 97 24.03 14.50 -18.53
CA SER A 97 23.73 13.85 -17.27
C SER A 97 22.24 13.69 -17.07
N GLU A 98 21.87 12.59 -16.44
CA GLU A 98 20.50 12.33 -16.02
C GLU A 98 19.91 13.57 -15.30
N GLU A 99 20.76 14.31 -14.61
CA GLU A 99 20.32 15.36 -13.71
C GLU A 99 20.08 16.72 -14.36
N ASP A 100 20.61 16.92 -15.57
CA ASP A 100 20.50 18.19 -16.29
C ASP A 100 19.70 18.06 -17.58
N LYS A 101 18.68 18.89 -17.74
CA LYS A 101 17.81 18.84 -18.92
C LYS A 101 18.59 19.07 -20.22
N HIS A 102 19.59 19.94 -20.15
CA HIS A 102 20.43 20.25 -21.30
C HIS A 102 21.84 19.67 -21.18
N ALA A 103 22.46 19.41 -22.33
CA ALA A 103 23.85 18.98 -22.36
C ALA A 103 24.72 20.12 -21.86
N ILE A 104 25.74 19.79 -21.08
CA ILE A 104 26.69 20.80 -20.63
C ILE A 104 27.75 20.88 -21.70
N ILE A 105 28.05 22.11 -22.11
CA ILE A 105 29.10 22.36 -23.08
C ILE A 105 30.32 22.90 -22.31
N VAL A 106 31.38 22.11 -22.32
CA VAL A 106 32.58 22.40 -21.55
C VAL A 106 33.17 23.69 -22.11
N GLU A 107 33.56 24.61 -21.22
CA GLU A 107 34.14 25.90 -21.64
C GLU A 107 35.37 25.68 -22.53
N PRO A 108 35.66 26.62 -23.47
CA PRO A 108 36.68 26.43 -24.51
C PRO A 108 38.05 26.06 -23.96
N GLU A 109 38.46 26.70 -22.86
CA GLU A 109 39.76 26.43 -22.25
C GLU A 109 39.93 25.00 -21.69
N LYS A 110 38.82 24.30 -21.45
CA LYS A 110 38.87 22.96 -20.85
C LYS A 110 38.41 21.82 -21.78
N ARG A 111 38.28 22.11 -23.06
CA ARG A 111 37.72 21.15 -24.03
C ARG A 111 38.67 20.06 -24.47
N GLY A 112 38.15 18.85 -24.54
CA GLY A 112 38.82 17.76 -25.23
C GLY A 112 37.89 17.22 -26.30
N LYS A 113 38.17 16.00 -26.75
CA LYS A 113 37.44 15.44 -27.89
C LYS A 113 36.27 14.52 -27.51
N TYR A 114 36.11 14.22 -26.22
CA TYR A 114 35.11 13.23 -25.77
C TYR A 114 33.79 13.80 -25.26
N VAL A 115 32.75 13.01 -25.47
CA VAL A 115 31.38 13.31 -25.11
C VAL A 115 31.03 12.22 -24.12
N VAL A 116 30.59 12.58 -22.92
CA VAL A 116 30.28 11.57 -21.91
C VAL A 116 28.84 11.69 -21.48
N CYS A 117 28.13 10.56 -21.50
CA CYS A 117 26.76 10.43 -21.04
C CYS A 117 26.79 9.60 -19.78
N PHE A 118 26.22 10.13 -18.70
CA PHE A 118 26.30 9.45 -17.43
C PHE A 118 25.06 9.60 -16.57
N ASP A 119 24.83 8.62 -15.71
CA ASP A 119 23.88 8.72 -14.63
C ASP A 119 24.70 8.64 -13.33
N PRO A 120 24.85 9.78 -12.62
CA PRO A 120 25.82 9.87 -11.53
C PRO A 120 25.46 9.02 -10.32
N LEU A 121 24.16 8.90 -10.04
CA LEU A 121 23.69 8.03 -8.97
C LEU A 121 22.38 7.27 -9.25
N ASP A 122 22.51 6.19 -10.02
CA ASP A 122 21.36 5.40 -10.44
C ASP A 122 20.83 4.57 -9.27
N GLY A 123 19.51 4.56 -9.12
CA GLY A 123 18.81 3.77 -8.11
C GLY A 123 18.63 4.52 -6.80
N SER A 124 19.08 5.77 -6.77
CA SER A 124 19.14 6.58 -5.55
C SER A 124 17.77 7.00 -5.05
N SER A 125 16.77 6.86 -5.92
CA SER A 125 15.40 7.17 -5.53
C SER A 125 15.03 6.32 -4.30
N ASN A 126 15.65 5.14 -4.20
CA ASN A 126 15.44 4.23 -3.07
C ASN A 126 16.64 4.07 -2.10
N ILE A 127 17.55 5.03 -2.11
CA ILE A 127 18.76 4.93 -1.30
C ILE A 127 18.46 5.06 0.22
N ASP A 128 17.23 5.48 0.53
CA ASP A 128 16.77 5.57 1.91
C ASP A 128 16.61 4.19 2.56
N CYS A 129 16.49 3.13 1.76
CA CYS A 129 16.47 1.78 2.31
C CYS A 129 17.82 1.07 2.15
N LEU A 130 18.86 1.84 1.81
CA LEU A 130 20.25 1.32 1.68
C LEU A 130 20.42 0.32 0.53
N VAL A 131 19.58 0.45 -0.48
CA VAL A 131 19.67 -0.35 -1.71
C VAL A 131 20.96 -0.01 -2.43
N SER A 132 21.53 -1.00 -3.10
CA SER A 132 22.66 -0.80 -3.98
C SER A 132 22.31 0.28 -5.00
N VAL A 133 23.24 1.22 -5.17
CA VAL A 133 23.16 2.26 -6.17
C VAL A 133 24.40 2.16 -7.07
N GLY A 134 24.52 3.04 -8.05
CA GLY A 134 25.64 2.94 -8.97
C GLY A 134 25.78 4.15 -9.87
N THR A 135 26.91 4.22 -10.57
CA THR A 135 27.13 5.26 -11.54
C THR A 135 27.25 4.59 -12.90
N ILE A 136 26.66 5.19 -13.94
CA ILE A 136 26.72 4.63 -15.29
C ILE A 136 27.30 5.67 -16.23
N PHE A 137 28.12 5.23 -17.18
CA PHE A 137 28.76 6.17 -18.12
C PHE A 137 28.96 5.57 -19.51
N GLY A 138 28.84 6.42 -20.52
CA GLY A 138 29.17 6.05 -21.89
C GLY A 138 30.03 7.14 -22.51
N ILE A 139 31.14 6.77 -23.13
CA ILE A 139 32.04 7.76 -23.71
C ILE A 139 32.12 7.67 -25.24
N TYR A 140 31.92 8.81 -25.89
CA TYR A 140 31.93 8.92 -27.34
C TYR A 140 33.01 9.89 -27.74
N ARG A 141 33.59 9.67 -28.93
CA ARG A 141 34.43 10.69 -29.54
C ARG A 141 33.54 11.66 -30.32
N LYS A 142 33.82 12.96 -30.22
CA LYS A 142 33.13 13.92 -31.06
C LYS A 142 33.38 13.61 -32.55
N LYS A 143 32.30 13.54 -33.32
CA LYS A 143 32.37 13.34 -34.76
C LYS A 143 32.60 14.67 -35.48
N SER A 144 31.56 15.51 -35.53
CA SER A 144 31.58 16.77 -36.29
C SER A 144 32.81 17.66 -36.03
N THR A 145 33.06 18.60 -36.94
CA THR A 145 34.15 19.59 -36.79
C THR A 145 33.54 20.94 -36.37
N ASP A 146 32.22 20.99 -36.29
CA ASP A 146 31.48 22.17 -35.80
C ASP A 146 31.75 22.45 -34.34
N GLU A 147 31.32 23.62 -33.87
CA GLU A 147 31.37 23.96 -32.45
C GLU A 147 30.58 22.89 -31.67
N PRO A 148 31.06 22.50 -30.47
CA PRO A 148 30.33 21.44 -29.75
C PRO A 148 28.90 21.82 -29.37
N SER A 149 28.00 20.85 -29.43
CA SER A 149 26.59 21.02 -29.07
C SER A 149 25.95 19.71 -28.64
N GLU A 150 24.71 19.81 -28.16
CA GLU A 150 23.93 18.66 -27.69
C GLU A 150 23.82 17.52 -28.71
N LYS A 151 23.82 17.87 -29.99
CA LYS A 151 23.80 16.89 -31.09
C LYS A 151 24.96 15.90 -31.02
N ASP A 152 26.10 16.34 -30.52
CA ASP A 152 27.26 15.46 -30.40
C ASP A 152 27.02 14.24 -29.49
N ALA A 153 26.02 14.34 -28.62
CA ALA A 153 25.59 13.26 -27.72
C ALA A 153 24.58 12.33 -28.37
N LEU A 154 24.11 12.68 -29.56
CA LEU A 154 23.05 11.93 -30.24
C LEU A 154 23.64 10.91 -31.21
N GLN A 155 24.38 9.95 -30.65
CA GLN A 155 25.07 8.95 -31.42
C GLN A 155 24.52 7.59 -31.00
N PRO A 156 24.34 6.66 -31.97
CA PRO A 156 23.95 5.32 -31.57
C PRO A 156 24.99 4.71 -30.65
N GLY A 157 24.56 3.77 -29.82
CA GLY A 157 25.46 3.02 -28.95
C GLY A 157 26.63 2.34 -29.64
N ARG A 158 26.48 2.03 -30.93
CA ARG A 158 27.56 1.37 -31.68
C ARG A 158 28.83 2.22 -31.73
N ASN A 159 28.67 3.53 -31.62
CA ASN A 159 29.78 4.48 -31.65
C ASN A 159 30.55 4.65 -30.31
N LEU A 160 30.12 3.98 -29.25
CA LEU A 160 30.79 4.12 -27.96
C LEU A 160 32.26 3.74 -28.05
N VAL A 161 33.10 4.55 -27.42
CA VAL A 161 34.53 4.28 -27.30
C VAL A 161 34.81 3.44 -26.05
N ALA A 162 33.99 3.67 -25.02
CA ALA A 162 34.12 3.03 -23.72
C ALA A 162 32.81 3.23 -22.98
N ALA A 163 32.52 2.32 -22.07
CA ALA A 163 31.32 2.39 -21.23
C ALA A 163 31.54 1.50 -20.02
N GLY A 164 30.70 1.66 -19.02
CA GLY A 164 30.79 0.86 -17.82
C GLY A 164 29.98 1.46 -16.70
N TYR A 165 30.20 0.97 -15.50
CA TYR A 165 29.47 1.43 -14.33
C TYR A 165 30.27 1.17 -13.06
N ALA A 166 29.98 1.98 -12.04
CA ALA A 166 30.43 1.74 -10.68
C ALA A 166 29.23 1.21 -9.91
N LEU A 167 29.40 0.10 -9.19
CA LEU A 167 28.32 -0.40 -8.35
C LEU A 167 28.70 -0.19 -6.89
N TYR A 168 27.93 0.63 -6.18
CA TYR A 168 28.08 0.77 -4.74
C TYR A 168 27.15 -0.26 -4.05
N GLY A 169 27.67 -1.48 -3.92
CA GLY A 169 26.94 -2.58 -3.29
C GLY A 169 27.56 -2.98 -1.98
N SER A 170 27.63 -4.27 -1.74
CA SER A 170 28.31 -4.76 -0.56
C SER A 170 29.77 -4.27 -0.59
N ALA A 171 30.36 -4.27 -1.78
CA ALA A 171 31.60 -3.56 -2.01
C ALA A 171 31.41 -2.69 -3.26
N THR A 172 32.37 -1.81 -3.53
CA THR A 172 32.35 -0.94 -4.71
C THR A 172 33.23 -1.51 -5.82
N MET A 173 32.61 -1.79 -6.96
CA MET A 173 33.34 -2.34 -8.09
C MET A 173 33.10 -1.47 -9.28
N LEU A 174 34.15 -1.27 -10.06
CA LEU A 174 34.06 -0.61 -11.34
C LEU A 174 34.19 -1.66 -12.44
N VAL A 175 33.18 -1.68 -13.30
CA VAL A 175 33.16 -2.56 -14.47
C VAL A 175 33.38 -1.66 -15.70
N LEU A 176 34.49 -1.89 -16.40
CA LEU A 176 34.83 -1.15 -17.62
C LEU A 176 34.77 -2.04 -18.87
N ALA A 177 34.14 -1.51 -19.92
CA ALA A 177 34.08 -2.11 -21.22
C ALA A 177 34.80 -1.22 -22.23
N MET A 178 35.72 -1.84 -22.96
CA MET A 178 36.38 -1.25 -24.12
C MET A 178 36.44 -2.33 -25.21
N ASP A 179 37.09 -2.02 -26.34
CA ASP A 179 37.26 -3.02 -27.42
C ASP A 179 37.92 -4.33 -26.98
N CYS A 180 38.92 -4.20 -26.11
CA CYS A 180 39.60 -5.34 -25.48
C CYS A 180 38.69 -6.23 -24.62
N GLY A 181 37.48 -5.77 -24.31
CA GLY A 181 36.55 -6.60 -23.54
C GLY A 181 36.12 -5.94 -22.25
N VAL A 182 35.59 -6.75 -21.34
CA VAL A 182 35.07 -6.24 -20.05
C VAL A 182 35.92 -6.65 -18.84
N ASN A 183 36.31 -5.65 -18.05
CA ASN A 183 37.20 -5.87 -16.90
C ASN A 183 36.62 -5.27 -15.64
N CYS A 184 36.72 -6.02 -14.55
CA CYS A 184 36.10 -5.67 -13.27
C CYS A 184 37.17 -5.30 -12.23
N PHE A 185 37.01 -4.11 -11.63
CA PHE A 185 37.98 -3.51 -10.73
C PHE A 185 37.32 -3.26 -9.39
N MET A 186 37.82 -3.93 -8.36
CA MET A 186 37.34 -3.72 -7.00
C MET A 186 38.03 -2.51 -6.37
N LEU A 187 37.22 -1.66 -5.75
CA LEU A 187 37.76 -0.55 -5.00
C LEU A 187 38.21 -1.07 -3.64
N ASP A 188 39.50 -0.88 -3.33
CA ASP A 188 40.04 -1.12 -2.00
C ASP A 188 40.03 0.20 -1.25
N PRO A 189 39.06 0.37 -0.32
CA PRO A 189 38.86 1.65 0.34
C PRO A 189 40.01 1.98 1.27
N ALA A 190 40.78 0.97 1.68
CA ALA A 190 41.90 1.16 2.57
C ALA A 190 42.99 1.98 1.90
N ILE A 191 43.10 1.84 0.58
CA ILE A 191 44.09 2.60 -0.20
C ILE A 191 43.52 3.49 -1.32
N GLY A 192 42.23 3.42 -1.58
CA GLY A 192 41.62 4.14 -2.71
C GLY A 192 42.17 3.77 -4.07
N GLU A 193 42.21 2.47 -4.35
CA GLU A 193 42.73 1.94 -5.60
C GLU A 193 41.78 0.90 -6.16
N PHE A 194 41.51 1.02 -7.46
CA PHE A 194 40.72 0.04 -8.19
C PHE A 194 41.58 -1.11 -8.66
N ILE A 195 41.40 -2.28 -8.05
CA ILE A 195 42.21 -3.45 -8.30
C ILE A 195 41.52 -4.38 -9.27
N LEU A 196 42.24 -4.77 -10.34
CA LEU A 196 41.71 -5.69 -11.34
C LEU A 196 41.48 -7.07 -10.73
N VAL A 197 40.22 -7.46 -10.59
CA VAL A 197 39.91 -8.73 -9.94
C VAL A 197 39.23 -9.77 -10.84
N ASP A 198 38.73 -9.33 -11.99
CA ASP A 198 38.14 -10.24 -13.00
C ASP A 198 38.44 -9.67 -14.38
N LYS A 199 39.15 -10.45 -15.19
CA LYS A 199 39.67 -9.97 -16.47
C LYS A 199 38.87 -10.52 -17.62
N ASP A 200 38.62 -9.67 -18.62
CA ASP A 200 37.99 -10.09 -19.88
C ASP A 200 36.80 -11.00 -19.58
N VAL A 201 35.85 -10.46 -18.82
CA VAL A 201 34.71 -11.21 -18.32
C VAL A 201 33.68 -11.54 -19.44
N LYS A 202 33.15 -12.76 -19.39
CA LYS A 202 32.13 -13.21 -20.34
C LYS A 202 30.89 -13.73 -19.61
N ILE A 203 29.71 -13.42 -20.14
CA ILE A 203 28.46 -13.87 -19.53
C ILE A 203 28.17 -15.34 -19.92
N LYS A 204 27.47 -16.07 -19.03
CA LYS A 204 26.92 -17.38 -19.37
C LYS A 204 26.09 -17.33 -20.65
N LYS A 205 26.09 -18.43 -21.39
CA LYS A 205 25.27 -18.55 -22.58
C LYS A 205 23.80 -18.51 -22.19
N LYS A 206 23.47 -19.19 -21.10
CA LYS A 206 22.11 -19.31 -20.61
C LYS A 206 22.11 -19.29 -19.09
N GLY A 207 21.16 -18.55 -18.50
CA GLY A 207 21.06 -18.41 -17.06
C GLY A 207 19.85 -19.08 -16.48
N LYS A 208 19.56 -18.78 -15.23
CA LYS A 208 18.47 -19.40 -14.49
C LYS A 208 17.77 -18.36 -13.64
N ILE A 209 17.99 -17.08 -13.92
CA ILE A 209 17.34 -15.99 -13.17
C ILE A 209 16.71 -15.02 -14.15
N TYR A 210 15.47 -14.62 -13.89
CA TYR A 210 14.89 -13.57 -14.68
C TYR A 210 14.64 -12.38 -13.76
N SER A 211 14.65 -11.18 -14.33
CA SER A 211 14.60 -9.96 -13.55
C SER A 211 13.70 -8.87 -14.14
N LEU A 212 12.55 -8.63 -13.51
CA LEU A 212 11.70 -7.48 -13.84
C LEU A 212 10.75 -7.15 -12.68
N ASN A 213 10.08 -6.00 -12.78
CA ASN A 213 9.05 -5.66 -11.82
C ASN A 213 7.74 -6.33 -12.25
N GLU A 214 7.44 -7.46 -11.62
CA GLU A 214 6.24 -8.25 -11.90
C GLU A 214 5.01 -7.68 -11.22
N GLY A 215 5.20 -6.67 -10.38
CA GLY A 215 4.08 -6.00 -9.73
C GLY A 215 3.18 -5.28 -10.74
N TYR A 216 3.72 -4.98 -11.92
CA TYR A 216 2.97 -4.31 -12.96
C TYR A 216 2.57 -5.28 -14.07
N ALA A 217 2.27 -6.52 -13.67
CA ALA A 217 1.94 -7.61 -14.58
C ALA A 217 0.68 -7.36 -15.39
N LYS A 218 -0.25 -6.62 -14.79
CA LYS A 218 -1.50 -6.23 -15.45
C LYS A 218 -1.26 -5.37 -16.68
N ASP A 219 -0.10 -4.70 -16.74
CA ASP A 219 0.21 -3.82 -17.86
C ASP A 219 1.24 -4.35 -18.85
N PHE A 220 1.71 -5.57 -18.60
CA PHE A 220 2.68 -6.21 -19.49
C PHE A 220 2.19 -6.28 -20.92
N ASP A 221 3.12 -6.23 -21.87
CA ASP A 221 2.88 -6.64 -23.24
C ASP A 221 2.58 -8.16 -23.18
N PRO A 222 1.62 -8.67 -23.98
CA PRO A 222 1.32 -10.11 -24.02
C PRO A 222 2.52 -11.03 -24.24
N ALA A 223 3.54 -10.54 -24.94
CA ALA A 223 4.79 -11.28 -25.11
C ALA A 223 5.57 -11.45 -23.80
N VAL A 224 5.54 -10.42 -22.95
CA VAL A 224 6.19 -10.46 -21.64
C VAL A 224 5.46 -11.42 -20.71
N THR A 225 4.13 -11.32 -20.73
CA THR A 225 3.31 -12.22 -19.94
C THR A 225 3.64 -13.68 -20.29
N GLU A 226 3.71 -13.99 -21.59
CA GLU A 226 4.01 -15.34 -22.02
C GLU A 226 5.44 -15.78 -21.68
N TYR A 227 6.41 -14.90 -21.91
CA TYR A 227 7.80 -15.20 -21.57
C TYR A 227 7.93 -15.53 -20.10
N ILE A 228 7.40 -14.65 -19.24
CA ILE A 228 7.47 -14.88 -17.80
C ILE A 228 6.77 -16.19 -17.39
N GLN A 229 5.63 -16.48 -18.04
CA GLN A 229 4.91 -17.74 -17.85
C GLN A 229 5.77 -18.95 -18.18
N ARG A 230 6.52 -18.86 -19.27
CA ARG A 230 7.47 -19.91 -19.65
C ARG A 230 8.57 -20.12 -18.60
N LYS A 231 9.02 -19.04 -17.96
CA LYS A 231 10.02 -19.11 -16.91
C LYS A 231 9.53 -19.78 -15.62
N LYS A 232 8.34 -19.41 -15.18
CA LYS A 232 7.73 -19.95 -13.97
C LYS A 232 7.18 -21.36 -14.17
N PHE A 233 6.64 -21.62 -15.36
CA PHE A 233 6.02 -22.90 -15.66
C PHE A 233 6.60 -23.43 -16.97
N PRO A 234 7.81 -24.00 -16.92
CA PRO A 234 8.47 -24.42 -18.16
C PRO A 234 7.68 -25.53 -18.88
N PRO A 235 7.29 -25.29 -20.15
CA PRO A 235 6.65 -26.34 -20.94
C PRO A 235 7.52 -27.61 -21.02
N ASP A 236 8.82 -27.44 -21.22
CA ASP A 236 9.79 -28.58 -21.21
C ASP A 236 10.00 -29.14 -19.81
N ASN A 237 9.08 -28.82 -18.90
CA ASN A 237 8.99 -29.41 -17.55
C ASN A 237 10.22 -29.43 -16.66
N SER A 238 11.28 -28.74 -17.11
CA SER A 238 12.47 -28.51 -16.33
C SER A 238 12.17 -27.70 -15.05
N ALA A 239 13.20 -27.45 -14.25
CA ALA A 239 13.07 -26.59 -13.09
C ALA A 239 12.82 -25.15 -13.56
N PRO A 240 11.89 -24.42 -12.90
CA PRO A 240 11.65 -23.01 -13.20
C PRO A 240 12.91 -22.16 -13.04
N TYR A 241 12.86 -20.90 -13.50
CA TYR A 241 13.92 -19.92 -13.22
C TYR A 241 13.62 -19.28 -11.86
N GLY A 242 14.67 -18.90 -11.13
CA GLY A 242 14.49 -18.07 -9.94
C GLY A 242 14.25 -16.63 -10.36
N ALA A 243 13.69 -15.82 -9.45
CA ALA A 243 13.44 -14.42 -9.75
C ALA A 243 14.21 -13.48 -8.80
N ARG A 244 14.79 -12.42 -9.34
CA ARG A 244 15.44 -11.37 -8.54
C ARG A 244 15.13 -10.02 -9.13
N TYR A 245 14.83 -9.06 -8.27
CA TYR A 245 14.65 -7.71 -8.74
C TYR A 245 14.95 -6.74 -7.63
N VAL A 246 16.15 -6.19 -7.67
CA VAL A 246 16.61 -5.23 -6.69
C VAL A 246 15.82 -3.95 -6.92
N GLY A 247 15.56 -3.67 -8.20
CA GLY A 247 14.89 -2.45 -8.57
C GLY A 247 15.90 -1.32 -8.72
N SER A 248 17.18 -1.68 -8.69
CA SER A 248 18.26 -0.74 -9.00
C SER A 248 19.02 -1.28 -10.19
N MET A 249 18.96 -0.57 -11.30
CA MET A 249 19.43 -1.11 -12.57
C MET A 249 20.85 -1.67 -12.52
N VAL A 250 21.78 -0.89 -11.98
CA VAL A 250 23.19 -1.32 -11.86
C VAL A 250 23.31 -2.64 -11.07
N ALA A 251 22.62 -2.71 -9.94
CA ALA A 251 22.59 -3.93 -9.13
C ALA A 251 22.13 -5.14 -9.94
N ASP A 252 21.00 -4.97 -10.65
CA ASP A 252 20.34 -6.02 -11.38
C ASP A 252 21.14 -6.45 -12.60
N VAL A 253 21.74 -5.48 -13.29
CA VAL A 253 22.57 -5.77 -14.47
C VAL A 253 23.89 -6.42 -14.10
N HIS A 254 24.45 -6.05 -12.95
CA HIS A 254 25.70 -6.69 -12.51
C HIS A 254 25.49 -8.16 -12.15
N ARG A 255 24.40 -8.47 -11.45
CA ARG A 255 24.05 -9.86 -11.14
C ARG A 255 23.85 -10.70 -12.40
N THR A 256 23.21 -10.09 -13.41
CA THR A 256 22.98 -10.73 -14.70
C THR A 256 24.32 -11.09 -15.40
N LEU A 257 25.25 -10.14 -15.45
CA LEU A 257 26.61 -10.38 -15.96
C LEU A 257 27.31 -11.49 -15.20
N VAL A 258 27.27 -11.40 -13.87
CA VAL A 258 27.95 -12.33 -12.98
C VAL A 258 27.36 -13.74 -13.01
N TYR A 259 26.04 -13.86 -12.85
CA TYR A 259 25.36 -15.16 -12.74
C TYR A 259 24.63 -15.61 -14.00
N GLY A 260 24.43 -14.69 -14.95
CA GLY A 260 23.74 -15.00 -16.19
C GLY A 260 22.25 -14.86 -15.98
N GLY A 261 21.47 -15.05 -17.02
CA GLY A 261 20.02 -14.87 -16.94
C GLY A 261 19.58 -13.67 -17.76
N ILE A 262 18.49 -13.06 -17.34
CA ILE A 262 17.89 -11.99 -18.16
C ILE A 262 17.36 -10.86 -17.29
N PHE A 263 17.62 -9.65 -17.76
CA PHE A 263 17.06 -8.46 -17.17
C PHE A 263 16.08 -7.80 -18.16
N LEU A 264 14.86 -7.52 -17.72
CA LEU A 264 13.90 -6.87 -18.61
C LEU A 264 13.34 -5.60 -17.99
N TYR A 265 13.37 -4.53 -18.78
CA TYR A 265 12.53 -3.36 -18.55
C TYR A 265 11.84 -3.03 -19.89
N PRO A 266 10.80 -3.82 -20.23
CA PRO A 266 10.26 -3.81 -21.58
C PRO A 266 9.24 -2.67 -21.82
N ALA A 267 8.99 -2.36 -23.09
CA ALA A 267 7.88 -1.48 -23.45
C ALA A 267 6.55 -2.16 -23.16
N ASN A 268 5.53 -1.35 -22.87
CA ASN A 268 4.14 -1.80 -22.87
C ASN A 268 3.23 -0.77 -23.50
N LYS A 269 1.92 -0.99 -23.37
CA LYS A 269 0.88 -0.11 -23.91
C LYS A 269 0.96 1.30 -23.33
N LYS A 270 1.03 1.40 -22.01
CA LYS A 270 1.19 2.69 -21.33
C LYS A 270 2.53 3.37 -21.64
N SER A 271 3.61 2.59 -21.63
CA SER A 271 4.97 3.09 -21.86
C SER A 271 5.61 2.42 -23.07
N PRO A 272 5.28 2.90 -24.28
CA PRO A 272 5.75 2.24 -25.50
C PRO A 272 7.25 2.40 -25.78
N ASN A 273 7.91 3.29 -25.05
CA ASN A 273 9.36 3.40 -25.17
C ASN A 273 10.14 2.98 -23.92
N GLY A 274 9.49 2.19 -23.06
CA GLY A 274 10.04 1.84 -21.75
C GLY A 274 10.20 3.05 -20.85
N LYS A 275 10.94 2.89 -19.75
CA LYS A 275 11.18 4.01 -18.84
C LYS A 275 12.66 4.38 -18.78
N LEU A 276 13.54 3.38 -18.84
CA LEU A 276 14.96 3.63 -18.68
C LEU A 276 15.49 4.51 -19.79
N ARG A 277 16.50 5.29 -19.47
CA ARG A 277 17.05 6.25 -20.41
C ARG A 277 18.07 5.62 -21.36
N LEU A 278 17.98 5.98 -22.62
CA LEU A 278 18.82 5.38 -23.65
C LEU A 278 20.31 5.74 -23.54
N LEU A 279 20.62 7.02 -23.40
CA LEU A 279 22.00 7.48 -23.51
C LEU A 279 22.89 7.09 -22.34
N TYR A 280 22.32 7.10 -21.13
CA TYR A 280 23.17 6.99 -19.94
C TYR A 280 22.73 5.86 -19.03
N GLU A 281 21.86 5.00 -19.53
CA GLU A 281 21.51 3.80 -18.81
C GLU A 281 21.56 2.59 -19.74
N CYS A 282 20.76 2.65 -20.81
CA CYS A 282 20.58 1.53 -21.73
C CYS A 282 21.80 1.21 -22.59
N ASN A 283 22.36 2.24 -23.24
CA ASN A 283 23.51 2.09 -24.12
C ASN A 283 24.78 1.63 -23.39
N PRO A 284 25.18 2.33 -22.31
CA PRO A 284 26.35 1.79 -21.59
C PRO A 284 26.20 0.32 -21.22
N MET A 285 25.02 -0.08 -20.75
CA MET A 285 24.80 -1.42 -20.23
C MET A 285 24.68 -2.47 -21.33
N ALA A 286 24.20 -2.02 -22.49
CA ALA A 286 24.16 -2.82 -23.70
C ALA A 286 25.58 -3.07 -24.23
N TYR A 287 26.39 -2.02 -24.27
CA TYR A 287 27.81 -2.11 -24.68
C TYR A 287 28.59 -3.08 -23.78
N VAL A 288 28.46 -2.93 -22.46
CA VAL A 288 29.02 -3.91 -21.52
C VAL A 288 28.50 -5.34 -21.78
N MET A 289 27.20 -5.51 -21.99
CA MET A 289 26.66 -6.83 -22.27
C MET A 289 27.23 -7.42 -23.56
N GLU A 290 27.36 -6.61 -24.59
CA GLU A 290 27.85 -7.10 -25.88
C GLU A 290 29.34 -7.46 -25.86
N LYS A 291 30.15 -6.59 -25.27
CA LYS A 291 31.58 -6.89 -25.08
C LYS A 291 31.83 -8.10 -24.17
N ALA A 292 30.84 -8.49 -23.36
CA ALA A 292 30.93 -9.69 -22.52
C ALA A 292 30.24 -10.92 -23.13
N GLY A 293 29.93 -10.82 -24.43
CA GLY A 293 29.32 -11.92 -25.17
C GLY A 293 27.82 -12.09 -24.96
N GLY A 294 27.16 -11.06 -24.43
CA GLY A 294 25.71 -11.12 -24.16
C GLY A 294 24.88 -10.37 -25.19
N MET A 295 23.56 -10.35 -25.00
CA MET A 295 22.67 -9.61 -25.91
C MET A 295 21.93 -8.47 -25.21
N ALA A 296 21.57 -7.46 -26.00
CA ALA A 296 20.70 -6.40 -25.51
C ALA A 296 19.78 -5.89 -26.61
N THR A 297 18.46 -6.02 -26.38
CA THR A 297 17.48 -5.61 -27.39
C THR A 297 16.35 -4.77 -26.83
N THR A 298 15.71 -3.98 -27.70
CA THR A 298 14.50 -3.20 -27.37
C THR A 298 13.25 -4.05 -27.56
N GLY A 299 13.43 -5.20 -28.21
CA GLY A 299 12.31 -6.00 -28.70
C GLY A 299 12.33 -6.00 -30.22
N LYS A 300 12.46 -4.80 -30.80
CA LYS A 300 12.44 -4.59 -32.25
C LYS A 300 13.83 -4.41 -32.85
N GLU A 301 14.72 -3.77 -32.09
CA GLU A 301 16.08 -3.51 -32.55
C GLU A 301 17.13 -3.75 -31.47
N ALA A 302 18.41 -3.79 -31.89
CA ALA A 302 19.52 -3.73 -30.97
C ALA A 302 19.54 -2.35 -30.32
N VAL A 303 19.62 -2.34 -28.99
CA VAL A 303 19.76 -1.12 -28.20
C VAL A 303 20.85 -0.18 -28.78
N LEU A 304 22.01 -0.76 -29.10
CA LEU A 304 23.14 0.03 -29.59
C LEU A 304 22.92 0.61 -30.98
N ASP A 305 21.95 0.05 -31.70
CA ASP A 305 21.62 0.59 -33.03
C ASP A 305 20.62 1.75 -33.05
N VAL A 306 19.92 1.98 -31.95
CA VAL A 306 18.94 3.08 -31.90
C VAL A 306 19.66 4.43 -32.08
N ILE A 307 19.16 5.22 -33.03
CA ILE A 307 19.67 6.58 -33.23
C ILE A 307 18.76 7.52 -32.43
N PRO A 308 19.31 8.13 -31.37
CA PRO A 308 18.51 9.04 -30.59
C PRO A 308 18.31 10.38 -31.27
N THR A 309 17.20 11.03 -30.92
CA THR A 309 16.88 12.37 -31.41
C THR A 309 16.76 13.29 -30.21
N ASP A 310 16.59 12.68 -29.04
CA ASP A 310 16.59 13.40 -27.78
C ASP A 310 17.55 12.76 -26.78
N ILE A 311 18.35 13.58 -26.10
CA ILE A 311 19.35 13.11 -25.11
C ILE A 311 18.74 12.42 -23.89
N HIS A 312 17.50 12.78 -23.56
CA HIS A 312 16.80 12.20 -22.41
C HIS A 312 15.76 11.17 -22.83
N GLN A 313 15.93 10.64 -24.05
CA GLN A 313 14.97 9.69 -24.61
C GLN A 313 15.08 8.30 -23.99
N ARG A 314 13.93 7.62 -23.96
CA ARG A 314 13.76 6.36 -23.28
C ARG A 314 13.78 5.19 -24.26
N ALA A 315 14.43 4.10 -23.87
CA ALA A 315 14.40 2.89 -24.66
C ALA A 315 13.87 1.71 -23.84
N PRO A 316 13.12 0.79 -24.48
CA PRO A 316 12.89 -0.50 -23.82
C PRO A 316 14.20 -1.30 -23.80
N VAL A 317 14.40 -2.14 -22.79
CA VAL A 317 15.65 -2.89 -22.70
C VAL A 317 15.45 -4.30 -22.17
N ILE A 318 15.90 -5.28 -22.94
CA ILE A 318 15.95 -6.65 -22.51
C ILE A 318 17.38 -7.05 -22.77
N LEU A 319 18.07 -7.54 -21.73
CA LEU A 319 19.49 -7.84 -21.86
C LEU A 319 19.88 -9.04 -21.01
N GLY A 320 21.03 -9.62 -21.29
CA GLY A 320 21.50 -10.76 -20.51
C GLY A 320 22.12 -11.84 -21.37
N SER A 321 21.96 -13.08 -20.92
CA SER A 321 22.49 -14.26 -21.63
C SER A 321 21.83 -14.45 -23.00
N PRO A 322 22.64 -14.63 -24.05
CA PRO A 322 22.11 -14.70 -25.42
C PRO A 322 20.94 -15.69 -25.54
N ASP A 323 21.10 -16.91 -25.00
CA ASP A 323 20.02 -17.90 -25.02
C ASP A 323 18.74 -17.41 -24.37
N ASP A 324 18.86 -16.61 -23.31
CA ASP A 324 17.67 -16.12 -22.61
C ASP A 324 16.98 -15.00 -23.39
N VAL A 325 17.78 -14.11 -23.96
CA VAL A 325 17.27 -13.00 -24.76
C VAL A 325 16.67 -13.50 -26.09
N LEU A 326 17.31 -14.50 -26.70
CA LEU A 326 16.78 -15.15 -27.90
C LEU A 326 15.42 -15.79 -27.62
N GLU A 327 15.28 -16.35 -26.42
CA GLU A 327 14.03 -16.98 -26.05
C GLU A 327 12.93 -15.95 -25.85
N PHE A 328 13.27 -14.78 -25.30
CA PHE A 328 12.30 -13.68 -25.20
C PHE A 328 11.93 -13.18 -26.58
N LEU A 329 12.90 -13.18 -27.50
CA LEU A 329 12.69 -12.67 -28.85
C LEU A 329 11.85 -13.64 -29.69
N LYS A 330 11.99 -14.93 -29.44
CA LYS A 330 11.12 -15.94 -30.03
C LYS A 330 9.66 -15.72 -29.65
N VAL A 331 9.42 -15.46 -28.37
CA VAL A 331 8.08 -15.17 -27.86
C VAL A 331 7.57 -13.81 -28.36
N TYR A 332 8.47 -12.82 -28.40
CA TYR A 332 8.16 -11.49 -28.89
C TYR A 332 7.67 -11.55 -30.34
N GLU A 333 8.36 -12.36 -31.16
CA GLU A 333 8.05 -12.49 -32.58
C GLU A 333 6.70 -13.17 -32.80
N LYS A 334 6.41 -14.16 -31.95
CA LYS A 334 5.12 -14.86 -31.91
C LYS A 334 3.95 -13.85 -31.80
N HIS A 335 4.11 -12.83 -30.97
CA HIS A 335 3.13 -11.76 -30.81
C HIS A 335 3.34 -10.56 -31.77
N SER A 336 4.26 -10.71 -32.73
CA SER A 336 4.64 -9.63 -33.68
C SER A 336 5.48 -8.54 -33.02
N ALA A 337 5.32 -8.20 -31.85
N ASP B 10 20.78 16.66 20.24
CA ASP B 10 21.96 15.93 20.77
C ASP B 10 22.31 14.70 19.94
N VAL B 11 23.54 14.66 19.44
CA VAL B 11 24.07 13.46 18.81
C VAL B 11 24.01 12.28 19.80
N ASN B 12 23.70 11.10 19.30
CA ASN B 12 23.82 9.91 20.12
C ASN B 12 24.48 8.78 19.34
N THR B 13 25.07 7.84 20.07
CA THR B 13 25.74 6.69 19.46
C THR B 13 25.14 5.40 20.01
N LEU B 14 25.42 4.29 19.33
CA LEU B 14 24.94 3.00 19.76
C LEU B 14 25.36 2.68 21.20
N THR B 15 26.67 2.75 21.47
CA THR B 15 27.19 2.42 22.80
C THR B 15 26.53 3.26 23.90
N ARG B 16 26.45 4.56 23.67
CA ARG B 16 25.91 5.50 24.63
C ARG B 16 24.40 5.33 24.86
N PHE B 17 23.65 5.10 23.78
CA PHE B 17 22.21 4.83 23.82
C PHE B 17 21.84 3.61 24.67
N VAL B 18 22.54 2.51 24.44
CA VAL B 18 22.28 1.25 25.11
C VAL B 18 22.62 1.37 26.61
N MET B 19 23.82 1.85 26.86
CA MET B 19 24.30 2.16 28.20
C MET B 19 23.36 3.06 29.01
N GLU B 20 22.74 4.03 28.37
CA GLU B 20 21.76 4.89 29.04
C GLU B 20 20.43 4.19 29.30
N GLU B 21 20.01 3.30 28.40
CA GLU B 21 18.81 2.47 28.66
C GLU B 21 19.13 1.47 29.77
N GLY B 22 20.39 1.05 29.83
CA GLY B 22 20.87 0.15 30.85
C GLY B 22 20.81 0.78 32.24
N ARG B 23 21.30 2.02 32.33
CA ARG B 23 21.37 2.75 33.59
C ARG B 23 20.00 3.03 34.16
N LYS B 24 19.02 3.19 33.28
CA LYS B 24 17.62 3.28 33.67
C LYS B 24 17.13 1.97 34.28
N ALA B 25 17.27 0.87 33.55
CA ALA B 25 16.87 -0.46 34.03
C ALA B 25 17.70 -0.93 35.23
N ARG B 26 18.67 -0.12 35.64
CA ARG B 26 19.66 -0.46 36.67
C ARG B 26 20.29 -1.83 36.43
N GLY B 27 20.75 -2.05 35.21
CA GLY B 27 21.36 -3.32 34.86
C GLY B 27 22.81 -3.35 35.26
N THR B 28 23.41 -4.52 35.15
CA THR B 28 24.75 -4.78 35.63
C THR B 28 25.83 -4.41 34.61
N GLY B 29 25.41 -4.14 33.37
CA GLY B 29 26.32 -3.77 32.29
C GLY B 29 26.59 -4.91 31.33
N GLU B 30 26.08 -6.10 31.63
CA GLU B 30 26.33 -7.30 30.84
C GLU B 30 25.77 -7.19 29.42
N LEU B 31 24.60 -6.58 29.28
CA LEU B 31 23.98 -6.48 27.96
C LEU B 31 24.65 -5.37 27.12
N THR B 32 25.05 -4.28 27.77
CA THR B 32 25.87 -3.25 27.14
C THR B 32 27.20 -3.82 26.63
N GLN B 33 27.89 -4.63 27.45
CA GLN B 33 29.14 -5.28 27.05
C GLN B 33 28.93 -6.15 25.82
N LEU B 34 27.83 -6.90 25.85
CA LEU B 34 27.49 -7.82 24.77
C LEU B 34 27.24 -7.09 23.46
N LEU B 35 26.41 -6.05 23.53
CA LEU B 35 26.07 -5.24 22.37
C LEU B 35 27.27 -4.45 21.82
N ASN B 36 28.14 -3.97 22.74
CA ASN B 36 29.39 -3.30 22.38
C ASN B 36 30.33 -4.18 21.56
N SER B 37 30.48 -5.43 22.00
CA SER B 37 31.36 -6.38 21.34
C SER B 37 30.85 -6.77 19.96
N LEU B 38 29.54 -6.97 19.87
CA LEU B 38 28.86 -7.23 18.61
C LEU B 38 28.99 -6.04 17.64
N CYS B 39 28.76 -4.82 18.15
CA CYS B 39 29.09 -3.57 17.44
C CYS B 39 30.50 -3.56 16.85
N THR B 40 31.45 -4.07 17.63
CA THR B 40 32.84 -4.16 17.19
C THR B 40 33.03 -5.16 16.06
N ALA B 41 32.43 -6.33 16.20
CA ALA B 41 32.50 -7.37 15.18
C ALA B 41 31.84 -6.91 13.90
N VAL B 42 30.73 -6.18 14.03
CA VAL B 42 30.00 -5.66 12.87
C VAL B 42 30.88 -4.70 12.04
N LYS B 43 31.56 -3.79 12.72
CA LYS B 43 32.46 -2.84 12.05
C LYS B 43 33.57 -3.58 11.33
N ALA B 44 33.99 -4.69 11.90
CA ALA B 44 35.07 -5.47 11.36
C ALA B 44 34.62 -6.28 10.14
N ILE B 45 33.38 -6.77 10.21
CA ILE B 45 32.72 -7.45 9.10
C ILE B 45 32.44 -6.46 7.97
N SER B 46 31.84 -5.33 8.30
CA SER B 46 31.63 -4.26 7.31
C SER B 46 32.91 -3.97 6.52
N SER B 47 34.03 -3.85 7.23
CA SER B 47 35.33 -3.53 6.64
C SER B 47 35.80 -4.61 5.68
N ALA B 48 35.69 -5.87 6.08
CA ALA B 48 36.05 -6.97 5.20
C ALA B 48 35.10 -7.08 4.00
N VAL B 49 33.82 -6.78 4.23
CA VAL B 49 32.80 -6.85 3.18
C VAL B 49 32.98 -5.77 2.11
N ARG B 50 33.41 -4.58 2.49
CA ARG B 50 33.69 -3.48 1.55
C ARG B 50 35.10 -3.60 0.90
N LYS B 51 35.79 -4.70 1.21
CA LYS B 51 37.05 -5.09 0.55
C LYS B 51 38.27 -4.26 0.91
N ALA B 52 38.30 -3.72 2.14
CA ALA B 52 39.53 -3.09 2.63
C ALA B 52 40.58 -4.18 2.72
N GLY B 53 41.72 -3.96 2.06
CA GLY B 53 42.82 -4.95 2.07
C GLY B 53 42.90 -5.87 0.86
N ILE B 54 41.88 -5.85 0.01
CA ILE B 54 41.83 -6.72 -1.17
C ILE B 54 43.13 -6.63 -2.00
N ALA B 55 43.72 -5.43 -2.06
CA ALA B 55 44.94 -5.21 -2.82
C ALA B 55 46.06 -6.17 -2.40
N HIS B 56 46.14 -6.47 -1.10
CA HIS B 56 47.12 -7.43 -0.57
C HIS B 56 46.89 -8.88 -1.05
N LEU B 57 45.62 -9.28 -1.12
CA LEU B 57 45.21 -10.55 -1.69
C LEU B 57 45.56 -10.62 -3.17
N TYR B 58 45.56 -9.49 -3.86
CA TYR B 58 45.88 -9.48 -5.28
C TYR B 58 47.33 -9.14 -5.62
N GLY B 59 48.20 -9.20 -4.62
CA GLY B 59 49.64 -9.17 -4.87
C GLY B 59 50.34 -7.84 -4.80
N ILE B 60 49.78 -6.88 -4.05
CA ILE B 60 50.33 -5.52 -4.01
C ILE B 60 51.73 -5.47 -3.39
N ALA B 61 51.97 -6.38 -2.44
CA ALA B 61 53.26 -6.47 -1.76
C ALA B 61 54.08 -7.63 -2.30
N GLY B 62 53.62 -8.29 -3.35
CA GLY B 62 54.36 -9.41 -3.94
C GLY B 62 53.81 -10.77 -3.55
N LYS B 73 35.42 -17.59 2.44
CA LYS B 73 36.28 -17.11 3.53
C LYS B 73 35.67 -15.93 4.29
N LEU B 74 34.85 -15.14 3.61
CA LEU B 74 34.17 -14.01 4.23
C LEU B 74 33.11 -14.41 5.28
N ASP B 75 32.29 -15.40 4.97
CA ASP B 75 31.32 -15.88 5.97
C ASP B 75 31.99 -16.64 7.13
N VAL B 76 33.15 -17.24 6.84
CA VAL B 76 33.97 -17.87 7.87
C VAL B 76 34.68 -16.80 8.74
N LEU B 77 35.19 -15.74 8.11
CA LEU B 77 35.75 -14.59 8.84
C LEU B 77 34.67 -13.93 9.70
N SER B 78 33.50 -13.70 9.10
CA SER B 78 32.39 -13.08 9.81
C SER B 78 31.98 -13.89 11.03
N ASN B 79 31.91 -15.21 10.89
CA ASN B 79 31.55 -16.07 12.01
C ASN B 79 32.60 -16.00 13.12
N ASP B 80 33.87 -16.06 12.71
CA ASP B 80 35.02 -15.91 13.63
C ASP B 80 35.00 -14.61 14.42
N LEU B 81 34.61 -13.51 13.78
CA LEU B 81 34.56 -12.20 14.44
C LEU B 81 33.45 -12.15 15.47
N VAL B 82 32.26 -12.61 15.09
CA VAL B 82 31.14 -12.55 16.00
C VAL B 82 31.42 -13.49 17.16
N MET B 83 31.81 -14.73 16.84
CA MET B 83 32.09 -15.75 17.84
C MET B 83 33.15 -15.29 18.84
N ASN B 84 34.23 -14.68 18.35
CA ASN B 84 35.31 -14.24 19.24
C ASN B 84 34.97 -13.03 20.09
N MET B 85 34.21 -12.11 19.51
CA MET B 85 33.83 -10.90 20.21
C MET B 85 32.79 -11.18 21.29
N LEU B 86 31.82 -12.05 21.00
CA LEU B 86 30.81 -12.44 22.00
C LEU B 86 31.39 -13.24 23.17
N LYS B 87 32.34 -14.14 22.88
CA LYS B 87 33.03 -14.89 23.92
C LYS B 87 33.83 -13.97 24.86
N SER B 88 34.55 -13.02 24.27
CA SER B 88 35.41 -12.10 25.04
C SER B 88 34.63 -10.98 25.75
N SER B 89 33.33 -10.90 25.51
CA SER B 89 32.49 -9.90 26.16
C SER B 89 32.16 -10.28 27.60
N PHE B 90 32.43 -11.53 27.96
CA PHE B 90 32.07 -12.09 29.28
C PHE B 90 30.57 -11.98 29.61
N ALA B 91 29.73 -11.95 28.57
CA ALA B 91 28.28 -11.77 28.75
C ALA B 91 27.43 -12.90 28.13
N THR B 92 28.11 -13.88 27.54
CA THR B 92 27.43 -14.98 26.84
C THR B 92 27.80 -16.36 27.41
N CYS B 93 26.95 -17.35 27.16
CA CYS B 93 27.29 -18.71 27.55
C CYS B 93 27.02 -19.74 26.46
N VAL B 94 26.01 -19.46 25.63
CA VAL B 94 25.67 -20.35 24.50
C VAL B 94 25.61 -19.52 23.21
N LEU B 95 26.21 -20.04 22.14
CA LEU B 95 26.27 -19.31 20.87
C LEU B 95 25.82 -20.17 19.72
N VAL B 96 24.75 -19.74 19.05
CA VAL B 96 24.21 -20.45 17.91
C VAL B 96 24.42 -19.65 16.64
N SER B 97 24.93 -20.31 15.61
CA SER B 97 25.21 -19.67 14.36
C SER B 97 24.93 -20.61 13.20
N GLU B 98 24.44 -20.00 12.12
CA GLU B 98 24.26 -20.65 10.83
C GLU B 98 25.48 -21.48 10.48
N GLU B 99 26.66 -20.97 10.81
CA GLU B 99 27.93 -21.58 10.43
C GLU B 99 28.27 -22.84 11.18
N ASP B 100 27.63 -23.05 12.33
CA ASP B 100 28.01 -24.15 13.23
C ASP B 100 26.89 -25.15 13.46
N LYS B 101 27.16 -26.43 13.24
CA LYS B 101 26.15 -27.50 13.37
C LYS B 101 25.55 -27.57 14.79
N HIS B 102 26.42 -27.55 15.81
CA HIS B 102 25.98 -27.53 17.21
C HIS B 102 26.21 -26.17 17.82
N ALA B 103 25.47 -25.88 18.88
CA ALA B 103 25.67 -24.70 19.70
C ALA B 103 27.08 -24.67 20.27
N ILE B 104 27.64 -23.47 20.41
CA ILE B 104 28.94 -23.27 21.05
C ILE B 104 28.69 -22.94 22.52
N ILE B 105 29.48 -23.54 23.39
CA ILE B 105 29.39 -23.25 24.82
C ILE B 105 30.64 -22.50 25.20
N VAL B 106 30.43 -21.32 25.77
CA VAL B 106 31.52 -20.41 26.08
C VAL B 106 32.33 -20.99 27.24
N GLU B 107 33.66 -21.03 27.10
CA GLU B 107 34.53 -21.58 28.15
C GLU B 107 34.14 -20.99 29.50
N PRO B 108 34.10 -21.83 30.56
CA PRO B 108 33.53 -21.45 31.88
C PRO B 108 34.00 -20.09 32.40
N GLU B 109 35.21 -19.68 32.03
CA GLU B 109 35.78 -18.44 32.53
C GLU B 109 35.17 -17.18 31.88
N LYS B 110 34.75 -17.33 30.63
CA LYS B 110 34.27 -16.21 29.83
C LYS B 110 32.75 -16.18 29.80
N ARG B 111 32.15 -17.06 30.58
CA ARG B 111 30.71 -17.27 30.63
C ARG B 111 29.96 -16.14 31.30
N GLY B 112 28.89 -15.68 30.65
CA GLY B 112 27.95 -14.71 31.19
C GLY B 112 26.53 -15.23 31.01
N LYS B 113 25.51 -14.39 31.21
CA LYS B 113 24.15 -14.90 31.31
C LYS B 113 23.32 -15.01 30.03
N TYR B 114 23.84 -14.52 28.90
CA TYR B 114 23.04 -14.46 27.67
C TYR B 114 23.37 -15.51 26.62
N VAL B 115 22.33 -15.93 25.90
CA VAL B 115 22.42 -16.81 24.74
C VAL B 115 22.23 -15.93 23.50
N VAL B 116 23.01 -16.15 22.45
CA VAL B 116 22.89 -15.33 21.25
C VAL B 116 22.82 -16.26 20.05
N CYS B 117 21.86 -16.01 19.17
CA CYS B 117 21.69 -16.78 17.94
C CYS B 117 21.92 -15.82 16.79
N PHE B 118 22.85 -16.15 15.91
CA PHE B 118 23.23 -15.22 14.84
C PHE B 118 23.46 -15.86 13.46
N ASP B 119 23.25 -15.04 12.43
CA ASP B 119 23.63 -15.40 11.08
C ASP B 119 24.65 -14.34 10.68
N PRO B 120 25.94 -14.69 10.72
CA PRO B 120 27.01 -13.70 10.64
C PRO B 120 27.16 -12.97 9.29
N LEU B 121 26.87 -13.66 8.20
CA LEU B 121 26.89 -13.04 6.88
C LEU B 121 25.77 -13.57 5.98
N ASP B 122 24.54 -13.24 6.37
CA ASP B 122 23.34 -13.60 5.61
C ASP B 122 23.41 -13.01 4.22
N GLY B 123 23.20 -13.86 3.22
CA GLY B 123 23.13 -13.42 1.83
C GLY B 123 24.35 -13.77 1.02
N SER B 124 25.39 -14.24 1.70
CA SER B 124 26.73 -14.40 1.10
C SER B 124 26.85 -15.46 0.01
N SER B 125 25.84 -16.32 -0.12
CA SER B 125 25.82 -17.30 -1.21
C SER B 125 25.86 -16.55 -2.55
N ASN B 126 25.39 -15.30 -2.53
CA ASN B 126 25.35 -14.42 -3.70
C ASN B 126 26.20 -13.14 -3.58
N ILE B 127 27.18 -13.15 -2.69
CA ILE B 127 28.07 -12.00 -2.52
C ILE B 127 29.00 -11.76 -3.75
N ASP B 128 29.13 -12.80 -4.60
CA ASP B 128 29.81 -12.71 -5.89
C ASP B 128 29.33 -11.51 -6.72
N CYS B 129 28.03 -11.22 -6.66
CA CYS B 129 27.43 -10.15 -7.45
C CYS B 129 27.26 -8.87 -6.64
N LEU B 130 27.84 -8.87 -5.44
CA LEU B 130 27.95 -7.69 -4.57
C LEU B 130 26.57 -7.24 -4.10
N VAL B 131 25.69 -8.23 -3.94
CA VAL B 131 24.38 -8.04 -3.30
C VAL B 131 24.58 -7.58 -1.85
N SER B 132 23.68 -6.73 -1.35
CA SER B 132 23.64 -6.41 0.08
C SER B 132 23.68 -7.69 0.90
N VAL B 133 24.43 -7.65 1.99
CA VAL B 133 24.53 -8.77 2.91
C VAL B 133 24.29 -8.22 4.30
N GLY B 134 24.22 -9.10 5.29
CA GLY B 134 23.87 -8.65 6.62
C GLY B 134 24.24 -9.63 7.69
N THR B 135 24.28 -9.14 8.91
CA THR B 135 24.41 -9.94 10.09
C THR B 135 23.07 -9.84 10.86
N ILE B 136 22.49 -10.99 11.22
CA ILE B 136 21.26 -11.06 12.04
C ILE B 136 21.56 -11.63 13.43
N PHE B 137 20.92 -11.10 14.47
CA PHE B 137 21.16 -11.62 15.82
C PHE B 137 19.91 -11.53 16.72
N GLY B 138 19.76 -12.50 17.63
CA GLY B 138 18.73 -12.47 18.67
C GLY B 138 19.35 -12.87 19.98
N ILE B 139 19.04 -12.13 21.05
CA ILE B 139 19.65 -12.34 22.36
C ILE B 139 18.61 -12.83 23.37
N TYR B 140 18.97 -13.84 24.13
CA TYR B 140 18.12 -14.41 25.17
C TYR B 140 18.86 -14.45 26.49
N ARG B 141 18.10 -14.40 27.57
CA ARG B 141 18.66 -14.73 28.87
C ARG B 141 18.70 -16.26 28.93
N LYS B 142 19.75 -16.81 29.52
CA LYS B 142 19.85 -18.25 29.76
C LYS B 142 18.70 -18.74 30.68
N LYS B 143 18.24 -19.98 30.47
CA LYS B 143 17.05 -20.46 31.19
C LYS B 143 17.35 -21.23 32.48
N SER B 144 18.39 -22.07 32.47
CA SER B 144 18.75 -22.82 33.67
C SER B 144 19.93 -22.21 34.42
N THR B 145 19.85 -22.19 35.75
CA THR B 145 21.03 -21.99 36.58
C THR B 145 21.95 -23.18 36.28
N ASP B 146 21.31 -24.34 36.10
CA ASP B 146 21.96 -25.57 35.67
C ASP B 146 22.86 -25.24 34.45
N GLU B 147 24.08 -25.77 34.48
CA GLU B 147 25.10 -25.56 33.44
C GLU B 147 24.57 -25.42 31.99
N PRO B 148 25.15 -24.48 31.21
CA PRO B 148 24.59 -24.13 29.91
C PRO B 148 24.66 -25.25 28.88
N SER B 149 23.67 -25.29 27.98
CA SER B 149 23.67 -26.25 26.87
C SER B 149 22.95 -25.71 25.63
N GLU B 150 22.98 -26.49 24.56
CA GLU B 150 22.27 -26.17 23.32
C GLU B 150 20.78 -25.94 23.53
N LYS B 151 20.23 -26.45 24.63
CA LYS B 151 18.79 -26.31 24.98
C LYS B 151 18.40 -24.91 25.41
N ASP B 152 19.39 -24.14 25.88
CA ASP B 152 19.18 -22.75 26.28
C ASP B 152 18.85 -21.87 25.07
N ALA B 153 19.15 -22.39 23.88
CA ALA B 153 18.91 -21.68 22.63
C ALA B 153 17.54 -21.98 22.07
N LEU B 154 16.94 -23.08 22.55
CA LEU B 154 15.64 -23.54 22.07
C LEU B 154 14.51 -22.85 22.84
N GLN B 155 14.35 -21.56 22.56
CA GLN B 155 13.32 -20.74 23.20
C GLN B 155 12.51 -20.06 22.11
N PRO B 156 11.23 -19.75 22.41
CA PRO B 156 10.39 -18.98 21.49
C PRO B 156 10.86 -17.54 21.43
N GLY B 157 10.66 -16.89 20.28
CA GLY B 157 11.01 -15.49 20.07
C GLY B 157 10.47 -14.53 21.12
N ARG B 158 9.33 -14.87 21.72
CA ARG B 158 8.70 -14.08 22.78
C ARG B 158 9.64 -13.81 23.96
N ASN B 159 10.66 -14.66 24.09
CA ASN B 159 11.65 -14.53 25.17
C ASN B 159 12.87 -13.65 24.84
N LEU B 160 12.85 -13.00 23.68
CA LEU B 160 14.01 -12.22 23.25
C LEU B 160 14.13 -11.00 24.13
N VAL B 161 15.37 -10.74 24.57
CA VAL B 161 15.71 -9.55 25.34
C VAL B 161 15.98 -8.40 24.35
N ALA B 162 16.64 -8.75 23.24
CA ALA B 162 17.00 -7.81 22.17
C ALA B 162 17.32 -8.59 20.91
N ALA B 163 17.24 -7.89 19.78
CA ALA B 163 17.45 -8.47 18.46
C ALA B 163 17.58 -7.35 17.47
N GLY B 164 18.04 -7.68 16.28
CA GLY B 164 18.27 -6.70 15.24
C GLY B 164 19.17 -7.29 14.17
N TYR B 165 19.73 -6.41 13.36
CA TYR B 165 20.61 -6.77 12.26
C TYR B 165 21.52 -5.61 11.89
N ALA B 166 22.67 -5.94 11.30
CA ALA B 166 23.42 -4.93 10.54
C ALA B 166 23.17 -5.16 9.08
N LEU B 167 22.89 -4.10 8.34
CA LEU B 167 22.80 -4.18 6.90
C LEU B 167 24.05 -3.57 6.25
N TYR B 168 24.75 -4.36 5.43
CA TYR B 168 25.87 -3.86 4.64
C TYR B 168 25.36 -3.66 3.22
N GLY B 169 24.61 -2.59 3.03
CA GLY B 169 24.09 -2.22 1.72
C GLY B 169 24.88 -1.06 1.13
N SER B 170 24.17 -0.10 0.56
CA SER B 170 24.84 1.08 0.01
C SER B 170 25.67 1.75 1.11
N ALA B 171 25.14 1.71 2.34
CA ALA B 171 25.88 2.02 3.58
C ALA B 171 25.58 0.95 4.61
N THR B 172 26.30 0.99 5.73
CA THR B 172 26.15 0.05 6.82
C THR B 172 25.30 0.67 7.94
N MET B 173 24.20 0.01 8.26
CA MET B 173 23.26 0.43 9.30
C MET B 173 23.05 -0.70 10.28
N LEU B 174 23.00 -0.38 11.57
CA LEU B 174 22.62 -1.37 12.58
C LEU B 174 21.24 -1.00 13.04
N VAL B 175 20.30 -1.94 12.90
CA VAL B 175 18.95 -1.78 13.44
C VAL B 175 18.86 -2.57 14.73
N LEU B 176 18.56 -1.89 15.83
CA LEU B 176 18.47 -2.56 17.13
C LEU B 176 17.07 -2.46 17.72
N ALA B 177 16.48 -3.62 18.04
CA ALA B 177 15.17 -3.67 18.69
C ALA B 177 15.31 -4.09 20.15
N MET B 178 14.68 -3.31 21.04
CA MET B 178 14.64 -3.60 22.47
C MET B 178 13.24 -3.27 22.99
N ASP B 179 13.02 -3.50 24.27
CA ASP B 179 11.76 -3.13 24.91
C ASP B 179 11.32 -1.71 24.57
N CYS B 180 12.28 -0.79 24.57
CA CYS B 180 11.99 0.63 24.30
C CYS B 180 11.65 0.90 22.83
N GLY B 181 11.87 -0.08 21.97
CA GLY B 181 11.52 0.05 20.55
C GLY B 181 12.66 -0.30 19.62
N VAL B 182 12.52 0.14 18.38
CA VAL B 182 13.48 -0.12 17.32
C VAL B 182 14.19 1.19 17.00
N ASN B 183 15.53 1.15 16.96
CA ASN B 183 16.35 2.33 16.65
C ASN B 183 17.41 1.96 15.60
N CYS B 184 17.67 2.86 14.66
CA CYS B 184 18.60 2.62 13.55
C CYS B 184 19.81 3.52 13.66
N PHE B 185 20.98 2.92 13.53
CA PHE B 185 22.27 3.57 13.69
C PHE B 185 23.08 3.39 12.41
N MET B 186 23.49 4.49 11.80
CA MET B 186 24.38 4.46 10.67
C MET B 186 25.85 4.34 11.11
N LEU B 187 26.60 3.43 10.49
CA LEU B 187 28.02 3.39 10.67
C LEU B 187 28.63 4.54 9.88
N ASP B 188 29.33 5.42 10.58
CA ASP B 188 30.13 6.46 9.94
C ASP B 188 31.52 5.88 9.87
N PRO B 189 31.96 5.49 8.66
CA PRO B 189 33.24 4.78 8.55
C PRO B 189 34.45 5.71 8.65
N ALA B 190 34.21 7.02 8.65
CA ALA B 190 35.28 7.99 8.86
C ALA B 190 35.79 7.89 10.29
N ILE B 191 34.93 7.47 11.21
CA ILE B 191 35.27 7.44 12.63
C ILE B 191 34.93 6.12 13.30
N GLY B 192 34.23 5.24 12.61
CA GLY B 192 33.94 3.90 13.12
C GLY B 192 33.03 3.99 14.30
N GLU B 193 31.90 4.65 14.10
CA GLU B 193 30.95 4.91 15.15
C GLU B 193 29.54 4.77 14.57
N PHE B 194 28.67 4.11 15.32
CA PHE B 194 27.26 3.99 14.97
C PHE B 194 26.45 5.17 15.48
N ILE B 195 25.97 5.98 14.53
CA ILE B 195 25.23 7.20 14.85
C ILE B 195 23.72 6.96 14.81
N LEU B 196 23.03 7.36 15.87
CA LEU B 196 21.57 7.25 15.93
C LEU B 196 20.94 8.21 14.91
N VAL B 197 20.27 7.67 13.89
CA VAL B 197 19.73 8.48 12.81
C VAL B 197 18.19 8.39 12.72
N ASP B 198 17.62 7.24 13.10
CA ASP B 198 16.15 7.07 13.14
C ASP B 198 15.73 6.51 14.50
N LYS B 199 14.89 7.27 15.21
CA LYS B 199 14.48 6.98 16.58
C LYS B 199 13.09 6.34 16.70
N ASP B 200 12.95 5.41 17.64
CA ASP B 200 11.69 4.71 17.92
C ASP B 200 10.88 4.54 16.64
N VAL B 201 11.46 3.79 15.72
CA VAL B 201 10.97 3.62 14.36
C VAL B 201 9.70 2.77 14.36
N LYS B 202 8.72 3.19 13.57
CA LYS B 202 7.47 2.45 13.39
C LYS B 202 7.25 2.24 11.89
N ILE B 203 6.84 1.02 11.51
CA ILE B 203 6.54 0.67 10.12
C ILE B 203 5.19 1.28 9.69
N LYS B 204 5.04 1.56 8.39
CA LYS B 204 3.76 2.01 7.85
C LYS B 204 2.69 0.96 8.10
N LYS B 205 1.47 1.42 8.38
CA LYS B 205 0.32 0.53 8.56
C LYS B 205 0.11 -0.37 7.33
N LYS B 206 0.31 0.22 6.15
CA LYS B 206 0.12 -0.47 4.89
C LYS B 206 1.12 0.09 3.87
N GLY B 207 1.80 -0.82 3.15
CA GLY B 207 2.74 -0.42 2.10
C GLY B 207 2.22 -0.70 0.70
N LYS B 208 3.11 -0.57 -0.28
CA LYS B 208 2.76 -0.64 -1.71
C LYS B 208 3.74 -1.55 -2.48
N ILE B 209 4.44 -2.40 -1.75
CA ILE B 209 5.45 -3.30 -2.31
C ILE B 209 5.30 -4.67 -1.67
N TYR B 210 5.39 -5.71 -2.49
CA TYR B 210 5.45 -7.06 -1.96
C TYR B 210 6.74 -7.69 -2.39
N SER B 211 7.24 -8.62 -1.58
CA SER B 211 8.58 -9.13 -1.79
C SER B 211 8.69 -10.64 -1.60
N LEU B 212 8.89 -11.38 -2.69
CA LEU B 212 9.10 -12.82 -2.64
C LEU B 212 9.71 -13.39 -3.93
N ASN B 213 10.26 -14.61 -3.87
CA ASN B 213 10.73 -15.29 -5.07
C ASN B 213 9.56 -15.87 -5.87
N GLU B 214 9.08 -15.11 -6.86
CA GLU B 214 7.93 -15.52 -7.68
C GLU B 214 8.33 -16.55 -8.72
N GLY B 215 9.63 -16.77 -8.83
CA GLY B 215 10.18 -17.81 -9.70
C GLY B 215 9.72 -19.19 -9.29
N TYR B 216 9.37 -19.35 -8.01
CA TYR B 216 8.79 -20.59 -7.48
C TYR B 216 7.23 -20.64 -7.59
N ALA B 217 6.63 -19.91 -8.54
CA ALA B 217 5.16 -19.87 -8.66
C ALA B 217 4.49 -21.26 -8.65
N LYS B 218 5.03 -22.18 -9.44
CA LYS B 218 4.53 -23.55 -9.58
C LYS B 218 4.28 -24.26 -8.23
N ASP B 219 5.05 -23.90 -7.20
CA ASP B 219 5.02 -24.58 -5.91
C ASP B 219 4.20 -23.85 -4.85
N PHE B 220 3.73 -22.65 -5.16
CA PHE B 220 3.04 -21.82 -4.18
C PHE B 220 1.83 -22.54 -3.59
N ASP B 221 1.61 -22.29 -2.32
CA ASP B 221 0.36 -22.55 -1.65
C ASP B 221 -0.75 -21.74 -2.34
N PRO B 222 -1.94 -22.35 -2.59
CA PRO B 222 -3.05 -21.60 -3.19
C PRO B 222 -3.38 -20.27 -2.50
N ALA B 223 -3.17 -20.19 -1.18
CA ALA B 223 -3.37 -18.93 -0.43
C ALA B 223 -2.32 -17.84 -0.76
N VAL B 224 -1.09 -18.27 -1.05
CA VAL B 224 -0.03 -17.38 -1.53
C VAL B 224 -0.31 -16.98 -3.00
N THR B 225 -0.74 -17.94 -3.81
CA THR B 225 -1.14 -17.64 -5.19
C THR B 225 -2.24 -16.56 -5.27
N GLU B 226 -3.30 -16.72 -4.49
CA GLU B 226 -4.37 -15.74 -4.49
C GLU B 226 -3.98 -14.37 -3.90
N TYR B 227 -3.19 -14.38 -2.83
CA TYR B 227 -2.68 -13.12 -2.29
C TYR B 227 -1.87 -12.31 -3.31
N ILE B 228 -0.91 -12.95 -3.95
CA ILE B 228 -0.08 -12.28 -4.96
C ILE B 228 -0.96 -11.77 -6.10
N GLN B 229 -1.91 -12.60 -6.51
CA GLN B 229 -2.92 -12.18 -7.50
C GLN B 229 -3.57 -10.86 -7.13
N ARG B 230 -3.93 -10.73 -5.85
CA ARG B 230 -4.57 -9.50 -5.32
C ARG B 230 -3.65 -8.29 -5.36
N LYS B 231 -2.34 -8.52 -5.41
CA LYS B 231 -1.37 -7.41 -5.43
C LYS B 231 -1.22 -6.83 -6.83
N LYS B 232 -1.19 -7.71 -7.83
CA LYS B 232 -1.05 -7.31 -9.22
C LYS B 232 -2.40 -6.88 -9.85
N PHE B 233 -3.47 -7.55 -9.45
CA PHE B 233 -4.80 -7.27 -9.96
C PHE B 233 -5.72 -6.98 -8.79
N PRO B 234 -5.68 -5.73 -8.26
CA PRO B 234 -6.44 -5.39 -7.05
C PRO B 234 -7.96 -5.42 -7.31
N PRO B 235 -8.70 -6.25 -6.54
CA PRO B 235 -10.15 -6.38 -6.68
C PRO B 235 -10.94 -5.10 -6.36
N ASP B 236 -10.29 -4.14 -5.70
CA ASP B 236 -10.93 -2.87 -5.38
C ASP B 236 -10.52 -1.72 -6.31
N ASN B 237 -9.81 -2.01 -7.40
CA ASN B 237 -9.47 -1.00 -8.41
C ASN B 237 -8.37 0.00 -7.98
N SER B 238 -7.76 -0.23 -6.81
CA SER B 238 -6.58 0.52 -6.38
C SER B 238 -5.37 0.26 -7.28
N ALA B 239 -4.28 0.96 -7.02
CA ALA B 239 -3.06 0.79 -7.80
C ALA B 239 -2.30 -0.48 -7.36
N PRO B 240 -1.87 -1.33 -8.32
CA PRO B 240 -1.09 -2.54 -8.03
C PRO B 240 0.15 -2.28 -7.17
N TYR B 241 0.53 -3.22 -6.33
CA TYR B 241 1.80 -3.14 -5.59
C TYR B 241 2.97 -3.29 -6.57
N GLY B 242 4.08 -2.60 -6.28
CA GLY B 242 5.31 -2.91 -6.97
C GLY B 242 5.90 -4.17 -6.37
N ALA B 243 6.80 -4.81 -7.10
CA ALA B 243 7.48 -5.99 -6.62
C ALA B 243 8.98 -5.69 -6.48
N ARG B 244 9.55 -6.05 -5.33
CA ARG B 244 11.00 -5.98 -5.14
C ARG B 244 11.45 -7.25 -4.46
N TYR B 245 12.58 -7.80 -4.92
CA TYR B 245 13.12 -8.98 -4.27
C TYR B 245 14.62 -9.09 -4.52
N VAL B 246 15.41 -8.65 -3.55
CA VAL B 246 16.86 -8.66 -3.66
C VAL B 246 17.39 -10.10 -3.56
N GLY B 247 16.78 -10.89 -2.69
CA GLY B 247 17.14 -12.29 -2.51
C GLY B 247 18.07 -12.40 -1.34
N SER B 248 18.21 -11.29 -0.62
CA SER B 248 19.02 -11.23 0.59
C SER B 248 18.09 -10.68 1.65
N MET B 249 17.93 -11.44 2.72
CA MET B 249 16.81 -11.27 3.62
C MET B 249 16.89 -9.96 4.37
N VAL B 250 18.09 -9.60 4.81
CA VAL B 250 18.29 -8.38 5.58
C VAL B 250 17.92 -7.16 4.72
N ALA B 251 18.34 -7.20 3.46
CA ALA B 251 18.03 -6.17 2.48
C ALA B 251 16.52 -5.97 2.26
N ASP B 252 15.81 -7.09 2.08
CA ASP B 252 14.38 -7.07 1.79
C ASP B 252 13.59 -6.66 3.03
N VAL B 253 13.91 -7.28 4.14
CA VAL B 253 13.32 -6.93 5.42
C VAL B 253 13.62 -5.46 5.77
N HIS B 254 14.85 -5.01 5.58
CA HIS B 254 15.13 -3.59 5.88
C HIS B 254 14.27 -2.63 5.05
N ARG B 255 14.14 -2.93 3.75
CA ARG B 255 13.29 -2.16 2.85
C ARG B 255 11.83 -2.20 3.29
N THR B 256 11.35 -3.37 3.70
CA THR B 256 10.01 -3.55 4.30
C THR B 256 9.77 -2.65 5.54
N LEU B 257 10.80 -2.50 6.38
CA LEU B 257 10.70 -1.67 7.59
C LEU B 257 10.62 -0.18 7.22
N VAL B 258 11.50 0.21 6.31
CA VAL B 258 11.68 1.60 5.93
C VAL B 258 10.50 2.10 5.09
N TYR B 259 10.06 1.26 4.16
CA TYR B 259 9.12 1.65 3.12
C TYR B 259 7.73 1.07 3.33
N GLY B 260 7.65 -0.01 4.11
CA GLY B 260 6.39 -0.70 4.29
C GLY B 260 6.14 -1.74 3.23
N GLY B 261 5.06 -2.50 3.44
CA GLY B 261 4.72 -3.56 2.52
C GLY B 261 4.91 -4.90 3.18
N ILE B 262 5.24 -5.88 2.36
CA ILE B 262 5.24 -7.26 2.83
C ILE B 262 6.39 -8.09 2.26
N PHE B 263 6.96 -8.92 3.12
CA PHE B 263 8.02 -9.85 2.73
C PHE B 263 7.55 -11.27 3.03
N LEU B 264 7.72 -12.15 2.05
CA LEU B 264 7.23 -13.51 2.16
C LEU B 264 8.28 -14.57 1.86
N TYR B 265 8.52 -15.46 2.81
CA TYR B 265 9.22 -16.73 2.54
C TYR B 265 8.36 -17.90 3.05
N PRO B 266 7.28 -18.21 2.32
CA PRO B 266 6.22 -19.03 2.88
C PRO B 266 6.45 -20.55 2.75
N ALA B 267 5.62 -21.32 3.45
CA ALA B 267 5.58 -22.76 3.32
C ALA B 267 4.88 -23.14 2.00
N ASN B 268 5.44 -24.12 1.30
CA ASN B 268 4.70 -24.86 0.25
C ASN B 268 4.75 -26.36 0.58
N LYS B 269 4.08 -27.19 -0.22
CA LYS B 269 4.05 -28.61 0.11
C LYS B 269 5.41 -29.32 -0.06
N LYS B 270 6.29 -28.76 -0.90
CA LYS B 270 7.68 -29.23 -1.01
C LYS B 270 8.55 -28.85 0.21
N SER B 271 8.31 -27.66 0.78
CA SER B 271 8.97 -27.21 2.02
C SER B 271 7.89 -26.72 2.99
N PRO B 272 7.35 -27.64 3.82
CA PRO B 272 6.22 -27.32 4.69
C PRO B 272 6.58 -26.39 5.85
N ASN B 273 7.88 -26.23 6.10
CA ASN B 273 8.39 -25.35 7.15
C ASN B 273 9.28 -24.25 6.59
N GLY B 274 8.99 -23.79 5.37
CA GLY B 274 9.80 -22.76 4.73
C GLY B 274 11.26 -23.14 4.53
N LYS B 275 12.11 -22.13 4.32
CA LYS B 275 13.52 -22.34 4.06
C LYS B 275 14.42 -21.57 5.05
N LEU B 276 13.99 -20.37 5.39
CA LEU B 276 14.74 -19.53 6.30
C LEU B 276 14.79 -20.17 7.69
N ARG B 277 15.75 -19.74 8.51
CA ARG B 277 16.01 -20.35 9.81
C ARG B 277 15.34 -19.60 10.95
N LEU B 278 14.59 -20.31 11.79
CA LEU B 278 13.81 -19.69 12.87
C LEU B 278 14.61 -18.87 13.89
N LEU B 279 15.67 -19.45 14.45
CA LEU B 279 16.40 -18.87 15.59
C LEU B 279 17.19 -17.59 15.26
N TYR B 280 17.92 -17.64 14.15
CA TYR B 280 18.86 -16.58 13.78
C TYR B 280 18.50 -15.89 12.45
N GLU B 281 17.28 -16.13 11.94
CA GLU B 281 16.73 -15.36 10.82
C GLU B 281 15.32 -14.87 11.07
N CYS B 282 14.40 -15.80 11.32
CA CYS B 282 12.97 -15.44 11.41
C CYS B 282 12.62 -14.73 12.70
N ASN B 283 13.13 -15.20 13.84
CA ASN B 283 12.83 -14.59 15.15
C ASN B 283 13.33 -13.13 15.31
N PRO B 284 14.64 -12.87 15.09
CA PRO B 284 15.11 -11.49 15.21
C PRO B 284 14.33 -10.50 14.33
N MET B 285 14.05 -10.89 13.09
CA MET B 285 13.31 -10.04 12.15
C MET B 285 11.86 -9.81 12.57
N ALA B 286 11.26 -10.85 13.18
CA ALA B 286 9.89 -10.83 13.66
C ALA B 286 9.80 -9.95 14.90
N TYR B 287 10.79 -10.07 15.76
CA TYR B 287 10.92 -9.19 16.92
C TYR B 287 11.13 -7.72 16.53
N VAL B 288 12.04 -7.45 15.59
CA VAL B 288 12.16 -6.10 15.02
C VAL B 288 10.81 -5.63 14.51
N MET B 289 10.17 -6.43 13.64
CA MET B 289 8.82 -6.11 13.11
C MET B 289 7.81 -5.77 14.20
N GLU B 290 7.72 -6.62 15.22
CA GLU B 290 6.71 -6.41 16.25
C GLU B 290 6.96 -5.15 17.07
N LYS B 291 8.23 -4.90 17.39
CA LYS B 291 8.62 -3.65 18.07
C LYS B 291 8.39 -2.41 17.21
N ALA B 292 8.41 -2.56 15.89
CA ALA B 292 8.09 -1.43 15.01
C ALA B 292 6.58 -1.32 14.66
N GLY B 293 5.74 -2.06 15.37
CA GLY B 293 4.30 -2.04 15.11
C GLY B 293 3.86 -2.86 13.90
N GLY B 294 4.76 -3.69 13.36
CA GLY B 294 4.41 -4.55 12.24
C GLY B 294 4.04 -5.92 12.75
N MET B 295 3.97 -6.90 11.85
CA MET B 295 3.62 -8.27 12.20
C MET B 295 4.53 -9.28 11.51
N ALA B 296 4.66 -10.47 12.10
CA ALA B 296 5.31 -11.59 11.42
C ALA B 296 4.63 -12.91 11.78
N THR B 297 4.09 -13.58 10.77
CA THR B 297 3.35 -14.82 10.93
C THR B 297 4.02 -15.95 10.13
N THR B 298 3.78 -17.20 10.54
CA THR B 298 4.14 -18.38 9.74
C THR B 298 2.98 -18.76 8.84
N GLY B 299 1.83 -18.16 9.10
CA GLY B 299 0.60 -18.54 8.44
C GLY B 299 -0.34 -19.07 9.50
N LYS B 300 0.16 -20.02 10.28
CA LYS B 300 -0.59 -20.70 11.34
C LYS B 300 -0.58 -19.90 12.65
N GLU B 301 0.57 -19.32 12.96
CA GLU B 301 0.76 -18.59 14.22
C GLU B 301 1.84 -17.52 14.04
N ALA B 302 1.98 -16.67 15.04
CA ALA B 302 3.06 -15.69 15.11
C ALA B 302 4.40 -16.41 15.20
N VAL B 303 5.35 -15.99 14.37
CA VAL B 303 6.72 -16.55 14.38
C VAL B 303 7.30 -16.56 15.80
N LEU B 304 7.03 -15.51 16.56
CA LEU B 304 7.57 -15.38 17.92
C LEU B 304 6.98 -16.38 18.91
N ASP B 305 5.86 -17.01 18.55
CA ASP B 305 5.23 -18.05 19.38
C ASP B 305 5.74 -19.49 19.15
N VAL B 306 6.39 -19.75 18.03
CA VAL B 306 6.88 -21.10 17.70
C VAL B 306 7.89 -21.53 18.77
N ILE B 307 7.79 -22.79 19.22
CA ILE B 307 8.73 -23.34 20.20
C ILE B 307 9.67 -24.37 19.54
N PRO B 308 10.95 -24.00 19.38
CA PRO B 308 11.92 -24.79 18.58
C PRO B 308 12.37 -26.09 19.26
N THR B 309 12.69 -27.09 18.46
CA THR B 309 13.24 -28.34 18.99
C THR B 309 14.63 -28.60 18.41
N ASP B 310 14.95 -27.90 17.32
CA ASP B 310 16.26 -28.01 16.66
C ASP B 310 16.77 -26.60 16.43
N ILE B 311 18.02 -26.35 16.77
CA ILE B 311 18.56 -24.99 16.62
C ILE B 311 18.60 -24.54 15.15
N HIS B 312 18.61 -25.49 14.23
CA HIS B 312 18.70 -25.21 12.80
C HIS B 312 17.41 -25.44 12.01
N GLN B 313 16.30 -25.50 12.72
CA GLN B 313 15.03 -25.73 12.05
C GLN B 313 14.57 -24.49 11.27
N ARG B 314 13.73 -24.76 10.28
CA ARG B 314 13.24 -23.74 9.37
C ARG B 314 11.82 -23.29 9.74
N ALA B 315 11.45 -22.11 9.24
CA ALA B 315 10.15 -21.58 9.51
C ALA B 315 9.61 -20.85 8.29
N PRO B 316 8.28 -20.94 8.07
CA PRO B 316 7.68 -20.03 7.09
C PRO B 316 7.72 -18.62 7.66
N VAL B 317 7.80 -17.62 6.81
CA VAL B 317 7.77 -16.25 7.32
C VAL B 317 7.08 -15.29 6.36
N ILE B 318 6.11 -14.58 6.91
CA ILE B 318 5.41 -13.54 6.23
C ILE B 318 5.42 -12.40 7.23
N LEU B 319 5.98 -11.25 6.81
CA LEU B 319 6.15 -10.14 7.73
C LEU B 319 6.01 -8.80 7.03
N GLY B 320 5.88 -7.74 7.81
CA GLY B 320 5.77 -6.41 7.25
C GLY B 320 4.66 -5.63 7.89
N SER B 321 4.06 -4.77 7.08
CA SER B 321 3.01 -3.84 7.48
C SER B 321 1.77 -4.59 7.98
N PRO B 322 1.23 -4.17 9.14
CA PRO B 322 0.07 -4.84 9.77
C PRO B 322 -1.12 -5.10 8.82
N ASP B 323 -1.59 -4.07 8.10
CA ASP B 323 -2.68 -4.24 7.15
C ASP B 323 -2.37 -5.19 5.99
N ASP B 324 -1.08 -5.34 5.68
CA ASP B 324 -0.66 -6.23 4.60
C ASP B 324 -0.59 -7.67 5.10
N VAL B 325 0.00 -7.87 6.27
CA VAL B 325 0.06 -9.20 6.86
C VAL B 325 -1.34 -9.73 7.23
N LEU B 326 -2.18 -8.87 7.80
CA LEU B 326 -3.56 -9.24 8.13
C LEU B 326 -4.33 -9.61 6.88
N GLU B 327 -4.11 -8.86 5.80
CA GLU B 327 -4.70 -9.15 4.49
C GLU B 327 -4.27 -10.52 3.97
N PHE B 328 -3.01 -10.86 4.16
CA PHE B 328 -2.52 -12.19 3.80
C PHE B 328 -3.12 -13.27 4.69
N LEU B 329 -3.31 -12.96 5.97
CA LEU B 329 -3.86 -13.94 6.91
C LEU B 329 -5.34 -14.23 6.66
N LYS B 330 -6.10 -13.21 6.28
CA LYS B 330 -7.50 -13.38 5.89
C LYS B 330 -7.64 -14.32 4.66
N VAL B 331 -6.69 -14.27 3.73
CA VAL B 331 -6.68 -15.18 2.57
C VAL B 331 -6.29 -16.59 3.02
N TYR B 332 -5.30 -16.67 3.90
CA TYR B 332 -4.83 -17.94 4.46
C TYR B 332 -5.94 -18.69 5.17
N GLU B 333 -6.73 -17.94 5.95
CA GLU B 333 -7.86 -18.44 6.73
C GLU B 333 -8.95 -18.99 5.81
N LYS B 334 -9.18 -18.26 4.71
CA LYS B 334 -10.14 -18.66 3.68
C LYS B 334 -9.77 -20.01 3.09
N HIS B 335 -8.52 -20.15 2.68
CA HIS B 335 -8.01 -21.42 2.17
C HIS B 335 -7.86 -22.41 3.32
N SER B 336 -8.18 -21.94 4.53
CA SER B 336 -8.30 -22.74 5.77
C SER B 336 -6.98 -22.93 6.49
N ALA B 337 -5.90 -22.83 5.89
N ASP C 10 40.99 25.02 -10.46
CA ASP C 10 40.57 23.59 -10.59
C ASP C 10 41.36 22.66 -9.69
N VAL C 11 40.62 21.74 -9.04
CA VAL C 11 41.19 20.62 -8.29
C VAL C 11 42.16 19.84 -9.18
N ASN C 12 43.30 19.49 -8.60
CA ASN C 12 44.31 18.69 -9.29
C ASN C 12 44.68 17.53 -8.37
N THR C 13 45.17 16.46 -8.98
CA THR C 13 45.53 15.25 -8.28
C THR C 13 46.91 14.90 -8.77
N LEU C 14 47.61 13.99 -8.08
CA LEU C 14 48.96 13.62 -8.49
C LEU C 14 48.99 13.00 -9.87
N THR C 15 48.15 11.99 -10.09
CA THR C 15 48.08 11.30 -11.38
C THR C 15 47.89 12.27 -12.55
N ARG C 16 46.93 13.20 -12.40
CA ARG C 16 46.58 14.18 -13.43
C ARG C 16 47.66 15.21 -13.63
N PHE C 17 48.23 15.70 -12.54
CA PHE C 17 49.34 16.65 -12.60
C PHE C 17 50.53 16.06 -13.35
N VAL C 18 50.93 14.86 -12.95
CA VAL C 18 52.11 14.19 -13.56
C VAL C 18 51.88 13.95 -15.07
N MET C 19 50.74 13.36 -15.40
CA MET C 19 50.36 13.06 -16.77
C MET C 19 50.27 14.29 -17.66
N GLU C 20 49.82 15.42 -17.12
CA GLU C 20 49.85 16.67 -17.88
C GLU C 20 51.27 17.18 -18.12
N GLU C 21 52.15 17.06 -17.13
CA GLU C 21 53.56 17.43 -17.31
C GLU C 21 54.22 16.56 -18.38
N GLY C 22 53.85 15.29 -18.40
CA GLY C 22 54.40 14.37 -19.36
C GLY C 22 54.00 14.68 -20.79
N ARG C 23 52.75 15.13 -20.95
CA ARG C 23 52.21 15.46 -22.27
C ARG C 23 52.87 16.70 -22.85
N LYS C 24 53.11 17.71 -22.02
CA LYS C 24 53.92 18.86 -22.41
C LYS C 24 55.28 18.44 -22.99
N ALA C 25 56.00 17.61 -22.24
CA ALA C 25 57.29 17.05 -22.66
C ALA C 25 57.16 15.92 -23.69
N ARG C 26 55.93 15.56 -24.04
CA ARG C 26 55.62 14.52 -25.03
C ARG C 26 56.36 13.20 -24.78
N GLY C 27 56.41 12.80 -23.50
CA GLY C 27 57.12 11.59 -23.10
C GLY C 27 56.32 10.34 -23.39
N THR C 28 57.01 9.20 -23.31
CA THR C 28 56.41 7.88 -23.55
C THR C 28 55.30 7.46 -22.56
N GLY C 29 55.26 8.08 -21.38
CA GLY C 29 54.35 7.64 -20.31
C GLY C 29 55.01 6.81 -19.22
N GLU C 30 56.24 6.37 -19.45
CA GLU C 30 56.95 5.47 -18.53
C GLU C 30 57.23 6.09 -17.13
N LEU C 31 57.55 7.38 -17.08
CA LEU C 31 57.76 8.03 -15.80
C LEU C 31 56.45 8.26 -15.03
N THR C 32 55.36 8.44 -15.77
CA THR C 32 54.02 8.51 -15.21
C THR C 32 53.64 7.17 -14.58
N GLN C 33 53.88 6.09 -15.32
CA GLN C 33 53.65 4.71 -14.82
C GLN C 33 54.45 4.41 -13.56
N LEU C 34 55.70 4.86 -13.55
CA LEU C 34 56.55 4.74 -12.37
C LEU C 34 55.95 5.48 -11.18
N LEU C 35 55.59 6.74 -11.39
CA LEU C 35 55.10 7.60 -10.32
C LEU C 35 53.70 7.22 -9.78
N ASN C 36 52.84 6.72 -10.65
CA ASN C 36 51.55 6.13 -10.24
C ASN C 36 51.73 4.90 -9.37
N SER C 37 52.65 4.04 -9.77
CA SER C 37 52.97 2.83 -9.02
C SER C 37 53.54 3.16 -7.63
N LEU C 38 54.35 4.22 -7.58
CA LEU C 38 54.98 4.66 -6.35
C LEU C 38 53.92 5.19 -5.38
N CYS C 39 53.00 5.97 -5.91
CA CYS C 39 51.89 6.58 -5.17
C CYS C 39 50.90 5.54 -4.62
N THR C 40 50.67 4.48 -5.38
CA THR C 40 49.87 3.36 -4.89
C THR C 40 50.54 2.70 -3.68
N ALA C 41 51.84 2.43 -3.81
CA ALA C 41 52.66 1.90 -2.70
C ALA C 41 52.63 2.82 -1.47
N VAL C 42 52.65 4.13 -1.69
CA VAL C 42 52.69 5.11 -0.62
C VAL C 42 51.37 5.15 0.16
N LYS C 43 50.27 4.88 -0.54
CA LYS C 43 48.94 4.80 0.05
C LYS C 43 48.77 3.55 0.93
N ALA C 44 49.34 2.44 0.49
CA ALA C 44 49.37 1.17 1.24
C ALA C 44 50.30 1.26 2.44
N ILE C 45 51.42 1.95 2.30
CA ILE C 45 52.26 2.22 3.44
C ILE C 45 51.55 3.13 4.45
N SER C 46 50.96 4.24 4.00
CA SER C 46 50.20 5.14 4.91
C SER C 46 49.14 4.39 5.71
N SER C 47 48.45 3.48 5.05
CA SER C 47 47.40 2.66 5.64
C SER C 47 47.91 1.68 6.68
N ALA C 48 48.99 0.95 6.35
CA ALA C 48 49.70 0.12 7.34
C ALA C 48 50.26 0.93 8.54
N VAL C 49 50.82 2.11 8.24
CA VAL C 49 51.50 2.92 9.25
C VAL C 49 50.47 3.48 10.25
N ARG C 50 49.31 3.87 9.74
CA ARG C 50 48.21 4.35 10.57
C ARG C 50 47.50 3.19 11.32
N LYS C 51 47.97 1.97 11.10
CA LYS C 51 47.54 0.77 11.84
C LYS C 51 46.16 0.21 11.46
N ALA C 52 45.77 0.42 10.22
CA ALA C 52 44.56 -0.20 9.69
C ALA C 52 44.71 -1.74 9.79
N GLY C 53 43.78 -2.41 10.48
CA GLY C 53 43.86 -3.87 10.59
C GLY C 53 44.62 -4.42 11.78
N ILE C 54 45.09 -3.53 12.65
CA ILE C 54 45.78 -3.95 13.87
C ILE C 54 44.90 -4.82 14.79
N ALA C 55 43.59 -4.57 14.81
CA ALA C 55 42.65 -5.37 15.60
C ALA C 55 42.77 -6.87 15.29
N HIS C 56 42.97 -7.23 14.02
CA HIS C 56 43.24 -8.61 13.63
C HIS C 56 44.55 -9.20 14.19
N LEU C 57 45.57 -8.36 14.31
CA LEU C 57 46.81 -8.77 14.97
C LEU C 57 46.62 -9.08 16.45
N TYR C 58 45.67 -8.39 17.07
CA TYR C 58 45.44 -8.53 18.49
C TYR C 58 44.29 -9.45 18.85
N GLY C 59 43.86 -10.23 17.85
CA GLY C 59 42.96 -11.36 18.06
C GLY C 59 41.47 -11.09 18.00
N ILE C 60 41.04 -10.10 17.21
CA ILE C 60 39.62 -9.73 17.12
C ILE C 60 38.78 -10.83 16.47
N ALA C 61 39.43 -11.62 15.63
CA ALA C 61 38.80 -12.75 14.95
C ALA C 61 39.30 -14.04 15.61
N GLY C 62 39.80 -13.89 16.84
CA GLY C 62 40.53 -14.97 17.50
C GLY C 62 41.97 -14.91 17.05
N LYS C 73 56.27 -7.27 9.83
CA LYS C 73 57.05 -6.10 10.25
C LYS C 73 56.90 -4.94 9.26
N LEU C 74 56.66 -3.74 9.80
CA LEU C 74 56.30 -2.58 9.01
C LEU C 74 57.30 -2.18 7.91
N ASP C 75 58.57 -2.05 8.26
CA ASP C 75 59.59 -1.67 7.28
C ASP C 75 59.79 -2.69 6.14
N VAL C 76 59.74 -3.98 6.47
CA VAL C 76 59.75 -5.05 5.45
C VAL C 76 58.55 -4.92 4.47
N LEU C 77 57.35 -4.76 5.03
CA LEU C 77 56.13 -4.59 4.21
C LEU C 77 56.25 -3.36 3.32
N SER C 78 56.78 -2.28 3.89
CA SER C 78 56.96 -1.04 3.15
C SER C 78 57.95 -1.25 1.99
N ASN C 79 59.04 -1.96 2.25
CA ASN C 79 59.98 -2.36 1.21
C ASN C 79 59.30 -3.19 0.14
N ASP C 80 58.60 -4.24 0.55
CA ASP C 80 57.90 -5.13 -0.39
C ASP C 80 56.90 -4.40 -1.25
N LEU C 81 56.26 -3.37 -0.68
CA LEU C 81 55.28 -2.56 -1.40
C LEU C 81 55.93 -1.73 -2.51
N VAL C 82 56.96 -0.95 -2.16
CA VAL C 82 57.66 -0.14 -3.14
C VAL C 82 58.35 -1.01 -4.19
N MET C 83 59.01 -2.11 -3.78
CA MET C 83 59.69 -3.04 -4.72
C MET C 83 58.73 -3.63 -5.73
N ASN C 84 57.65 -4.23 -5.22
CA ASN C 84 56.73 -4.93 -6.10
C ASN C 84 56.00 -3.98 -7.04
N MET C 85 55.51 -2.87 -6.50
CA MET C 85 54.88 -1.85 -7.34
C MET C 85 55.83 -1.25 -8.40
N LEU C 86 57.09 -1.02 -8.05
CA LEU C 86 58.02 -0.44 -9.03
C LEU C 86 58.43 -1.46 -10.08
N LYS C 87 58.60 -2.71 -9.70
CA LYS C 87 58.89 -3.75 -10.68
C LYS C 87 57.76 -3.88 -11.70
N SER C 88 56.53 -3.83 -11.19
CA SER C 88 55.34 -4.13 -11.96
C SER C 88 54.89 -2.91 -12.73
N SER C 89 55.68 -1.83 -12.68
CA SER C 89 55.40 -0.63 -13.45
C SER C 89 55.94 -0.78 -14.88
N PHE C 90 56.91 -1.67 -15.06
CA PHE C 90 57.65 -1.81 -16.31
C PHE C 90 58.57 -0.61 -16.60
N ALA C 91 58.69 0.29 -15.62
CA ALA C 91 59.42 1.53 -15.80
C ALA C 91 60.86 1.49 -15.23
N THR C 92 61.19 0.48 -14.43
CA THR C 92 62.47 0.46 -13.72
C THR C 92 63.40 -0.66 -14.17
N CYS C 93 64.70 -0.46 -13.98
CA CYS C 93 65.65 -1.53 -14.26
C CYS C 93 66.53 -1.87 -13.07
N VAL C 94 66.80 -0.88 -12.25
CA VAL C 94 67.64 -1.09 -11.08
C VAL C 94 66.99 -0.40 -9.88
N LEU C 95 66.94 -1.13 -8.76
CA LEU C 95 66.30 -0.66 -7.53
C LEU C 95 67.25 -0.74 -6.33
N VAL C 96 67.49 0.41 -5.70
CA VAL C 96 68.28 0.51 -4.47
C VAL C 96 67.36 0.96 -3.33
N SER C 97 67.30 0.09 -2.30
CA SER C 97 66.51 0.29 -1.13
C SER C 97 67.42 0.25 0.09
N GLU C 98 67.10 1.06 1.09
CA GLU C 98 67.74 0.97 2.40
C GLU C 98 67.74 -0.46 2.95
N GLU C 99 66.68 -1.21 2.65
CA GLU C 99 66.43 -2.53 3.26
C GLU C 99 67.23 -3.67 2.64
N ASP C 100 67.76 -3.46 1.43
CA ASP C 100 68.48 -4.51 0.71
C ASP C 100 69.95 -4.18 0.52
N LYS C 101 70.80 -5.16 0.82
CA LYS C 101 72.24 -4.98 0.81
C LYS C 101 72.77 -4.60 -0.57
N HIS C 102 72.22 -5.24 -1.59
CA HIS C 102 72.62 -5.03 -2.97
C HIS C 102 71.50 -4.40 -3.80
N ALA C 103 71.87 -3.77 -4.92
CA ALA C 103 70.86 -3.31 -5.86
C ALA C 103 70.04 -4.50 -6.34
N ILE C 104 68.75 -4.26 -6.51
CA ILE C 104 67.86 -5.22 -7.14
C ILE C 104 67.86 -4.91 -8.64
N ILE C 105 68.18 -5.94 -9.43
CA ILE C 105 68.11 -5.88 -10.88
C ILE C 105 66.77 -6.45 -11.33
N VAL C 106 65.95 -5.60 -11.92
CA VAL C 106 64.64 -6.00 -12.42
C VAL C 106 64.79 -7.07 -13.53
N GLU C 107 63.96 -8.11 -13.45
CA GLU C 107 63.96 -9.19 -14.44
C GLU C 107 63.70 -8.58 -15.81
N PRO C 108 64.29 -9.17 -16.89
CA PRO C 108 64.27 -8.48 -18.18
C PRO C 108 62.88 -8.14 -18.73
N GLU C 109 61.88 -8.95 -18.40
CA GLU C 109 60.53 -8.73 -18.94
C GLU C 109 59.85 -7.51 -18.34
N LYS C 110 60.28 -7.10 -17.16
CA LYS C 110 59.71 -5.95 -16.48
C LYS C 110 60.57 -4.68 -16.58
N ARG C 111 61.66 -4.75 -17.33
CA ARG C 111 62.63 -3.64 -17.36
C ARG C 111 62.18 -2.41 -18.12
N GLY C 112 62.37 -1.28 -17.47
CA GLY C 112 62.19 0.02 -18.08
C GLY C 112 63.45 0.84 -17.89
N LYS C 113 63.38 2.12 -18.19
CA LYS C 113 64.57 2.94 -18.33
C LYS C 113 65.04 3.69 -17.08
N TYR C 114 64.30 3.56 -15.98
CA TYR C 114 64.60 4.31 -14.78
C TYR C 114 65.24 3.48 -13.69
N VAL C 115 66.13 4.10 -12.94
CA VAL C 115 66.71 3.54 -11.73
C VAL C 115 66.06 4.32 -10.60
N VAL C 116 65.74 3.63 -9.50
CA VAL C 116 65.10 4.26 -8.33
C VAL C 116 65.82 3.87 -7.04
N CYS C 117 66.20 4.89 -6.26
CA CYS C 117 66.80 4.75 -4.94
C CYS C 117 65.81 5.28 -3.94
N PHE C 118 65.49 4.46 -2.94
CA PHE C 118 64.45 4.83 -1.99
C PHE C 118 64.72 4.29 -0.58
N ASP C 119 64.13 4.98 0.39
CA ASP C 119 64.07 4.55 1.80
C ASP C 119 62.58 4.32 2.13
N PRO C 120 62.12 3.06 2.10
CA PRO C 120 60.68 2.76 2.19
C PRO C 120 59.96 3.25 3.45
N LEU C 121 60.65 3.21 4.60
CA LEU C 121 60.09 3.76 5.82
C LEU C 121 61.21 4.37 6.62
N ASP C 122 61.46 5.66 6.36
CA ASP C 122 62.53 6.40 7.00
C ASP C 122 62.08 6.83 8.38
N GLY C 123 62.97 6.69 9.35
CA GLY C 123 62.69 7.06 10.74
C GLY C 123 62.07 5.94 11.54
N SER C 124 61.83 4.79 10.90
CA SER C 124 61.05 3.69 11.50
C SER C 124 61.73 2.93 12.65
N SER C 125 63.00 3.21 12.90
CA SER C 125 63.69 2.58 14.04
C SER C 125 63.10 3.08 15.36
N ASN C 126 62.54 4.29 15.31
CA ASN C 126 61.85 4.94 16.44
C ASN C 126 60.32 4.93 16.38
N ILE C 127 59.75 4.16 15.46
CA ILE C 127 58.29 4.21 15.23
C ILE C 127 57.46 3.69 16.42
N ASP C 128 58.18 3.07 17.37
CA ASP C 128 57.61 2.56 18.61
C ASP C 128 57.01 3.67 19.47
N CYS C 129 57.44 4.90 19.22
CA CYS C 129 56.85 6.06 19.88
C CYS C 129 55.96 6.87 18.94
N LEU C 130 55.57 6.26 17.83
CA LEU C 130 54.65 6.85 16.84
C LEU C 130 55.18 8.17 16.28
N VAL C 131 56.51 8.24 16.14
CA VAL C 131 57.19 9.34 15.46
C VAL C 131 56.75 9.40 14.00
N SER C 132 56.53 10.61 13.49
CA SER C 132 56.39 10.83 12.05
C SER C 132 57.43 9.99 11.28
N VAL C 133 56.97 9.17 10.34
CA VAL C 133 57.87 8.48 9.42
C VAL C 133 57.64 8.96 7.96
N GLY C 134 58.40 8.45 7.01
CA GLY C 134 58.23 8.84 5.61
C GLY C 134 58.88 7.91 4.63
N THR C 135 58.53 8.05 3.36
CA THR C 135 59.18 7.31 2.28
C THR C 135 59.96 8.35 1.43
N ILE C 136 61.25 8.10 1.20
CA ILE C 136 62.05 9.00 0.36
C ILE C 136 62.39 8.29 -0.94
N PHE C 137 62.38 9.01 -2.06
CA PHE C 137 62.73 8.38 -3.35
C PHE C 137 63.54 9.30 -4.22
N GLY C 138 64.41 8.72 -5.05
CA GLY C 138 65.13 9.48 -6.06
C GLY C 138 65.11 8.68 -7.34
N ILE C 139 64.72 9.31 -8.44
CA ILE C 139 64.56 8.63 -9.72
C ILE C 139 65.57 9.15 -10.74
N TYR C 140 66.33 8.23 -11.33
CA TYR C 140 67.26 8.52 -12.41
C TYR C 140 66.87 7.79 -13.69
N ARG C 141 67.27 8.35 -14.84
CA ARG C 141 67.30 7.59 -16.09
C ARG C 141 68.58 6.76 -16.08
N LYS C 142 68.49 5.45 -16.33
CA LYS C 142 69.71 4.65 -16.61
C LYS C 142 70.58 5.39 -17.63
N LYS C 143 71.82 5.68 -17.25
CA LYS C 143 72.70 6.50 -18.09
C LYS C 143 73.61 5.64 -18.97
N SER C 144 74.08 4.53 -18.44
CA SER C 144 74.93 3.58 -19.15
C SER C 144 74.16 2.69 -20.13
N THR C 145 74.85 2.18 -21.14
CA THR C 145 74.24 1.26 -22.11
C THR C 145 74.62 -0.18 -21.79
N ASP C 146 75.40 -0.35 -20.73
CA ASP C 146 75.74 -1.68 -20.22
C ASP C 146 74.49 -2.42 -19.73
N GLU C 147 74.64 -3.72 -19.53
CA GLU C 147 73.64 -4.52 -18.83
C GLU C 147 73.36 -3.86 -17.48
N PRO C 148 72.08 -3.84 -17.04
CA PRO C 148 71.76 -3.12 -15.81
C PRO C 148 72.49 -3.71 -14.60
N SER C 149 73.14 -2.84 -13.83
CA SER C 149 73.89 -3.25 -12.64
C SER C 149 73.83 -2.17 -11.58
N GLU C 150 74.29 -2.53 -10.38
CA GLU C 150 74.43 -1.62 -9.23
C GLU C 150 75.07 -0.26 -9.58
N LYS C 151 76.04 -0.26 -10.52
CA LYS C 151 76.67 0.95 -11.05
C LYS C 151 75.70 2.02 -11.52
N ASP C 152 74.55 1.59 -12.04
CA ASP C 152 73.55 2.48 -12.64
C ASP C 152 72.87 3.37 -11.62
N ALA C 153 73.03 2.99 -10.36
CA ALA C 153 72.46 3.71 -9.22
C ALA C 153 73.46 4.72 -8.65
N LEU C 154 74.69 4.70 -9.18
CA LEU C 154 75.78 5.50 -8.62
C LEU C 154 76.01 6.81 -9.37
N GLN C 155 74.94 7.47 -9.78
CA GLN C 155 75.04 8.76 -10.46
C GLN C 155 74.93 9.87 -9.42
N PRO C 156 75.55 11.05 -9.69
CA PRO C 156 75.35 12.19 -8.79
C PRO C 156 73.90 12.72 -8.75
N GLY C 157 73.49 13.25 -7.61
CA GLY C 157 72.13 13.81 -7.47
C GLY C 157 71.72 14.85 -8.50
N ARG C 158 72.69 15.63 -9.01
CA ARG C 158 72.50 16.49 -10.20
C ARG C 158 71.78 15.83 -11.38
N ASN C 159 71.90 14.51 -11.49
CA ASN C 159 71.30 13.74 -12.59
C ASN C 159 69.83 13.31 -12.34
N LEU C 160 69.34 13.51 -11.13
CA LEU C 160 67.98 13.11 -10.80
C LEU C 160 66.97 13.69 -11.80
N VAL C 161 66.00 12.86 -12.20
CA VAL C 161 64.92 13.29 -13.09
C VAL C 161 63.73 13.81 -12.26
N ALA C 162 63.52 13.15 -11.11
CA ALA C 162 62.50 13.49 -10.15
C ALA C 162 62.92 12.92 -8.79
N ALA C 163 62.47 13.57 -7.72
CA ALA C 163 62.67 13.05 -6.36
C ALA C 163 61.66 13.68 -5.41
N GLY C 164 61.54 13.09 -4.23
CA GLY C 164 60.66 13.60 -3.22
C GLY C 164 60.44 12.62 -2.10
N TYR C 165 59.35 12.84 -1.36
CA TYR C 165 59.03 12.07 -0.18
C TYR C 165 57.54 12.06 0.14
N ALA C 166 57.10 10.95 0.74
CA ALA C 166 55.85 10.91 1.45
C ALA C 166 56.16 11.05 2.94
N LEU C 167 55.47 11.95 3.59
CA LEU C 167 55.57 12.10 5.02
C LEU C 167 54.29 11.55 5.62
N TYR C 168 54.41 10.57 6.54
CA TYR C 168 53.29 10.00 7.29
C TYR C 168 53.27 10.69 8.66
N GLY C 169 52.74 11.91 8.67
CA GLY C 169 52.81 12.77 9.86
C GLY C 169 51.44 12.84 10.48
N SER C 170 51.02 14.03 10.93
CA SER C 170 49.63 14.20 11.38
C SER C 170 48.66 13.91 10.23
N ALA C 171 49.07 14.29 9.02
CA ALA C 171 48.44 13.77 7.79
C ALA C 171 49.52 13.29 6.85
N THR C 172 49.12 12.64 5.77
CA THR C 172 50.07 12.08 4.82
C THR C 172 50.14 13.01 3.61
N MET C 173 51.33 13.51 3.34
CA MET C 173 51.55 14.42 2.22
C MET C 173 52.66 13.89 1.31
N LEU C 174 52.42 13.88 0.00
CA LEU C 174 53.49 13.57 -0.94
C LEU C 174 54.11 14.86 -1.48
N VAL C 175 55.42 14.99 -1.34
CA VAL C 175 56.13 16.15 -1.88
C VAL C 175 56.95 15.71 -3.11
N LEU C 176 56.63 16.33 -4.25
CA LEU C 176 57.22 15.95 -5.53
C LEU C 176 58.05 17.10 -6.13
N ALA C 177 59.31 16.81 -6.37
CA ALA C 177 60.21 17.73 -7.07
C ALA C 177 60.54 17.19 -8.47
N MET C 178 60.27 18.01 -9.48
CA MET C 178 60.62 17.73 -10.86
C MET C 178 61.26 19.00 -11.42
N ASP C 179 61.65 18.98 -12.70
CA ASP C 179 62.14 20.20 -13.38
C ASP C 179 61.22 21.41 -13.22
N CYS C 180 59.91 21.16 -13.26
CA CYS C 180 58.87 22.20 -13.12
C CYS C 180 58.75 22.89 -11.74
N GLY C 181 59.41 22.36 -10.72
CA GLY C 181 59.30 22.89 -9.37
C GLY C 181 58.86 21.85 -8.36
N VAL C 182 58.62 22.29 -7.14
CA VAL C 182 58.23 21.42 -6.03
C VAL C 182 56.73 21.52 -5.79
N ASN C 183 56.04 20.38 -5.73
CA ASN C 183 54.58 20.35 -5.51
C ASN C 183 54.17 19.40 -4.38
N CYS C 184 53.23 19.86 -3.54
CA CYS C 184 52.80 19.15 -2.34
C CYS C 184 51.35 18.71 -2.47
N PHE C 185 51.12 17.43 -2.26
CA PHE C 185 49.84 16.77 -2.50
C PHE C 185 49.51 16.09 -1.20
N MET C 186 48.34 16.41 -0.64
CA MET C 186 47.84 15.77 0.57
C MET C 186 47.05 14.52 0.22
N LEU C 187 47.27 13.44 0.96
CA LEU C 187 46.47 12.25 0.80
C LEU C 187 45.13 12.46 1.51
N ASP C 188 44.05 12.46 0.74
CA ASP C 188 42.71 12.36 1.29
C ASP C 188 42.41 10.89 1.46
N PRO C 189 42.48 10.39 2.72
CA PRO C 189 42.18 8.99 2.99
C PRO C 189 40.70 8.57 2.82
N ALA C 190 39.77 9.52 2.79
CA ALA C 190 38.36 9.14 2.56
C ALA C 190 38.19 8.56 1.15
N ILE C 191 38.97 9.08 0.20
CA ILE C 191 38.87 8.64 -1.20
C ILE C 191 40.16 8.04 -1.77
N GLY C 192 41.23 8.06 -0.98
CA GLY C 192 42.51 7.49 -1.43
C GLY C 192 43.09 8.23 -2.63
N GLU C 193 43.17 9.53 -2.53
CA GLU C 193 43.66 10.34 -3.64
C GLU C 193 44.60 11.41 -3.07
N PHE C 194 45.70 11.65 -3.79
CA PHE C 194 46.61 12.72 -3.50
C PHE C 194 46.15 14.00 -4.19
N ILE C 195 45.93 15.05 -3.42
CA ILE C 195 45.35 16.30 -3.92
C ILE C 195 46.40 17.38 -3.86
N LEU C 196 46.59 18.12 -4.96
CA LEU C 196 47.51 19.26 -4.97
C LEU C 196 47.03 20.37 -4.05
N VAL C 197 47.82 20.63 -3.00
CA VAL C 197 47.48 21.66 -2.02
C VAL C 197 48.47 22.84 -2.01
N ASP C 198 49.74 22.58 -2.35
CA ASP C 198 50.77 23.62 -2.43
C ASP C 198 51.55 23.54 -3.74
N LYS C 199 51.48 24.60 -4.54
CA LYS C 199 52.01 24.60 -5.90
C LYS C 199 53.31 25.39 -6.01
N ASP C 200 54.23 24.87 -6.82
CA ASP C 200 55.53 25.49 -7.09
C ASP C 200 56.11 26.13 -5.84
N VAL C 201 56.35 25.26 -4.87
CA VAL C 201 56.73 25.64 -3.52
C VAL C 201 58.17 26.16 -3.49
N LYS C 202 58.36 27.31 -2.84
CA LYS C 202 59.69 27.90 -2.62
C LYS C 202 59.91 28.07 -1.11
N ILE C 203 61.08 27.64 -0.63
CA ILE C 203 61.47 27.84 0.77
C ILE C 203 61.73 29.33 1.06
N LYS C 204 61.55 29.76 2.32
CA LYS C 204 61.92 31.13 2.76
C LYS C 204 63.41 31.37 2.58
N LYS C 205 63.78 32.60 2.24
CA LYS C 205 65.17 33.00 2.05
C LYS C 205 65.98 32.83 3.33
N LYS C 206 65.38 33.16 4.47
CA LYS C 206 66.00 32.95 5.78
C LYS C 206 64.92 32.53 6.79
N GLY C 207 65.25 31.56 7.65
CA GLY C 207 64.30 31.09 8.66
C GLY C 207 64.72 31.41 10.08
N LYS C 208 64.07 30.78 11.06
CA LYS C 208 64.29 31.09 12.48
C LYS C 208 64.28 29.85 13.39
N ILE C 209 64.49 28.69 12.78
CA ILE C 209 64.60 27.42 13.48
C ILE C 209 65.84 26.70 12.96
N TYR C 210 66.62 26.10 13.87
CA TYR C 210 67.75 25.24 13.49
C TYR C 210 67.49 23.83 14.02
N SER C 211 68.00 22.82 13.31
CA SER C 211 67.58 21.46 13.57
C SER C 211 68.70 20.44 13.53
N LEU C 212 69.20 20.04 14.69
CA LEU C 212 70.18 18.96 14.76
C LEU C 212 70.08 18.27 16.11
N ASN C 213 70.74 17.11 16.19
CA ASN C 213 70.91 16.38 17.44
C ASN C 213 72.09 17.04 18.16
N GLU C 214 71.79 17.87 19.14
CA GLU C 214 72.81 18.53 19.91
C GLU C 214 73.41 17.66 21.02
N GLY C 215 72.90 16.45 21.19
CA GLY C 215 73.48 15.47 22.09
C GLY C 215 74.89 15.09 21.64
N TYR C 216 75.18 15.33 20.36
CA TYR C 216 76.51 15.10 19.79
C TYR C 216 77.43 16.33 19.89
N ALA C 217 77.05 17.31 20.69
CA ALA C 217 77.85 18.54 20.85
C ALA C 217 79.32 18.26 21.13
N LYS C 218 79.61 17.17 21.87
CA LYS C 218 80.98 16.80 22.22
C LYS C 218 81.81 16.47 20.98
N ASP C 219 81.16 15.91 19.95
CA ASP C 219 81.81 15.50 18.72
C ASP C 219 81.79 16.54 17.62
N PHE C 220 81.09 17.66 17.82
CA PHE C 220 81.01 18.68 16.74
C PHE C 220 82.39 19.27 16.45
N ASP C 221 82.72 19.37 15.16
CA ASP C 221 83.90 20.11 14.77
C ASP C 221 83.64 21.60 14.94
N PRO C 222 84.72 22.41 15.06
CA PRO C 222 84.55 23.83 15.42
C PRO C 222 83.55 24.64 14.59
N ALA C 223 83.35 24.31 13.31
CA ALA C 223 82.43 25.07 12.46
C ALA C 223 80.97 24.94 12.90
N VAL C 224 80.54 23.70 13.17
CA VAL C 224 79.19 23.44 13.65
C VAL C 224 78.98 24.12 15.01
N THR C 225 79.93 23.95 15.92
CA THR C 225 79.90 24.59 17.23
C THR C 225 79.69 26.10 17.14
N GLU C 226 80.50 26.77 16.35
CA GLU C 226 80.39 28.21 16.26
C GLU C 226 79.05 28.61 15.66
N TYR C 227 78.58 27.85 14.68
CA TYR C 227 77.34 28.18 14.02
C TYR C 227 76.14 28.07 14.96
N ILE C 228 76.06 26.97 15.72
CA ILE C 228 74.99 26.77 16.68
C ILE C 228 74.96 27.84 17.79
N GLN C 229 76.14 28.13 18.33
CA GLN C 229 76.36 29.22 19.28
C GLN C 229 75.84 30.55 18.74
N ARG C 230 76.07 30.79 17.44
CA ARG C 230 75.50 31.96 16.74
C ARG C 230 73.98 31.96 16.73
N LYS C 231 73.37 30.80 16.62
CA LYS C 231 71.89 30.68 16.61
C LYS C 231 71.26 31.00 17.97
N LYS C 232 71.97 30.63 19.04
CA LYS C 232 71.51 30.81 20.41
C LYS C 232 71.90 32.19 20.98
N PHE C 233 73.06 32.67 20.57
CA PHE C 233 73.57 33.95 21.06
C PHE C 233 73.91 34.83 19.85
N PRO C 234 72.87 35.41 19.21
CA PRO C 234 73.06 36.18 17.98
C PRO C 234 73.96 37.39 18.23
N PRO C 235 75.09 37.46 17.49
CA PRO C 235 76.07 38.56 17.53
C PRO C 235 75.44 39.93 17.29
N ASP C 236 74.42 39.99 16.43
CA ASP C 236 73.77 41.23 16.03
C ASP C 236 72.59 41.65 16.93
N ASN C 237 72.45 41.00 18.08
CA ASN C 237 71.27 41.14 18.95
C ASN C 237 69.91 40.95 18.25
N SER C 238 69.90 40.15 17.19
CA SER C 238 68.64 39.62 16.65
C SER C 238 68.09 38.55 17.60
N ALA C 239 66.87 38.08 17.36
CA ALA C 239 66.27 37.07 18.23
C ALA C 239 66.94 35.72 18.00
N PRO C 240 67.22 34.98 19.08
CA PRO C 240 67.76 33.62 18.99
C PRO C 240 66.83 32.73 18.18
N TYR C 241 67.38 31.75 17.48
CA TYR C 241 66.56 30.79 16.70
C TYR C 241 65.90 29.80 17.63
N GLY C 242 64.76 29.24 17.23
CA GLY C 242 64.18 28.13 17.95
C GLY C 242 64.83 26.84 17.52
N ALA C 243 64.81 25.83 18.38
CA ALA C 243 65.32 24.53 17.99
C ALA C 243 64.17 23.53 17.87
N ARG C 244 64.23 22.70 16.84
CA ARG C 244 63.30 21.58 16.68
C ARG C 244 64.09 20.42 16.11
N TYR C 245 63.87 19.22 16.64
CA TYR C 245 64.54 18.00 16.16
C TYR C 245 63.71 16.78 16.51
N VAL C 246 62.91 16.35 15.54
CA VAL C 246 62.01 15.20 15.65
C VAL C 246 62.86 13.95 15.74
N GLY C 247 63.99 13.96 15.05
CA GLY C 247 64.86 12.79 14.97
C GLY C 247 64.42 11.85 13.87
N SER C 248 63.62 12.37 12.95
CA SER C 248 63.15 11.62 11.80
C SER C 248 63.31 12.55 10.63
N MET C 249 64.14 12.17 9.66
CA MET C 249 64.59 13.13 8.65
C MET C 249 63.45 13.79 7.85
N VAL C 250 62.55 12.98 7.30
CA VAL C 250 61.43 13.48 6.48
C VAL C 250 60.62 14.58 7.21
N ALA C 251 60.39 14.39 8.51
CA ALA C 251 59.66 15.33 9.37
C ALA C 251 60.43 16.61 9.55
N ASP C 252 61.72 16.47 9.85
CA ASP C 252 62.60 17.61 10.02
C ASP C 252 62.79 18.42 8.74
N VAL C 253 62.98 17.74 7.61
CA VAL C 253 63.21 18.39 6.34
C VAL C 253 61.91 19.08 5.83
N HIS C 254 60.79 18.40 5.97
CA HIS C 254 59.54 19.00 5.55
C HIS C 254 59.20 20.26 6.36
N ARG C 255 59.43 20.25 7.67
CA ARG C 255 59.23 21.48 8.46
C ARG C 255 60.17 22.61 7.97
N THR C 256 61.39 22.23 7.62
CA THR C 256 62.40 23.14 7.11
C THR C 256 61.91 23.72 5.80
N LEU C 257 61.37 22.89 4.92
CA LEU C 257 60.77 23.35 3.66
C LEU C 257 59.56 24.27 3.89
N VAL C 258 58.74 23.90 4.87
CA VAL C 258 57.49 24.61 5.13
C VAL C 258 57.71 25.92 5.90
N TYR C 259 58.62 25.90 6.88
CA TYR C 259 58.80 27.06 7.76
C TYR C 259 60.09 27.85 7.46
N GLY C 260 61.01 27.26 6.71
CA GLY C 260 62.34 27.85 6.59
C GLY C 260 63.25 27.46 7.75
N GLY C 261 64.49 27.89 7.67
CA GLY C 261 65.49 27.56 8.66
C GLY C 261 66.42 26.52 8.11
N ILE C 262 67.01 25.72 9.00
CA ILE C 262 68.15 24.92 8.62
C ILE C 262 68.17 23.59 9.35
N PHE C 263 68.55 22.53 8.62
CA PHE C 263 68.67 21.17 9.16
C PHE C 263 70.10 20.68 9.02
N LEU C 264 70.64 20.06 10.08
CA LEU C 264 72.01 19.57 10.09
C LEU C 264 72.12 18.15 10.63
N TYR C 265 72.82 17.33 9.85
CA TYR C 265 73.34 16.07 10.36
C TYR C 265 74.80 15.90 9.94
N PRO C 266 75.72 16.60 10.65
CA PRO C 266 77.14 16.59 10.32
C PRO C 266 77.78 15.26 10.72
N ALA C 267 79.04 15.05 10.33
CA ALA C 267 79.82 13.91 10.77
C ALA C 267 80.06 13.97 12.28
N ASN C 268 80.24 12.81 12.89
CA ASN C 268 80.65 12.72 14.29
C ASN C 268 81.51 11.47 14.55
N LYS C 269 82.10 11.36 15.74
CA LYS C 269 82.99 10.24 16.06
C LYS C 269 82.42 8.87 15.67
N LYS C 270 81.13 8.67 15.91
CA LYS C 270 80.45 7.44 15.53
C LYS C 270 80.17 7.32 14.01
N SER C 271 80.08 8.47 13.34
CA SER C 271 79.76 8.52 11.92
C SER C 271 80.70 9.51 11.21
N PRO C 272 81.95 9.07 10.94
CA PRO C 272 82.99 9.95 10.36
C PRO C 272 82.67 10.47 8.95
N ASN C 273 81.83 9.75 8.21
CA ASN C 273 81.40 10.15 6.86
C ASN C 273 79.95 10.65 6.84
N GLY C 274 79.43 11.03 8.02
CA GLY C 274 78.02 11.40 8.14
C GLY C 274 77.19 10.19 8.52
N LYS C 275 75.92 10.39 8.82
CA LYS C 275 75.04 9.29 9.22
C LYS C 275 74.07 8.96 8.10
N LEU C 276 73.49 9.99 7.50
CA LEU C 276 72.43 9.79 6.50
C LEU C 276 73.00 9.21 5.18
N ARG C 277 72.17 8.41 4.51
CA ARG C 277 72.56 7.72 3.29
C ARG C 277 72.47 8.67 2.12
N LEU C 278 73.51 8.68 1.28
CA LEU C 278 73.57 9.63 0.18
C LEU C 278 72.53 9.39 -0.91
N LEU C 279 72.38 8.14 -1.33
CA LEU C 279 71.60 7.86 -2.53
C LEU C 279 70.11 8.14 -2.34
N TYR C 280 69.55 7.65 -1.22
CA TYR C 280 68.12 7.61 -0.98
C TYR C 280 67.67 8.39 0.26
N GLU C 281 68.60 9.10 0.89
CA GLU C 281 68.25 10.11 1.87
C GLU C 281 68.73 11.47 1.43
N CYS C 282 70.04 11.70 1.36
CA CYS C 282 70.56 13.04 1.13
C CYS C 282 70.30 13.60 -0.27
N ASN C 283 70.47 12.78 -1.31
CA ASN C 283 70.26 13.29 -2.68
C ASN C 283 68.80 13.78 -2.93
N PRO C 284 67.78 12.94 -2.63
CA PRO C 284 66.38 13.36 -2.80
C PRO C 284 66.02 14.66 -2.08
N MET C 285 66.41 14.77 -0.82
CA MET C 285 66.11 15.95 -0.02
C MET C 285 66.86 17.15 -0.54
N ALA C 286 68.09 16.95 -0.99
CA ALA C 286 68.89 18.01 -1.61
C ALA C 286 68.27 18.47 -2.92
N TYR C 287 67.72 17.52 -3.67
CA TYR C 287 67.05 17.83 -4.91
C TYR C 287 65.77 18.65 -4.65
N VAL C 288 64.98 18.23 -3.67
CA VAL C 288 63.78 18.97 -3.30
C VAL C 288 64.17 20.38 -2.87
N MET C 289 65.17 20.47 -1.98
CA MET C 289 65.63 21.76 -1.48
C MET C 289 66.00 22.69 -2.60
N GLU C 290 66.82 22.19 -3.53
CA GLU C 290 67.29 23.03 -4.64
C GLU C 290 66.17 23.49 -5.57
N LYS C 291 65.24 22.61 -5.93
CA LYS C 291 64.10 23.01 -6.77
C LYS C 291 63.20 24.04 -6.07
N ALA C 292 63.26 24.08 -4.74
CA ALA C 292 62.47 25.02 -3.93
C ALA C 292 63.23 26.30 -3.62
N GLY C 293 64.43 26.46 -4.23
CA GLY C 293 65.24 27.68 -4.06
C GLY C 293 66.05 27.62 -2.76
N GLY C 294 66.24 26.40 -2.27
CA GLY C 294 67.06 26.20 -1.08
C GLY C 294 68.40 25.61 -1.48
N MET C 295 69.13 25.18 -0.46
CA MET C 295 70.50 24.72 -0.62
C MET C 295 70.75 23.49 0.24
N ALA C 296 71.62 22.62 -0.24
CA ALA C 296 72.02 21.44 0.50
C ALA C 296 73.52 21.18 0.30
N THR C 297 74.26 21.15 1.40
CA THR C 297 75.72 20.98 1.36
C THR C 297 76.22 19.91 2.32
N THR C 298 77.38 19.34 1.98
CA THR C 298 78.15 18.49 2.88
C THR C 298 79.11 19.35 3.74
N GLY C 299 79.25 20.62 3.37
CA GLY C 299 80.29 21.48 3.92
C GLY C 299 81.35 21.74 2.87
N LYS C 300 81.81 20.69 2.19
CA LYS C 300 82.84 20.79 1.15
C LYS C 300 82.26 21.16 -0.21
N GLU C 301 81.10 20.57 -0.54
CA GLU C 301 80.48 20.71 -1.85
C GLU C 301 78.97 20.46 -1.78
N ALA C 302 78.24 20.82 -2.83
CA ALA C 302 76.82 20.52 -2.92
C ALA C 302 76.63 19.02 -2.82
N VAL C 303 75.62 18.60 -2.09
CA VAL C 303 75.28 17.17 -1.96
C VAL C 303 75.01 16.55 -3.34
N LEU C 304 74.34 17.32 -4.20
CA LEU C 304 74.02 16.87 -5.54
C LEU C 304 75.25 16.70 -6.44
N ASP C 305 76.41 17.24 -6.03
CA ASP C 305 77.67 17.06 -6.77
C ASP C 305 78.55 15.88 -6.35
N VAL C 306 78.26 15.29 -5.20
CA VAL C 306 78.98 14.10 -4.75
C VAL C 306 78.78 12.98 -5.78
N ILE C 307 79.88 12.35 -6.19
CA ILE C 307 79.81 11.18 -7.09
C ILE C 307 79.97 9.97 -6.19
N PRO C 308 78.88 9.23 -5.95
CA PRO C 308 78.88 8.02 -5.14
C PRO C 308 79.74 6.88 -5.69
N THR C 309 80.28 6.08 -4.78
CA THR C 309 81.05 4.90 -5.14
C THR C 309 80.39 3.61 -4.65
N ASP C 310 79.55 3.77 -3.61
CA ASP C 310 78.88 2.64 -2.93
C ASP C 310 77.42 2.99 -2.61
N ILE C 311 76.51 2.05 -2.84
CA ILE C 311 75.09 2.37 -2.79
C ILE C 311 74.58 2.80 -1.41
N HIS C 312 75.19 2.25 -0.35
CA HIS C 312 74.81 2.57 1.01
C HIS C 312 75.69 3.61 1.71
N GLN C 313 76.48 4.36 0.92
CA GLN C 313 77.47 5.28 1.49
C GLN C 313 76.77 6.47 2.17
N ARG C 314 77.43 7.03 3.18
CA ARG C 314 76.87 8.12 3.97
C ARG C 314 77.46 9.46 3.56
N ALA C 315 76.73 10.53 3.86
CA ALA C 315 77.20 11.86 3.63
C ALA C 315 76.79 12.73 4.79
N PRO C 316 77.63 13.69 5.19
CA PRO C 316 77.15 14.73 6.09
C PRO C 316 76.28 15.68 5.29
N VAL C 317 75.33 16.33 5.96
CA VAL C 317 74.35 17.16 5.27
C VAL C 317 73.96 18.37 6.12
N ILE C 318 73.88 19.51 5.45
CA ILE C 318 73.37 20.74 6.00
C ILE C 318 72.48 21.29 4.88
N LEU C 319 71.20 21.52 5.17
CA LEU C 319 70.27 21.96 4.14
C LEU C 319 69.25 22.94 4.69
N GLY C 320 68.56 23.64 3.79
CA GLY C 320 67.52 24.56 4.19
C GLY C 320 67.50 25.88 3.41
N SER C 321 67.01 26.92 4.09
CA SER C 321 66.93 28.28 3.57
C SER C 321 68.30 28.76 3.12
N PRO C 322 68.38 29.39 1.92
CA PRO C 322 69.67 29.72 1.31
C PRO C 322 70.56 30.59 2.19
N ASP C 323 69.98 31.61 2.84
CA ASP C 323 70.77 32.52 3.70
C ASP C 323 71.31 31.83 4.95
N ASP C 324 70.56 30.85 5.44
CA ASP C 324 70.98 30.02 6.57
C ASP C 324 72.11 29.05 6.18
N VAL C 325 72.04 28.45 5.00
CA VAL C 325 73.11 27.55 4.55
C VAL C 325 74.37 28.38 4.18
N LEU C 326 74.15 29.54 3.57
CA LEU C 326 75.25 30.43 3.23
C LEU C 326 76.00 30.89 4.48
N GLU C 327 75.26 31.21 5.53
CA GLU C 327 75.83 31.66 6.81
C GLU C 327 76.66 30.58 7.47
N PHE C 328 76.17 29.34 7.45
CA PHE C 328 76.96 28.22 7.93
C PHE C 328 78.24 28.05 7.09
N LEU C 329 78.12 28.24 5.78
CA LEU C 329 79.24 28.06 4.86
C LEU C 329 80.34 29.11 4.99
N LYS C 330 79.98 30.31 5.44
CA LYS C 330 80.94 31.34 5.79
C LYS C 330 81.67 30.95 7.07
N VAL C 331 80.98 30.29 7.99
CA VAL C 331 81.56 29.82 9.25
C VAL C 331 82.50 28.64 8.98
N TYR C 332 82.03 27.68 8.19
CA TYR C 332 82.84 26.54 7.77
C TYR C 332 84.13 27.01 7.08
N GLU C 333 84.01 28.07 6.28
CA GLU C 333 85.14 28.64 5.56
C GLU C 333 86.17 29.23 6.53
N LYS C 334 85.68 30.04 7.46
CA LYS C 334 86.49 30.58 8.56
C LYS C 334 87.35 29.49 9.20
N HIS C 335 86.76 28.31 9.47
CA HIS C 335 87.48 27.19 10.09
C HIS C 335 88.24 26.28 9.11
N SER C 336 88.44 26.80 7.90
CA SER C 336 89.26 26.21 6.82
C SER C 336 88.40 25.43 5.84
N ALA C 337 88.10 24.23 6.01
N ASP D 10 43.51 -12.44 24.92
CA ASP D 10 42.16 -11.96 24.47
C ASP D 10 42.15 -10.46 24.13
N VAL D 11 41.64 -10.16 22.93
CA VAL D 11 41.43 -8.79 22.42
C VAL D 11 40.72 -7.91 23.44
N ASN D 12 41.12 -6.65 23.50
CA ASN D 12 40.46 -5.71 24.39
C ASN D 12 40.37 -4.31 23.77
N THR D 13 39.28 -3.62 24.10
CA THR D 13 39.02 -2.30 23.57
C THR D 13 38.98 -1.34 24.73
N LEU D 14 39.07 -0.06 24.44
CA LEU D 14 39.02 0.93 25.50
C LEU D 14 37.67 0.89 26.28
N THR D 15 36.56 0.73 25.56
CA THR D 15 35.26 0.64 26.23
C THR D 15 35.13 -0.61 27.12
N ARG D 16 35.31 -1.80 26.55
CA ARG D 16 35.27 -3.02 27.36
C ARG D 16 36.25 -2.92 28.56
N PHE D 17 37.44 -2.35 28.34
CA PHE D 17 38.43 -2.21 29.42
C PHE D 17 38.02 -1.30 30.59
N VAL D 18 37.53 -0.10 30.28
CA VAL D 18 37.12 0.86 31.31
C VAL D 18 35.91 0.33 32.06
N MET D 19 35.06 -0.40 31.34
CA MET D 19 33.86 -0.96 31.89
C MET D 19 34.12 -2.10 32.86
N GLU D 20 35.15 -2.92 32.56
CA GLU D 20 35.60 -3.91 33.52
C GLU D 20 36.09 -3.23 34.79
N GLU D 21 36.84 -2.13 34.66
CA GLU D 21 37.30 -1.38 35.80
C GLU D 21 36.13 -0.80 36.59
N GLY D 22 35.11 -0.36 35.87
CA GLY D 22 33.91 0.19 36.50
C GLY D 22 33.11 -0.82 37.31
N ARG D 23 32.99 -2.04 36.79
CA ARG D 23 32.30 -3.14 37.49
C ARG D 23 33.09 -3.59 38.71
N LYS D 24 34.40 -3.75 38.57
CA LYS D 24 35.28 -3.95 39.71
C LYS D 24 34.97 -2.91 40.82
N ALA D 25 34.98 -1.64 40.44
CA ALA D 25 34.79 -0.53 41.38
C ALA D 25 33.33 -0.34 41.82
N ARG D 26 32.43 -1.18 41.32
CA ARG D 26 30.99 -1.05 41.61
C ARG D 26 30.46 0.36 41.26
N GLY D 27 30.82 0.88 40.09
CA GLY D 27 30.41 2.22 39.68
C GLY D 27 29.08 2.28 38.98
N THR D 28 28.53 3.49 38.88
CA THR D 28 27.24 3.74 38.24
C THR D 28 27.37 3.75 36.72
N GLY D 29 28.56 4.05 36.22
CA GLY D 29 28.80 4.10 34.80
C GLY D 29 29.00 5.48 34.19
N GLU D 30 28.90 6.53 35.00
CA GLU D 30 29.10 7.90 34.53
C GLU D 30 30.47 8.12 33.89
N LEU D 31 31.51 7.58 34.52
CA LEU D 31 32.88 7.77 34.05
C LEU D 31 33.13 7.05 32.73
N THR D 32 32.58 5.85 32.58
CA THR D 32 32.60 5.09 31.35
C THR D 32 31.90 5.85 30.23
N GLN D 33 30.80 6.51 30.55
CA GLN D 33 30.05 7.32 29.58
C GLN D 33 30.89 8.51 29.12
N LEU D 34 31.55 9.15 30.07
CA LEU D 34 32.46 10.27 29.80
C LEU D 34 33.58 9.80 28.88
N LEU D 35 34.17 8.66 29.21
CA LEU D 35 35.31 8.21 28.47
C LEU D 35 34.95 7.70 27.07
N ASN D 36 33.80 7.04 26.93
CA ASN D 36 33.26 6.66 25.61
C ASN D 36 33.05 7.87 24.70
N SER D 37 32.37 8.89 25.22
CA SER D 37 32.14 10.17 24.54
C SER D 37 33.43 10.86 24.06
N LEU D 38 34.40 10.91 24.95
CA LEU D 38 35.73 11.45 24.68
C LEU D 38 36.41 10.65 23.56
N CYS D 39 36.30 9.33 23.64
CA CYS D 39 36.82 8.42 22.64
C CYS D 39 36.22 8.71 21.25
N THR D 40 34.90 8.85 21.19
CA THR D 40 34.21 9.27 19.98
C THR D 40 34.74 10.62 19.43
N ALA D 41 34.99 11.57 20.34
CA ALA D 41 35.56 12.87 19.95
C ALA D 41 36.96 12.73 19.33
N VAL D 42 37.78 11.88 19.94
CA VAL D 42 39.16 11.69 19.53
C VAL D 42 39.24 11.04 18.15
N LYS D 43 38.33 10.12 17.86
CA LYS D 43 38.23 9.50 16.53
C LYS D 43 37.87 10.50 15.44
N ALA D 44 37.09 11.52 15.81
CA ALA D 44 36.61 12.50 14.89
C ALA D 44 37.68 13.54 14.67
N ILE D 45 38.42 13.88 15.73
CA ILE D 45 39.61 14.73 15.61
C ILE D 45 40.62 14.01 14.71
N SER D 46 40.89 12.73 14.98
CA SER D 46 41.87 11.97 14.24
C SER D 46 41.58 12.03 12.74
N SER D 47 40.35 11.68 12.37
CA SER D 47 39.89 11.71 10.99
C SER D 47 40.10 13.07 10.33
N ALA D 48 39.77 14.12 11.06
CA ALA D 48 39.96 15.48 10.56
C ALA D 48 41.44 15.84 10.37
N VAL D 49 42.25 15.49 11.38
CA VAL D 49 43.67 15.80 11.43
C VAL D 49 44.43 15.14 10.28
N ARG D 50 44.05 13.90 9.99
CA ARG D 50 44.55 13.13 8.85
C ARG D 50 43.91 13.58 7.53
N LYS D 51 43.03 14.58 7.59
CA LYS D 51 42.59 15.30 6.39
C LYS D 51 41.56 14.57 5.53
N ALA D 52 40.76 13.71 6.15
CA ALA D 52 39.68 13.02 5.43
C ALA D 52 38.77 14.08 4.87
N GLY D 53 38.41 13.94 3.60
CA GLY D 53 37.51 14.92 2.98
C GLY D 53 38.13 16.23 2.51
N ILE D 54 39.46 16.34 2.60
CA ILE D 54 40.16 17.56 2.17
C ILE D 54 39.95 17.89 0.68
N ALA D 55 39.67 16.85 -0.11
CA ALA D 55 39.35 17.02 -1.53
C ALA D 55 38.19 17.99 -1.76
N HIS D 56 37.19 17.94 -0.87
CA HIS D 56 36.03 18.83 -0.95
C HIS D 56 36.34 20.30 -0.71
N LEU D 57 37.42 20.58 0.01
CA LEU D 57 37.87 21.97 0.23
C LEU D 57 38.65 22.50 -0.97
N TYR D 58 39.22 21.59 -1.75
CA TYR D 58 39.99 21.92 -2.95
C TYR D 58 39.20 21.82 -4.26
N GLY D 59 37.88 21.70 -4.16
CA GLY D 59 36.97 21.84 -5.30
C GLY D 59 36.65 20.58 -6.10
N ILE D 60 36.82 19.42 -5.50
CA ILE D 60 36.50 18.15 -6.17
C ILE D 60 35.07 18.12 -6.74
N ALA D 61 34.13 18.70 -6.00
CA ALA D 61 32.73 18.77 -6.44
C ALA D 61 32.39 20.17 -6.96
N GLY D 62 33.40 20.89 -7.41
CA GLY D 62 33.22 22.26 -7.87
C GLY D 62 33.32 23.21 -6.70
N LYS D 73 41.00 26.61 12.31
CA LYS D 73 39.83 25.82 11.95
C LYS D 73 39.84 24.39 12.54
N LEU D 74 40.96 23.70 12.46
CA LEU D 74 41.09 22.36 13.06
C LEU D 74 41.09 22.40 14.60
N ASP D 75 41.61 23.49 15.18
CA ASP D 75 41.59 23.67 16.63
C ASP D 75 40.19 24.03 17.19
N VAL D 76 39.44 24.80 16.41
CA VAL D 76 38.05 25.15 16.73
C VAL D 76 37.18 23.90 16.62
N LEU D 77 37.30 23.18 15.51
CA LEU D 77 36.60 21.93 15.30
C LEU D 77 36.85 20.94 16.44
N SER D 78 38.13 20.67 16.74
CA SER D 78 38.57 19.83 17.84
C SER D 78 37.91 20.25 19.16
N ASN D 79 37.87 21.55 19.41
CA ASN D 79 37.26 22.07 20.61
C ASN D 79 35.77 21.73 20.64
N ASP D 80 35.09 21.97 19.51
CA ASP D 80 33.65 21.71 19.38
C ASP D 80 33.33 20.22 19.52
N LEU D 81 34.19 19.35 19.00
CA LEU D 81 34.01 17.90 19.09
C LEU D 81 34.09 17.42 20.55
N VAL D 82 35.12 17.88 21.27
CA VAL D 82 35.27 17.52 22.67
C VAL D 82 34.16 18.12 23.54
N MET D 83 33.91 19.42 23.42
CA MET D 83 32.87 20.11 24.22
C MET D 83 31.53 19.46 24.05
N ASN D 84 31.14 19.28 22.79
CA ASN D 84 29.87 18.70 22.44
C ASN D 84 29.67 17.24 22.92
N MET D 85 30.68 16.41 22.72
CA MET D 85 30.57 15.04 23.15
C MET D 85 30.53 14.93 24.68
N LEU D 86 31.26 15.80 25.36
CA LEU D 86 31.32 15.80 26.80
C LEU D 86 29.99 16.28 27.42
N LYS D 87 29.48 17.42 26.95
CA LYS D 87 28.16 17.90 27.36
C LYS D 87 27.11 16.81 27.23
N SER D 88 27.03 16.21 26.04
CA SER D 88 26.03 15.20 25.74
C SER D 88 26.28 13.84 26.41
N SER D 89 27.41 13.68 27.12
CA SER D 89 27.68 12.45 27.88
C SER D 89 26.80 12.33 29.15
N PHE D 90 26.20 13.44 29.57
CA PHE D 90 25.48 13.55 30.85
C PHE D 90 26.36 13.19 32.06
N ALA D 91 27.68 13.35 31.90
CA ALA D 91 28.66 12.90 32.89
C ALA D 91 29.49 14.05 33.43
N THR D 92 29.29 15.26 32.91
CA THR D 92 30.12 16.42 33.27
C THR D 92 29.30 17.63 33.72
N CYS D 93 29.94 18.57 34.40
CA CYS D 93 29.28 19.78 34.85
C CYS D 93 30.11 21.04 34.59
N VAL D 94 31.43 20.88 34.63
CA VAL D 94 32.34 21.98 34.34
C VAL D 94 33.43 21.51 33.37
N LEU D 95 33.63 22.29 32.32
CA LEU D 95 34.55 21.94 31.25
C LEU D 95 35.51 23.10 31.06
N VAL D 96 36.80 22.81 31.20
CA VAL D 96 37.86 23.81 31.01
C VAL D 96 38.64 23.43 29.77
N SER D 97 38.77 24.38 28.84
CA SER D 97 39.46 24.15 27.57
C SER D 97 40.51 25.23 27.31
N GLU D 98 41.61 24.83 26.69
CA GLU D 98 42.63 25.74 26.22
C GLU D 98 42.01 26.86 25.37
N GLU D 99 40.92 26.52 24.68
CA GLU D 99 40.30 27.39 23.68
C GLU D 99 39.37 28.43 24.24
N ASP D 100 39.01 28.28 25.52
CA ASP D 100 37.94 29.09 26.11
C ASP D 100 38.38 29.92 27.31
N LYS D 101 38.16 31.23 27.21
CA LYS D 101 38.54 32.17 28.27
C LYS D 101 38.03 31.70 29.64
N HIS D 102 36.74 31.43 29.72
CA HIS D 102 36.11 31.01 30.97
C HIS D 102 35.71 29.55 30.90
N ALA D 103 35.53 28.95 32.07
CA ALA D 103 35.04 27.57 32.17
C ALA D 103 33.61 27.52 31.66
N ILE D 104 33.29 26.40 31.02
CA ILE D 104 31.98 26.17 30.46
C ILE D 104 31.21 25.39 31.49
N ILE D 105 30.06 25.95 31.89
CA ILE D 105 29.15 25.27 32.81
C ILE D 105 28.10 24.57 31.96
N VAL D 106 27.99 23.26 32.12
CA VAL D 106 26.98 22.46 31.42
C VAL D 106 25.54 22.82 31.86
N GLU D 107 24.62 22.92 30.90
CA GLU D 107 23.18 23.05 31.16
C GLU D 107 22.70 22.04 32.22
N PRO D 108 21.82 22.49 33.14
CA PRO D 108 21.41 21.64 34.27
C PRO D 108 20.89 20.26 33.87
N GLU D 109 20.14 20.18 32.78
CA GLU D 109 19.56 18.90 32.37
C GLU D 109 20.63 17.93 31.82
N LYS D 110 21.83 18.44 31.59
CA LYS D 110 22.92 17.66 31.01
C LYS D 110 24.06 17.41 31.99
N ARG D 111 23.89 17.83 33.24
CA ARG D 111 24.94 17.76 34.26
C ARG D 111 25.19 16.38 34.84
N GLY D 112 26.47 16.06 34.98
CA GLY D 112 26.93 14.86 35.64
C GLY D 112 27.96 15.25 36.69
N LYS D 113 28.67 14.27 37.23
CA LYS D 113 29.48 14.53 38.40
C LYS D 113 30.92 15.02 38.15
N TYR D 114 31.38 15.00 36.90
CA TYR D 114 32.80 15.27 36.62
C TYR D 114 33.17 16.62 36.01
N VAL D 115 34.39 17.08 36.31
CA VAL D 115 34.98 18.29 35.73
C VAL D 115 36.08 17.81 34.77
N VAL D 116 36.05 18.28 33.53
CA VAL D 116 37.08 17.92 32.55
C VAL D 116 37.89 19.14 32.10
N CYS D 117 39.20 19.02 32.25
CA CYS D 117 40.20 19.99 31.77
C CYS D 117 40.91 19.41 30.55
N PHE D 118 40.87 20.13 29.44
CA PHE D 118 41.43 19.59 28.21
C PHE D 118 42.08 20.61 27.29
N ASP D 119 43.01 20.12 26.49
CA ASP D 119 43.59 20.84 25.37
C ASP D 119 43.21 20.00 24.14
N PRO D 120 42.23 20.48 23.38
CA PRO D 120 41.62 19.63 22.36
C PRO D 120 42.56 19.38 21.18
N LEU D 121 43.40 20.35 20.82
CA LEU D 121 44.45 20.11 19.81
C LEU D 121 45.80 20.74 20.14
N ASP D 122 46.52 20.08 21.04
CA ASP D 122 47.82 20.53 21.47
C ASP D 122 48.84 20.38 20.32
N GLY D 123 49.53 21.47 20.01
CA GLY D 123 50.58 21.49 18.98
C GLY D 123 50.12 22.02 17.63
N SER D 124 48.83 22.35 17.52
CA SER D 124 48.23 22.82 16.25
C SER D 124 48.79 24.16 15.77
N SER D 125 49.64 24.77 16.61
CA SER D 125 50.39 25.97 16.28
C SER D 125 51.23 25.74 15.02
N ASN D 126 51.82 24.55 14.94
CA ASN D 126 52.68 24.17 13.82
C ASN D 126 52.11 23.02 12.97
N ILE D 127 50.78 22.90 12.93
CA ILE D 127 50.14 21.84 12.17
C ILE D 127 50.42 21.94 10.66
N ASP D 128 50.82 23.13 10.21
CA ASP D 128 51.20 23.39 8.81
C ASP D 128 52.32 22.50 8.28
N CYS D 129 53.18 22.02 9.18
CA CYS D 129 54.34 21.21 8.80
C CYS D 129 54.07 19.73 9.06
N LEU D 130 52.84 19.42 9.47
CA LEU D 130 52.33 18.08 9.72
C LEU D 130 53.03 17.39 10.89
N VAL D 131 53.44 18.19 11.85
CA VAL D 131 53.99 17.69 13.12
C VAL D 131 52.89 16.92 13.88
N SER D 132 53.29 15.87 14.58
CA SER D 132 52.38 15.21 15.52
C SER D 132 51.63 16.22 16.37
N VAL D 133 50.33 16.04 16.51
CA VAL D 133 49.51 16.86 17.40
C VAL D 133 48.78 15.93 18.40
N GLY D 134 48.05 16.50 19.36
CA GLY D 134 47.36 15.68 20.34
C GLY D 134 46.28 16.36 21.15
N THR D 135 45.51 15.53 21.86
CA THR D 135 44.46 15.97 22.78
C THR D 135 44.89 15.52 24.16
N ILE D 136 44.84 16.42 25.12
CA ILE D 136 45.19 16.13 26.51
C ILE D 136 43.94 16.38 27.35
N PHE D 137 43.70 15.54 28.35
CA PHE D 137 42.53 15.69 29.22
C PHE D 137 42.84 15.20 30.64
N GLY D 138 42.16 15.81 31.60
CA GLY D 138 42.21 15.43 33.00
C GLY D 138 40.79 15.50 33.55
N ILE D 139 40.39 14.44 34.23
CA ILE D 139 39.03 14.30 34.74
C ILE D 139 39.04 14.38 36.28
N TYR D 140 38.25 15.28 36.82
CA TYR D 140 38.08 15.42 38.28
C TYR D 140 36.64 15.12 38.64
N ARG D 141 36.44 14.74 39.89
CA ARG D 141 35.13 14.64 40.47
C ARG D 141 34.85 16.06 41.02
N LYS D 142 33.67 16.60 40.77
CA LYS D 142 33.24 17.83 41.46
C LYS D 142 33.14 17.55 42.96
N LYS D 143 33.68 18.44 43.78
CA LYS D 143 33.87 18.18 45.21
C LYS D 143 32.77 18.65 46.18
N SER D 144 31.97 19.62 45.74
CA SER D 144 30.87 20.15 46.55
C SER D 144 29.55 20.08 45.80
N THR D 145 28.46 20.30 46.54
CA THR D 145 27.11 20.33 45.97
C THR D 145 26.69 21.77 45.64
N ASP D 146 27.65 22.69 45.58
CA ASP D 146 27.44 24.06 45.13
C ASP D 146 26.95 24.14 43.69
N GLU D 147 26.39 25.27 43.32
CA GLU D 147 26.18 25.56 41.91
C GLU D 147 27.56 25.51 41.26
N PRO D 148 27.70 24.72 40.17
CA PRO D 148 28.96 24.61 39.42
C PRO D 148 29.48 25.95 38.90
N SER D 149 30.78 26.18 39.09
CA SER D 149 31.47 27.40 38.64
C SER D 149 32.91 27.04 38.24
N GLU D 150 33.69 28.02 37.78
CA GLU D 150 35.12 27.80 37.46
C GLU D 150 35.91 27.13 38.58
N LYS D 151 35.58 27.47 39.84
CA LYS D 151 36.30 27.01 41.01
C LYS D 151 36.32 25.49 41.16
N ASP D 152 35.30 24.82 40.63
CA ASP D 152 35.29 23.34 40.60
C ASP D 152 36.47 22.73 39.82
N ALA D 153 37.11 23.55 38.98
CA ALA D 153 38.25 23.11 38.16
C ALA D 153 39.58 23.40 38.83
N LEU D 154 39.54 24.22 39.87
CA LEU D 154 40.74 24.67 40.60
C LEU D 154 41.20 23.65 41.62
N GLN D 155 41.36 22.41 41.15
CA GLN D 155 41.77 21.31 41.99
C GLN D 155 43.21 20.95 41.66
N PRO D 156 44.00 20.56 42.68
CA PRO D 156 45.37 20.07 42.42
C PRO D 156 45.30 18.75 41.66
N GLY D 157 46.31 18.49 40.82
CA GLY D 157 46.38 17.26 40.02
C GLY D 157 46.26 15.97 40.80
N ARG D 158 46.52 16.02 42.11
CA ARG D 158 46.41 14.82 42.98
C ARG D 158 44.97 14.32 43.05
N ASN D 159 44.04 15.26 42.86
CA ASN D 159 42.59 14.98 42.90
C ASN D 159 42.04 14.27 41.63
N LEU D 160 42.90 14.13 40.62
CA LEU D 160 42.53 13.55 39.33
C LEU D 160 41.99 12.16 39.50
N VAL D 161 40.96 11.86 38.74
CA VAL D 161 40.30 10.56 38.71
C VAL D 161 40.81 9.75 37.50
N ALA D 162 41.08 10.46 36.42
CA ALA D 162 41.62 9.86 35.23
C ALA D 162 42.26 10.97 34.43
N ALA D 163 43.23 10.60 33.61
CA ALA D 163 43.88 11.54 32.72
C ALA D 163 44.61 10.79 31.64
N GLY D 164 44.86 11.45 30.55
CA GLY D 164 45.68 10.90 29.49
C GLY D 164 45.76 11.81 28.28
N TYR D 165 45.98 11.19 27.13
CA TYR D 165 46.15 11.93 25.92
C TYR D 165 45.94 11.03 24.70
N ALA D 166 45.46 11.63 23.64
CA ALA D 166 45.48 11.03 22.31
C ALA D 166 46.62 11.68 21.52
N LEU D 167 47.49 10.85 20.97
CA LEU D 167 48.53 11.30 20.07
C LEU D 167 48.14 10.98 18.63
N TYR D 168 48.05 12.02 17.81
CA TYR D 168 47.84 11.88 16.35
C TYR D 168 49.21 11.93 15.69
N GLY D 169 49.85 10.76 15.67
CA GLY D 169 51.21 10.63 15.20
C GLY D 169 51.26 9.85 13.90
N SER D 170 52.24 8.98 13.78
CA SER D 170 52.29 8.08 12.62
C SER D 170 51.05 7.17 12.66
N ALA D 171 50.58 6.90 13.89
CA ALA D 171 49.26 6.30 14.15
C ALA D 171 48.60 7.11 15.25
N THR D 172 47.31 6.87 15.45
CA THR D 172 46.59 7.48 16.55
C THR D 172 46.52 6.52 17.75
N MET D 173 47.09 6.98 18.85
CA MET D 173 47.09 6.21 20.07
C MET D 173 46.45 7.00 21.20
N LEU D 174 45.65 6.32 22.00
CA LEU D 174 45.13 6.87 23.25
C LEU D 174 45.80 6.24 24.49
N VAL D 175 46.39 7.11 25.32
CA VAL D 175 47.04 6.71 26.54
C VAL D 175 46.19 7.18 27.73
N LEU D 176 45.72 6.20 28.51
CA LEU D 176 44.82 6.45 29.63
C LEU D 176 45.46 6.00 30.95
N ALA D 177 45.53 6.93 31.88
CA ALA D 177 45.94 6.67 33.25
C ALA D 177 44.70 6.74 34.14
N MET D 178 44.58 5.74 35.02
CA MET D 178 43.60 5.70 36.10
C MET D 178 44.33 5.09 37.30
N ASP D 179 43.60 4.82 38.38
CA ASP D 179 44.25 4.26 39.57
C ASP D 179 44.98 2.98 39.27
N CYS D 180 44.43 2.17 38.37
CA CYS D 180 45.02 0.88 37.99
C CYS D 180 46.33 0.99 37.19
N GLY D 181 46.69 2.21 36.81
CA GLY D 181 47.91 2.42 36.05
C GLY D 181 47.64 3.00 34.67
N VAL D 182 48.63 2.87 33.79
CA VAL D 182 48.60 3.49 32.47
C VAL D 182 48.45 2.39 31.41
N ASN D 183 47.43 2.51 30.56
CA ASN D 183 47.23 1.56 29.45
C ASN D 183 47.13 2.31 28.14
N CYS D 184 47.65 1.70 27.07
CA CYS D 184 47.76 2.34 25.76
C CYS D 184 46.92 1.62 24.72
N PHE D 185 46.13 2.40 23.99
CA PHE D 185 45.16 1.87 23.04
C PHE D 185 45.43 2.47 21.66
N MET D 186 45.73 1.60 20.69
CA MET D 186 45.90 1.99 19.29
C MET D 186 44.56 2.13 18.55
N LEU D 187 44.34 3.26 17.91
CA LEU D 187 43.17 3.38 17.04
C LEU D 187 43.41 2.62 15.72
N ASP D 188 42.63 1.54 15.53
CA ASP D 188 42.49 0.88 14.24
C ASP D 188 41.51 1.68 13.38
N PRO D 189 42.02 2.39 12.35
CA PRO D 189 41.11 3.21 11.57
C PRO D 189 40.18 2.38 10.70
N ALA D 190 40.54 1.14 10.41
CA ALA D 190 39.69 0.27 9.61
C ALA D 190 38.31 0.05 10.24
N ILE D 191 38.27 -0.01 11.57
CA ILE D 191 37.02 -0.32 12.29
C ILE D 191 36.64 0.71 13.38
N GLY D 192 37.47 1.75 13.57
CA GLY D 192 37.20 2.77 14.57
C GLY D 192 37.08 2.29 16.01
N GLU D 193 37.97 1.37 16.39
CA GLU D 193 38.07 0.88 17.75
C GLU D 193 39.46 1.16 18.29
N PHE D 194 39.52 1.51 19.58
CA PHE D 194 40.78 1.63 20.29
C PHE D 194 41.17 0.30 20.90
N ILE D 195 42.19 -0.32 20.33
CA ILE D 195 42.62 -1.65 20.75
C ILE D 195 43.74 -1.53 21.76
N LEU D 196 43.61 -2.24 22.87
CA LEU D 196 44.63 -2.24 23.91
C LEU D 196 45.87 -2.99 23.42
N VAL D 197 47.02 -2.31 23.46
CA VAL D 197 48.25 -2.85 22.89
C VAL D 197 49.43 -2.83 23.85
N ASP D 198 49.36 -1.98 24.89
CA ASP D 198 50.37 -1.98 25.96
C ASP D 198 49.69 -1.85 27.31
N LYS D 199 49.85 -2.86 28.15
CA LYS D 199 49.16 -2.94 29.45
C LYS D 199 50.06 -2.49 30.58
N ASP D 200 49.50 -1.69 31.46
CA ASP D 200 50.13 -1.32 32.72
C ASP D 200 51.57 -0.88 32.48
N VAL D 201 51.72 0.16 31.66
CA VAL D 201 53.06 0.58 31.22
C VAL D 201 53.79 1.33 32.31
N LYS D 202 55.09 1.07 32.40
CA LYS D 202 55.99 1.74 33.34
C LYS D 202 57.15 2.36 32.58
N ILE D 203 57.57 3.55 32.98
CA ILE D 203 58.69 4.23 32.36
C ILE D 203 60.01 3.63 32.87
N LYS D 204 61.06 3.62 32.02
CA LYS D 204 62.41 3.23 32.47
C LYS D 204 62.82 4.10 33.65
N LYS D 205 63.59 3.52 34.56
CA LYS D 205 64.12 4.25 35.73
C LYS D 205 65.06 5.39 35.30
N LYS D 206 65.80 5.17 34.21
CA LYS D 206 66.71 6.14 33.65
C LYS D 206 66.69 6.04 32.13
N GLY D 207 66.67 7.18 31.46
CA GLY D 207 66.70 7.23 30.00
C GLY D 207 68.01 7.78 29.44
N LYS D 208 68.01 8.09 28.14
CA LYS D 208 69.23 8.45 27.42
C LYS D 208 68.92 9.57 26.45
N ILE D 209 67.81 10.28 26.74
CA ILE D 209 67.31 11.39 25.93
C ILE D 209 66.89 12.55 26.81
N TYR D 210 67.30 13.75 26.42
CA TYR D 210 66.78 14.96 27.04
C TYR D 210 66.00 15.70 25.95
N SER D 211 64.99 16.46 26.37
CA SER D 211 64.09 17.09 25.45
C SER D 211 63.67 18.47 25.93
N LEU D 212 64.20 19.51 25.28
CA LEU D 212 63.77 20.88 25.54
C LEU D 212 64.16 21.74 24.34
N ASN D 213 63.64 22.96 24.29
CA ASN D 213 64.05 23.89 23.25
C ASN D 213 65.37 24.55 23.61
N GLU D 214 66.46 24.09 23.01
CA GLU D 214 67.80 24.61 23.32
C GLU D 214 68.10 25.95 22.66
N GLY D 215 67.26 26.36 21.71
CA GLY D 215 67.43 27.62 21.01
C GLY D 215 67.29 28.81 21.93
N TYR D 216 66.54 28.61 23.02
CA TYR D 216 66.34 29.67 23.99
C TYR D 216 67.30 29.62 25.18
N ALA D 217 68.49 29.06 24.94
CA ALA D 217 69.54 28.87 25.96
C ALA D 217 70.07 30.14 26.63
N LYS D 218 70.03 31.29 25.97
CA LYS D 218 70.45 32.55 26.60
C LYS D 218 69.50 33.01 27.72
N ASP D 219 68.25 32.52 27.68
CA ASP D 219 67.25 32.79 28.72
C ASP D 219 67.22 31.73 29.83
N PHE D 220 68.02 30.67 29.68
CA PHE D 220 68.02 29.56 30.64
C PHE D 220 68.31 29.96 32.08
N ASP D 221 67.62 29.27 32.98
CA ASP D 221 68.00 29.16 34.36
C ASP D 221 69.43 28.58 34.40
N PRO D 222 70.33 29.18 35.21
CA PRO D 222 71.69 28.61 35.33
C PRO D 222 71.72 27.11 35.68
N ALA D 223 70.71 26.65 36.41
CA ALA D 223 70.54 25.22 36.71
C ALA D 223 70.16 24.39 35.47
N VAL D 224 69.25 24.90 34.64
CA VAL D 224 68.92 24.24 33.36
C VAL D 224 70.18 24.18 32.48
N THR D 225 70.90 25.30 32.39
CA THR D 225 72.19 25.36 31.70
C THR D 225 73.15 24.24 32.14
N GLU D 226 73.35 24.08 33.45
CA GLU D 226 74.26 23.08 33.96
C GLU D 226 73.77 21.64 33.73
N TYR D 227 72.48 21.41 33.96
CA TYR D 227 71.92 20.08 33.76
C TYR D 227 72.14 19.60 32.32
N ILE D 228 71.77 20.45 31.36
CA ILE D 228 71.88 20.13 29.94
C ILE D 228 73.35 19.91 29.53
N GLN D 229 74.24 20.77 30.02
CA GLN D 229 75.71 20.63 29.93
C GLN D 229 76.19 19.22 30.32
N ARG D 230 75.69 18.72 31.45
CA ARG D 230 76.02 17.38 31.93
C ARG D 230 75.53 16.26 31.04
N LYS D 231 74.38 16.44 30.39
CA LYS D 231 73.84 15.43 29.47
C LYS D 231 74.69 15.33 28.21
N LYS D 232 75.27 16.46 27.80
CA LYS D 232 76.05 16.53 26.58
C LYS D 232 77.52 16.22 26.87
N PHE D 233 77.98 16.66 28.04
CA PHE D 233 79.37 16.48 28.46
C PHE D 233 79.43 15.80 29.83
N PRO D 234 79.16 14.48 29.89
CA PRO D 234 79.15 13.83 31.20
C PRO D 234 80.54 13.87 31.86
N PRO D 235 80.59 14.09 33.19
CA PRO D 235 81.84 14.06 33.96
C PRO D 235 82.55 12.71 33.93
N ASP D 236 81.79 11.63 33.81
CA ASP D 236 82.33 10.27 33.81
C ASP D 236 82.59 9.76 32.38
N ASN D 237 82.60 8.43 32.22
CA ASN D 237 82.80 7.79 30.92
C ASN D 237 81.50 7.42 30.18
N SER D 238 80.35 7.83 30.72
CA SER D 238 79.07 7.50 30.10
C SER D 238 78.87 8.25 28.78
N ALA D 239 78.20 7.60 27.83
CA ALA D 239 77.80 8.24 26.57
C ALA D 239 76.88 9.42 26.85
N PRO D 240 77.12 10.55 26.15
CA PRO D 240 76.20 11.69 26.24
C PRO D 240 74.78 11.28 25.84
N TYR D 241 73.79 11.96 26.39
CA TYR D 241 72.39 11.72 26.01
C TYR D 241 72.15 12.18 24.57
N GLY D 242 71.25 11.49 23.88
CA GLY D 242 70.71 12.00 22.62
C GLY D 242 69.70 13.11 22.89
N ALA D 243 69.47 13.96 21.88
CA ALA D 243 68.48 15.03 21.97
C ALA D 243 67.36 14.89 20.95
N ARG D 244 66.12 15.02 21.43
CA ARG D 244 64.91 15.07 20.59
C ARG D 244 63.97 16.15 21.11
N TYR D 245 63.36 16.90 20.20
CA TYR D 245 62.40 17.91 20.57
C TYR D 245 61.47 18.22 19.40
N VAL D 246 60.36 17.49 19.36
CA VAL D 246 59.32 17.67 18.37
C VAL D 246 58.76 19.10 18.45
N GLY D 247 58.64 19.62 19.67
CA GLY D 247 58.04 20.93 19.89
C GLY D 247 56.54 20.84 20.02
N SER D 248 56.03 19.61 20.01
CA SER D 248 54.64 19.31 20.29
C SER D 248 54.59 18.44 21.56
N MET D 249 53.95 18.95 22.64
CA MET D 249 54.06 18.33 23.99
C MET D 249 53.66 16.85 24.04
N VAL D 250 52.52 16.51 23.44
CA VAL D 250 52.06 15.11 23.44
C VAL D 250 53.07 14.16 22.79
N ALA D 251 53.71 14.61 21.71
CA ALA D 251 54.70 13.79 21.02
C ALA D 251 55.96 13.61 21.88
N ASP D 252 56.43 14.69 22.49
CA ASP D 252 57.64 14.65 23.31
C ASP D 252 57.40 13.88 24.60
N VAL D 253 56.22 14.03 25.19
CA VAL D 253 55.91 13.32 26.43
C VAL D 253 55.70 11.83 26.17
N HIS D 254 55.07 11.49 25.06
CA HIS D 254 54.88 10.06 24.70
C HIS D 254 56.23 9.36 24.40
N ARG D 255 57.11 9.96 23.60
CA ARG D 255 58.47 9.36 23.39
C ARG D 255 59.19 9.12 24.73
N THR D 256 59.07 10.10 25.64
CA THR D 256 59.59 10.02 27.00
C THR D 256 59.00 8.85 27.79
N LEU D 257 57.72 8.59 27.62
CA LEU D 257 57.07 7.46 28.28
C LEU D 257 57.58 6.17 27.71
N VAL D 258 57.66 6.09 26.39
CA VAL D 258 58.07 4.90 25.65
C VAL D 258 59.57 4.62 25.78
N TYR D 259 60.42 5.64 25.66
CA TYR D 259 61.87 5.39 25.60
C TYR D 259 62.63 5.68 26.88
N GLY D 260 61.98 6.40 27.80
CA GLY D 260 62.61 6.94 28.98
C GLY D 260 63.26 8.27 28.65
N GLY D 261 63.84 8.92 29.64
CA GLY D 261 64.49 10.21 29.47
C GLY D 261 63.78 11.35 30.17
N ILE D 262 64.07 12.56 29.73
CA ILE D 262 63.56 13.75 30.40
C ILE D 262 62.99 14.78 29.43
N PHE D 263 61.89 15.40 29.83
CA PHE D 263 61.26 16.46 29.07
C PHE D 263 61.20 17.72 29.93
N LEU D 264 61.66 18.85 29.38
CA LEU D 264 61.74 20.09 30.14
C LEU D 264 61.02 21.24 29.49
N TYR D 265 60.12 21.86 30.26
CA TYR D 265 59.63 23.21 29.92
C TYR D 265 59.66 24.09 31.17
N PRO D 266 60.87 24.44 31.62
CA PRO D 266 61.10 24.96 32.97
C PRO D 266 60.93 26.47 33.06
N ALA D 267 60.90 26.98 34.29
CA ALA D 267 60.88 28.41 34.52
C ALA D 267 62.22 29.06 34.15
N ASN D 268 62.18 30.35 33.84
CA ASN D 268 63.37 31.19 33.74
C ASN D 268 63.01 32.59 34.24
N LYS D 269 63.97 33.51 34.26
CA LYS D 269 63.72 34.88 34.72
C LYS D 269 62.58 35.58 34.00
N LYS D 270 62.49 35.36 32.68
CA LYS D 270 61.47 35.98 31.82
C LYS D 270 60.09 35.37 32.01
N SER D 271 60.06 34.07 32.31
CA SER D 271 58.82 33.33 32.54
C SER D 271 58.93 32.50 33.83
N PRO D 272 58.71 33.13 35.00
CA PRO D 272 58.94 32.46 36.28
C PRO D 272 57.98 31.31 36.61
N ASN D 273 56.89 31.20 35.85
CA ASN D 273 55.96 30.06 36.00
C ASN D 273 55.90 29.15 34.76
N GLY D 274 56.91 29.21 33.91
CA GLY D 274 56.98 28.40 32.70
C GLY D 274 55.99 28.87 31.65
N LYS D 275 55.82 28.10 30.58
CA LYS D 275 54.92 28.46 29.51
C LYS D 275 53.69 27.54 29.42
N LEU D 276 53.86 26.27 29.80
CA LEU D 276 52.76 25.32 29.68
C LEU D 276 51.66 25.57 30.72
N ARG D 277 50.44 25.16 30.38
CA ARG D 277 49.26 25.43 31.22
C ARG D 277 49.06 24.30 32.19
N LEU D 278 48.93 24.65 33.47
CA LEU D 278 48.83 23.64 34.52
C LEU D 278 47.66 22.63 34.33
N LEU D 279 46.45 23.14 34.16
CA LEU D 279 45.24 22.31 34.31
C LEU D 279 45.06 21.28 33.20
N TYR D 280 45.42 21.65 31.98
CA TYR D 280 45.13 20.82 30.81
C TYR D 280 46.37 20.42 30.01
N GLU D 281 47.54 20.82 30.48
CA GLU D 281 48.77 20.31 29.88
C GLU D 281 49.64 19.58 30.89
N CYS D 282 50.12 20.33 31.89
CA CYS D 282 51.03 19.82 32.93
C CYS D 282 50.44 18.74 33.84
N ASN D 283 49.28 19.02 34.46
CA ASN D 283 48.67 18.07 35.39
C ASN D 283 48.33 16.72 34.76
N PRO D 284 47.67 16.70 33.57
CA PRO D 284 47.38 15.36 33.03
C PRO D 284 48.65 14.56 32.69
N MET D 285 49.70 15.24 32.21
CA MET D 285 50.98 14.57 31.89
C MET D 285 51.76 14.15 33.15
N ALA D 286 51.73 14.99 34.17
CA ALA D 286 52.27 14.63 35.50
C ALA D 286 51.61 13.37 36.05
N TYR D 287 50.29 13.31 35.93
CA TYR D 287 49.50 12.17 36.38
C TYR D 287 49.83 10.93 35.60
N VAL D 288 49.86 11.03 34.27
CA VAL D 288 50.28 9.88 33.46
C VAL D 288 51.67 9.42 33.87
N MET D 289 52.57 10.39 34.04
CA MET D 289 53.94 10.09 34.43
C MET D 289 54.04 9.36 35.76
N GLU D 290 53.31 9.85 36.78
CA GLU D 290 53.37 9.25 38.11
C GLU D 290 52.72 7.87 38.20
N LYS D 291 51.64 7.64 37.45
CA LYS D 291 51.01 6.30 37.38
C LYS D 291 51.91 5.27 36.65
N ALA D 292 52.82 5.78 35.81
CA ALA D 292 53.82 4.94 35.12
C ALA D 292 55.14 4.88 35.88
N GLY D 293 55.17 5.36 37.12
CA GLY D 293 56.38 5.32 37.94
C GLY D 293 57.43 6.34 37.55
N GLY D 294 56.98 7.43 36.92
CA GLY D 294 57.82 8.54 36.57
C GLY D 294 57.60 9.67 37.52
N MET D 295 58.28 10.78 37.27
CA MET D 295 58.13 11.95 38.13
C MET D 295 57.74 13.18 37.33
N ALA D 296 57.22 14.19 38.02
CA ALA D 296 56.88 15.44 37.39
C ALA D 296 56.99 16.58 38.38
N THR D 297 58.00 17.42 38.19
CA THR D 297 58.27 18.54 39.10
C THR D 297 58.19 19.89 38.40
N THR D 298 57.91 20.95 39.16
CA THR D 298 57.98 22.32 38.68
C THR D 298 59.41 22.81 38.92
N GLY D 299 60.15 22.02 39.68
CA GLY D 299 61.46 22.43 40.17
C GLY D 299 61.41 22.62 41.67
N LYS D 300 60.33 23.24 42.15
CA LYS D 300 60.12 23.50 43.58
C LYS D 300 59.23 22.47 44.25
N GLU D 301 58.29 21.91 43.50
CA GLU D 301 57.38 20.90 44.06
C GLU D 301 56.83 19.99 42.97
N ALA D 302 56.20 18.89 43.37
CA ALA D 302 55.46 18.05 42.42
C ALA D 302 54.42 18.90 41.69
N VAL D 303 54.28 18.66 40.39
CA VAL D 303 53.28 19.36 39.56
C VAL D 303 51.88 19.04 40.11
N LEU D 304 51.69 17.78 40.50
CA LEU D 304 50.43 17.31 41.04
C LEU D 304 50.00 17.96 42.38
N ASP D 305 50.94 18.59 43.10
CA ASP D 305 50.63 19.26 44.37
C ASP D 305 50.26 20.74 44.28
N VAL D 306 50.60 21.38 43.17
CA VAL D 306 50.26 22.79 42.97
C VAL D 306 48.74 22.96 43.07
N ILE D 307 48.29 23.92 43.88
CA ILE D 307 46.86 24.25 43.98
C ILE D 307 46.62 25.44 43.07
N PRO D 308 45.87 25.24 41.98
CA PRO D 308 45.59 26.34 41.05
C PRO D 308 44.67 27.46 41.61
N THR D 309 44.95 28.71 41.24
CA THR D 309 44.09 29.85 41.55
C THR D 309 43.46 30.44 40.27
N ASP D 310 43.90 29.95 39.12
CA ASP D 310 43.44 30.40 37.81
C ASP D 310 43.45 29.21 36.86
N ILE D 311 42.37 29.04 36.12
CA ILE D 311 42.22 27.92 35.16
C ILE D 311 43.28 27.89 34.05
N HIS D 312 43.78 29.06 33.67
CA HIS D 312 44.79 29.16 32.60
C HIS D 312 46.17 29.49 33.12
N GLN D 313 46.38 29.33 34.43
CA GLN D 313 47.70 29.60 34.98
C GLN D 313 48.76 28.66 34.41
N ARG D 314 50.00 29.15 34.38
CA ARG D 314 51.10 28.36 33.84
C ARG D 314 51.83 27.61 34.93
N ALA D 315 52.50 26.53 34.55
CA ALA D 315 53.42 25.85 35.45
C ALA D 315 54.68 25.42 34.71
N PRO D 316 55.83 25.50 35.39
CA PRO D 316 57.00 24.82 34.85
C PRO D 316 56.79 23.32 35.00
N VAL D 317 57.37 22.56 34.09
CA VAL D 317 57.30 21.11 34.19
C VAL D 317 58.62 20.49 33.70
N ILE D 318 59.13 19.59 34.53
CA ILE D 318 60.24 18.75 34.19
C ILE D 318 59.75 17.36 34.55
N LEU D 319 59.74 16.45 33.58
CA LEU D 319 59.09 15.16 33.76
C LEU D 319 59.83 14.03 33.05
N GLY D 320 59.53 12.80 33.46
CA GLY D 320 60.04 11.63 32.78
C GLY D 320 60.52 10.59 33.74
N SER D 321 61.60 9.90 33.36
CA SER D 321 62.27 8.89 34.20
C SER D 321 62.70 9.46 35.57
N PRO D 322 62.45 8.70 36.66
CA PRO D 322 62.74 9.26 37.99
C PRO D 322 64.24 9.55 38.25
N ASP D 323 65.15 8.67 37.83
CA ASP D 323 66.60 8.94 37.98
C ASP D 323 67.01 10.26 37.32
N ASP D 324 66.41 10.57 36.18
CA ASP D 324 66.70 11.82 35.48
C ASP D 324 66.09 13.05 36.15
N VAL D 325 64.84 12.95 36.57
CA VAL D 325 64.16 14.07 37.24
C VAL D 325 64.80 14.39 38.59
N LEU D 326 65.14 13.35 39.35
CA LEU D 326 65.89 13.49 40.61
C LEU D 326 67.26 14.12 40.40
N GLU D 327 67.94 13.72 39.33
CA GLU D 327 69.21 14.31 38.97
C GLU D 327 69.05 15.79 38.58
N PHE D 328 68.00 16.11 37.83
CA PHE D 328 67.70 17.51 37.55
C PHE D 328 67.45 18.31 38.85
N LEU D 329 66.69 17.72 39.77
CA LEU D 329 66.37 18.41 41.02
C LEU D 329 67.62 18.66 41.87
N LYS D 330 68.57 17.72 41.81
CA LYS D 330 69.89 17.87 42.45
C LYS D 330 70.61 19.12 41.92
N VAL D 331 70.62 19.31 40.61
CA VAL D 331 71.23 20.49 40.00
C VAL D 331 70.40 21.74 40.31
N TYR D 332 69.09 21.56 40.33
CA TYR D 332 68.17 22.65 40.58
C TYR D 332 68.42 23.23 41.97
N GLU D 333 68.54 22.35 42.96
CA GLU D 333 68.80 22.72 44.34
C GLU D 333 70.15 23.42 44.51
N LYS D 334 71.14 22.97 43.75
CA LYS D 334 72.49 23.54 43.74
C LYS D 334 72.46 25.07 43.54
N HIS D 335 71.53 25.52 42.71
CA HIS D 335 71.33 26.94 42.40
C HIS D 335 70.22 27.59 43.20
N SER D 336 69.51 26.80 44.01
CA SER D 336 68.40 27.32 44.84
C SER D 336 68.88 28.23 45.96
N ALA D 337 68.33 29.32 46.15
N ASP E 10 -57.13 -10.71 11.71
CA ASP E 10 -56.67 -9.32 11.40
C ASP E 10 -55.19 -9.28 11.06
N VAL E 11 -54.85 -8.64 9.92
CA VAL E 11 -53.47 -8.48 9.49
C VAL E 11 -52.70 -7.72 10.55
N ASN E 12 -51.44 -8.09 10.71
CA ASN E 12 -50.58 -7.38 11.62
C ASN E 12 -49.14 -7.26 11.10
N THR E 13 -48.52 -6.12 11.35
CA THR E 13 -47.13 -5.91 11.01
C THR E 13 -46.25 -5.86 12.28
N LEU E 14 -44.94 -5.84 12.08
CA LEU E 14 -44.00 -5.71 13.18
C LEU E 14 -44.15 -4.37 13.89
N THR E 15 -44.28 -3.29 13.11
CA THR E 15 -44.40 -1.95 13.66
C THR E 15 -45.64 -1.83 14.56
N ARG E 16 -46.77 -2.31 14.07
CA ARG E 16 -48.02 -2.31 14.83
C ARG E 16 -47.94 -3.22 16.06
N PHE E 17 -47.37 -4.40 15.89
CA PHE E 17 -47.31 -5.42 16.94
C PHE E 17 -46.50 -4.99 18.17
N VAL E 18 -45.35 -4.38 17.90
CA VAL E 18 -44.42 -3.93 18.93
C VAL E 18 -44.97 -2.71 19.67
N MET E 19 -45.60 -1.81 18.91
CA MET E 19 -46.12 -0.61 19.50
C MET E 19 -47.34 -0.84 20.39
N GLU E 20 -48.17 -1.83 20.04
CA GLU E 20 -49.31 -2.17 20.88
C GLU E 20 -48.87 -3.01 22.10
N GLU E 21 -47.84 -3.83 21.93
CA GLU E 21 -47.17 -4.44 23.08
C GLU E 21 -46.65 -3.37 24.03
N GLY E 22 -46.10 -2.30 23.46
CA GLY E 22 -45.57 -1.19 24.23
C GLY E 22 -46.60 -0.39 24.99
N ARG E 23 -47.79 -0.23 24.42
CA ARG E 23 -48.89 0.48 25.08
C ARG E 23 -49.48 -0.33 26.24
N LYS E 24 -49.63 -1.64 26.03
CA LYS E 24 -50.00 -2.57 27.10
C LYS E 24 -49.03 -2.51 28.29
N ALA E 25 -47.79 -2.11 28.01
CA ALA E 25 -46.75 -1.97 29.04
C ALA E 25 -46.70 -0.54 29.60
N ARG E 26 -47.25 0.41 28.86
CA ARG E 26 -47.18 1.84 29.18
C ARG E 26 -45.73 2.35 29.14
N GLY E 27 -44.90 1.75 28.30
CA GLY E 27 -43.52 2.20 28.11
C GLY E 27 -43.48 3.54 27.41
N THR E 28 -42.30 4.19 27.44
CA THR E 28 -42.05 5.50 26.82
C THR E 28 -42.03 5.53 25.27
N GLY E 29 -41.87 4.36 24.65
CA GLY E 29 -41.76 4.27 23.20
C GLY E 29 -40.35 4.01 22.73
N GLU E 30 -39.39 4.05 23.65
CA GLU E 30 -37.96 3.95 23.31
C GLU E 30 -37.56 2.60 22.73
N LEU E 31 -38.05 1.52 23.35
CA LEU E 31 -37.81 0.17 22.83
C LEU E 31 -38.44 0.00 21.45
N THR E 32 -39.64 0.56 21.28
CA THR E 32 -40.32 0.64 19.97
C THR E 32 -39.50 1.36 18.90
N GLN E 33 -38.97 2.55 19.23
CA GLN E 33 -38.10 3.28 18.28
C GLN E 33 -36.89 2.45 17.87
N LEU E 34 -36.32 1.73 18.84
CA LEU E 34 -35.12 0.94 18.64
C LEU E 34 -35.42 -0.22 17.70
N LEU E 35 -36.57 -0.85 17.90
CA LEU E 35 -36.97 -1.97 17.07
C LEU E 35 -37.33 -1.53 15.63
N ASN E 36 -38.03 -0.41 15.51
CA ASN E 36 -38.31 0.21 14.20
C ASN E 36 -37.05 0.42 13.39
N SER E 37 -36.07 1.02 14.03
CA SER E 37 -34.80 1.35 13.41
C SER E 37 -34.06 0.09 13.00
N LEU E 38 -34.11 -0.93 13.86
CA LEU E 38 -33.50 -2.21 13.56
C LEU E 38 -34.17 -2.85 12.34
N CYS E 39 -35.51 -2.89 12.38
CA CYS E 39 -36.31 -3.40 11.27
C CYS E 39 -35.94 -2.73 9.93
N THR E 40 -35.78 -1.41 9.94
CA THR E 40 -35.35 -0.66 8.75
C THR E 40 -33.97 -1.13 8.28
N ALA E 41 -33.07 -1.39 9.22
CA ALA E 41 -31.70 -1.82 8.92
C ALA E 41 -31.75 -3.19 8.25
N VAL E 42 -32.58 -4.06 8.80
CA VAL E 42 -32.77 -5.41 8.29
C VAL E 42 -33.31 -5.42 6.86
N LYS E 43 -34.33 -4.61 6.58
CA LYS E 43 -34.84 -4.46 5.22
C LYS E 43 -33.77 -3.94 4.23
N ALA E 44 -32.92 -3.02 4.68
CA ALA E 44 -31.77 -2.57 3.87
C ALA E 44 -30.72 -3.67 3.63
N ILE E 45 -30.45 -4.48 4.64
CA ILE E 45 -29.57 -5.63 4.49
C ILE E 45 -30.15 -6.68 3.54
N SER E 46 -31.41 -7.07 3.75
CA SER E 46 -32.05 -8.03 2.85
C SER E 46 -31.90 -7.62 1.38
N SER E 47 -32.10 -6.34 1.10
CA SER E 47 -32.05 -5.82 -0.26
C SER E 47 -30.62 -5.83 -0.81
N ALA E 48 -29.64 -5.55 0.05
CA ALA E 48 -28.21 -5.69 -0.32
C ALA E 48 -27.84 -7.16 -0.55
N VAL E 49 -28.19 -8.01 0.42
CA VAL E 49 -27.93 -9.45 0.33
C VAL E 49 -28.52 -10.06 -0.95
N ARG E 50 -29.76 -9.70 -1.28
CA ARG E 50 -30.41 -10.18 -2.49
C ARG E 50 -29.84 -9.55 -3.77
N LYS E 51 -28.83 -8.70 -3.62
CA LYS E 51 -28.08 -8.14 -4.75
C LYS E 51 -28.84 -7.10 -5.59
N ALA E 52 -29.76 -6.35 -4.98
CA ALA E 52 -30.42 -5.27 -5.73
C ALA E 52 -29.35 -4.23 -6.05
N GLY E 53 -29.27 -3.79 -7.30
CA GLY E 53 -28.26 -2.81 -7.70
C GLY E 53 -26.97 -3.41 -8.22
N ILE E 54 -26.90 -4.74 -8.29
CA ILE E 54 -25.63 -5.38 -8.67
C ILE E 54 -25.22 -5.09 -10.11
N ALA E 55 -26.20 -4.73 -10.94
CA ALA E 55 -25.96 -4.40 -12.35
C ALA E 55 -24.98 -3.25 -12.45
N HIS E 56 -25.15 -2.29 -11.55
CA HIS E 56 -24.33 -1.08 -11.51
C HIS E 56 -22.90 -1.37 -11.12
N LEU E 57 -22.69 -2.43 -10.35
CA LEU E 57 -21.37 -2.92 -10.00
C LEU E 57 -20.65 -3.55 -11.19
N TYR E 58 -21.43 -4.08 -12.14
CA TYR E 58 -20.87 -4.82 -13.25
C TYR E 58 -20.83 -4.01 -14.53
N GLY E 59 -21.06 -2.71 -14.42
CA GLY E 59 -20.87 -1.80 -15.54
C GLY E 59 -22.07 -1.40 -16.38
N ILE E 60 -23.29 -1.64 -15.89
CA ILE E 60 -24.48 -1.33 -16.68
C ILE E 60 -24.52 0.14 -17.16
N ALA E 61 -24.08 1.06 -16.31
CA ALA E 61 -24.00 2.50 -16.66
C ALA E 61 -22.59 2.92 -17.10
N GLY E 62 -21.74 1.93 -17.38
CA GLY E 62 -20.34 2.16 -17.67
C GLY E 62 -19.53 2.30 -16.39
N VAL E 71 -17.89 -1.29 -4.08
CA VAL E 71 -16.58 -1.30 -3.39
C VAL E 71 -16.75 -1.83 -1.96
N LYS E 72 -17.81 -1.37 -1.29
CA LYS E 72 -18.07 -1.78 0.10
C LYS E 72 -18.61 -3.20 0.18
N LYS E 73 -18.02 -4.01 1.06
CA LYS E 73 -18.45 -5.40 1.25
C LYS E 73 -19.79 -5.45 1.93
N LEU E 74 -20.48 -6.59 1.77
CA LEU E 74 -21.78 -6.80 2.40
C LEU E 74 -21.69 -6.73 3.92
N ASP E 75 -20.69 -7.40 4.47
CA ASP E 75 -20.50 -7.48 5.92
C ASP E 75 -20.34 -6.09 6.53
N VAL E 76 -19.47 -5.28 5.92
CA VAL E 76 -19.20 -3.90 6.37
C VAL E 76 -20.44 -2.99 6.24
N LEU E 77 -21.10 -3.03 5.08
CA LEU E 77 -22.30 -2.25 4.86
C LEU E 77 -23.43 -2.64 5.82
N SER E 78 -23.57 -3.93 6.10
CA SER E 78 -24.56 -4.44 7.05
C SER E 78 -24.32 -3.88 8.45
N ASN E 79 -23.07 -3.90 8.89
CA ASN E 79 -22.67 -3.31 10.15
C ASN E 79 -22.95 -1.80 10.19
N ASP E 80 -22.57 -1.11 9.11
CA ASP E 80 -22.87 0.32 8.95
C ASP E 80 -24.36 0.65 9.05
N LEU E 81 -25.21 -0.19 8.48
CA LEU E 81 -26.67 0.04 8.54
C LEU E 81 -27.21 -0.12 9.96
N VAL E 82 -26.80 -1.18 10.63
CA VAL E 82 -27.30 -1.45 11.98
C VAL E 82 -26.74 -0.39 12.92
N MET E 83 -25.43 -0.19 12.90
CA MET E 83 -24.79 0.86 13.69
C MET E 83 -25.50 2.18 13.52
N ASN E 84 -25.66 2.62 12.28
CA ASN E 84 -26.27 3.93 12.03
C ASN E 84 -27.75 4.07 12.36
N MET E 85 -28.53 3.02 12.15
CA MET E 85 -29.94 3.04 12.49
C MET E 85 -30.15 3.04 14.01
N LEU E 86 -29.37 2.20 14.69
CA LEU E 86 -29.37 2.19 16.15
C LEU E 86 -28.95 3.54 16.75
N LYS E 87 -27.83 4.10 16.30
CA LYS E 87 -27.43 5.44 16.72
C LYS E 87 -28.58 6.45 16.58
N SER E 88 -29.08 6.62 15.36
CA SER E 88 -30.12 7.62 15.08
C SER E 88 -31.48 7.33 15.72
N SER E 89 -31.63 6.18 16.37
CA SER E 89 -32.87 5.86 17.04
C SER E 89 -33.04 6.60 18.39
N PHE E 90 -31.94 7.14 18.91
CA PHE E 90 -31.89 7.78 20.24
C PHE E 90 -32.27 6.84 21.39
N ALA E 91 -32.09 5.54 21.19
CA ALA E 91 -32.63 4.54 22.13
C ALA E 91 -31.55 3.64 22.72
N THR E 92 -30.32 3.87 22.26
CA THR E 92 -29.15 3.08 22.64
C THR E 92 -28.04 3.98 23.22
N CYS E 93 -27.14 3.39 24.00
CA CYS E 93 -25.97 4.09 24.54
C CYS E 93 -24.71 3.28 24.27
N VAL E 94 -24.83 1.95 24.34
CA VAL E 94 -23.71 1.04 24.03
C VAL E 94 -24.08 0.06 22.91
N LEU E 95 -23.14 -0.16 22.00
CA LEU E 95 -23.35 -1.06 20.85
C LEU E 95 -22.20 -2.02 20.62
N VAL E 96 -22.48 -3.30 20.78
CA VAL E 96 -21.48 -4.36 20.54
C VAL E 96 -21.72 -5.11 19.22
N SER E 97 -20.74 -5.08 18.33
CA SER E 97 -20.83 -5.76 17.04
C SER E 97 -19.68 -6.75 16.79
N GLU E 98 -20.00 -7.87 16.15
CA GLU E 98 -19.02 -8.85 15.70
C GLU E 98 -17.91 -8.21 14.88
N GLU E 99 -18.24 -7.10 14.20
CA GLU E 99 -17.29 -6.39 13.32
C GLU E 99 -16.34 -5.44 14.03
N ASP E 100 -16.68 -5.10 15.27
CA ASP E 100 -15.93 -4.08 15.98
C ASP E 100 -15.15 -4.66 17.15
N LYS E 101 -13.86 -4.35 17.18
CA LYS E 101 -12.98 -4.86 18.23
C LYS E 101 -13.46 -4.36 19.59
N HIS E 102 -13.73 -3.05 19.71
CA HIS E 102 -14.28 -2.50 20.95
C HIS E 102 -15.73 -2.02 20.79
N ALA E 103 -16.50 -2.15 21.87
CA ALA E 103 -17.83 -1.60 22.00
C ALA E 103 -17.86 -0.14 21.54
N ILE E 104 -18.92 0.20 20.81
CA ILE E 104 -19.10 1.58 20.35
C ILE E 104 -19.98 2.32 21.36
N ILE E 105 -19.47 3.45 21.84
CA ILE E 105 -20.17 4.27 22.80
C ILE E 105 -20.82 5.41 22.03
N VAL E 106 -22.15 5.47 22.10
CA VAL E 106 -22.95 6.44 21.37
C VAL E 106 -22.67 7.85 21.87
N GLU E 107 -22.49 8.79 20.95
CA GLU E 107 -22.28 10.19 21.33
C GLU E 107 -23.42 10.68 22.26
N PRO E 108 -23.09 11.55 23.23
CA PRO E 108 -24.05 11.97 24.29
C PRO E 108 -25.42 12.43 23.81
N GLU E 109 -25.46 13.20 22.72
CA GLU E 109 -26.73 13.78 22.25
C GLU E 109 -27.68 12.72 21.67
N LYS E 110 -27.15 11.58 21.27
CA LYS E 110 -27.96 10.48 20.72
C LYS E 110 -28.18 9.32 21.67
N ARG E 111 -27.83 9.48 22.94
CA ARG E 111 -27.91 8.35 23.88
C ARG E 111 -29.32 8.05 24.36
N GLY E 112 -29.65 6.77 24.40
CA GLY E 112 -30.86 6.27 25.00
C GLY E 112 -30.45 5.23 26.02
N LYS E 113 -31.42 4.51 26.57
CA LYS E 113 -31.20 3.62 27.74
C LYS E 113 -30.84 2.18 27.43
N TYR E 114 -30.74 1.82 26.14
CA TYR E 114 -30.51 0.42 25.77
C TYR E 114 -29.11 0.11 25.27
N VAL E 115 -28.74 -1.16 25.43
CA VAL E 115 -27.48 -1.74 24.98
C VAL E 115 -27.81 -2.88 24.00
N VAL E 116 -27.12 -2.90 22.88
CA VAL E 116 -27.45 -3.85 21.82
C VAL E 116 -26.21 -4.59 21.41
N CYS E 117 -26.26 -5.90 21.50
CA CYS E 117 -25.22 -6.75 20.92
C CYS E 117 -25.80 -7.39 19.67
N PHE E 118 -25.02 -7.38 18.58
CA PHE E 118 -25.53 -7.87 17.30
C PHE E 118 -24.41 -8.44 16.40
N ASP E 119 -24.82 -9.34 15.51
CA ASP E 119 -23.94 -9.79 14.43
C ASP E 119 -24.65 -9.38 13.14
N PRO E 120 -24.15 -8.33 12.47
CA PRO E 120 -24.90 -7.69 11.37
C PRO E 120 -25.15 -8.59 10.15
N LEU E 121 -24.23 -9.52 9.88
CA LEU E 121 -24.40 -10.49 8.81
C LEU E 121 -23.73 -11.80 9.17
N ASP E 122 -24.44 -12.61 9.95
CA ASP E 122 -23.93 -13.89 10.42
C ASP E 122 -23.91 -14.90 9.29
N GLY E 123 -22.78 -15.59 9.16
CA GLY E 123 -22.59 -16.63 8.15
C GLY E 123 -22.02 -16.16 6.83
N SER E 124 -21.61 -14.90 6.75
CA SER E 124 -21.16 -14.34 5.45
C SER E 124 -19.74 -14.74 5.02
N SER E 125 -19.10 -15.62 5.80
CA SER E 125 -17.86 -16.23 5.34
C SER E 125 -18.17 -16.87 3.98
N ASN E 126 -19.25 -17.64 3.97
CA ASN E 126 -19.70 -18.38 2.79
C ASN E 126 -20.89 -17.74 2.06
N ILE E 127 -20.88 -16.41 1.98
CA ILE E 127 -21.88 -15.70 1.17
C ILE E 127 -21.55 -15.83 -0.32
N ASP E 128 -20.32 -16.26 -0.61
CA ASP E 128 -19.88 -16.57 -1.97
C ASP E 128 -20.63 -17.76 -2.57
N CYS E 129 -21.15 -18.65 -1.74
CA CYS E 129 -21.94 -19.76 -2.27
C CYS E 129 -23.43 -19.52 -2.12
N LEU E 130 -23.80 -18.30 -1.72
CA LEU E 130 -25.21 -17.87 -1.61
C LEU E 130 -25.98 -18.70 -0.57
N VAL E 131 -25.25 -19.13 0.44
CA VAL E 131 -25.84 -19.77 1.59
C VAL E 131 -26.71 -18.73 2.34
N SER E 132 -27.79 -19.22 2.96
CA SER E 132 -28.59 -18.40 3.86
C SER E 132 -27.69 -17.70 4.86
N VAL E 133 -27.92 -16.40 5.02
CA VAL E 133 -27.16 -15.59 5.97
C VAL E 133 -28.19 -14.91 6.88
N GLY E 134 -27.74 -14.24 7.93
CA GLY E 134 -28.69 -13.66 8.88
C GLY E 134 -28.12 -12.55 9.72
N THR E 135 -28.99 -11.89 10.50
CA THR E 135 -28.62 -10.82 11.43
C THR E 135 -29.15 -11.23 12.80
N ILE E 136 -28.26 -11.33 13.79
CA ILE E 136 -28.65 -11.69 15.15
C ILE E 136 -28.51 -10.47 16.05
N PHE E 137 -29.40 -10.30 17.03
CA PHE E 137 -29.34 -9.17 17.94
C PHE E 137 -29.89 -9.55 19.33
N GLY E 138 -29.37 -8.89 20.36
CA GLY E 138 -29.81 -9.04 21.74
C GLY E 138 -29.83 -7.66 22.37
N ILE E 139 -30.94 -7.29 22.98
CA ILE E 139 -31.16 -5.94 23.51
C ILE E 139 -31.19 -5.99 25.04
N TYR E 140 -30.31 -5.20 25.66
CA TYR E 140 -30.24 -5.07 27.11
C TYR E 140 -30.56 -3.64 27.55
N ARG E 141 -31.10 -3.53 28.77
CA ARG E 141 -31.24 -2.23 29.44
C ARG E 141 -29.93 -1.93 30.20
N LYS E 142 -29.43 -0.70 30.06
CA LYS E 142 -28.23 -0.27 30.79
C LYS E 142 -28.59 -0.27 32.27
N LYS E 143 -27.73 -0.85 33.10
CA LYS E 143 -28.11 -1.17 34.49
C LYS E 143 -27.82 -0.08 35.52
N SER E 144 -26.79 0.73 35.26
CA SER E 144 -26.40 1.79 36.15
C SER E 144 -26.68 3.16 35.53
N THR E 145 -26.36 4.22 36.27
CA THR E 145 -26.38 5.56 35.73
C THR E 145 -24.94 6.10 35.57
N ASP E 146 -23.97 5.20 35.70
CA ASP E 146 -22.56 5.50 35.38
C ASP E 146 -22.38 5.79 33.88
N GLU E 147 -21.32 6.49 33.52
CA GLU E 147 -20.97 6.74 32.11
C GLU E 147 -20.95 5.40 31.35
N PRO E 148 -21.58 5.35 30.15
CA PRO E 148 -21.66 4.10 29.40
C PRO E 148 -20.27 3.59 28.97
N SER E 149 -20.13 2.27 28.93
CA SER E 149 -18.88 1.62 28.59
C SER E 149 -19.13 0.20 28.15
N GLU E 150 -18.05 -0.47 27.75
CA GLU E 150 -18.04 -1.84 27.29
C GLU E 150 -18.64 -2.77 28.32
N LYS E 151 -18.44 -2.42 29.59
CA LYS E 151 -18.84 -3.24 30.72
C LYS E 151 -20.34 -3.40 30.79
N ASP E 152 -21.06 -2.43 30.22
CA ASP E 152 -22.52 -2.44 30.18
C ASP E 152 -23.14 -3.52 29.32
N ALA E 153 -22.36 -4.08 28.41
CA ALA E 153 -22.77 -5.22 27.58
C ALA E 153 -22.34 -6.56 28.17
N LEU E 154 -21.71 -6.53 29.34
CA LEU E 154 -21.26 -7.78 29.99
C LEU E 154 -22.33 -8.31 30.93
N GLN E 155 -23.51 -8.54 30.38
CA GLN E 155 -24.66 -8.98 31.13
C GLN E 155 -24.96 -10.42 30.77
N PRO E 156 -25.46 -11.23 31.74
CA PRO E 156 -25.89 -12.58 31.38
C PRO E 156 -27.11 -12.47 30.46
N GLY E 157 -27.30 -13.49 29.62
CA GLY E 157 -28.48 -13.58 28.76
C GLY E 157 -29.80 -13.45 29.49
N ARG E 158 -29.81 -13.81 30.77
CA ARG E 158 -30.99 -13.71 31.62
C ARG E 158 -31.52 -12.29 31.64
N ASN E 159 -30.62 -11.34 31.50
CA ASN E 159 -30.92 -9.91 31.48
C ASN E 159 -31.62 -9.37 30.21
N LEU E 160 -31.58 -10.14 29.13
CA LEU E 160 -32.12 -9.73 27.82
C LEU E 160 -33.55 -9.19 27.89
N VAL E 161 -33.72 -7.98 27.36
CA VAL E 161 -35.04 -7.34 27.29
C VAL E 161 -35.79 -7.87 26.04
N ALA E 162 -35.04 -8.11 24.98
CA ALA E 162 -35.60 -8.60 23.73
C ALA E 162 -34.44 -9.10 22.90
N ALA E 163 -34.74 -10.01 21.98
CA ALA E 163 -33.73 -10.57 21.08
C ALA E 163 -34.40 -11.31 19.94
N GLY E 164 -33.59 -11.67 18.96
CA GLY E 164 -34.07 -12.44 17.84
C GLY E 164 -33.08 -12.38 16.69
N TYR E 165 -33.61 -12.55 15.48
CA TYR E 165 -32.77 -12.63 14.27
C TYR E 165 -33.56 -12.42 13.00
N ALA E 166 -32.85 -11.95 11.99
CA ALA E 166 -33.34 -11.94 10.62
C ALA E 166 -32.66 -13.03 9.83
N LEU E 167 -33.45 -13.82 9.12
CA LEU E 167 -32.88 -14.84 8.25
C LEU E 167 -33.06 -14.36 6.83
N TYR E 168 -32.00 -14.28 6.06
CA TYR E 168 -32.12 -13.94 4.66
C TYR E 168 -31.97 -15.27 3.93
N GLY E 169 -33.07 -16.03 3.89
CA GLY E 169 -33.12 -17.37 3.29
C GLY E 169 -33.80 -17.35 1.94
N SER E 170 -34.57 -18.39 1.63
CA SER E 170 -35.41 -18.39 0.43
C SER E 170 -36.34 -17.16 0.42
N ALA E 171 -36.76 -16.74 1.63
CA ALA E 171 -37.36 -15.44 1.87
C ALA E 171 -36.71 -14.88 3.14
N THR E 172 -37.08 -13.65 3.50
CA THR E 172 -36.53 -12.97 4.64
C THR E 172 -37.55 -12.94 5.76
N MET E 173 -37.16 -13.48 6.91
CA MET E 173 -38.02 -13.50 8.07
C MET E 173 -37.32 -12.90 9.28
N LEU E 174 -38.09 -12.19 10.10
CA LEU E 174 -37.59 -11.69 11.36
C LEU E 174 -38.29 -12.44 12.45
N VAL E 175 -37.51 -13.14 13.26
CA VAL E 175 -38.04 -13.83 14.42
C VAL E 175 -37.75 -12.95 15.63
N LEU E 176 -38.80 -12.47 16.28
CA LEU E 176 -38.64 -11.58 17.43
C LEU E 176 -39.14 -12.23 18.69
N ALA E 177 -38.28 -12.27 19.70
CA ALA E 177 -38.65 -12.82 21.00
C ALA E 177 -38.66 -11.74 22.10
N MET E 178 -39.76 -11.62 22.82
CA MET E 178 -39.86 -10.73 23.99
C MET E 178 -40.50 -11.51 25.15
N ASP E 179 -41.03 -10.81 26.16
CA ASP E 179 -41.72 -11.48 27.27
C ASP E 179 -42.98 -12.21 26.83
N CYS E 180 -43.67 -11.65 25.84
CA CYS E 180 -44.90 -12.22 25.32
C CYS E 180 -44.65 -13.52 24.55
N GLY E 181 -43.38 -13.77 24.20
CA GLY E 181 -43.00 -14.98 23.48
C GLY E 181 -42.33 -14.68 22.15
N VAL E 182 -42.38 -15.66 21.26
CA VAL E 182 -41.67 -15.57 19.98
C VAL E 182 -42.62 -15.40 18.79
N ASN E 183 -42.44 -14.33 18.04
CA ASN E 183 -43.28 -14.09 16.87
C ASN E 183 -42.43 -13.96 15.62
N CYS E 184 -42.92 -14.56 14.54
CA CYS E 184 -42.25 -14.59 13.25
C CYS E 184 -42.93 -13.68 12.25
N PHE E 185 -42.14 -12.84 11.57
CA PHE E 185 -42.62 -11.85 10.61
C PHE E 185 -41.92 -12.04 9.26
N MET E 186 -42.73 -12.27 8.23
CA MET E 186 -42.19 -12.44 6.88
C MET E 186 -42.07 -11.08 6.24
N LEU E 187 -40.90 -10.81 5.68
CA LEU E 187 -40.75 -9.61 4.87
C LEU E 187 -41.41 -9.79 3.50
N ASP E 188 -42.41 -8.96 3.21
CA ASP E 188 -43.01 -8.86 1.91
C ASP E 188 -42.26 -7.80 1.14
N PRO E 189 -41.32 -8.21 0.26
CA PRO E 189 -40.46 -7.23 -0.41
C PRO E 189 -41.24 -6.35 -1.41
N ALA E 190 -42.46 -6.75 -1.76
CA ALA E 190 -43.34 -5.93 -2.63
C ALA E 190 -43.69 -4.58 -2.00
N ILE E 191 -43.87 -4.58 -0.68
CA ILE E 191 -44.29 -3.38 0.03
C ILE E 191 -43.33 -2.98 1.17
N GLY E 192 -42.26 -3.75 1.36
CA GLY E 192 -41.33 -3.56 2.48
C GLY E 192 -41.97 -3.61 3.85
N GLU E 193 -42.73 -4.67 4.12
CA GLU E 193 -43.38 -4.84 5.43
C GLU E 193 -43.10 -6.19 6.00
N PHE E 194 -42.91 -6.22 7.32
CA PHE E 194 -42.82 -7.47 8.08
C PHE E 194 -44.21 -7.85 8.52
N ILE E 195 -44.74 -8.91 7.92
CA ILE E 195 -46.08 -9.37 8.17
C ILE E 195 -46.02 -10.51 9.17
N LEU E 196 -46.79 -10.38 10.25
CA LEU E 196 -46.88 -11.45 11.25
C LEU E 196 -47.51 -12.70 10.64
N VAL E 197 -46.75 -13.81 10.67
CA VAL E 197 -47.18 -15.04 9.99
C VAL E 197 -47.25 -16.22 10.96
N ASP E 198 -46.46 -16.16 12.04
CA ASP E 198 -46.49 -17.22 13.06
C ASP E 198 -46.48 -16.60 14.47
N LYS E 199 -47.58 -16.82 15.19
CA LYS E 199 -47.83 -16.13 16.47
C LYS E 199 -47.47 -16.98 17.67
N ASP E 200 -46.72 -16.39 18.61
CA ASP E 200 -46.51 -17.02 19.92
C ASP E 200 -45.99 -18.45 19.71
N VAL E 201 -44.85 -18.52 19.04
CA VAL E 201 -44.32 -19.75 18.49
C VAL E 201 -43.62 -20.62 19.55
N LYS E 202 -43.94 -21.92 19.52
CA LYS E 202 -43.36 -22.92 20.43
C LYS E 202 -42.65 -24.04 19.66
N ILE E 203 -41.46 -24.43 20.10
CA ILE E 203 -40.73 -25.57 19.50
C ILE E 203 -41.33 -26.94 19.91
N LYS E 204 -41.19 -27.94 19.04
CA LYS E 204 -41.57 -29.32 19.38
C LYS E 204 -40.83 -29.81 20.61
N LYS E 205 -41.48 -30.70 21.36
CA LYS E 205 -40.88 -31.32 22.55
C LYS E 205 -39.60 -32.07 22.19
N LYS E 206 -39.65 -32.74 21.03
CA LYS E 206 -38.57 -33.59 20.53
C LYS E 206 -38.53 -33.52 19.00
N GLY E 207 -37.33 -33.51 18.43
CA GLY E 207 -37.20 -33.47 16.97
C GLY E 207 -36.71 -34.76 16.36
N LYS E 208 -36.29 -34.67 15.10
CA LYS E 208 -35.82 -35.82 14.35
C LYS E 208 -34.63 -35.42 13.51
N ILE E 209 -34.08 -34.24 13.83
CA ILE E 209 -32.89 -33.74 13.14
C ILE E 209 -31.85 -33.25 14.15
N TYR E 210 -30.60 -33.64 13.93
CA TYR E 210 -29.46 -33.12 14.67
C TYR E 210 -28.54 -32.37 13.73
N SER E 211 -28.02 -31.25 14.20
CA SER E 211 -27.27 -30.38 13.32
C SER E 211 -25.88 -30.05 13.88
N LEU E 212 -24.84 -30.55 13.24
CA LEU E 212 -23.47 -30.14 13.58
C LEU E 212 -22.45 -30.44 12.48
N ASN E 213 -21.28 -29.82 12.61
CA ASN E 213 -20.16 -30.09 11.73
C ASN E 213 -19.39 -31.32 12.20
N GLU E 214 -19.81 -32.46 11.67
CA GLU E 214 -19.22 -33.75 11.95
C GLU E 214 -17.84 -33.89 11.32
N GLY E 215 -17.44 -32.92 10.51
CA GLY E 215 -16.17 -32.96 9.83
C GLY E 215 -15.03 -32.96 10.82
N TYR E 216 -15.27 -32.32 11.96
CA TYR E 216 -14.29 -32.24 13.04
C TYR E 216 -14.61 -33.21 14.21
N ALA E 217 -15.03 -34.43 13.88
CA ALA E 217 -15.32 -35.45 14.91
C ALA E 217 -14.09 -36.01 15.65
N LYS E 218 -12.90 -35.94 15.03
CA LYS E 218 -11.65 -36.38 15.67
C LYS E 218 -11.26 -35.53 16.88
N ASP E 219 -11.98 -34.42 17.08
CA ASP E 219 -11.77 -33.55 18.24
C ASP E 219 -12.95 -33.54 19.23
N PHE E 220 -14.01 -34.28 18.93
CA PHE E 220 -15.20 -34.25 19.78
C PHE E 220 -14.93 -34.69 21.21
N ASP E 221 -15.78 -34.20 22.10
CA ASP E 221 -15.89 -34.71 23.45
C ASP E 221 -16.50 -36.11 23.32
N PRO E 222 -15.94 -37.10 24.05
CA PRO E 222 -16.57 -38.42 24.11
C PRO E 222 -18.10 -38.38 24.28
N ALA E 223 -18.61 -37.33 24.93
CA ALA E 223 -20.07 -37.16 25.15
C ALA E 223 -20.80 -36.78 23.85
N VAL E 224 -20.20 -35.86 23.10
CA VAL E 224 -20.68 -35.48 21.78
C VAL E 224 -20.62 -36.70 20.84
N THR E 225 -19.51 -37.45 20.91
CA THR E 225 -19.33 -38.66 20.10
C THR E 225 -20.40 -39.71 20.39
N GLU E 226 -20.72 -39.92 21.67
CA GLU E 226 -21.79 -40.86 22.06
C GLU E 226 -23.18 -40.36 21.74
N TYR E 227 -23.47 -39.10 22.07
CA TYR E 227 -24.76 -38.52 21.68
C TYR E 227 -25.03 -38.70 20.19
N ILE E 228 -24.06 -38.33 19.35
CA ILE E 228 -24.19 -38.41 17.89
C ILE E 228 -24.29 -39.84 17.40
N GLN E 229 -23.55 -40.76 18.04
CA GLN E 229 -23.77 -42.19 17.80
C GLN E 229 -25.19 -42.61 18.16
N ARG E 230 -25.73 -42.08 19.27
CA ARG E 230 -27.12 -42.39 19.67
C ARG E 230 -28.17 -42.02 18.61
N LYS E 231 -27.84 -41.00 17.81
CA LYS E 231 -28.75 -40.45 16.81
C LYS E 231 -28.78 -41.30 15.55
N LYS E 232 -27.59 -41.75 15.18
CA LYS E 232 -27.34 -42.49 13.96
C LYS E 232 -27.63 -43.98 14.14
N PHE E 233 -27.47 -44.47 15.37
CA PHE E 233 -27.65 -45.87 15.73
C PHE E 233 -28.48 -46.00 17.02
N PRO E 234 -29.81 -45.75 16.93
CA PRO E 234 -30.58 -45.71 18.17
C PRO E 234 -30.65 -47.09 18.83
N PRO E 235 -30.25 -47.18 20.12
CA PRO E 235 -30.36 -48.45 20.84
C PRO E 235 -31.82 -48.91 21.00
N ASP E 236 -32.72 -47.94 21.15
CA ASP E 236 -34.12 -48.22 21.46
C ASP E 236 -34.99 -48.64 20.27
N ASN E 237 -34.36 -49.05 19.17
CA ASN E 237 -35.07 -49.56 17.99
C ASN E 237 -36.12 -48.62 17.37
N SER E 238 -35.79 -47.32 17.35
CA SER E 238 -36.58 -46.30 16.63
C SER E 238 -35.81 -45.77 15.40
N ALA E 239 -36.46 -44.89 14.63
CA ALA E 239 -35.87 -44.26 13.43
C ALA E 239 -34.66 -43.38 13.76
N PRO E 240 -33.55 -43.54 13.01
CA PRO E 240 -32.40 -42.64 13.20
C PRO E 240 -32.73 -41.21 12.78
N TYR E 241 -32.17 -40.25 13.50
CA TYR E 241 -32.33 -38.84 13.17
C TYR E 241 -31.76 -38.51 11.79
N GLY E 242 -32.37 -37.55 11.11
CA GLY E 242 -31.72 -36.95 9.93
C GLY E 242 -30.67 -35.93 10.39
N ALA E 243 -29.66 -35.72 9.54
CA ALA E 243 -28.66 -34.69 9.79
C ALA E 243 -28.86 -33.52 8.82
N ARG E 244 -28.77 -32.30 9.35
CA ARG E 244 -28.77 -31.08 8.54
C ARG E 244 -27.74 -30.12 9.09
N TYR E 245 -26.92 -29.52 8.23
CA TYR E 245 -25.97 -28.50 8.67
C TYR E 245 -25.64 -27.50 7.57
N VAL E 246 -26.33 -26.37 7.61
CA VAL E 246 -26.13 -25.29 6.65
C VAL E 246 -24.73 -24.70 6.82
N GLY E 247 -24.30 -24.49 8.07
CA GLY E 247 -23.01 -23.85 8.38
C GLY E 247 -23.21 -22.38 8.70
N SER E 248 -24.48 -21.97 8.65
CA SER E 248 -24.92 -20.62 8.96
C SER E 248 -25.85 -20.79 10.15
N MET E 249 -25.46 -20.22 11.29
CA MET E 249 -26.17 -20.37 12.57
C MET E 249 -27.64 -19.95 12.52
N VAL E 250 -27.91 -18.75 12.00
CA VAL E 250 -29.28 -18.25 11.84
C VAL E 250 -30.19 -19.28 11.13
N ALA E 251 -29.68 -19.89 10.05
CA ALA E 251 -30.42 -20.86 9.26
C ALA E 251 -30.60 -22.20 9.97
N ASP E 252 -29.55 -22.66 10.64
CA ASP E 252 -29.62 -23.92 11.37
C ASP E 252 -30.52 -23.82 12.60
N VAL E 253 -30.44 -22.69 13.30
CA VAL E 253 -31.30 -22.43 14.46
C VAL E 253 -32.77 -22.29 14.09
N HIS E 254 -33.05 -21.58 13.00
CA HIS E 254 -34.44 -21.40 12.54
C HIS E 254 -35.12 -22.72 12.15
N ARG E 255 -34.45 -23.55 11.34
CA ARG E 255 -34.93 -24.92 11.07
C ARG E 255 -35.20 -25.68 12.37
N THR E 256 -34.25 -25.62 13.32
CA THR E 256 -34.45 -26.22 14.66
C THR E 256 -35.74 -25.71 15.28
N LEU E 257 -35.96 -24.39 15.24
CA LEU E 257 -37.17 -23.77 15.78
C LEU E 257 -38.43 -24.27 15.09
N VAL E 258 -38.32 -24.41 13.78
CA VAL E 258 -39.45 -24.73 12.91
C VAL E 258 -39.75 -26.23 12.89
N TYR E 259 -38.71 -27.05 12.76
CA TYR E 259 -38.89 -28.51 12.63
C TYR E 259 -38.69 -29.29 13.93
N GLY E 260 -38.03 -28.65 14.91
CA GLY E 260 -37.64 -29.30 16.16
C GLY E 260 -36.28 -29.91 15.96
N GLY E 261 -35.73 -30.46 17.04
CA GLY E 261 -34.48 -31.18 16.96
C GLY E 261 -33.41 -30.49 17.78
N ILE E 262 -32.16 -30.69 17.38
CA ILE E 262 -31.03 -30.21 18.18
C ILE E 262 -29.92 -29.65 17.29
N PHE E 263 -29.28 -28.58 17.79
CA PHE E 263 -28.18 -27.92 17.08
C PHE E 263 -26.99 -27.86 18.01
N LEU E 264 -25.83 -28.28 17.50
CA LEU E 264 -24.65 -28.37 18.35
C LEU E 264 -23.48 -27.58 17.78
N TYR E 265 -22.92 -26.72 18.60
CA TYR E 265 -21.56 -26.25 18.38
C TYR E 265 -20.78 -26.29 19.69
N PRO E 266 -20.32 -27.50 20.09
CA PRO E 266 -19.86 -27.75 21.45
C PRO E 266 -18.36 -27.57 21.62
N ALA E 267 -17.92 -27.70 22.88
CA ALA E 267 -16.52 -27.63 23.25
C ALA E 267 -15.76 -28.89 22.86
N ASN E 268 -14.55 -28.70 22.35
CA ASN E 268 -13.58 -29.77 22.14
C ASN E 268 -12.27 -29.53 22.92
N LYS E 269 -11.21 -30.20 22.48
CA LYS E 269 -9.87 -30.04 23.08
C LYS E 269 -9.14 -28.79 22.54
N LYS E 270 -9.39 -28.46 21.27
CA LYS E 270 -8.76 -27.33 20.56
C LYS E 270 -9.38 -25.98 20.95
N SER E 271 -10.72 -25.91 20.89
CA SER E 271 -11.49 -24.73 21.31
C SER E 271 -12.36 -25.13 22.51
N PRO E 272 -11.80 -25.11 23.74
CA PRO E 272 -12.50 -25.52 24.97
C PRO E 272 -13.74 -24.70 25.37
N ASN E 273 -13.86 -23.49 24.80
CA ASN E 273 -15.03 -22.64 25.02
C ASN E 273 -15.84 -22.48 23.74
N GLY E 274 -15.80 -23.51 22.89
CA GLY E 274 -16.53 -23.49 21.62
C GLY E 274 -16.02 -22.45 20.63
N LYS E 275 -16.77 -22.24 19.55
CA LYS E 275 -16.39 -21.27 18.52
C LYS E 275 -17.28 -20.03 18.49
N LEU E 276 -18.60 -20.24 18.61
CA LEU E 276 -19.58 -19.16 18.44
C LEU E 276 -19.50 -18.18 19.59
N ARG E 277 -19.84 -16.93 19.32
CA ARG E 277 -19.65 -15.84 20.26
C ARG E 277 -20.85 -15.71 21.16
N LEU E 278 -20.61 -15.45 22.44
CA LEU E 278 -21.69 -15.54 23.41
C LEU E 278 -22.69 -14.38 23.33
N LEU E 279 -22.19 -13.16 23.16
CA LEU E 279 -23.02 -11.96 23.36
C LEU E 279 -24.00 -11.74 22.22
N TYR E 280 -23.58 -12.04 21.00
CA TYR E 280 -24.36 -11.66 19.84
C TYR E 280 -24.65 -12.83 18.93
N GLU E 281 -24.29 -14.05 19.37
CA GLU E 281 -24.65 -15.28 18.67
C GLU E 281 -25.41 -16.20 19.62
N CYS E 282 -24.72 -16.70 20.64
CA CYS E 282 -25.31 -17.74 21.49
C CYS E 282 -26.47 -17.26 22.35
N ASN E 283 -26.33 -16.10 22.96
CA ASN E 283 -27.34 -15.56 23.90
C ASN E 283 -28.69 -15.20 23.27
N PRO E 284 -28.67 -14.42 22.16
CA PRO E 284 -29.94 -14.12 21.52
C PRO E 284 -30.64 -15.38 21.06
N MET E 285 -29.87 -16.38 20.64
CA MET E 285 -30.45 -17.64 20.19
C MET E 285 -30.97 -18.50 21.35
N ALA E 286 -30.33 -18.36 22.51
CA ALA E 286 -30.73 -19.04 23.74
C ALA E 286 -32.02 -18.47 24.30
N TYR E 287 -32.14 -17.15 24.25
CA TYR E 287 -33.35 -16.44 24.66
C TYR E 287 -34.55 -16.78 23.77
N VAL E 288 -34.35 -16.72 22.44
CA VAL E 288 -35.38 -17.13 21.50
C VAL E 288 -35.79 -18.59 21.78
N MET E 289 -34.82 -19.49 21.85
CA MET E 289 -35.11 -20.88 22.25
C MET E 289 -35.92 -21.00 23.54
N GLU E 290 -35.44 -20.39 24.62
CA GLU E 290 -36.14 -20.47 25.92
C GLU E 290 -37.56 -19.92 25.88
N LYS E 291 -37.75 -18.77 25.22
CA LYS E 291 -39.07 -18.15 25.08
C LYS E 291 -40.03 -18.99 24.22
N ALA E 292 -39.47 -19.89 23.42
CA ALA E 292 -40.25 -20.80 22.57
C ALA E 292 -40.45 -22.19 23.20
N GLY E 293 -40.19 -22.29 24.51
CA GLY E 293 -40.30 -23.58 25.21
C GLY E 293 -39.19 -24.55 24.89
N GLY E 294 -38.05 -24.04 24.43
CA GLY E 294 -36.84 -24.87 24.21
C GLY E 294 -35.74 -24.66 25.25
N MET E 295 -34.57 -25.23 25.01
CA MET E 295 -33.43 -25.09 25.93
C MET E 295 -32.15 -24.79 25.17
N ALA E 296 -31.19 -24.17 25.86
CA ALA E 296 -29.84 -23.94 25.32
C ALA E 296 -28.77 -24.01 26.42
N THR E 297 -27.84 -24.93 26.27
CA THR E 297 -26.82 -25.19 27.30
C THR E 297 -25.42 -25.03 26.71
N THR E 298 -24.42 -24.86 27.58
CA THR E 298 -23.02 -24.94 27.15
C THR E 298 -22.51 -26.36 27.39
N GLY E 299 -23.32 -27.14 28.09
CA GLY E 299 -22.87 -28.36 28.78
C GLY E 299 -22.97 -28.12 30.29
N LYS E 300 -22.07 -27.28 30.79
CA LYS E 300 -22.02 -26.92 32.22
C LYS E 300 -23.29 -26.24 32.71
N GLU E 301 -23.70 -25.16 32.04
CA GLU E 301 -24.87 -24.37 32.47
C GLU E 301 -25.70 -23.79 31.33
N ALA E 302 -26.87 -23.25 31.68
CA ALA E 302 -27.70 -22.51 30.73
C ALA E 302 -26.88 -21.37 30.15
N VAL E 303 -26.78 -21.35 28.82
CA VAL E 303 -26.13 -20.26 28.09
C VAL E 303 -26.49 -18.88 28.67
N LEU E 304 -27.75 -18.68 29.04
CA LEU E 304 -28.22 -17.39 29.53
C LEU E 304 -27.72 -17.04 30.94
N ASP E 305 -27.17 -18.03 31.64
CA ASP E 305 -26.65 -17.81 32.98
C ASP E 305 -25.16 -17.46 33.00
N VAL E 306 -24.47 -17.76 31.91
CA VAL E 306 -23.06 -17.38 31.75
C VAL E 306 -22.90 -15.86 31.91
N ILE E 307 -22.04 -15.45 32.85
CA ILE E 307 -21.68 -14.02 33.02
C ILE E 307 -20.41 -13.74 32.23
N PRO E 308 -20.52 -12.94 31.15
CA PRO E 308 -19.35 -12.63 30.33
C PRO E 308 -18.31 -11.74 31.01
N THR E 309 -17.07 -11.86 30.55
CA THR E 309 -15.95 -11.05 31.01
C THR E 309 -15.26 -10.40 29.81
N ASP E 310 -15.63 -10.85 28.61
CA ASP E 310 -15.12 -10.25 27.36
C ASP E 310 -16.26 -10.22 26.34
N ILE E 311 -16.40 -9.11 25.60
CA ILE E 311 -17.49 -8.96 24.63
C ILE E 311 -17.42 -9.94 23.44
N HIS E 312 -16.20 -10.34 23.06
CA HIS E 312 -16.01 -11.32 21.99
C HIS E 312 -15.70 -12.72 22.51
N GLN E 313 -16.04 -12.99 23.76
CA GLN E 313 -15.80 -14.32 24.32
C GLN E 313 -16.69 -15.38 23.63
N ARG E 314 -16.10 -16.54 23.37
CA ARG E 314 -16.81 -17.64 22.76
C ARG E 314 -17.55 -18.45 23.83
N ALA E 315 -18.47 -19.30 23.39
CA ALA E 315 -19.19 -20.19 24.27
C ALA E 315 -19.63 -21.39 23.45
N PRO E 316 -19.67 -22.57 24.08
CA PRO E 316 -20.21 -23.74 23.40
C PRO E 316 -21.73 -23.67 23.43
N VAL E 317 -22.40 -24.23 22.43
CA VAL E 317 -23.86 -24.23 22.44
C VAL E 317 -24.48 -25.56 22.01
N ILE E 318 -25.50 -25.96 22.76
CA ILE E 318 -26.34 -27.07 22.38
C ILE E 318 -27.74 -26.58 22.64
N LEU E 319 -28.56 -26.54 21.59
CA LEU E 319 -29.90 -25.96 21.69
C LEU E 319 -30.94 -26.67 20.85
N GLY E 320 -32.19 -26.52 21.24
CA GLY E 320 -33.29 -27.07 20.49
C GLY E 320 -34.39 -27.59 21.36
N SER E 321 -35.06 -28.63 20.89
CA SER E 321 -36.19 -29.23 21.60
C SER E 321 -35.80 -29.60 23.04
N PRO E 322 -36.72 -29.41 24.01
CA PRO E 322 -36.38 -29.83 25.37
C PRO E 322 -35.94 -31.31 25.49
N ASP E 323 -36.65 -32.23 24.85
CA ASP E 323 -36.31 -33.66 24.96
C ASP E 323 -34.99 -34.03 24.31
N ASP E 324 -34.57 -33.27 23.31
CA ASP E 324 -33.29 -33.56 22.66
C ASP E 324 -32.08 -33.02 23.43
N VAL E 325 -32.23 -31.85 24.08
CA VAL E 325 -31.13 -31.25 24.87
C VAL E 325 -30.95 -32.04 26.18
N LEU E 326 -32.06 -32.27 26.88
CA LEU E 326 -32.11 -33.16 28.05
C LEU E 326 -31.46 -34.52 27.79
N GLU E 327 -31.69 -35.08 26.61
CA GLU E 327 -31.03 -36.31 26.24
C GLU E 327 -29.52 -36.09 26.09
N PHE E 328 -29.14 -34.93 25.53
CA PHE E 328 -27.71 -34.63 25.39
C PHE E 328 -27.03 -34.50 26.73
N LEU E 329 -27.70 -33.83 27.66
CA LEU E 329 -27.14 -33.49 28.96
C LEU E 329 -26.93 -34.71 29.86
N LYS E 330 -27.75 -35.73 29.66
CA LYS E 330 -27.62 -36.99 30.41
C LYS E 330 -26.39 -37.77 29.94
N VAL E 331 -26.14 -37.77 28.63
CA VAL E 331 -24.90 -38.30 28.06
C VAL E 331 -23.70 -37.46 28.52
N TYR E 332 -23.87 -36.14 28.57
CA TYR E 332 -22.84 -35.24 29.11
C TYR E 332 -22.52 -35.57 30.59
N GLU E 333 -23.57 -35.73 31.41
CA GLU E 333 -23.43 -36.02 32.83
C GLU E 333 -22.75 -37.36 33.07
N LYS E 334 -23.33 -38.43 32.52
CA LYS E 334 -22.69 -39.75 32.46
C LYS E 334 -21.16 -39.64 32.28
N HIS E 335 -20.72 -38.77 31.37
CA HIS E 335 -19.29 -38.58 31.09
C HIS E 335 -18.58 -37.62 32.07
N SER E 336 -19.18 -37.41 33.24
CA SER E 336 -18.66 -36.57 34.33
C SER E 336 -18.98 -35.08 34.15
N ALA E 337 -18.11 -34.22 34.04
N ASP F 10 -17.21 -5.02 -20.59
CA ASP F 10 -18.65 -4.77 -20.91
C ASP F 10 -19.54 -5.66 -20.07
N VAL F 11 -20.56 -5.06 -19.45
CA VAL F 11 -21.67 -5.79 -18.86
C VAL F 11 -22.31 -6.78 -19.88
N ASN F 12 -22.72 -7.94 -19.39
CA ASN F 12 -23.40 -8.97 -20.19
C ASN F 12 -24.60 -9.44 -19.38
N THR F 13 -25.71 -9.71 -20.08
CA THR F 13 -26.90 -10.26 -19.46
C THR F 13 -27.04 -11.70 -19.95
N LEU F 14 -27.94 -12.47 -19.35
CA LEU F 14 -28.19 -13.83 -19.80
C LEU F 14 -28.61 -13.88 -21.26
N THR F 15 -29.58 -13.06 -21.62
CA THR F 15 -30.15 -13.09 -22.96
C THR F 15 -29.13 -12.74 -24.04
N ARG F 16 -28.40 -11.66 -23.81
CA ARG F 16 -27.39 -11.16 -24.71
C ARG F 16 -26.28 -12.19 -24.88
N PHE F 17 -25.84 -12.78 -23.77
CA PHE F 17 -24.80 -13.80 -23.79
C PHE F 17 -25.19 -15.01 -24.63
N VAL F 18 -26.38 -15.53 -24.37
CA VAL F 18 -26.90 -16.72 -25.04
C VAL F 18 -27.00 -16.48 -26.55
N MET F 19 -27.58 -15.34 -26.89
CA MET F 19 -27.77 -14.92 -28.25
C MET F 19 -26.46 -14.78 -29.03
N GLU F 20 -25.42 -14.25 -28.39
CA GLU F 20 -24.10 -14.12 -29.00
C GLU F 20 -23.48 -15.47 -29.32
N GLU F 21 -23.74 -16.46 -28.46
CA GLU F 21 -23.31 -17.84 -28.70
C GLU F 21 -24.11 -18.43 -29.84
N GLY F 22 -25.38 -18.07 -29.93
CA GLY F 22 -26.24 -18.56 -30.98
C GLY F 22 -25.93 -17.97 -32.34
N ARG F 23 -25.46 -16.72 -32.34
CA ARG F 23 -25.08 -16.00 -33.55
C ARG F 23 -23.77 -16.52 -34.10
N LYS F 24 -22.87 -16.92 -33.19
CA LYS F 24 -21.67 -17.65 -33.57
C LYS F 24 -22.05 -18.96 -34.25
N ALA F 25 -22.82 -19.80 -33.54
CA ALA F 25 -23.20 -21.14 -34.01
C ALA F 25 -24.18 -21.12 -35.18
N ARG F 26 -24.57 -19.93 -35.61
CA ARG F 26 -25.57 -19.73 -36.66
C ARG F 26 -26.90 -20.47 -36.41
N GLY F 27 -27.33 -20.52 -35.15
CA GLY F 27 -28.60 -21.15 -34.80
C GLY F 27 -29.79 -20.36 -35.30
N THR F 28 -30.96 -20.99 -35.29
CA THR F 28 -32.21 -20.35 -35.75
C THR F 28 -32.78 -19.33 -34.74
N GLY F 29 -32.32 -19.43 -33.49
CA GLY F 29 -32.83 -18.61 -32.39
C GLY F 29 -33.75 -19.36 -31.44
N GLU F 30 -33.91 -20.67 -31.67
CA GLU F 30 -34.89 -21.47 -30.93
C GLU F 30 -34.44 -21.79 -29.49
N LEU F 31 -33.15 -22.06 -29.32
CA LEU F 31 -32.58 -22.30 -27.99
C LEU F 31 -32.61 -21.03 -27.16
N THR F 32 -32.36 -19.90 -27.82
CA THR F 32 -32.41 -18.59 -27.20
C THR F 32 -33.84 -18.30 -26.70
N GLN F 33 -34.82 -18.48 -27.59
CA GLN F 33 -36.22 -18.36 -27.24
C GLN F 33 -36.55 -19.18 -25.98
N LEU F 34 -36.17 -20.45 -25.98
CA LEU F 34 -36.45 -21.35 -24.86
C LEU F 34 -35.79 -20.88 -23.56
N LEU F 35 -34.54 -20.48 -23.66
CA LEU F 35 -33.79 -20.04 -22.50
C LEU F 35 -34.30 -18.69 -21.92
N ASN F 36 -34.74 -17.78 -22.80
CA ASN F 36 -35.39 -16.55 -22.41
C ASN F 36 -36.69 -16.86 -21.64
N SER F 37 -37.49 -17.78 -22.17
CA SER F 37 -38.74 -18.18 -21.53
C SER F 37 -38.47 -18.73 -20.15
N LEU F 38 -37.46 -19.58 -20.08
CA LEU F 38 -37.09 -20.20 -18.82
C LEU F 38 -36.66 -19.17 -17.81
N CYS F 39 -35.87 -18.20 -18.27
CA CYS F 39 -35.39 -17.14 -17.40
C CYS F 39 -36.54 -16.27 -16.85
N THR F 40 -37.55 -16.02 -17.68
CA THR F 40 -38.81 -15.40 -17.26
C THR F 40 -39.57 -16.17 -16.16
N ALA F 41 -39.71 -17.49 -16.33
CA ALA F 41 -40.30 -18.36 -15.34
C ALA F 41 -39.50 -18.26 -14.04
N VAL F 42 -38.18 -18.32 -14.14
CA VAL F 42 -37.28 -18.31 -12.98
C VAL F 42 -37.41 -17.04 -12.13
N LYS F 43 -37.54 -15.87 -12.78
CA LYS F 43 -37.68 -14.59 -12.07
C LYS F 43 -39.03 -14.54 -11.35
N ALA F 44 -40.05 -15.11 -12.01
CA ALA F 44 -41.37 -15.27 -11.42
C ALA F 44 -41.35 -16.19 -10.21
N ILE F 45 -40.64 -17.31 -10.33
CA ILE F 45 -40.45 -18.22 -9.20
C ILE F 45 -39.74 -17.50 -8.04
N SER F 46 -38.61 -16.87 -8.35
CA SER F 46 -37.84 -16.11 -7.39
C SER F 46 -38.72 -15.14 -6.59
N SER F 47 -39.45 -14.28 -7.29
CA SER F 47 -40.40 -13.34 -6.70
C SER F 47 -41.36 -13.99 -5.71
N ALA F 48 -41.95 -15.12 -6.10
CA ALA F 48 -42.91 -15.80 -5.25
C ALA F 48 -42.22 -16.50 -4.07
N VAL F 49 -41.05 -17.07 -4.32
CA VAL F 49 -40.24 -17.71 -3.29
C VAL F 49 -39.84 -16.72 -2.20
N ARG F 50 -39.46 -15.50 -2.59
CA ARG F 50 -39.15 -14.38 -1.65
C ARG F 50 -40.41 -13.75 -1.02
N LYS F 51 -41.58 -14.26 -1.37
CA LYS F 51 -42.85 -13.94 -0.69
C LYS F 51 -43.38 -12.56 -1.00
N ALA F 52 -43.21 -12.12 -2.25
CA ALA F 52 -43.83 -10.88 -2.74
C ALA F 52 -45.33 -11.11 -2.77
N GLY F 53 -46.09 -10.18 -2.22
CA GLY F 53 -47.54 -10.34 -2.17
C GLY F 53 -48.07 -11.08 -0.96
N ILE F 54 -47.18 -11.57 -0.08
CA ILE F 54 -47.61 -12.31 1.10
C ILE F 54 -48.62 -11.54 1.99
N ALA F 55 -48.45 -10.24 2.13
CA ALA F 55 -49.37 -9.41 2.90
C ALA F 55 -50.83 -9.64 2.47
N HIS F 56 -51.05 -9.92 1.17
CA HIS F 56 -52.40 -10.13 0.64
C HIS F 56 -53.01 -11.42 1.11
N LEU F 57 -52.16 -12.43 1.24
CA LEU F 57 -52.56 -13.72 1.73
C LEU F 57 -52.95 -13.62 3.20
N TYR F 58 -52.43 -12.61 3.89
CA TYR F 58 -52.65 -12.41 5.31
C TYR F 58 -53.62 -11.26 5.60
N GLY F 59 -54.29 -10.82 4.55
CA GLY F 59 -55.50 -10.01 4.66
C GLY F 59 -55.31 -8.53 4.78
N ILE F 60 -54.29 -8.01 4.11
CA ILE F 60 -54.00 -6.58 4.09
C ILE F 60 -55.15 -5.81 3.44
N ALA F 61 -55.75 -6.41 2.41
CA ALA F 61 -56.94 -5.84 1.75
C ALA F 61 -58.29 -6.35 2.31
N GLY F 62 -58.25 -7.21 3.32
CA GLY F 62 -59.47 -7.76 3.91
C GLY F 62 -59.54 -9.27 3.79
N LYS F 73 -48.72 -25.38 -2.96
CA LYS F 73 -49.08 -24.30 -3.88
C LYS F 73 -47.86 -23.66 -4.56
N LEU F 74 -46.79 -23.45 -3.81
CA LEU F 74 -45.57 -22.86 -4.37
C LEU F 74 -44.86 -23.78 -5.39
N ASP F 75 -44.80 -25.07 -5.10
CA ASP F 75 -44.26 -26.02 -6.08
C ASP F 75 -45.20 -26.23 -7.28
N VAL F 76 -46.50 -26.09 -7.06
CA VAL F 76 -47.49 -26.08 -8.14
C VAL F 76 -47.37 -24.83 -9.03
N LEU F 77 -47.31 -23.64 -8.42
CA LEU F 77 -47.06 -22.38 -9.14
C LEU F 77 -45.78 -22.44 -10.00
N SER F 78 -44.68 -22.86 -9.37
CA SER F 78 -43.39 -23.04 -10.04
C SER F 78 -43.51 -23.91 -11.29
N ASN F 79 -44.07 -25.10 -11.12
CA ASN F 79 -44.35 -26.01 -12.22
C ASN F 79 -45.17 -25.37 -13.33
N ASP F 80 -46.25 -24.69 -12.95
CA ASP F 80 -47.08 -23.97 -13.91
C ASP F 80 -46.34 -22.84 -14.63
N LEU F 81 -45.52 -22.09 -13.89
CA LEU F 81 -44.71 -21.04 -14.52
C LEU F 81 -43.78 -21.63 -15.57
N VAL F 82 -42.99 -22.63 -15.19
CA VAL F 82 -42.07 -23.27 -16.13
C VAL F 82 -42.80 -23.92 -17.31
N MET F 83 -43.88 -24.67 -17.04
CA MET F 83 -44.62 -25.36 -18.11
C MET F 83 -45.22 -24.37 -19.06
N ASN F 84 -45.79 -23.30 -18.53
CA ASN F 84 -46.43 -22.33 -19.39
C ASN F 84 -45.43 -21.57 -20.23
N MET F 85 -44.29 -21.22 -19.63
CA MET F 85 -43.30 -20.39 -20.35
C MET F 85 -42.59 -21.19 -21.43
N LEU F 86 -42.13 -22.38 -21.08
CA LEU F 86 -41.59 -23.34 -22.05
C LEU F 86 -42.56 -23.68 -23.19
N LYS F 87 -43.84 -23.90 -22.90
CA LYS F 87 -44.80 -24.17 -23.99
C LYS F 87 -44.93 -23.03 -24.98
N SER F 88 -44.91 -21.80 -24.47
CA SER F 88 -45.22 -20.65 -25.30
C SER F 88 -43.99 -20.09 -26.02
N SER F 89 -42.83 -20.69 -25.77
CA SER F 89 -41.57 -20.27 -26.41
C SER F 89 -41.54 -20.73 -27.86
N PHE F 90 -42.40 -21.69 -28.19
CA PHE F 90 -42.41 -22.38 -29.50
C PHE F 90 -41.15 -23.25 -29.75
N ALA F 91 -40.40 -23.56 -28.69
CA ALA F 91 -39.08 -24.20 -28.83
C ALA F 91 -39.03 -25.64 -28.33
N THR F 92 -40.11 -26.10 -27.69
CA THR F 92 -40.12 -27.43 -27.12
C THR F 92 -41.15 -28.36 -27.79
N CYS F 93 -40.95 -29.66 -27.61
CA CYS F 93 -41.95 -30.63 -28.06
C CYS F 93 -42.35 -31.57 -26.92
N VAL F 94 -41.38 -31.91 -26.05
CA VAL F 94 -41.63 -32.77 -24.89
C VAL F 94 -41.06 -32.15 -23.62
N LEU F 95 -41.88 -32.09 -22.57
CA LEU F 95 -41.52 -31.54 -21.28
C LEU F 95 -41.70 -32.56 -20.17
N VAL F 96 -40.62 -32.83 -19.43
CA VAL F 96 -40.66 -33.74 -18.30
C VAL F 96 -40.40 -32.96 -17.01
N SER F 97 -41.31 -33.12 -16.05
CA SER F 97 -41.27 -32.40 -14.78
C SER F 97 -41.35 -33.36 -13.59
N GLU F 98 -40.65 -33.01 -12.52
CA GLU F 98 -40.80 -33.68 -11.24
C GLU F 98 -42.29 -33.79 -10.84
N GLU F 99 -43.08 -32.79 -11.21
CA GLU F 99 -44.44 -32.65 -10.70
C GLU F 99 -45.51 -33.34 -11.55
N ASP F 100 -45.12 -33.88 -12.69
CA ASP F 100 -46.06 -34.52 -13.59
C ASP F 100 -45.75 -36.00 -13.82
N LYS F 101 -46.77 -36.83 -13.67
CA LYS F 101 -46.67 -38.30 -13.77
C LYS F 101 -46.05 -38.82 -15.09
N HIS F 102 -46.45 -38.23 -16.21
CA HIS F 102 -45.95 -38.60 -17.53
C HIS F 102 -45.37 -37.36 -18.18
N ALA F 103 -44.59 -37.57 -19.25
CA ALA F 103 -44.10 -36.48 -20.08
C ALA F 103 -45.28 -35.69 -20.65
N ILE F 104 -45.05 -34.40 -20.87
CA ILE F 104 -46.03 -33.55 -21.53
C ILE F 104 -45.62 -33.38 -23.02
N ILE F 105 -46.55 -33.69 -23.92
CA ILE F 105 -46.32 -33.51 -25.34
C ILE F 105 -46.94 -32.18 -25.75
N VAL F 106 -46.07 -31.24 -26.12
CA VAL F 106 -46.48 -29.88 -26.51
C VAL F 106 -47.42 -29.91 -27.72
N GLU F 107 -48.49 -29.12 -27.67
CA GLU F 107 -49.49 -29.09 -28.75
C GLU F 107 -48.84 -28.73 -30.09
N PRO F 108 -49.32 -29.32 -31.21
CA PRO F 108 -48.63 -29.19 -32.51
C PRO F 108 -48.30 -27.75 -32.90
N GLU F 109 -49.19 -26.81 -32.58
CA GLU F 109 -48.98 -25.40 -32.96
C GLU F 109 -47.79 -24.77 -32.24
N LYS F 110 -47.60 -25.14 -30.96
CA LYS F 110 -46.55 -24.58 -30.10
C LYS F 110 -45.23 -25.37 -30.16
N ARG F 111 -45.17 -26.36 -31.06
CA ARG F 111 -44.12 -27.36 -31.04
C ARG F 111 -42.81 -26.84 -31.65
N GLY F 112 -41.69 -27.27 -31.06
CA GLY F 112 -40.34 -26.90 -31.49
C GLY F 112 -39.42 -28.06 -31.18
N LYS F 113 -38.13 -27.93 -31.45
CA LYS F 113 -37.26 -29.11 -31.51
C LYS F 113 -36.71 -29.61 -30.18
N TYR F 114 -36.95 -28.87 -29.11
CA TYR F 114 -36.29 -29.22 -27.85
C TYR F 114 -37.13 -29.99 -26.83
N VAL F 115 -36.41 -30.75 -26.00
CA VAL F 115 -36.99 -31.56 -24.95
C VAL F 115 -36.36 -31.04 -23.65
N VAL F 116 -37.20 -30.74 -22.66
CA VAL F 116 -36.74 -30.17 -21.39
C VAL F 116 -37.17 -31.02 -20.20
N CYS F 117 -36.19 -31.42 -19.39
CA CYS F 117 -36.45 -32.07 -18.10
C CYS F 117 -36.14 -31.09 -16.98
N PHE F 118 -37.12 -30.81 -16.13
CA PHE F 118 -36.91 -29.84 -15.07
C PHE F 118 -37.48 -30.27 -13.74
N ASP F 119 -36.91 -29.73 -12.68
CA ASP F 119 -37.46 -29.81 -11.34
C ASP F 119 -37.79 -28.38 -11.00
N PRO F 120 -39.09 -28.01 -11.07
CA PRO F 120 -39.44 -26.58 -10.98
C PRO F 120 -39.13 -25.92 -9.62
N LEU F 121 -39.19 -26.68 -8.53
CA LEU F 121 -38.82 -26.14 -7.22
C LEU F 121 -38.19 -27.19 -6.30
N ASP F 122 -36.94 -27.54 -6.60
CA ASP F 122 -36.19 -28.52 -5.81
C ASP F 122 -35.97 -28.04 -4.39
N GLY F 123 -36.15 -28.96 -3.45
CA GLY F 123 -35.95 -28.67 -2.03
C GLY F 123 -37.12 -28.01 -1.34
N SER F 124 -38.24 -27.85 -2.02
CA SER F 124 -39.40 -27.16 -1.45
C SER F 124 -40.11 -27.91 -0.31
N SER F 125 -39.81 -29.19 -0.10
CA SER F 125 -40.43 -29.94 1.00
C SER F 125 -40.10 -29.32 2.38
N ASN F 126 -38.90 -28.75 2.51
CA ASN F 126 -38.48 -28.02 3.71
C ASN F 126 -38.55 -26.48 3.56
N ILE F 127 -39.27 -25.98 2.55
CA ILE F 127 -39.38 -24.51 2.33
C ILE F 127 -40.01 -23.78 3.55
N ASP F 128 -40.69 -24.56 4.40
CA ASP F 128 -41.21 -24.13 5.70
C ASP F 128 -40.14 -23.55 6.61
N CYS F 129 -38.89 -23.93 6.40
CA CYS F 129 -37.83 -23.42 7.26
C CYS F 129 -36.96 -22.42 6.54
N LEU F 130 -37.47 -21.91 5.42
CA LEU F 130 -36.80 -20.92 4.58
C LEU F 130 -35.44 -21.36 4.05
N VAL F 131 -35.26 -22.67 3.90
CA VAL F 131 -34.05 -23.24 3.30
C VAL F 131 -33.97 -22.88 1.80
N SER F 132 -32.76 -22.63 1.31
CA SER F 132 -32.51 -22.39 -0.12
C SER F 132 -33.25 -23.41 -1.00
N VAL F 133 -33.83 -22.93 -2.09
CA VAL F 133 -34.47 -23.82 -3.08
C VAL F 133 -33.97 -23.49 -4.49
N GLY F 134 -34.39 -24.26 -5.47
CA GLY F 134 -33.91 -24.04 -6.83
C GLY F 134 -34.75 -24.67 -7.90
N THR F 135 -34.43 -24.34 -9.13
CA THR F 135 -35.04 -24.92 -10.33
C THR F 135 -33.86 -25.57 -11.08
N ILE F 136 -34.02 -26.84 -11.47
CA ILE F 136 -32.99 -27.57 -12.21
C ILE F 136 -33.54 -27.93 -13.56
N PHE F 137 -32.75 -27.77 -14.63
CA PHE F 137 -33.23 -28.05 -15.98
C PHE F 137 -32.18 -28.72 -16.87
N GLY F 138 -32.67 -29.54 -17.81
CA GLY F 138 -31.83 -30.18 -18.80
C GLY F 138 -32.49 -30.10 -20.15
N ILE F 139 -31.73 -29.68 -21.16
CA ILE F 139 -32.28 -29.47 -22.48
C ILE F 139 -31.66 -30.44 -23.51
N TYR F 140 -32.53 -31.16 -24.22
CA TYR F 140 -32.13 -32.04 -25.31
C TYR F 140 -32.75 -31.57 -26.61
N ARG F 141 -32.17 -32.01 -27.71
CA ARG F 141 -32.76 -31.85 -29.02
C ARG F 141 -33.47 -33.15 -29.32
N LYS F 142 -34.64 -33.06 -29.94
CA LYS F 142 -35.38 -34.26 -30.35
C LYS F 142 -34.48 -35.15 -31.24
N LYS F 143 -34.49 -36.46 -30.97
CA LYS F 143 -33.64 -37.41 -31.70
C LYS F 143 -34.34 -37.94 -32.95
N SER F 144 -35.50 -38.55 -32.74
CA SER F 144 -36.30 -39.15 -33.81
C SER F 144 -36.97 -38.11 -34.70
N THR F 145 -37.43 -38.57 -35.87
CA THR F 145 -38.29 -37.77 -36.75
C THR F 145 -39.72 -38.35 -36.74
N ASP F 146 -39.92 -39.34 -35.86
CA ASP F 146 -41.25 -39.79 -35.44
C ASP F 146 -41.94 -38.64 -34.72
N GLU F 147 -43.23 -38.80 -34.42
CA GLU F 147 -43.97 -37.80 -33.64
C GLU F 147 -43.26 -37.67 -32.27
N PRO F 148 -43.24 -36.46 -31.70
CA PRO F 148 -42.72 -36.35 -30.33
C PRO F 148 -43.41 -37.33 -29.37
N SER F 149 -42.62 -37.92 -28.48
CA SER F 149 -43.10 -38.85 -27.47
C SER F 149 -42.18 -38.81 -26.26
N GLU F 150 -42.56 -39.51 -25.21
CA GLU F 150 -41.82 -39.55 -23.96
C GLU F 150 -40.45 -40.21 -24.17
N LYS F 151 -40.31 -40.95 -25.26
CA LYS F 151 -39.02 -41.57 -25.61
C LYS F 151 -37.93 -40.53 -25.85
N ASP F 152 -38.34 -39.36 -26.35
CA ASP F 152 -37.43 -38.24 -26.66
C ASP F 152 -36.71 -37.64 -25.44
N ALA F 153 -37.24 -37.93 -24.25
CA ALA F 153 -36.66 -37.49 -22.98
C ALA F 153 -35.80 -38.56 -22.35
N LEU F 154 -35.79 -39.75 -22.95
CA LEU F 154 -35.01 -40.84 -22.41
C LEU F 154 -33.71 -40.97 -23.18
N GLN F 155 -32.90 -39.91 -23.09
CA GLN F 155 -31.57 -39.88 -23.69
C GLN F 155 -30.57 -39.92 -22.54
N PRO F 156 -29.35 -40.42 -22.78
CA PRO F 156 -28.39 -40.29 -21.69
C PRO F 156 -28.02 -38.81 -21.49
N GLY F 157 -27.49 -38.48 -20.31
CA GLY F 157 -27.02 -37.13 -20.03
C GLY F 157 -26.02 -36.63 -21.08
N ARG F 158 -25.23 -37.56 -21.64
CA ARG F 158 -24.27 -37.25 -22.72
C ARG F 158 -24.87 -36.45 -23.87
N ASN F 159 -26.18 -36.56 -24.13
CA ASN F 159 -26.78 -35.85 -25.27
C ASN F 159 -27.25 -34.43 -24.97
N LEU F 160 -27.05 -33.98 -23.73
CA LEU F 160 -27.53 -32.65 -23.31
C LEU F 160 -26.96 -31.53 -24.15
N VAL F 161 -27.84 -30.65 -24.62
CA VAL F 161 -27.48 -29.43 -25.33
C VAL F 161 -27.13 -28.32 -24.32
N ALA F 162 -27.89 -28.28 -23.23
CA ALA F 162 -27.66 -27.31 -22.17
C ALA F 162 -28.35 -27.80 -20.91
N ALA F 163 -27.81 -27.37 -19.78
CA ALA F 163 -28.37 -27.67 -18.49
C ALA F 163 -27.89 -26.64 -17.48
N GLY F 164 -28.58 -26.61 -16.35
CA GLY F 164 -28.22 -25.71 -15.28
C GLY F 164 -29.28 -25.64 -14.21
N TYR F 165 -29.19 -24.61 -13.40
CA TYR F 165 -30.13 -24.40 -12.32
C TYR F 165 -30.22 -22.94 -11.92
N ALA F 166 -31.33 -22.61 -11.26
CA ALA F 166 -31.46 -21.36 -10.56
C ALA F 166 -31.51 -21.65 -9.05
N LEU F 167 -30.65 -20.95 -8.30
CA LEU F 167 -30.63 -21.07 -6.87
C LEU F 167 -31.33 -19.85 -6.29
N TYR F 168 -32.34 -20.09 -5.46
CA TYR F 168 -32.99 -19.03 -4.71
C TYR F 168 -32.48 -19.11 -3.28
N GLY F 169 -31.26 -18.58 -3.09
CA GLY F 169 -30.59 -18.60 -1.80
C GLY F 169 -30.55 -17.23 -1.19
N SER F 170 -29.41 -16.88 -0.59
CA SER F 170 -29.24 -15.49 -0.10
C SER F 170 -29.52 -14.49 -1.27
N ALA F 171 -29.05 -14.83 -2.46
CA ALA F 171 -29.43 -14.11 -3.69
C ALA F 171 -29.85 -15.16 -4.69
N THR F 172 -30.51 -14.73 -5.77
CA THR F 172 -30.89 -15.61 -6.87
C THR F 172 -29.84 -15.60 -7.99
N MET F 173 -29.36 -16.78 -8.32
CA MET F 173 -28.35 -16.97 -9.37
C MET F 173 -28.78 -18.08 -10.32
N LEU F 174 -28.66 -17.80 -11.62
CA LEU F 174 -28.84 -18.82 -12.62
C LEU F 174 -27.47 -19.36 -13.09
N VAL F 175 -27.28 -20.67 -12.95
CA VAL F 175 -26.08 -21.33 -13.46
C VAL F 175 -26.40 -22.05 -14.76
N LEU F 176 -25.80 -21.59 -15.85
CA LEU F 176 -26.03 -22.19 -17.16
C LEU F 176 -24.76 -22.82 -17.74
N ALA F 177 -24.89 -24.09 -18.12
CA ALA F 177 -23.82 -24.86 -18.70
C ALA F 177 -24.19 -25.16 -20.15
N MET F 178 -23.24 -24.91 -21.04
CA MET F 178 -23.36 -25.27 -22.44
C MET F 178 -22.02 -25.78 -22.89
N ASP F 179 -21.86 -25.98 -24.19
CA ASP F 179 -20.60 -26.45 -24.77
C ASP F 179 -19.45 -25.51 -24.44
N CYS F 180 -19.69 -24.21 -24.62
CA CYS F 180 -18.70 -23.16 -24.35
C CYS F 180 -18.19 -23.09 -22.92
N GLY F 181 -18.86 -23.78 -21.98
CA GLY F 181 -18.46 -23.79 -20.57
C GLY F 181 -19.60 -23.53 -19.62
N VAL F 182 -19.28 -23.24 -18.35
CA VAL F 182 -20.27 -22.92 -17.32
C VAL F 182 -20.23 -21.42 -16.94
N ASN F 183 -21.39 -20.75 -16.98
CA ASN F 183 -21.47 -19.34 -16.60
C ASN F 183 -22.51 -19.05 -15.52
N CYS F 184 -22.21 -18.08 -14.66
CA CYS F 184 -23.04 -17.75 -13.49
C CYS F 184 -23.59 -16.37 -13.64
N PHE F 185 -24.92 -16.27 -13.59
CA PHE F 185 -25.65 -15.03 -13.76
C PHE F 185 -26.40 -14.69 -12.48
N MET F 186 -26.18 -13.49 -11.94
CA MET F 186 -26.92 -13.05 -10.76
C MET F 186 -28.19 -12.27 -11.16
N LEU F 187 -29.35 -12.67 -10.62
CA LEU F 187 -30.55 -11.86 -10.76
C LEU F 187 -30.47 -10.59 -9.90
N ASP F 188 -30.42 -9.44 -10.57
CA ASP F 188 -30.56 -8.14 -9.94
C ASP F 188 -32.05 -7.84 -9.83
N PRO F 189 -32.63 -7.97 -8.61
CA PRO F 189 -34.09 -7.77 -8.47
C PRO F 189 -34.59 -6.34 -8.68
N ALA F 190 -33.69 -5.35 -8.63
CA ALA F 190 -34.07 -3.97 -8.91
C ALA F 190 -34.56 -3.82 -10.35
N ILE F 191 -33.93 -4.56 -11.26
CA ILE F 191 -34.21 -4.42 -12.69
C ILE F 191 -34.72 -5.69 -13.37
N GLY F 192 -34.77 -6.79 -12.62
CA GLY F 192 -35.21 -8.08 -13.16
C GLY F 192 -34.35 -8.51 -14.35
N GLU F 193 -33.06 -8.63 -14.12
CA GLU F 193 -32.12 -8.94 -15.18
C GLU F 193 -31.02 -9.82 -14.61
N PHE F 194 -30.68 -10.89 -15.34
CA PHE F 194 -29.59 -11.78 -14.95
C PHE F 194 -28.24 -11.28 -15.41
N ILE F 195 -27.40 -10.84 -14.47
CA ILE F 195 -26.12 -10.24 -14.78
C ILE F 195 -25.03 -11.28 -14.76
N LEU F 196 -24.25 -11.35 -15.84
CA LEU F 196 -23.11 -12.29 -15.88
C LEU F 196 -22.02 -11.87 -14.88
N VAL F 197 -21.75 -12.73 -13.90
CA VAL F 197 -20.83 -12.39 -12.82
C VAL F 197 -19.60 -13.32 -12.70
N ASP F 198 -19.78 -14.59 -13.04
CA ASP F 198 -18.68 -15.57 -13.03
C ASP F 198 -18.62 -16.23 -14.40
N LYS F 199 -17.49 -16.06 -15.07
CA LYS F 199 -17.35 -16.50 -16.46
C LYS F 199 -16.52 -17.76 -16.58
N ASP F 200 -16.95 -18.64 -17.49
CA ASP F 200 -16.24 -19.86 -17.83
C ASP F 200 -15.71 -20.56 -16.57
N VAL F 201 -16.63 -20.87 -15.64
CA VAL F 201 -16.29 -21.34 -14.30
C VAL F 201 -15.75 -22.77 -14.31
N LYS F 202 -14.74 -22.99 -13.47
CA LYS F 202 -14.11 -24.30 -13.31
C LYS F 202 -14.07 -24.58 -11.82
N ILE F 203 -14.33 -25.84 -11.47
CA ILE F 203 -14.22 -26.31 -10.08
C ILE F 203 -12.76 -26.68 -9.72
N LYS F 204 -12.39 -26.46 -8.47
CA LYS F 204 -11.08 -26.85 -7.96
C LYS F 204 -10.82 -28.32 -8.25
N LYS F 205 -9.58 -28.61 -8.64
CA LYS F 205 -9.08 -29.97 -8.68
C LYS F 205 -9.50 -30.73 -7.40
N LYS F 206 -9.41 -30.09 -6.24
CA LYS F 206 -9.68 -30.74 -4.96
C LYS F 206 -10.18 -29.75 -3.92
N GLY F 207 -11.19 -30.16 -3.14
CA GLY F 207 -11.79 -29.33 -2.11
C GLY F 207 -11.54 -29.85 -0.71
N LYS F 208 -12.15 -29.22 0.28
CA LYS F 208 -11.97 -29.58 1.69
C LYS F 208 -13.30 -29.74 2.42
N ILE F 209 -14.38 -29.93 1.68
CA ILE F 209 -15.74 -30.03 2.26
C ILE F 209 -16.46 -31.22 1.65
N TYR F 210 -17.05 -32.06 2.49
CA TYR F 210 -17.87 -33.19 2.02
C TYR F 210 -19.32 -33.02 2.49
N SER F 211 -20.23 -33.48 1.64
CA SER F 211 -21.63 -33.16 1.79
C SER F 211 -22.52 -34.39 1.62
N LEU F 212 -23.11 -34.85 2.73
CA LEU F 212 -24.15 -35.90 2.72
C LEU F 212 -24.94 -35.95 4.04
N ASN F 213 -26.11 -36.58 3.98
CA ASN F 213 -26.94 -36.79 5.18
C ASN F 213 -26.34 -37.96 5.96
N GLU F 214 -25.60 -37.64 7.02
CA GLU F 214 -24.93 -38.69 7.78
C GLU F 214 -25.89 -39.44 8.73
N GLY F 215 -27.17 -39.09 8.66
CA GLY F 215 -28.21 -39.70 9.50
C GLY F 215 -28.52 -41.11 9.05
N TYR F 216 -28.29 -41.38 7.77
CA TYR F 216 -28.45 -42.71 7.20
C TYR F 216 -27.20 -43.57 7.42
N ALA F 217 -26.33 -43.14 8.32
CA ALA F 217 -25.11 -43.91 8.67
C ALA F 217 -25.40 -45.40 8.84
N LYS F 218 -26.48 -45.71 9.56
CA LYS F 218 -26.90 -47.10 9.82
C LYS F 218 -26.99 -47.92 8.53
N ASP F 219 -27.28 -47.26 7.41
CA ASP F 219 -27.56 -47.93 6.12
C ASP F 219 -26.49 -47.80 5.04
N PHE F 220 -25.44 -47.01 5.26
CA PHE F 220 -24.42 -46.79 4.22
C PHE F 220 -23.79 -48.09 3.69
N ASP F 221 -23.59 -48.12 2.37
CA ASP F 221 -22.70 -49.07 1.71
C ASP F 221 -21.29 -48.91 2.31
N PRO F 222 -20.68 -50.02 2.79
CA PRO F 222 -19.32 -50.06 3.29
C PRO F 222 -18.32 -49.05 2.68
N ALA F 223 -18.38 -48.84 1.36
CA ALA F 223 -17.45 -47.94 0.69
C ALA F 223 -17.67 -46.47 1.08
N VAL F 224 -18.92 -46.11 1.35
CA VAL F 224 -19.26 -44.77 1.78
C VAL F 224 -18.86 -44.55 3.24
N THR F 225 -19.06 -45.57 4.07
CA THR F 225 -18.62 -45.49 5.47
C THR F 225 -17.11 -45.20 5.52
N GLU F 226 -16.34 -45.91 4.68
CA GLU F 226 -14.89 -45.80 4.67
C GLU F 226 -14.47 -44.44 4.15
N TYR F 227 -14.97 -44.08 2.97
CA TYR F 227 -14.74 -42.76 2.41
C TYR F 227 -14.98 -41.66 3.45
N ILE F 228 -16.12 -41.72 4.14
CA ILE F 228 -16.47 -40.70 5.12
C ILE F 228 -15.49 -40.69 6.29
N GLN F 229 -15.17 -41.86 6.84
CA GLN F 229 -14.17 -41.97 7.91
C GLN F 229 -12.84 -41.37 7.50
N ARG F 230 -12.44 -41.58 6.25
CA ARG F 230 -11.24 -40.95 5.70
C ARG F 230 -11.29 -39.42 5.73
N LYS F 231 -12.49 -38.85 5.64
CA LYS F 231 -12.64 -37.39 5.66
C LYS F 231 -12.44 -36.84 7.05
N LYS F 232 -12.94 -37.54 8.06
CA LYS F 232 -12.89 -37.08 9.45
C LYS F 232 -11.59 -37.47 10.17
N PHE F 233 -11.04 -38.63 9.79
CA PHE F 233 -9.84 -39.18 10.42
C PHE F 233 -8.87 -39.53 9.31
N PRO F 234 -8.24 -38.52 8.68
CA PRO F 234 -7.53 -38.73 7.40
C PRO F 234 -6.36 -39.71 7.52
N PRO F 235 -5.94 -40.33 6.39
CA PRO F 235 -4.82 -41.26 6.43
C PRO F 235 -3.44 -40.64 6.08
N ASP F 236 -3.14 -39.44 6.63
CA ASP F 236 -1.86 -38.75 6.34
C ASP F 236 -1.52 -37.47 7.14
N ASN F 237 -2.22 -37.23 8.24
CA ASN F 237 -2.05 -35.98 9.04
C ASN F 237 -2.31 -34.65 8.28
N SER F 238 -2.95 -34.72 7.11
CA SER F 238 -3.57 -33.52 6.52
C SER F 238 -4.86 -33.25 7.29
N ALA F 239 -5.35 -32.00 7.24
CA ALA F 239 -6.50 -31.59 8.04
C ALA F 239 -7.80 -32.33 7.65
N PRO F 240 -8.62 -32.73 8.66
CA PRO F 240 -9.92 -33.32 8.37
C PRO F 240 -10.84 -32.35 7.62
N TYR F 241 -11.50 -32.84 6.58
CA TYR F 241 -12.53 -32.09 5.83
C TYR F 241 -13.58 -31.46 6.75
N GLY F 242 -14.21 -30.37 6.28
CA GLY F 242 -15.39 -29.81 6.96
C GLY F 242 -16.66 -30.44 6.43
N ALA F 243 -17.72 -30.46 7.22
CA ALA F 243 -19.00 -31.02 6.76
C ALA F 243 -20.06 -29.94 6.49
N ARG F 244 -20.73 -30.05 5.35
CA ARG F 244 -21.84 -29.13 5.02
C ARG F 244 -22.97 -29.90 4.36
N TYR F 245 -24.19 -29.66 4.84
CA TYR F 245 -25.34 -30.32 4.25
C TYR F 245 -26.59 -29.52 4.48
N VAL F 246 -26.96 -28.73 3.47
CA VAL F 246 -28.15 -27.90 3.53
C VAL F 246 -29.38 -28.82 3.53
N GLY F 247 -29.36 -29.85 2.70
CA GLY F 247 -30.53 -30.72 2.55
C GLY F 247 -31.35 -30.32 1.32
N SER F 248 -30.90 -29.29 0.63
CA SER F 248 -31.51 -28.88 -0.61
C SER F 248 -30.40 -29.05 -1.65
N MET F 249 -30.65 -29.92 -2.63
CA MET F 249 -29.63 -30.34 -3.59
C MET F 249 -28.98 -29.18 -4.34
N VAL F 250 -29.79 -28.23 -4.82
CA VAL F 250 -29.29 -27.11 -5.60
C VAL F 250 -28.27 -26.30 -4.80
N ALA F 251 -28.53 -26.12 -3.51
CA ALA F 251 -27.63 -25.36 -2.64
C ALA F 251 -26.34 -26.11 -2.33
N ASP F 252 -26.45 -27.42 -2.16
CA ASP F 252 -25.26 -28.22 -1.87
C ASP F 252 -24.38 -28.37 -3.08
N VAL F 253 -24.98 -28.66 -4.22
CA VAL F 253 -24.26 -28.73 -5.48
C VAL F 253 -23.59 -27.39 -5.89
N HIS F 254 -24.20 -26.27 -5.56
CA HIS F 254 -23.64 -24.96 -5.92
C HIS F 254 -22.42 -24.65 -5.08
N ARG F 255 -22.54 -24.86 -3.77
CA ARG F 255 -21.42 -24.68 -2.87
C ARG F 255 -20.26 -25.55 -3.34
N THR F 256 -20.56 -26.79 -3.70
CA THR F 256 -19.58 -27.71 -4.29
C THR F 256 -18.91 -27.12 -5.52
N LEU F 257 -19.68 -26.51 -6.42
CA LEU F 257 -19.13 -25.86 -7.61
C LEU F 257 -18.19 -24.71 -7.25
N VAL F 258 -18.59 -23.92 -6.27
CA VAL F 258 -17.94 -22.65 -5.93
C VAL F 258 -16.77 -22.82 -4.94
N TYR F 259 -16.93 -23.72 -3.97
CA TYR F 259 -15.87 -23.99 -2.99
C TYR F 259 -15.10 -25.28 -3.28
N GLY F 260 -15.73 -26.20 -4.00
CA GLY F 260 -15.15 -27.49 -4.27
C GLY F 260 -15.47 -28.47 -3.17
N GLY F 261 -15.02 -29.70 -3.34
CA GLY F 261 -15.27 -30.74 -2.40
C GLY F 261 -16.14 -31.76 -3.09
N ILE F 262 -16.98 -32.42 -2.31
CA ILE F 262 -17.74 -33.55 -2.87
C ILE F 262 -19.15 -33.59 -2.30
N PHE F 263 -20.11 -33.91 -3.17
CA PHE F 263 -21.51 -34.09 -2.78
C PHE F 263 -21.90 -35.53 -3.03
N LEU F 264 -22.52 -36.15 -2.03
CA LEU F 264 -22.98 -37.55 -2.10
C LEU F 264 -24.48 -37.76 -1.78
N TYR F 265 -25.19 -38.40 -2.71
CA TYR F 265 -26.46 -39.08 -2.40
C TYR F 265 -26.38 -40.50 -2.95
N PRO F 266 -25.75 -41.41 -2.19
CA PRO F 266 -25.35 -42.67 -2.79
C PRO F 266 -26.39 -43.78 -2.65
N ALA F 267 -26.26 -44.78 -3.51
CA ALA F 267 -26.98 -46.03 -3.38
C ALA F 267 -26.61 -46.72 -2.06
N ASN F 268 -27.63 -47.17 -1.34
CA ASN F 268 -27.45 -48.14 -0.24
C ASN F 268 -28.20 -49.46 -0.55
N LYS F 269 -28.50 -50.29 0.45
CA LYS F 269 -29.30 -51.50 0.19
C LYS F 269 -30.81 -51.21 0.20
N LYS F 270 -31.23 -50.26 1.03
CA LYS F 270 -32.63 -49.80 1.08
C LYS F 270 -33.03 -49.02 -0.18
N SER F 271 -32.13 -48.19 -0.69
CA SER F 271 -32.32 -47.49 -1.97
C SER F 271 -31.17 -47.87 -2.91
N PRO F 272 -31.33 -48.96 -3.68
CA PRO F 272 -30.25 -49.46 -4.52
C PRO F 272 -29.92 -48.55 -5.72
N ASN F 273 -30.89 -47.74 -6.14
CA ASN F 273 -30.71 -46.80 -7.24
C ASN F 273 -30.71 -45.35 -6.76
N GLY F 274 -30.37 -45.11 -5.48
CA GLY F 274 -30.34 -43.76 -4.92
C GLY F 274 -31.73 -43.22 -4.61
N LYS F 275 -31.83 -41.91 -4.37
CA LYS F 275 -33.12 -41.27 -4.09
C LYS F 275 -33.40 -40.14 -5.08
N LEU F 276 -32.35 -39.53 -5.61
CA LEU F 276 -32.48 -38.40 -6.52
C LEU F 276 -32.77 -38.87 -7.94
N ARG F 277 -33.43 -38.02 -8.70
CA ARG F 277 -33.99 -38.38 -9.98
C ARG F 277 -33.00 -38.17 -11.09
N LEU F 278 -32.89 -39.17 -11.95
CA LEU F 278 -31.92 -39.15 -13.03
C LEU F 278 -32.06 -37.94 -13.98
N LEU F 279 -33.25 -37.74 -14.56
CA LEU F 279 -33.41 -36.80 -15.69
C LEU F 279 -33.34 -35.33 -15.35
N TYR F 280 -33.89 -34.94 -14.19
CA TYR F 280 -34.05 -33.53 -13.85
C TYR F 280 -33.34 -33.13 -12.56
N GLU F 281 -32.51 -34.03 -12.02
CA GLU F 281 -31.69 -33.67 -10.86
C GLU F 281 -30.26 -34.06 -11.15
N CYS F 282 -30.01 -35.35 -11.39
CA CYS F 282 -28.65 -35.89 -11.53
C CYS F 282 -27.99 -35.49 -12.83
N ASN F 283 -28.68 -35.67 -13.95
CA ASN F 283 -28.13 -35.34 -15.24
C ASN F 283 -27.76 -33.87 -15.38
N PRO F 284 -28.73 -32.96 -15.14
CA PRO F 284 -28.35 -31.54 -15.28
C PRO F 284 -27.11 -31.16 -14.47
N MET F 285 -27.03 -31.68 -13.23
CA MET F 285 -25.93 -31.38 -12.33
C MET F 285 -24.65 -32.10 -12.69
N ALA F 286 -24.77 -33.32 -13.19
CA ALA F 286 -23.62 -34.05 -13.75
C ALA F 286 -23.02 -33.24 -14.91
N TYR F 287 -23.90 -32.68 -15.73
CA TYR F 287 -23.52 -31.88 -16.88
C TYR F 287 -22.82 -30.57 -16.50
N VAL F 288 -23.37 -29.84 -15.54
CA VAL F 288 -22.71 -28.64 -15.03
C VAL F 288 -21.36 -29.00 -14.43
N MET F 289 -21.32 -30.10 -13.67
CA MET F 289 -20.09 -30.54 -13.04
C MET F 289 -19.03 -30.84 -14.07
N GLU F 290 -19.38 -31.61 -15.10
CA GLU F 290 -18.39 -31.97 -16.11
C GLU F 290 -17.89 -30.78 -16.94
N LYS F 291 -18.80 -29.87 -17.28
CA LYS F 291 -18.45 -28.64 -17.99
C LYS F 291 -17.56 -27.74 -17.14
N ALA F 292 -17.63 -27.87 -15.83
CA ALA F 292 -16.77 -27.11 -14.92
C ALA F 292 -15.48 -27.87 -14.61
N GLY F 293 -15.24 -28.93 -15.37
CA GLY F 293 -14.04 -29.74 -15.18
C GLY F 293 -14.14 -30.66 -13.98
N GLY F 294 -15.35 -30.90 -13.50
CA GLY F 294 -15.57 -31.75 -12.32
C GLY F 294 -16.10 -33.11 -12.72
N MET F 295 -16.49 -33.90 -11.74
CA MET F 295 -17.00 -35.25 -12.02
C MET F 295 -18.35 -35.58 -11.37
N ALA F 296 -19.07 -36.51 -11.98
CA ALA F 296 -20.32 -37.04 -11.43
C ALA F 296 -20.51 -38.51 -11.82
N THR F 297 -20.55 -39.36 -10.80
CA THR F 297 -20.67 -40.82 -10.98
C THR F 297 -21.80 -41.42 -10.16
N THR F 298 -22.35 -42.52 -10.63
CA THR F 298 -23.25 -43.33 -9.82
C THR F 298 -22.47 -44.27 -8.90
N GLY F 299 -21.14 -44.29 -9.05
CA GLY F 299 -20.32 -45.32 -8.42
C GLY F 299 -19.90 -46.37 -9.44
N LYS F 300 -20.85 -46.83 -10.25
CA LYS F 300 -20.63 -47.84 -11.29
C LYS F 300 -20.21 -47.22 -12.63
N GLU F 301 -20.81 -46.09 -12.97
CA GLU F 301 -20.54 -45.40 -14.24
C GLU F 301 -20.77 -43.89 -14.08
N ALA F 302 -20.39 -43.12 -15.09
CA ALA F 302 -20.69 -41.70 -15.13
C ALA F 302 -22.19 -41.49 -15.29
N VAL F 303 -22.74 -40.62 -14.45
CA VAL F 303 -24.17 -40.25 -14.50
C VAL F 303 -24.64 -39.98 -15.93
N LEU F 304 -23.86 -39.18 -16.66
CA LEU F 304 -24.20 -38.80 -18.04
C LEU F 304 -24.24 -39.97 -19.01
N ASP F 305 -23.68 -41.11 -18.62
CA ASP F 305 -23.68 -42.31 -19.49
C ASP F 305 -24.89 -43.23 -19.28
N VAL F 306 -25.67 -43.01 -18.23
CA VAL F 306 -26.78 -43.89 -17.88
C VAL F 306 -27.90 -43.70 -18.90
N ILE F 307 -28.38 -44.81 -19.48
CA ILE F 307 -29.49 -44.74 -20.42
C ILE F 307 -30.78 -44.98 -19.64
N PRO F 308 -31.61 -43.93 -19.48
CA PRO F 308 -32.86 -44.08 -18.74
C PRO F 308 -33.86 -44.99 -19.44
N THR F 309 -34.69 -45.64 -18.64
CA THR F 309 -35.79 -46.43 -19.13
C THR F 309 -37.10 -45.85 -18.61
N ASP F 310 -37.00 -44.99 -17.59
CA ASP F 310 -38.14 -44.35 -16.96
C ASP F 310 -37.86 -42.91 -16.58
N ILE F 311 -38.79 -41.99 -16.87
CA ILE F 311 -38.58 -40.55 -16.56
C ILE F 311 -38.43 -40.20 -15.07
N HIS F 312 -38.99 -41.01 -14.18
CA HIS F 312 -38.87 -40.70 -12.76
C HIS F 312 -37.87 -41.62 -12.07
N GLN F 313 -37.07 -42.34 -12.88
CA GLN F 313 -36.09 -43.26 -12.36
C GLN F 313 -35.03 -42.55 -11.55
N ARG F 314 -34.47 -43.27 -10.59
CA ARG F 314 -33.54 -42.68 -9.64
C ARG F 314 -32.13 -43.07 -9.98
N ALA F 315 -31.17 -42.36 -9.39
CA ALA F 315 -29.75 -42.65 -9.60
C ALA F 315 -28.96 -42.28 -8.37
N PRO F 316 -27.97 -43.11 -8.00
CA PRO F 316 -27.05 -42.65 -6.97
C PRO F 316 -26.22 -41.55 -7.59
N VAL F 317 -25.76 -40.59 -6.80
CA VAL F 317 -24.92 -39.53 -7.33
C VAL F 317 -23.82 -39.19 -6.33
N ILE F 318 -22.58 -39.24 -6.81
CA ILE F 318 -21.43 -38.71 -6.09
C ILE F 318 -20.77 -37.74 -7.05
N LEU F 319 -20.66 -36.48 -6.65
CA LEU F 319 -20.17 -35.44 -7.55
C LEU F 319 -19.30 -34.41 -6.86
N GLY F 320 -18.58 -33.64 -7.66
CA GLY F 320 -17.71 -32.62 -7.10
C GLY F 320 -16.36 -32.51 -7.78
N SER F 321 -15.40 -31.99 -7.02
CA SER F 321 -14.00 -31.88 -7.47
C SER F 321 -13.48 -33.23 -7.93
N PRO F 322 -12.75 -33.25 -9.07
CA PRO F 322 -12.29 -34.54 -9.64
C PRO F 322 -11.44 -35.41 -8.68
N ASP F 323 -10.46 -34.82 -7.99
CA ASP F 323 -9.65 -35.59 -7.04
C ASP F 323 -10.51 -36.21 -5.95
N ASP F 324 -11.56 -35.49 -5.55
CA ASP F 324 -12.44 -35.98 -4.48
C ASP F 324 -13.32 -37.15 -4.92
N VAL F 325 -13.89 -37.03 -6.12
CA VAL F 325 -14.71 -38.10 -6.71
C VAL F 325 -13.85 -39.32 -7.05
N LEU F 326 -12.68 -39.08 -7.65
CA LEU F 326 -11.71 -40.16 -7.96
C LEU F 326 -11.26 -40.90 -6.73
N GLU F 327 -11.19 -40.19 -5.61
CA GLU F 327 -10.86 -40.81 -4.35
C GLU F 327 -12.03 -41.70 -3.88
N PHE F 328 -13.25 -41.19 -4.02
CA PHE F 328 -14.41 -41.99 -3.64
C PHE F 328 -14.43 -43.28 -4.44
N LEU F 329 -14.31 -43.15 -5.76
CA LEU F 329 -14.35 -44.28 -6.67
C LEU F 329 -13.32 -45.37 -6.34
N LYS F 330 -12.13 -44.97 -5.89
CA LYS F 330 -11.08 -45.92 -5.52
C LYS F 330 -11.51 -46.77 -4.33
N VAL F 331 -12.14 -46.14 -3.33
CA VAL F 331 -12.71 -46.86 -2.19
C VAL F 331 -13.85 -47.77 -2.68
N TYR F 332 -14.68 -47.23 -3.59
CA TYR F 332 -15.80 -47.98 -4.15
C TYR F 332 -15.36 -49.21 -4.97
N GLU F 333 -14.45 -48.98 -5.92
CA GLU F 333 -13.95 -50.03 -6.80
C GLU F 333 -13.08 -51.05 -6.07
N LYS F 334 -12.64 -50.69 -4.88
CA LYS F 334 -11.90 -51.58 -4.00
C LYS F 334 -12.87 -52.57 -3.35
N HIS F 335 -13.82 -52.06 -2.56
CA HIS F 335 -14.86 -52.89 -1.93
C HIS F 335 -15.49 -53.81 -2.95
N SER F 336 -15.66 -53.31 -4.18
CA SER F 336 -15.85 -54.12 -5.39
C SER F 336 -16.72 -53.42 -6.42
N ALA F 337 -17.57 -52.60 -6.06
N ASP G 10 -28.85 13.26 10.21
CA ASP G 10 -29.41 11.90 10.44
C ASP G 10 -30.62 11.60 9.54
N VAL G 11 -30.59 10.43 8.91
CA VAL G 11 -31.74 9.84 8.22
C VAL G 11 -32.98 9.85 9.13
N ASN G 12 -34.11 10.21 8.55
CA ASN G 12 -35.37 10.08 9.23
C ASN G 12 -36.35 9.37 8.31
N THR G 13 -37.21 8.57 8.92
CA THR G 13 -38.24 7.87 8.19
C THR G 13 -39.56 8.42 8.71
N LEU G 14 -40.63 8.18 7.97
CA LEU G 14 -41.95 8.60 8.40
C LEU G 14 -42.33 8.03 9.78
N THR G 15 -42.10 6.73 9.98
CA THR G 15 -42.42 6.05 11.24
C THR G 15 -41.72 6.67 12.44
N ARG G 16 -40.43 6.96 12.28
CA ARG G 16 -39.63 7.57 13.34
C ARG G 16 -40.05 9.00 13.56
N PHE G 17 -40.33 9.71 12.47
CA PHE G 17 -40.71 11.11 12.54
C PHE G 17 -42.03 11.32 13.30
N VAL G 18 -43.05 10.55 12.93
CA VAL G 18 -44.37 10.64 13.53
C VAL G 18 -44.27 10.30 15.04
N MET G 19 -43.70 9.15 15.33
CA MET G 19 -43.49 8.68 16.69
C MET G 19 -42.84 9.73 17.60
N GLU G 20 -41.85 10.44 17.07
CA GLU G 20 -41.16 11.50 17.81
C GLU G 20 -42.01 12.75 18.03
N GLU G 21 -42.82 13.11 17.05
CA GLU G 21 -43.81 14.17 17.23
C GLU G 21 -44.79 13.83 18.36
N GLY G 22 -45.14 12.55 18.45
CA GLY G 22 -46.10 12.07 19.43
C GLY G 22 -45.58 12.02 20.84
N ARG G 23 -44.30 11.66 20.99
CA ARG G 23 -43.62 11.67 22.28
C ARG G 23 -43.44 13.09 22.77
N LYS G 24 -43.13 14.01 21.87
CA LYS G 24 -43.09 15.43 22.24
C LYS G 24 -44.45 15.90 22.81
N ALA G 25 -45.53 15.55 22.13
CA ALA G 25 -46.88 15.95 22.55
C ALA G 25 -47.47 15.04 23.63
N ARG G 26 -46.73 14.01 24.01
CA ARG G 26 -47.12 13.05 25.05
C ARG G 26 -48.51 12.44 24.83
N GLY G 27 -48.83 12.13 23.57
CA GLY G 27 -50.09 11.47 23.24
C GLY G 27 -50.07 9.99 23.54
N THR G 28 -51.23 9.36 23.36
CA THR G 28 -51.40 7.94 23.66
C THR G 28 -50.77 6.97 22.64
N GLY G 29 -50.43 7.46 21.45
CA GLY G 29 -49.91 6.62 20.39
C GLY G 29 -50.94 6.24 19.34
N GLU G 30 -52.20 6.64 19.56
CA GLU G 30 -53.31 6.31 18.68
C GLU G 30 -53.19 6.93 17.28
N LEU G 31 -52.83 8.20 17.21
CA LEU G 31 -52.59 8.83 15.92
C LEU G 31 -51.41 8.20 15.15
N THR G 32 -50.33 7.91 15.88
CA THR G 32 -49.15 7.22 15.32
C THR G 32 -49.48 5.86 14.71
N GLN G 33 -50.28 5.06 15.41
CA GLN G 33 -50.77 3.78 14.87
C GLN G 33 -51.58 3.99 13.60
N LEU G 34 -52.51 4.94 13.64
CA LEU G 34 -53.32 5.31 12.48
C LEU G 34 -52.42 5.61 11.27
N LEU G 35 -51.45 6.51 11.47
CA LEU G 35 -50.54 6.96 10.44
C LEU G 35 -49.63 5.87 9.89
N ASN G 36 -49.23 4.93 10.74
CA ASN G 36 -48.48 3.76 10.29
C ASN G 36 -49.31 2.74 9.52
N SER G 37 -50.56 2.52 9.95
CA SER G 37 -51.51 1.73 9.19
C SER G 37 -51.75 2.35 7.82
N LEU G 38 -51.98 3.65 7.80
CA LEU G 38 -52.20 4.37 6.53
C LEU G 38 -50.99 4.28 5.58
N CYS G 39 -49.79 4.33 6.14
CA CYS G 39 -48.56 4.27 5.37
C CYS G 39 -48.33 2.89 4.78
N THR G 40 -48.72 1.84 5.51
CA THR G 40 -48.66 0.49 5.00
C THR G 40 -49.57 0.31 3.80
N ALA G 41 -50.81 0.78 3.96
CA ALA G 41 -51.80 0.79 2.87
C ALA G 41 -51.25 1.53 1.66
N VAL G 42 -50.62 2.67 1.89
CA VAL G 42 -50.03 3.48 0.81
C VAL G 42 -48.93 2.71 0.03
N LYS G 43 -48.09 1.97 0.74
CA LYS G 43 -47.06 1.11 0.13
C LYS G 43 -47.65 0.02 -0.74
N ALA G 44 -48.76 -0.55 -0.28
CA ALA G 44 -49.42 -1.62 -1.01
C ALA G 44 -50.16 -1.05 -2.21
N ILE G 45 -50.76 0.12 -2.07
CA ILE G 45 -51.33 0.79 -3.22
C ILE G 45 -50.23 1.09 -4.27
N SER G 46 -49.09 1.62 -3.83
CA SER G 46 -48.01 1.98 -4.77
C SER G 46 -47.56 0.77 -5.59
N SER G 47 -47.47 -0.38 -4.94
CA SER G 47 -47.03 -1.59 -5.59
C SER G 47 -47.99 -2.08 -6.66
N ALA G 48 -49.28 -1.92 -6.38
CA ALA G 48 -50.33 -2.30 -7.32
C ALA G 48 -50.46 -1.29 -8.49
N VAL G 49 -50.34 0.00 -8.18
CA VAL G 49 -50.35 1.07 -9.19
C VAL G 49 -49.18 0.91 -10.21
N ARG G 50 -47.98 0.63 -9.70
CA ARG G 50 -46.78 0.38 -10.52
C ARG G 50 -46.84 -0.99 -11.22
N LYS G 51 -47.98 -1.67 -11.10
CA LYS G 51 -48.26 -2.95 -11.78
C LYS G 51 -47.42 -4.16 -11.38
N ALA G 52 -47.00 -4.25 -10.11
CA ALA G 52 -46.33 -5.50 -9.66
C ALA G 52 -47.29 -6.71 -9.78
N GLY G 53 -46.82 -7.80 -10.43
CA GLY G 53 -47.63 -9.01 -10.56
C GLY G 53 -48.59 -9.11 -11.73
N ILE G 54 -48.56 -8.11 -12.59
CA ILE G 54 -49.43 -8.03 -13.76
C ILE G 54 -49.21 -9.16 -14.75
N ALA G 55 -47.97 -9.66 -14.84
CA ALA G 55 -47.67 -10.84 -15.67
C ALA G 55 -48.62 -12.00 -15.33
N HIS G 56 -49.01 -12.09 -14.06
CA HIS G 56 -49.93 -13.15 -13.64
C HIS G 56 -51.34 -12.96 -14.21
N LEU G 57 -51.78 -11.70 -14.25
CA LEU G 57 -53.02 -11.34 -14.91
C LEU G 57 -53.02 -11.76 -16.38
N TYR G 58 -51.86 -11.62 -17.02
CA TYR G 58 -51.74 -11.87 -18.46
C TYR G 58 -51.30 -13.27 -18.86
N GLY G 59 -51.25 -14.18 -17.90
CA GLY G 59 -51.14 -15.62 -18.17
C GLY G 59 -49.77 -16.29 -18.09
N ILE G 60 -48.87 -15.73 -17.27
CA ILE G 60 -47.49 -16.23 -17.16
C ILE G 60 -47.44 -17.66 -16.62
N ALA G 61 -48.36 -17.98 -15.71
CA ALA G 61 -48.54 -19.33 -15.15
C ALA G 61 -49.68 -20.16 -15.76
N GLY G 62 -50.30 -19.67 -16.83
CA GLY G 62 -51.33 -20.43 -17.54
C GLY G 62 -52.69 -19.75 -17.49
N LYS G 73 -60.14 -4.61 -9.78
CA LYS G 73 -59.97 -3.23 -10.22
C LYS G 73 -59.20 -2.41 -9.18
N LEU G 74 -58.39 -1.48 -9.67
CA LEU G 74 -57.39 -0.81 -8.86
C LEU G 74 -58.02 0.07 -7.79
N ASP G 75 -59.03 0.85 -8.17
CA ASP G 75 -59.70 1.74 -7.21
C ASP G 75 -60.38 0.97 -6.08
N VAL G 76 -60.94 -0.18 -6.40
CA VAL G 76 -61.55 -1.06 -5.41
C VAL G 76 -60.47 -1.59 -4.45
N LEU G 77 -59.38 -2.11 -4.98
CA LEU G 77 -58.29 -2.63 -4.14
C LEU G 77 -57.68 -1.57 -3.25
N SER G 78 -57.48 -0.36 -3.77
CA SER G 78 -56.94 0.74 -3.00
C SER G 78 -57.83 1.12 -1.82
N ASN G 79 -59.15 1.11 -2.06
CA ASN G 79 -60.12 1.38 -1.02
C ASN G 79 -60.09 0.31 0.07
N ASP G 80 -60.17 -0.96 -0.35
CA ASP G 80 -60.07 -2.09 0.56
C ASP G 80 -58.80 -2.07 1.39
N LEU G 81 -57.68 -1.72 0.77
CA LEU G 81 -56.42 -1.57 1.47
C LEU G 81 -56.51 -0.47 2.55
N VAL G 82 -56.95 0.73 2.17
CA VAL G 82 -57.03 1.82 3.14
C VAL G 82 -58.07 1.46 4.21
N MET G 83 -59.27 1.04 3.81
CA MET G 83 -60.31 0.60 4.75
C MET G 83 -59.84 -0.44 5.76
N ASN G 84 -59.24 -1.52 5.26
CA ASN G 84 -58.81 -2.60 6.15
C ASN G 84 -57.67 -2.18 7.09
N MET G 85 -56.72 -1.40 6.59
CA MET G 85 -55.59 -0.99 7.42
C MET G 85 -56.04 -0.05 8.54
N LEU G 86 -56.98 0.85 8.23
CA LEU G 86 -57.51 1.80 9.22
C LEU G 86 -58.40 1.16 10.27
N LYS G 87 -59.32 0.30 9.85
CA LYS G 87 -60.17 -0.43 10.82
C LYS G 87 -59.32 -1.16 11.82
N SER G 88 -58.26 -1.81 11.34
CA SER G 88 -57.41 -2.66 12.17
C SER G 88 -56.33 -1.89 12.95
N SER G 89 -56.28 -0.58 12.74
CA SER G 89 -55.35 0.27 13.48
C SER G 89 -55.81 0.46 14.93
N PHE G 90 -57.10 0.17 15.16
CA PHE G 90 -57.80 0.45 16.43
C PHE G 90 -57.86 1.95 16.79
N ALA G 91 -57.61 2.79 15.79
CA ALA G 91 -57.54 4.24 15.98
C ALA G 91 -58.70 5.05 15.37
N THR G 92 -59.62 4.40 14.67
CA THR G 92 -60.66 5.11 13.91
C THR G 92 -62.09 4.67 14.27
N CYS G 93 -63.06 5.56 14.09
CA CYS G 93 -64.46 5.16 14.32
C CYS G 93 -65.34 5.35 13.09
N VAL G 94 -65.05 6.42 12.34
CA VAL G 94 -65.86 6.78 11.20
C VAL G 94 -64.92 6.93 9.99
N LEU G 95 -65.27 6.29 8.89
CA LEU G 95 -64.44 6.35 7.67
C LEU G 95 -65.24 6.83 6.45
N VAL G 96 -64.84 7.96 5.88
CA VAL G 96 -65.43 8.41 4.61
C VAL G 96 -64.45 8.21 3.43
N SER G 97 -64.90 7.42 2.47
CA SER G 97 -64.16 7.15 1.26
C SER G 97 -64.96 7.60 0.04
N GLU G 98 -64.23 8.16 -0.92
CA GLU G 98 -64.75 8.42 -2.24
C GLU G 98 -65.51 7.20 -2.82
N GLU G 99 -65.03 5.98 -2.56
CA GLU G 99 -65.64 4.75 -3.08
C GLU G 99 -66.93 4.34 -2.39
N ASP G 100 -67.18 4.86 -1.19
CA ASP G 100 -68.34 4.40 -0.42
C ASP G 100 -69.43 5.46 -0.30
N LYS G 101 -70.61 5.09 -0.77
CA LYS G 101 -71.80 5.94 -0.74
C LYS G 101 -72.06 6.53 0.64
N HIS G 102 -72.05 5.69 1.67
CA HIS G 102 -72.24 6.16 3.03
C HIS G 102 -70.94 6.07 3.85
N ALA G 103 -70.90 6.77 4.98
CA ALA G 103 -69.78 6.62 5.89
C ALA G 103 -69.73 5.17 6.35
N ILE G 104 -68.52 4.66 6.54
CA ILE G 104 -68.32 3.37 7.16
C ILE G 104 -68.07 3.60 8.65
N ILE G 105 -68.91 2.98 9.47
CA ILE G 105 -68.81 3.04 10.93
C ILE G 105 -68.05 1.80 11.41
N VAL G 106 -66.85 1.99 11.94
CA VAL G 106 -66.00 0.88 12.41
C VAL G 106 -66.70 0.06 13.51
N GLU G 107 -66.59 -1.27 13.44
CA GLU G 107 -67.22 -2.15 14.45
C GLU G 107 -66.73 -1.82 15.87
N PRO G 108 -67.62 -1.98 16.89
CA PRO G 108 -67.29 -1.53 18.25
C PRO G 108 -65.90 -1.92 18.77
N GLU G 109 -65.51 -3.18 18.60
CA GLU G 109 -64.27 -3.69 19.19
C GLU G 109 -63.00 -3.07 18.61
N LYS G 110 -63.12 -2.41 17.45
CA LYS G 110 -61.95 -1.81 16.80
C LYS G 110 -62.02 -0.28 16.76
N ARG G 111 -63.02 0.31 17.41
CA ARG G 111 -63.19 1.77 17.39
C ARG G 111 -62.12 2.48 18.15
N GLY G 112 -61.58 3.53 17.53
CA GLY G 112 -60.72 4.48 18.20
C GLY G 112 -61.37 5.83 18.09
N LYS G 113 -60.58 6.89 18.27
CA LYS G 113 -61.13 8.22 18.42
C LYS G 113 -61.09 9.13 17.19
N TYR G 114 -60.49 8.65 16.11
CA TYR G 114 -60.32 9.47 14.92
C TYR G 114 -61.33 9.19 13.79
N VAL G 115 -61.69 10.25 13.07
CA VAL G 115 -62.49 10.20 11.85
C VAL G 115 -61.53 10.46 10.67
N VAL G 116 -61.60 9.62 9.65
CA VAL G 116 -60.72 9.74 8.47
C VAL G 116 -61.52 9.82 7.16
N CYS G 117 -61.25 10.86 6.37
CA CYS G 117 -61.87 11.05 5.05
C CYS G 117 -60.74 10.90 4.04
N PHE G 118 -60.90 10.02 3.07
CA PHE G 118 -59.88 9.81 2.08
C PHE G 118 -60.46 9.55 0.68
N ASP G 119 -59.65 9.87 -0.34
CA ASP G 119 -59.82 9.35 -1.69
C ASP G 119 -58.69 8.33 -1.89
N PRO G 120 -59.03 7.03 -1.99
CA PRO G 120 -57.94 6.05 -2.02
C PRO G 120 -57.10 6.03 -3.30
N LEU G 121 -57.72 6.35 -4.43
CA LEU G 121 -57.00 6.46 -5.70
C LEU G 121 -57.51 7.60 -6.58
N ASP G 122 -57.17 8.82 -6.20
CA ASP G 122 -57.58 10.02 -6.90
C ASP G 122 -56.92 10.11 -8.27
N GLY G 123 -57.74 10.47 -9.26
CA GLY G 123 -57.29 10.70 -10.63
C GLY G 123 -57.37 9.45 -11.48
N SER G 124 -57.83 8.35 -10.87
CA SER G 124 -57.83 7.02 -11.49
C SER G 124 -58.79 6.84 -12.67
N SER G 125 -59.74 7.75 -12.84
CA SER G 125 -60.62 7.68 -14.01
C SER G 125 -59.78 7.64 -15.29
N ASN G 126 -58.65 8.36 -15.28
CA ASN G 126 -57.69 8.42 -16.39
C ASN G 126 -56.38 7.63 -16.23
N ILE G 127 -56.37 6.61 -15.35
CA ILE G 127 -55.17 5.79 -15.11
C ILE G 127 -54.82 4.85 -16.30
N ASP G 128 -55.74 4.74 -17.25
CA ASP G 128 -55.52 4.00 -18.48
C ASP G 128 -54.46 4.62 -19.38
N CYS G 129 -54.16 5.90 -19.16
CA CYS G 129 -53.07 6.56 -19.86
C CYS G 129 -51.85 6.74 -18.95
N LEU G 130 -51.83 6.06 -17.81
CA LEU G 130 -50.71 6.10 -16.85
C LEU G 130 -50.39 7.47 -16.28
N VAL G 131 -51.41 8.30 -16.19
CA VAL G 131 -51.32 9.59 -15.46
C VAL G 131 -50.93 9.33 -13.98
N SER G 132 -50.17 10.26 -13.39
CA SER G 132 -49.98 10.34 -11.95
C SER G 132 -51.33 10.21 -11.22
N VAL G 133 -51.38 9.35 -10.20
CA VAL G 133 -52.55 9.23 -9.32
C VAL G 133 -52.12 9.44 -7.87
N GLY G 134 -53.09 9.45 -6.95
CA GLY G 134 -52.74 9.59 -5.54
C GLY G 134 -53.81 9.20 -4.55
N THR G 135 -53.43 9.21 -3.28
CA THR G 135 -54.32 8.96 -2.14
C THR G 135 -54.38 10.25 -1.32
N ILE G 136 -55.55 10.84 -1.15
CA ILE G 136 -55.67 12.06 -0.36
C ILE G 136 -56.33 11.69 0.97
N PHE G 137 -55.86 12.25 2.08
CA PHE G 137 -56.49 11.95 3.37
C PHE G 137 -56.56 13.17 4.29
N GLY G 138 -57.62 13.22 5.10
CA GLY G 138 -57.73 14.20 6.20
C GLY G 138 -58.17 13.45 7.46
N ILE G 139 -57.57 13.80 8.60
CA ILE G 139 -57.85 13.12 9.86
C ILE G 139 -58.44 14.07 10.90
N TYR G 140 -59.59 13.68 11.44
CA TYR G 140 -60.27 14.45 12.49
C TYR G 140 -60.36 13.63 13.76
N ARG G 141 -60.33 14.31 14.91
CA ARG G 141 -60.78 13.73 16.17
C ARG G 141 -62.32 13.76 16.16
N LYS G 142 -62.97 12.63 16.46
CA LYS G 142 -64.42 12.62 16.68
C LYS G 142 -64.74 13.69 17.72
N LYS G 143 -65.66 14.58 17.39
CA LYS G 143 -65.93 15.75 18.22
C LYS G 143 -67.13 15.54 19.15
N SER G 144 -68.16 14.88 18.61
CA SER G 144 -69.41 14.63 19.30
C SER G 144 -69.27 13.43 20.22
N THR G 145 -70.05 13.44 21.29
CA THR G 145 -70.13 12.33 22.23
C THR G 145 -71.25 11.35 21.88
N ASP G 146 -71.94 11.60 20.77
CA ASP G 146 -72.98 10.70 20.27
C ASP G 146 -72.38 9.39 19.74
N GLU G 147 -73.24 8.40 19.57
CA GLU G 147 -72.83 7.15 18.95
C GLU G 147 -72.25 7.50 17.56
N PRO G 148 -71.11 6.87 17.18
CA PRO G 148 -70.43 7.29 15.95
C PRO G 148 -71.34 7.19 14.74
N SER G 149 -71.34 8.24 13.93
CA SER G 149 -72.20 8.31 12.76
C SER G 149 -71.56 9.16 11.65
N GLU G 150 -72.28 9.28 10.54
CA GLU G 150 -71.83 10.03 9.35
C GLU G 150 -71.57 11.49 9.68
N LYS G 151 -72.34 12.01 10.63
CA LYS G 151 -72.25 13.38 11.14
C LYS G 151 -70.86 13.74 11.63
N ASP G 152 -70.16 12.74 12.17
CA ASP G 152 -68.80 12.94 12.71
C ASP G 152 -67.74 13.32 11.66
N ALA G 153 -68.07 13.15 10.38
CA ALA G 153 -67.17 13.48 9.28
C ALA G 153 -67.46 14.87 8.74
N LEU G 154 -68.56 15.45 9.23
CA LEU G 154 -69.07 16.73 8.75
C LEU G 154 -68.52 17.92 9.53
N GLN G 155 -67.23 17.85 9.86
CA GLN G 155 -66.51 18.94 10.52
C GLN G 155 -65.81 19.82 9.47
N PRO G 156 -65.71 21.14 9.75
CA PRO G 156 -64.95 22.01 8.86
C PRO G 156 -63.45 21.67 8.88
N GLY G 157 -62.79 21.90 7.75
CA GLY G 157 -61.36 21.63 7.62
C GLY G 157 -60.49 22.27 8.66
N ARG G 158 -60.95 23.36 9.27
CA ARG G 158 -60.23 24.03 10.36
C ARG G 158 -59.91 23.07 11.50
N ASN G 159 -60.79 22.08 11.67
CA ASN G 159 -60.70 21.06 12.72
C ASN G 159 -59.68 19.93 12.44
N LEU G 160 -59.03 19.95 11.28
CA LEU G 160 -58.13 18.85 10.93
C LEU G 160 -57.00 18.71 11.94
N VAL G 161 -56.68 17.46 12.24
CA VAL G 161 -55.58 17.14 13.13
C VAL G 161 -54.31 16.84 12.30
N ALA G 162 -54.52 16.25 11.13
CA ALA G 162 -53.45 15.84 10.23
C ALA G 162 -54.10 15.58 8.89
N ALA G 163 -53.34 15.79 7.83
CA ALA G 163 -53.83 15.59 6.47
C ALA G 163 -52.62 15.52 5.58
N GLY G 164 -52.83 14.96 4.40
CA GLY G 164 -51.78 14.97 3.40
C GLY G 164 -52.17 14.09 2.26
N TYR G 165 -51.17 13.68 1.48
CA TYR G 165 -51.42 12.83 0.33
C TYR G 165 -50.22 11.95 0.00
N ALA G 166 -50.47 10.84 -0.67
CA ALA G 166 -49.43 10.12 -1.39
C ALA G 166 -49.61 10.40 -2.86
N LEU G 167 -48.49 10.68 -3.53
CA LEU G 167 -48.47 10.86 -4.98
C LEU G 167 -47.67 9.71 -5.59
N TYR G 168 -48.31 8.99 -6.51
CA TYR G 168 -47.71 7.90 -7.29
C TYR G 168 -47.36 8.44 -8.66
N GLY G 169 -46.30 9.23 -8.72
CA GLY G 169 -45.88 9.87 -9.95
C GLY G 169 -44.73 9.07 -10.49
N SER G 170 -43.71 9.79 -10.96
CA SER G 170 -42.44 9.21 -11.39
C SER G 170 -41.77 8.46 -10.22
N ALA G 171 -41.92 9.00 -9.01
CA ALA G 171 -41.67 8.27 -7.75
C ALA G 171 -42.92 8.39 -6.87
N THR G 172 -42.97 7.61 -5.80
CA THR G 172 -44.04 7.70 -4.81
C THR G 172 -43.56 8.55 -3.61
N MET G 173 -44.34 9.57 -3.27
CA MET G 173 -44.03 10.42 -2.13
C MET G 173 -45.25 10.60 -1.23
N LEU G 174 -45.04 10.53 0.10
CA LEU G 174 -46.06 10.96 1.07
C LEU G 174 -45.77 12.39 1.53
N VAL G 175 -46.76 13.27 1.38
CA VAL G 175 -46.68 14.59 1.94
C VAL G 175 -47.62 14.62 3.16
N LEU G 176 -47.02 14.88 4.32
CA LEU G 176 -47.79 14.89 5.56
C LEU G 176 -47.77 16.28 6.21
N ALA G 177 -48.98 16.85 6.37
CA ALA G 177 -49.16 18.07 7.14
C ALA G 177 -49.71 17.81 8.56
N MET G 178 -49.12 18.49 9.53
CA MET G 178 -49.53 18.44 10.92
C MET G 178 -49.32 19.83 11.48
N ASP G 179 -49.48 19.99 12.79
CA ASP G 179 -49.30 21.29 13.45
C ASP G 179 -47.86 21.80 13.31
N CYS G 180 -46.90 20.89 13.35
CA CYS G 180 -45.47 21.19 13.12
C CYS G 180 -45.11 21.64 11.69
N GLY G 181 -46.07 21.56 10.76
CA GLY G 181 -45.80 21.91 9.38
C GLY G 181 -45.92 20.75 8.40
N VAL G 182 -45.33 20.95 7.21
CA VAL G 182 -45.46 20.03 6.11
C VAL G 182 -44.13 19.32 5.85
N ASN G 183 -44.18 17.99 5.85
CA ASN G 183 -42.99 17.17 5.67
C ASN G 183 -43.20 16.14 4.56
N CYS G 184 -42.18 15.99 3.71
CA CYS G 184 -42.27 15.18 2.49
C CYS G 184 -41.36 13.98 2.58
N PHE G 185 -41.94 12.80 2.41
CA PHE G 185 -41.23 11.55 2.55
C PHE G 185 -41.23 10.80 1.21
N MET G 186 -40.05 10.56 0.67
CA MET G 186 -39.92 9.78 -0.57
C MET G 186 -39.96 8.30 -0.26
N LEU G 187 -40.79 7.56 -0.97
CA LEU G 187 -40.76 6.11 -0.82
C LEU G 187 -39.62 5.46 -1.62
N ASP G 188 -38.72 4.81 -0.89
CA ASP G 188 -37.68 3.92 -1.44
C ASP G 188 -38.24 2.50 -1.59
N PRO G 189 -38.57 2.11 -2.83
CA PRO G 189 -39.22 0.80 -3.01
C PRO G 189 -38.26 -0.39 -2.78
N ALA G 190 -36.96 -0.15 -2.66
CA ALA G 190 -36.01 -1.23 -2.36
C ALA G 190 -36.12 -1.73 -0.91
N ILE G 191 -36.56 -0.85 -0.02
CA ILE G 191 -36.68 -1.19 1.39
C ILE G 191 -38.08 -1.04 2.00
N GLY G 192 -39.04 -0.49 1.24
CA GLY G 192 -40.37 -0.20 1.77
C GLY G 192 -40.34 0.76 2.94
N GLU G 193 -39.67 1.90 2.72
CA GLU G 193 -39.49 2.87 3.76
C GLU G 193 -39.69 4.26 3.17
N PHE G 194 -40.41 5.10 3.91
CA PHE G 194 -40.69 6.47 3.54
C PHE G 194 -39.61 7.35 4.15
N ILE G 195 -38.75 7.90 3.32
CA ILE G 195 -37.56 8.63 3.77
C ILE G 195 -37.86 10.11 3.77
N LEU G 196 -37.55 10.80 4.86
CA LEU G 196 -37.78 12.23 4.93
C LEU G 196 -36.77 12.97 4.07
N VAL G 197 -37.28 13.67 3.06
CA VAL G 197 -36.40 14.34 2.09
C VAL G 197 -36.58 15.84 2.05
N ASP G 198 -37.77 16.34 2.38
CA ASP G 198 -37.97 17.78 2.45
C ASP G 198 -38.67 18.13 3.77
N LYS G 199 -38.00 18.93 4.60
CA LYS G 199 -38.53 19.21 5.94
C LYS G 199 -39.17 20.58 5.98
N ASP G 200 -40.25 20.70 6.77
CA ASP G 200 -40.90 21.99 7.04
C ASP G 200 -41.04 22.83 5.79
N VAL G 201 -41.79 22.28 4.85
CA VAL G 201 -41.90 22.79 3.50
C VAL G 201 -42.81 24.03 3.48
N LYS G 202 -42.31 25.11 2.89
CA LYS G 202 -43.11 26.32 2.66
C LYS G 202 -43.21 26.55 1.16
N ILE G 203 -44.41 26.90 0.72
CA ILE G 203 -44.69 27.27 -0.67
C ILE G 203 -44.13 28.66 -0.95
N LYS G 204 -43.62 28.85 -2.17
CA LYS G 204 -43.21 30.18 -2.65
C LYS G 204 -44.32 31.23 -2.49
N LYS G 205 -43.91 32.43 -2.08
CA LYS G 205 -44.82 33.58 -1.96
C LYS G 205 -45.62 33.81 -3.26
N LYS G 206 -44.98 33.60 -4.39
CA LYS G 206 -45.59 33.84 -5.69
C LYS G 206 -44.93 32.94 -6.75
N GLY G 207 -45.75 32.30 -7.56
CA GLY G 207 -45.26 31.35 -8.57
C GLY G 207 -45.47 31.84 -10.00
N LYS G 208 -45.13 31.01 -10.97
CA LYS G 208 -45.22 31.42 -12.37
C LYS G 208 -45.96 30.40 -13.23
N ILE G 209 -46.78 29.57 -12.59
CA ILE G 209 -47.57 28.54 -13.26
C ILE G 209 -49.02 28.62 -12.83
N TYR G 210 -49.95 28.61 -13.77
CA TYR G 210 -51.35 28.48 -13.40
C TYR G 210 -51.87 27.15 -13.93
N SER G 211 -52.85 26.60 -13.22
CA SER G 211 -53.30 25.25 -13.49
C SER G 211 -54.81 25.08 -13.40
N LEU G 212 -55.46 24.93 -14.54
CA LEU G 212 -56.89 24.62 -14.58
C LEU G 212 -57.27 24.04 -15.92
N ASN G 213 -58.46 23.47 -15.99
CA ASN G 213 -59.02 23.03 -17.25
C ASN G 213 -59.64 24.20 -18.02
N GLU G 214 -58.88 24.78 -18.96
CA GLU G 214 -59.38 25.87 -19.79
C GLU G 214 -60.44 25.43 -20.81
N GLY G 215 -60.65 24.12 -20.95
CA GLY G 215 -61.74 23.58 -21.74
C GLY G 215 -63.12 24.08 -21.31
N TYR G 216 -63.23 24.52 -20.06
CA TYR G 216 -64.49 25.08 -19.56
C TYR G 216 -64.55 26.59 -19.70
N ALA G 217 -63.70 27.16 -20.56
CA ALA G 217 -63.63 28.63 -20.74
C ALA G 217 -64.99 29.29 -20.98
N LYS G 218 -65.87 28.58 -21.68
CA LYS G 218 -67.19 29.09 -22.02
C LYS G 218 -68.10 29.19 -20.78
N ASP G 219 -67.81 28.38 -19.75
CA ASP G 219 -68.58 28.35 -18.50
C ASP G 219 -68.02 29.22 -17.39
N PHE G 220 -66.78 29.67 -17.50
CA PHE G 220 -66.15 30.43 -16.43
C PHE G 220 -66.93 31.68 -16.03
N ASP G 221 -67.01 31.93 -14.73
CA ASP G 221 -67.48 33.21 -14.24
C ASP G 221 -66.47 34.31 -14.67
N PRO G 222 -66.93 35.57 -14.84
CA PRO G 222 -66.06 36.67 -15.30
C PRO G 222 -64.74 36.87 -14.51
N ALA G 223 -64.74 36.57 -13.20
CA ALA G 223 -63.53 36.73 -12.38
C ALA G 223 -62.42 35.74 -12.74
N VAL G 224 -62.81 34.50 -13.04
CA VAL G 224 -61.86 33.49 -13.48
C VAL G 224 -61.32 33.90 -14.85
N THR G 225 -62.25 34.25 -15.75
CA THR G 225 -61.91 34.70 -17.11
C THR G 225 -60.88 35.82 -17.07
N GLU G 226 -61.14 36.83 -16.25
CA GLU G 226 -60.25 37.96 -16.12
C GLU G 226 -58.91 37.58 -15.51
N TYR G 227 -58.96 36.81 -14.42
CA TYR G 227 -57.72 36.35 -13.80
C TYR G 227 -56.83 35.61 -14.79
N ILE G 228 -57.42 34.71 -15.60
CA ILE G 228 -56.64 33.93 -16.59
C ILE G 228 -56.04 34.78 -17.72
N GLN G 229 -56.84 35.72 -18.21
CA GLN G 229 -56.41 36.71 -19.20
C GLN G 229 -55.17 37.44 -18.69
N ARG G 230 -55.18 37.83 -17.41
CA ARG G 230 -54.05 38.50 -16.73
C ARG G 230 -52.79 37.65 -16.65
N LYS G 231 -52.96 36.33 -16.61
CA LYS G 231 -51.82 35.42 -16.53
C LYS G 231 -51.14 35.29 -17.89
N LYS G 232 -51.94 35.39 -18.95
CA LYS G 232 -51.45 35.26 -20.33
C LYS G 232 -51.05 36.62 -20.94
N PHE G 233 -51.82 37.65 -20.60
CA PHE G 233 -51.59 39.01 -21.13
C PHE G 233 -51.43 39.95 -19.93
N PRO G 234 -50.28 39.89 -19.25
CA PRO G 234 -50.09 40.65 -18.02
C PRO G 234 -50.08 42.15 -18.31
N PRO G 235 -50.76 42.94 -17.46
CA PRO G 235 -50.94 44.36 -17.78
C PRO G 235 -49.72 45.19 -17.40
N ASP G 236 -48.74 44.57 -16.77
CA ASP G 236 -47.58 45.28 -16.22
C ASP G 236 -46.27 44.95 -16.93
N ASN G 237 -46.33 44.31 -18.10
CA ASN G 237 -45.13 43.97 -18.86
C ASN G 237 -44.28 42.83 -18.28
N SER G 238 -44.78 42.18 -17.22
CA SER G 238 -44.13 40.97 -16.69
C SER G 238 -44.36 39.79 -17.63
N ALA G 239 -43.54 38.76 -17.51
CA ALA G 239 -43.64 37.60 -18.41
C ALA G 239 -44.97 36.85 -18.20
N PRO G 240 -45.55 36.27 -19.28
CA PRO G 240 -46.77 35.47 -19.07
C PRO G 240 -46.45 34.26 -18.20
N TYR G 241 -47.45 33.76 -17.48
CA TYR G 241 -47.34 32.53 -16.68
C TYR G 241 -47.38 31.35 -17.60
N GLY G 242 -46.66 30.28 -17.25
CA GLY G 242 -46.74 29.01 -17.99
C GLY G 242 -47.96 28.25 -17.50
N ALA G 243 -48.54 27.41 -18.35
CA ALA G 243 -49.67 26.57 -17.97
C ALA G 243 -49.30 25.10 -17.87
N ARG G 244 -49.81 24.44 -16.82
CA ARG G 244 -49.76 22.97 -16.64
C ARG G 244 -51.08 22.47 -16.06
N TYR G 245 -51.58 21.36 -16.59
CA TYR G 245 -52.78 20.70 -16.06
C TYR G 245 -52.74 19.21 -16.39
N VAL G 246 -52.36 18.42 -15.40
CA VAL G 246 -52.26 16.98 -15.54
C VAL G 246 -53.69 16.40 -15.58
N GLY G 247 -54.61 17.04 -14.86
CA GLY G 247 -55.98 16.56 -14.74
C GLY G 247 -56.10 15.53 -13.63
N SER G 248 -55.07 15.46 -12.81
CA SER G 248 -55.05 14.58 -11.65
C SER G 248 -54.64 15.46 -10.48
N MET G 249 -55.55 15.63 -9.53
CA MET G 249 -55.41 16.64 -8.48
C MET G 249 -54.13 16.55 -7.64
N VAL G 250 -53.78 15.34 -7.23
CA VAL G 250 -52.60 15.17 -6.40
C VAL G 250 -51.35 15.69 -7.13
N ALA G 251 -51.24 15.36 -8.43
CA ALA G 251 -50.14 15.79 -9.31
C ALA G 251 -50.00 17.30 -9.45
N ASP G 252 -51.11 17.94 -9.83
CA ASP G 252 -51.23 19.39 -9.96
C ASP G 252 -51.00 20.12 -8.64
N VAL G 253 -51.62 19.62 -7.56
CA VAL G 253 -51.39 20.22 -6.23
C VAL G 253 -49.94 20.03 -5.80
N HIS G 254 -49.42 18.83 -5.95
CA HIS G 254 -48.04 18.62 -5.60
C HIS G 254 -47.04 19.57 -6.33
N ARG G 255 -47.20 19.71 -7.66
CA ARG G 255 -46.39 20.65 -8.46
C ARG G 255 -46.54 22.07 -7.92
N THR G 256 -47.78 22.45 -7.59
CA THR G 256 -48.06 23.79 -7.02
C THR G 256 -47.32 24.05 -5.69
N LEU G 257 -47.25 23.05 -4.83
CA LEU G 257 -46.45 23.12 -3.60
C LEU G 257 -44.94 23.25 -3.88
N VAL G 258 -44.46 22.47 -4.83
CA VAL G 258 -43.02 22.43 -5.14
C VAL G 258 -42.53 23.64 -5.96
N TYR G 259 -43.22 23.98 -7.05
CA TYR G 259 -42.80 25.11 -7.91
C TYR G 259 -43.45 26.46 -7.57
N GLY G 260 -44.55 26.43 -6.82
CA GLY G 260 -45.35 27.62 -6.62
C GLY G 260 -46.33 27.82 -7.77
N GLY G 261 -47.23 28.77 -7.58
CA GLY G 261 -48.25 29.09 -8.56
C GLY G 261 -49.64 28.85 -8.00
N ILE G 262 -50.59 28.63 -8.91
CA ILE G 262 -52.01 28.57 -8.54
C ILE G 262 -52.67 27.41 -9.27
N PHE G 263 -53.61 26.76 -8.58
CA PHE G 263 -54.44 25.70 -9.13
C PHE G 263 -55.89 26.11 -8.94
N LEU G 264 -56.71 25.91 -9.97
CA LEU G 264 -58.13 26.24 -9.88
C LEU G 264 -59.02 25.13 -10.40
N TYR G 265 -60.07 24.86 -9.64
CA TYR G 265 -61.20 24.11 -10.19
C TYR G 265 -62.49 24.85 -9.80
N PRO G 266 -62.82 25.89 -10.57
CA PRO G 266 -64.03 26.65 -10.27
C PRO G 266 -65.29 25.88 -10.65
N ALA G 267 -66.43 26.39 -10.22
CA ALA G 267 -67.71 25.88 -10.69
C ALA G 267 -67.82 26.06 -12.21
N ASN G 268 -68.52 25.13 -12.85
CA ASN G 268 -68.94 25.27 -14.24
C ASN G 268 -70.41 24.81 -14.39
N LYS G 269 -70.97 24.95 -15.59
CA LYS G 269 -72.37 24.58 -15.83
C LYS G 269 -72.70 23.13 -15.49
N LYS G 270 -71.73 22.23 -15.69
CA LYS G 270 -71.91 20.82 -15.33
C LYS G 270 -71.66 20.59 -13.83
N SER G 271 -70.87 21.47 -13.23
CA SER G 271 -70.50 21.37 -11.82
C SER G 271 -70.73 22.70 -11.06
N PRO G 272 -72.02 23.07 -10.84
CA PRO G 272 -72.36 24.38 -10.25
C PRO G 272 -71.88 24.59 -8.82
N ASN G 273 -71.71 23.48 -8.08
CA ASN G 273 -71.17 23.51 -6.73
C ASN G 273 -69.65 23.24 -6.69
N GLY G 274 -69.02 23.24 -7.87
CA GLY G 274 -67.65 22.79 -8.01
C GLY G 274 -67.62 21.31 -8.39
N LYS G 275 -66.43 20.81 -8.70
CA LYS G 275 -66.28 19.41 -9.09
C LYS G 275 -65.58 18.58 -8.02
N LEU G 276 -64.54 19.15 -7.42
CA LEU G 276 -63.74 18.42 -6.45
C LEU G 276 -64.50 18.29 -5.10
N ARG G 277 -64.27 17.19 -4.41
CA ARG G 277 -64.98 16.89 -3.15
C ARG G 277 -64.39 17.68 -1.99
N LEU G 278 -65.25 18.38 -1.25
CA LEU G 278 -64.80 19.12 -0.09
C LEU G 278 -64.06 18.23 0.93
N LEU G 279 -64.64 17.07 1.27
CA LEU G 279 -64.20 16.36 2.47
C LEU G 279 -62.82 15.71 2.33
N TYR G 280 -62.58 15.11 1.18
CA TYR G 280 -61.39 14.28 1.01
C TYR G 280 -60.57 14.64 -0.21
N GLU G 281 -60.89 15.78 -0.82
CA GLU G 281 -60.06 16.35 -1.84
C GLU G 281 -59.68 17.78 -1.44
N CYS G 282 -60.67 18.64 -1.26
CA CYS G 282 -60.40 20.06 -1.01
C CYS G 282 -59.84 20.34 0.36
N ASN G 283 -60.51 19.87 1.41
CA ASN G 283 -60.04 20.13 2.77
C ASN G 283 -58.58 19.68 3.02
N PRO G 284 -58.25 18.40 2.72
CA PRO G 284 -56.87 17.97 2.89
C PRO G 284 -55.85 18.81 2.16
N MET G 285 -56.15 19.22 0.94
CA MET G 285 -55.19 20.00 0.15
C MET G 285 -55.09 21.42 0.66
N ALA G 286 -56.22 21.95 1.12
CA ALA G 286 -56.27 23.26 1.79
C ALA G 286 -55.42 23.27 3.06
N TYR G 287 -55.52 22.20 3.85
CA TYR G 287 -54.78 22.09 5.09
C TYR G 287 -53.28 22.05 4.85
N VAL G 288 -52.85 21.24 3.86
CA VAL G 288 -51.47 21.15 3.44
C VAL G 288 -51.05 22.55 3.00
N MET G 289 -51.85 23.17 2.14
CA MET G 289 -51.54 24.48 1.62
C MET G 289 -51.29 25.48 2.74
N GLU G 290 -52.24 25.58 3.68
CA GLU G 290 -52.11 26.57 4.77
C GLU G 290 -50.93 26.31 5.69
N LYS G 291 -50.71 25.05 6.04
CA LYS G 291 -49.55 24.69 6.85
C LYS G 291 -48.25 25.04 6.16
N ALA G 292 -48.26 25.06 4.82
CA ALA G 292 -47.08 25.42 4.01
C ALA G 292 -47.00 26.91 3.68
N GLY G 293 -47.84 27.71 4.34
CA GLY G 293 -47.88 29.16 4.12
C GLY G 293 -48.60 29.55 2.84
N GLY G 294 -49.40 28.64 2.27
CA GLY G 294 -50.22 28.93 1.11
C GLY G 294 -51.63 29.29 1.49
N MET G 295 -52.51 29.35 0.49
CA MET G 295 -53.92 29.71 0.68
C MET G 295 -54.84 28.77 -0.11
N ALA G 296 -56.09 28.67 0.35
CA ALA G 296 -57.12 27.92 -0.37
C ALA G 296 -58.51 28.51 -0.10
N THR G 297 -59.14 28.94 -1.19
CA THR G 297 -60.41 29.64 -1.13
C THR G 297 -61.40 29.01 -2.09
N THR G 298 -62.68 29.26 -1.83
CA THR G 298 -63.78 28.92 -2.73
C THR G 298 -64.10 30.10 -3.64
N GLY G 299 -63.48 31.24 -3.35
CA GLY G 299 -63.88 32.52 -3.87
C GLY G 299 -64.60 33.28 -2.77
N LYS G 300 -65.58 32.63 -2.15
CA LYS G 300 -66.36 33.23 -1.07
C LYS G 300 -65.65 33.18 0.29
N GLU G 301 -65.12 32.00 0.64
CA GLU G 301 -64.50 31.80 1.96
C GLU G 301 -63.32 30.84 1.85
N ALA G 302 -62.51 30.76 2.90
CA ALA G 302 -61.48 29.74 2.99
C ALA G 302 -62.17 28.37 2.99
N VAL G 303 -61.61 27.45 2.20
CA VAL G 303 -62.08 26.07 2.10
C VAL G 303 -62.18 25.44 3.48
N LEU G 304 -61.21 25.77 4.33
CA LEU G 304 -61.13 25.22 5.67
C LEU G 304 -62.24 25.73 6.61
N ASP G 305 -62.93 26.81 6.22
CA ASP G 305 -64.08 27.35 6.97
C ASP G 305 -65.47 26.89 6.48
N VAL G 306 -65.52 26.12 5.41
CA VAL G 306 -66.79 25.61 4.93
C VAL G 306 -67.30 24.56 5.90
N ILE G 307 -68.53 24.71 6.35
CA ILE G 307 -69.17 23.69 7.20
C ILE G 307 -69.94 22.74 6.29
N PRO G 308 -69.51 21.48 6.23
CA PRO G 308 -70.17 20.48 5.38
C PRO G 308 -71.54 20.08 5.89
N THR G 309 -72.39 19.63 4.96
CA THR G 309 -73.73 19.11 5.26
C THR G 309 -73.89 17.68 4.72
N ASP G 310 -73.06 17.34 3.73
CA ASP G 310 -73.10 16.06 3.02
C ASP G 310 -71.68 15.56 2.75
N ILE G 311 -71.45 14.25 2.94
CA ILE G 311 -70.08 13.73 2.94
C ILE G 311 -69.39 13.77 1.56
N HIS G 312 -70.19 13.61 0.50
CA HIS G 312 -69.71 13.72 -0.87
C HIS G 312 -69.91 15.07 -1.53
N GLN G 313 -70.16 16.10 -0.73
CA GLN G 313 -70.43 17.42 -1.32
C GLN G 313 -69.21 18.02 -2.02
N ARG G 314 -69.47 18.77 -3.09
CA ARG G 314 -68.42 19.38 -3.89
C ARG G 314 -68.16 20.83 -3.50
N ALA G 315 -66.93 21.29 -3.76
CA ALA G 315 -66.58 22.69 -3.53
C ALA G 315 -65.78 23.27 -4.69
N PRO G 316 -66.02 24.57 -4.98
CA PRO G 316 -65.13 25.22 -5.94
C PRO G 316 -63.84 25.47 -5.19
N VAL G 317 -62.71 25.49 -5.88
CA VAL G 317 -61.44 25.61 -5.19
C VAL G 317 -60.39 26.36 -6.01
N ILE G 318 -59.71 27.25 -5.31
CA ILE G 318 -58.56 27.98 -5.83
C ILE G 318 -57.55 27.98 -4.70
N LEU G 319 -56.33 27.52 -5.01
CA LEU G 319 -55.28 27.29 -4.01
C LEU G 319 -53.85 27.48 -4.56
N GLY G 320 -52.89 27.61 -3.66
CA GLY G 320 -51.45 27.71 -3.98
C GLY G 320 -50.77 28.90 -3.33
N SER G 321 -49.78 29.46 -4.02
CA SER G 321 -48.99 30.60 -3.54
C SER G 321 -49.89 31.72 -3.03
N PRO G 322 -49.55 32.31 -1.85
CA PRO G 322 -50.44 33.31 -1.26
C PRO G 322 -50.63 34.57 -2.12
N ASP G 323 -49.58 35.10 -2.73
CA ASP G 323 -49.71 36.23 -3.67
C ASP G 323 -50.61 35.95 -4.86
N ASP G 324 -50.50 34.76 -5.44
CA ASP G 324 -51.38 34.34 -6.52
C ASP G 324 -52.86 34.31 -6.12
N VAL G 325 -53.17 33.66 -4.99
CA VAL G 325 -54.56 33.57 -4.55
C VAL G 325 -55.11 34.95 -4.15
N LEU G 326 -54.27 35.80 -3.55
CA LEU G 326 -54.68 37.17 -3.23
C LEU G 326 -55.02 38.01 -4.47
N GLU G 327 -54.21 37.87 -5.52
CA GLU G 327 -54.51 38.46 -6.81
C GLU G 327 -55.82 37.95 -7.43
N PHE G 328 -56.04 36.64 -7.40
CA PHE G 328 -57.31 36.11 -7.83
C PHE G 328 -58.48 36.64 -7.00
N LEU G 329 -58.28 36.76 -5.70
CA LEU G 329 -59.33 37.22 -4.79
C LEU G 329 -59.70 38.70 -4.97
N LYS G 330 -58.72 39.56 -5.26
CA LYS G 330 -58.96 40.96 -5.61
C LYS G 330 -59.82 41.06 -6.88
N VAL G 331 -59.47 40.25 -7.88
CA VAL G 331 -60.23 40.15 -9.12
C VAL G 331 -61.62 39.60 -8.84
N TYR G 332 -61.70 38.58 -7.97
CA TYR G 332 -62.98 38.02 -7.53
C TYR G 332 -63.86 39.11 -6.92
N GLU G 333 -63.26 39.94 -6.07
CA GLU G 333 -63.94 41.03 -5.37
C GLU G 333 -64.48 42.08 -6.36
N LYS G 334 -63.72 42.33 -7.42
CA LYS G 334 -64.09 43.27 -8.48
C LYS G 334 -65.42 42.85 -9.12
N HIS G 335 -65.67 41.55 -9.20
CA HIS G 335 -66.87 41.03 -9.83
C HIS G 335 -67.93 40.61 -8.81
N SER G 336 -67.98 41.34 -7.69
CA SER G 336 -68.93 41.13 -6.59
C SER G 336 -68.27 40.39 -5.43
N ALA G 337 -68.36 39.17 -5.29
N ASP H 10 -52.19 -16.55 -24.46
CA ASP H 10 -50.71 -16.80 -24.50
C ASP H 10 -49.90 -15.53 -24.20
N VAL H 11 -49.37 -15.47 -22.98
CA VAL H 11 -48.52 -14.36 -22.52
C VAL H 11 -47.37 -14.12 -23.48
N ASN H 12 -47.08 -12.86 -23.72
CA ASN H 12 -45.98 -12.48 -24.59
C ASN H 12 -45.16 -11.41 -23.86
N THR H 13 -43.86 -11.47 -24.03
CA THR H 13 -42.97 -10.43 -23.53
C THR H 13 -42.37 -9.71 -24.73
N LEU H 14 -41.72 -8.58 -24.46
CA LEU H 14 -41.11 -7.76 -25.51
C LEU H 14 -40.05 -8.54 -26.32
N THR H 15 -39.13 -9.21 -25.63
CA THR H 15 -38.02 -9.91 -26.29
C THR H 15 -38.49 -11.05 -27.17
N ARG H 16 -39.34 -11.93 -26.62
CA ARG H 16 -39.96 -12.99 -27.39
C ARG H 16 -40.79 -12.41 -28.54
N PHE H 17 -41.51 -11.32 -28.28
CA PHE H 17 -42.28 -10.66 -29.33
C PHE H 17 -41.43 -10.14 -30.49
N VAL H 18 -40.37 -9.41 -30.19
CA VAL H 18 -39.49 -8.84 -31.23
C VAL H 18 -38.78 -9.98 -31.98
N MET H 19 -38.38 -10.99 -31.22
CA MET H 19 -37.65 -12.11 -31.75
C MET H 19 -38.49 -12.97 -32.69
N GLU H 20 -39.78 -13.10 -32.41
CA GLU H 20 -40.70 -13.79 -33.32
C GLU H 20 -40.98 -12.97 -34.57
N GLU H 21 -41.00 -11.64 -34.44
CA GLU H 21 -41.03 -10.75 -35.60
C GLU H 21 -39.75 -10.89 -36.45
N GLY H 22 -38.62 -11.06 -35.78
CA GLY H 22 -37.35 -11.27 -36.44
C GLY H 22 -37.26 -12.57 -37.21
N ARG H 23 -37.84 -13.65 -36.68
CA ARG H 23 -37.84 -14.94 -37.37
C ARG H 23 -38.71 -14.94 -38.62
N LYS H 24 -39.81 -14.20 -38.58
CA LYS H 24 -40.69 -14.04 -39.74
C LYS H 24 -40.00 -13.20 -40.81
N ALA H 25 -39.20 -12.22 -40.37
CA ALA H 25 -38.53 -11.28 -41.26
C ALA H 25 -37.19 -11.84 -41.70
N ARG H 26 -36.84 -13.00 -41.16
CA ARG H 26 -35.61 -13.69 -41.53
C ARG H 26 -34.41 -12.78 -41.27
N GLY H 27 -34.29 -12.31 -40.03
CA GLY H 27 -33.20 -11.43 -39.66
C GLY H 27 -32.09 -12.18 -38.96
N THR H 28 -30.93 -11.55 -38.90
CA THR H 28 -29.72 -12.08 -38.26
C THR H 28 -29.79 -11.97 -36.74
N GLY H 29 -30.58 -11.03 -36.23
CA GLY H 29 -30.72 -10.85 -34.80
C GLY H 29 -30.26 -9.53 -34.24
N GLU H 30 -29.72 -8.65 -35.07
CA GLU H 30 -29.15 -7.37 -34.59
C GLU H 30 -30.15 -6.42 -33.93
N LEU H 31 -31.31 -6.23 -34.55
CA LEU H 31 -32.35 -5.35 -34.00
C LEU H 31 -32.90 -5.88 -32.66
N THR H 32 -33.03 -7.20 -32.56
CA THR H 32 -33.41 -7.88 -31.32
C THR H 32 -32.42 -7.62 -30.18
N GLN H 33 -31.12 -7.78 -30.47
CA GLN H 33 -30.08 -7.48 -29.49
C GLN H 33 -30.13 -6.02 -29.08
N LEU H 34 -30.34 -5.14 -30.04
CA LEU H 34 -30.47 -3.69 -29.78
C LEU H 34 -31.62 -3.43 -28.81
N LEU H 35 -32.76 -4.05 -29.10
CA LEU H 35 -33.97 -3.76 -28.35
C LEU H 35 -33.98 -4.37 -26.95
N ASN H 36 -33.31 -5.51 -26.80
CA ASN H 36 -33.13 -6.11 -25.48
C ASN H 36 -32.23 -5.26 -24.62
N SER H 37 -31.13 -4.78 -25.21
CA SER H 37 -30.21 -3.89 -24.51
C SER H 37 -30.92 -2.61 -24.05
N LEU H 38 -31.69 -2.02 -24.96
CA LEU H 38 -32.47 -0.82 -24.70
C LEU H 38 -33.49 -1.05 -23.59
N CYS H 39 -34.12 -2.21 -23.60
CA CYS H 39 -35.12 -2.42 -22.59
C CYS H 39 -34.53 -2.81 -21.21
N THR H 40 -33.34 -3.43 -21.20
CA THR H 40 -32.54 -3.52 -19.98
C THR H 40 -32.19 -2.14 -19.39
N ALA H 41 -31.75 -1.19 -20.24
CA ALA H 41 -31.50 0.21 -19.82
C ALA H 41 -32.74 0.91 -19.26
N VAL H 42 -33.90 0.64 -19.87
CA VAL H 42 -35.16 1.27 -19.47
C VAL H 42 -35.60 0.77 -18.08
N LYS H 43 -35.42 -0.52 -17.80
CA LYS H 43 -35.73 -1.07 -16.51
C LYS H 43 -34.82 -0.47 -15.42
N ALA H 44 -33.57 -0.24 -15.78
CA ALA H 44 -32.62 0.41 -14.88
C ALA H 44 -32.92 1.91 -14.64
N ILE H 45 -33.40 2.59 -15.68
CA ILE H 45 -33.87 3.97 -15.54
C ILE H 45 -35.14 4.06 -14.67
N SER H 46 -36.13 3.23 -14.97
CA SER H 46 -37.34 3.10 -14.17
C SER H 46 -37.03 2.94 -12.68
N SER H 47 -36.21 1.96 -12.33
CA SER H 47 -35.80 1.75 -10.94
C SER H 47 -35.19 3.01 -10.30
N ALA H 48 -34.32 3.71 -11.04
CA ALA H 48 -33.69 4.94 -10.54
C ALA H 48 -34.70 6.11 -10.43
N VAL H 49 -35.64 6.16 -11.37
CA VAL H 49 -36.66 7.19 -11.41
C VAL H 49 -37.65 7.01 -10.25
N ARG H 50 -38.00 5.76 -9.95
CA ARG H 50 -38.86 5.41 -8.81
C ARG H 50 -38.10 5.50 -7.48
N LYS H 51 -36.82 5.88 -7.53
CA LYS H 51 -36.01 6.20 -6.34
C LYS H 51 -35.64 4.99 -5.47
N ALA H 52 -35.50 3.82 -6.06
CA ALA H 52 -34.94 2.67 -5.33
C ALA H 52 -33.54 3.05 -4.82
N GLY H 53 -33.30 2.82 -3.54
CA GLY H 53 -31.97 3.11 -2.99
C GLY H 53 -31.76 4.56 -2.56
N ILE H 54 -32.81 5.38 -2.64
CA ILE H 54 -32.72 6.78 -2.16
C ILE H 54 -32.37 6.89 -0.68
N ALA H 55 -32.64 5.85 0.11
CA ALA H 55 -32.31 5.86 1.52
C ALA H 55 -30.81 6.00 1.75
N HIS H 56 -30.01 5.45 0.83
CA HIS H 56 -28.55 5.51 0.91
C HIS H 56 -27.96 6.88 0.64
N LEU H 57 -28.64 7.69 -0.16
CA LEU H 57 -28.24 9.09 -0.37
C LEU H 57 -28.55 9.96 0.87
N TYR H 58 -29.58 9.58 1.60
CA TYR H 58 -30.00 10.31 2.80
C TYR H 58 -29.44 9.76 4.11
N GLY H 59 -28.51 8.82 4.01
CA GLY H 59 -27.62 8.48 5.12
C GLY H 59 -28.02 7.25 5.93
N ILE H 60 -28.76 6.32 5.31
CA ILE H 60 -29.18 5.11 6.00
C ILE H 60 -27.97 4.32 6.56
N ALA H 61 -26.89 4.27 5.79
CA ALA H 61 -25.66 3.60 6.19
C ALA H 61 -24.67 4.56 6.85
N GLY H 62 -25.13 5.77 7.20
CA GLY H 62 -24.28 6.84 7.66
C GLY H 62 -23.91 7.71 6.46
N LYS H 73 -28.21 14.55 -11.75
CA LYS H 73 -27.61 13.23 -11.98
C LYS H 73 -28.52 12.24 -12.70
N LEU H 74 -29.82 12.26 -12.41
CA LEU H 74 -30.77 11.31 -13.00
C LEU H 74 -30.85 11.33 -14.55
N ASP H 75 -30.78 12.51 -15.14
CA ASP H 75 -30.77 12.61 -16.60
C ASP H 75 -29.41 12.17 -17.16
N VAL H 76 -28.35 12.39 -16.39
CA VAL H 76 -27.00 11.97 -16.76
C VAL H 76 -26.86 10.46 -16.62
N LEU H 77 -27.39 9.90 -15.54
CA LEU H 77 -27.40 8.46 -15.32
C LEU H 77 -28.18 7.72 -16.41
N SER H 78 -29.33 8.27 -16.82
CA SER H 78 -30.16 7.67 -17.85
C SER H 78 -29.44 7.63 -19.20
N ASN H 79 -28.77 8.73 -19.55
CA ASN H 79 -27.91 8.78 -20.73
C ASN H 79 -26.83 7.70 -20.70
N ASP H 80 -26.16 7.57 -19.54
CA ASP H 80 -25.08 6.60 -19.36
C ASP H 80 -25.58 5.18 -19.52
N LEU H 81 -26.77 4.91 -18.98
CA LEU H 81 -27.36 3.59 -19.05
C LEU H 81 -27.70 3.24 -20.51
N VAL H 82 -28.38 4.15 -21.20
CA VAL H 82 -28.76 3.94 -22.60
C VAL H 82 -27.52 3.82 -23.51
N MET H 83 -26.63 4.83 -23.47
CA MET H 83 -25.33 4.79 -24.18
C MET H 83 -24.60 3.48 -24.00
N ASN H 84 -24.40 3.09 -22.74
CA ASN H 84 -23.60 1.93 -22.46
C ASN H 84 -24.20 0.59 -22.90
N MET H 85 -25.53 0.45 -22.76
CA MET H 85 -26.24 -0.73 -23.18
C MET H 85 -26.33 -0.82 -24.70
N LEU H 86 -26.51 0.31 -25.37
CA LEU H 86 -26.52 0.30 -26.84
C LEU H 86 -25.15 -0.05 -27.45
N LYS H 87 -24.10 0.61 -26.96
CA LYS H 87 -22.71 0.30 -27.35
C LYS H 87 -22.36 -1.18 -27.28
N SER H 88 -22.69 -1.81 -26.15
CA SER H 88 -22.35 -3.19 -25.88
C SER H 88 -23.34 -4.20 -26.46
N SER H 89 -24.38 -3.71 -27.12
CA SER H 89 -25.30 -4.58 -27.89
C SER H 89 -24.62 -5.19 -29.12
N PHE H 90 -23.53 -4.57 -29.59
CA PHE H 90 -22.85 -4.90 -30.85
C PHE H 90 -23.76 -4.69 -32.08
N ALA H 91 -24.77 -3.82 -31.88
CA ALA H 91 -25.80 -3.61 -32.88
C ALA H 91 -25.92 -2.16 -33.38
N THR H 92 -25.07 -1.25 -32.87
CA THR H 92 -25.12 0.18 -33.24
C THR H 92 -23.77 0.73 -33.70
N CYS H 93 -23.78 1.86 -34.41
CA CYS H 93 -22.55 2.51 -34.85
C CYS H 93 -22.50 4.00 -34.54
N VAL H 94 -23.67 4.62 -34.52
CA VAL H 94 -23.81 6.04 -34.29
C VAL H 94 -24.97 6.27 -33.31
N LEU H 95 -24.75 7.15 -32.33
CA LEU H 95 -25.70 7.34 -31.25
C LEU H 95 -25.88 8.80 -31.01
N VAL H 96 -27.11 9.28 -31.21
CA VAL H 96 -27.46 10.68 -30.97
C VAL H 96 -28.33 10.79 -29.75
N SER H 97 -27.92 11.64 -28.81
CA SER H 97 -28.62 11.83 -27.57
C SER H 97 -28.90 13.29 -27.29
N GLU H 98 -29.96 13.53 -26.53
CA GLU H 98 -30.28 14.86 -26.05
C GLU H 98 -29.14 15.43 -25.21
N GLU H 99 -28.47 14.58 -24.43
CA GLU H 99 -27.41 15.03 -23.49
C GLU H 99 -26.13 15.43 -24.18
N ASP H 100 -25.93 14.93 -25.40
CA ASP H 100 -24.67 15.05 -26.10
C ASP H 100 -24.78 15.93 -27.33
N LYS H 101 -23.96 16.97 -27.37
CA LYS H 101 -23.93 17.91 -28.49
C LYS H 101 -23.44 17.30 -29.82
N HIS H 102 -22.50 16.36 -29.75
CA HIS H 102 -22.09 15.58 -30.90
C HIS H 102 -22.59 14.14 -30.85
N ALA H 103 -22.73 13.53 -32.02
CA ALA H 103 -23.09 12.12 -32.12
C ALA H 103 -21.95 11.30 -31.58
N ILE H 104 -22.29 10.17 -30.97
CA ILE H 104 -21.32 9.26 -30.41
C ILE H 104 -21.07 8.17 -31.44
N ILE H 105 -19.81 8.01 -31.82
CA ILE H 105 -19.44 6.94 -32.75
C ILE H 105 -18.97 5.75 -31.94
N VAL H 106 -19.58 4.60 -32.19
CA VAL H 106 -19.24 3.38 -31.48
C VAL H 106 -17.83 2.90 -31.90
N GLU H 107 -17.03 2.49 -30.92
CA GLU H 107 -15.71 1.86 -31.16
C GLU H 107 -15.84 0.79 -32.23
N PRO H 108 -14.85 0.70 -33.16
CA PRO H 108 -14.97 -0.17 -34.34
C PRO H 108 -15.36 -1.61 -34.01
N GLU H 109 -14.85 -2.13 -32.91
CA GLU H 109 -15.06 -3.53 -32.53
C GLU H 109 -16.46 -3.79 -31.98
N LYS H 110 -17.21 -2.72 -31.71
CA LYS H 110 -18.55 -2.88 -31.14
C LYS H 110 -19.64 -2.51 -32.14
N ARG H 111 -19.22 -1.99 -33.30
CA ARG H 111 -20.11 -1.51 -34.34
C ARG H 111 -21.05 -2.56 -34.88
N GLY H 112 -22.32 -2.19 -34.95
CA GLY H 112 -23.36 -2.95 -35.64
C GLY H 112 -23.99 -2.02 -36.67
N LYS H 113 -25.19 -2.33 -37.13
CA LYS H 113 -25.68 -1.68 -38.32
C LYS H 113 -26.68 -0.56 -38.08
N TYR H 114 -27.04 -0.32 -36.82
CA TYR H 114 -28.07 0.68 -36.52
C TYR H 114 -27.57 1.97 -35.90
N VAL H 115 -28.27 3.04 -36.26
CA VAL H 115 -28.08 4.37 -35.73
C VAL H 115 -29.27 4.63 -34.79
N VAL H 116 -29.02 5.03 -33.55
CA VAL H 116 -30.12 5.28 -32.60
C VAL H 116 -30.10 6.75 -32.12
N CYS H 117 -31.27 7.38 -32.24
CA CYS H 117 -31.48 8.72 -31.73
C CYS H 117 -32.39 8.64 -30.51
N PHE H 118 -31.95 9.18 -29.38
CA PHE H 118 -32.74 9.01 -28.15
C PHE H 118 -32.74 10.25 -27.25
N ASP H 119 -33.82 10.38 -26.49
CA ASP H 119 -33.89 11.31 -25.38
C ASP H 119 -33.99 10.42 -24.14
N PRO H 120 -32.89 10.33 -23.37
CA PRO H 120 -32.80 9.37 -22.26
C PRO H 120 -33.79 9.63 -21.12
N LEU H 121 -34.07 10.89 -20.81
CA LEU H 121 -35.04 11.21 -19.79
C LEU H 121 -35.83 12.50 -20.07
N ASP H 122 -36.74 12.42 -21.03
CA ASP H 122 -37.62 13.55 -21.36
C ASP H 122 -38.50 13.95 -20.18
N GLY H 123 -38.61 15.27 -19.97
CA GLY H 123 -39.43 15.85 -18.91
C GLY H 123 -38.71 16.01 -17.58
N SER H 124 -37.44 15.57 -17.52
CA SER H 124 -36.67 15.52 -16.28
C SER H 124 -36.35 16.90 -15.70
N SER H 125 -36.50 17.92 -16.54
CA SER H 125 -36.43 19.31 -16.12
C SER H 125 -37.33 19.60 -14.91
N ASN H 126 -38.55 19.07 -14.96
CA ASN H 126 -39.54 19.21 -13.85
C ASN H 126 -39.72 17.95 -12.97
N ILE H 127 -38.72 17.07 -12.93
CA ILE H 127 -38.82 15.82 -12.17
C ILE H 127 -38.89 16.05 -10.65
N ASP H 128 -38.61 17.29 -10.25
CA ASP H 128 -38.59 17.69 -8.83
C ASP H 128 -40.00 17.69 -8.24
N CYS H 129 -41.00 17.85 -9.10
CA CYS H 129 -42.41 17.76 -8.70
C CYS H 129 -43.01 16.38 -9.00
N LEU H 130 -42.17 15.44 -9.44
CA LEU H 130 -42.55 14.04 -9.69
C LEU H 130 -43.56 13.84 -10.84
N VAL H 131 -43.58 14.79 -11.78
CA VAL H 131 -44.24 14.65 -13.07
C VAL H 131 -43.73 13.40 -13.78
N SER H 132 -44.65 12.68 -14.45
CA SER H 132 -44.28 11.62 -15.39
C SER H 132 -43.12 12.04 -16.27
N VAL H 133 -42.19 11.14 -16.49
CA VAL H 133 -41.02 11.37 -17.35
C VAL H 133 -40.95 10.18 -18.28
N GLY H 134 -40.00 10.20 -19.23
CA GLY H 134 -39.89 9.13 -20.22
C GLY H 134 -38.63 9.08 -21.07
N THR H 135 -38.46 7.96 -21.75
CA THR H 135 -37.30 7.72 -22.59
C THR H 135 -37.85 7.56 -24.00
N ILE H 136 -37.30 8.33 -24.94
CA ILE H 136 -37.76 8.29 -26.36
C ILE H 136 -36.66 7.82 -27.28
N PHE H 137 -36.99 6.89 -28.18
CA PHE H 137 -35.98 6.33 -29.09
C PHE H 137 -36.49 6.17 -30.51
N GLY H 138 -35.57 6.33 -31.44
CA GLY H 138 -35.82 6.15 -32.86
C GLY H 138 -34.63 5.41 -33.43
N ILE H 139 -34.90 4.34 -34.19
CA ILE H 139 -33.82 3.51 -34.70
C ILE H 139 -33.82 3.55 -36.24
N TYR H 140 -32.64 3.79 -36.81
CA TYR H 140 -32.40 3.75 -38.27
C TYR H 140 -31.32 2.73 -38.58
N ARG H 141 -31.38 2.22 -39.80
CA ARG H 141 -30.30 1.44 -40.35
C ARG H 141 -29.30 2.44 -40.95
N LYS H 142 -28.01 2.19 -40.73
CA LYS H 142 -26.95 2.95 -41.41
C LYS H 142 -27.08 2.73 -42.91
N LYS H 143 -27.01 3.82 -43.67
CA LYS H 143 -27.30 3.76 -45.12
C LYS H 143 -26.10 3.50 -46.06
N SER H 144 -24.90 3.87 -45.62
CA SER H 144 -23.71 3.72 -46.43
C SER H 144 -22.65 2.87 -45.70
N THR H 145 -21.69 2.37 -46.46
CA THR H 145 -20.56 1.64 -45.91
C THR H 145 -19.42 2.59 -45.55
N ASP H 146 -19.64 3.90 -45.64
CA ASP H 146 -18.68 4.89 -45.18
C ASP H 146 -18.34 4.70 -43.70
N GLU H 147 -17.23 5.30 -43.28
CA GLU H 147 -16.91 5.45 -41.87
C GLU H 147 -18.10 6.15 -41.23
N PRO H 148 -18.63 5.59 -40.12
CA PRO H 148 -19.76 6.18 -39.37
C PRO H 148 -19.47 7.60 -38.87
N SER H 149 -20.45 8.48 -39.02
CA SER H 149 -20.34 9.86 -38.56
C SER H 149 -21.73 10.41 -38.18
N GLU H 150 -21.79 11.69 -37.78
CA GLU H 150 -23.05 12.36 -37.51
C GLU H 150 -24.05 12.18 -38.65
N LYS H 151 -23.61 12.44 -39.89
CA LYS H 151 -24.47 12.45 -41.09
C LYS H 151 -25.36 11.20 -41.23
N ASP H 152 -24.92 10.07 -40.68
CA ASP H 152 -25.70 8.84 -40.72
C ASP H 152 -27.01 8.90 -39.93
N ALA H 153 -27.11 9.92 -39.06
CA ALA H 153 -28.30 10.18 -38.25
C ALA H 153 -29.21 11.25 -38.85
N LEU H 154 -28.76 11.84 -39.96
CA LEU H 154 -29.54 12.87 -40.65
C LEU H 154 -30.54 12.28 -41.65
N GLN H 155 -31.27 11.27 -41.22
CA GLN H 155 -32.27 10.65 -42.05
C GLN H 155 -33.65 11.24 -41.68
N PRO H 156 -34.56 11.37 -42.67
CA PRO H 156 -35.93 11.70 -42.29
C PRO H 156 -36.59 10.52 -41.58
N GLY H 157 -37.54 10.81 -40.69
CA GLY H 157 -38.27 9.79 -39.95
C GLY H 157 -38.93 8.72 -40.81
N ARG H 158 -39.23 9.05 -42.07
CA ARG H 158 -39.65 8.04 -43.05
C ARG H 158 -38.75 6.81 -43.05
N ASN H 159 -37.47 7.03 -42.74
CA ASN H 159 -36.42 5.99 -42.77
C ASN H 159 -36.37 5.09 -41.52
N LEU H 160 -37.17 5.42 -40.50
CA LEU H 160 -37.18 4.65 -39.23
C LEU H 160 -37.47 3.17 -39.45
N VAL H 161 -36.78 2.34 -38.66
CA VAL H 161 -36.92 0.89 -38.68
C VAL H 161 -37.82 0.44 -37.52
N ALA H 162 -37.61 1.08 -36.37
CA ALA H 162 -38.39 0.92 -35.14
C ALA H 162 -38.30 2.21 -34.37
N ALA H 163 -39.29 2.47 -33.53
CA ALA H 163 -39.29 3.67 -32.68
C ALA H 163 -40.34 3.51 -31.60
N GLY H 164 -40.26 4.34 -30.57
CA GLY H 164 -41.20 4.23 -29.46
C GLY H 164 -40.73 5.03 -28.27
N TYR H 165 -41.22 4.62 -27.10
CA TYR H 165 -40.89 5.32 -25.86
C TYR H 165 -41.17 4.46 -24.64
N ALA H 166 -40.50 4.81 -23.57
CA ALA H 166 -40.75 4.26 -22.26
C ALA H 166 -41.38 5.38 -21.45
N LEU H 167 -42.55 5.10 -20.86
CA LEU H 167 -43.18 6.09 -19.98
C LEU H 167 -43.12 5.64 -18.54
N TYR H 168 -42.51 6.47 -17.70
CA TYR H 168 -42.44 6.24 -16.27
C TYR H 168 -43.57 7.05 -15.64
N GLY H 169 -44.79 6.50 -15.69
CA GLY H 169 -45.98 7.14 -15.11
C GLY H 169 -46.39 6.52 -13.78
N SER H 170 -47.70 6.40 -13.56
CA SER H 170 -48.20 5.68 -12.41
C SER H 170 -47.66 4.25 -12.50
N ALA H 171 -47.48 3.77 -13.73
CA ALA H 171 -46.70 2.56 -13.99
C ALA H 171 -45.66 2.82 -15.12
N THR H 172 -44.76 1.88 -15.36
CA THR H 172 -43.81 1.98 -16.48
C THR H 172 -44.30 1.17 -17.68
N MET H 173 -44.48 1.85 -18.81
CA MET H 173 -44.86 1.17 -20.05
C MET H 173 -43.88 1.50 -21.18
N LEU H 174 -43.56 0.46 -21.97
CA LEU H 174 -42.81 0.61 -23.21
C LEU H 174 -43.78 0.47 -24.40
N VAL H 175 -43.84 1.51 -25.23
CA VAL H 175 -44.64 1.50 -26.47
C VAL H 175 -43.66 1.35 -27.65
N LEU H 176 -43.81 0.27 -28.42
CA LEU H 176 -42.89 0.00 -29.53
C LEU H 176 -43.62 0.01 -30.87
N ALA H 177 -43.24 0.95 -31.73
CA ALA H 177 -43.72 1.01 -33.11
C ALA H 177 -42.71 0.35 -34.07
N MET H 178 -43.21 -0.55 -34.92
CA MET H 178 -42.43 -1.18 -36.00
C MET H 178 -43.37 -1.31 -37.18
N ASP H 179 -42.92 -1.87 -38.30
CA ASP H 179 -43.81 -2.05 -39.46
C ASP H 179 -45.08 -2.84 -39.15
N CYS H 180 -44.98 -3.79 -38.22
CA CYS H 180 -46.12 -4.58 -37.78
C CYS H 180 -47.18 -3.74 -37.01
N GLY H 181 -46.86 -2.48 -36.73
CA GLY H 181 -47.73 -1.60 -35.96
C GLY H 181 -47.18 -1.23 -34.60
N VAL H 182 -48.07 -0.80 -33.73
CA VAL H 182 -47.71 -0.31 -32.40
C VAL H 182 -48.14 -1.33 -31.35
N ASN H 183 -47.22 -1.68 -30.46
CA ASN H 183 -47.51 -2.64 -29.39
C ASN H 183 -47.10 -2.08 -28.03
N CYS H 184 -47.93 -2.27 -27.01
CA CYS H 184 -47.68 -1.70 -25.67
C CYS H 184 -47.35 -2.72 -24.58
N PHE H 185 -46.22 -2.49 -23.90
CA PHE H 185 -45.67 -3.47 -22.98
C PHE H 185 -45.56 -2.86 -21.59
N MET H 186 -46.24 -3.49 -20.63
CA MET H 186 -46.21 -3.05 -19.24
C MET H 186 -45.05 -3.72 -18.50
N LEU H 187 -44.24 -2.91 -17.85
CA LEU H 187 -43.16 -3.45 -17.03
C LEU H 187 -43.73 -3.95 -15.70
N ASP H 188 -43.66 -5.27 -15.50
CA ASP H 188 -43.90 -5.89 -14.19
C ASP H 188 -42.62 -5.82 -13.37
N PRO H 189 -42.58 -4.89 -12.39
CA PRO H 189 -41.39 -4.66 -11.59
C PRO H 189 -41.13 -5.73 -10.55
N ALA H 190 -42.08 -6.65 -10.36
CA ALA H 190 -41.87 -7.82 -9.53
C ALA H 190 -40.94 -8.85 -10.20
N ILE H 191 -40.88 -8.83 -11.54
CA ILE H 191 -40.07 -9.81 -12.30
C ILE H 191 -39.14 -9.23 -13.38
N GLY H 192 -39.25 -7.92 -13.64
CA GLY H 192 -38.41 -7.27 -14.65
C GLY H 192 -38.74 -7.71 -16.06
N GLU H 193 -40.02 -7.89 -16.36
CA GLU H 193 -40.45 -8.25 -17.71
C GLU H 193 -41.45 -7.25 -18.25
N PHE H 194 -41.24 -6.91 -19.52
CA PHE H 194 -42.19 -6.12 -20.29
C PHE H 194 -43.27 -7.03 -20.89
N ILE H 195 -44.48 -6.93 -20.36
CA ILE H 195 -45.57 -7.82 -20.68
C ILE H 195 -46.42 -7.14 -21.74
N LEU H 196 -46.68 -7.85 -22.83
CA LEU H 196 -47.55 -7.34 -23.89
C LEU H 196 -49.00 -7.24 -23.42
N VAL H 197 -49.54 -6.03 -23.41
CA VAL H 197 -50.86 -5.73 -22.82
C VAL H 197 -51.86 -5.08 -23.78
N ASP H 198 -51.34 -4.43 -24.82
CA ASP H 198 -52.16 -3.78 -25.84
C ASP H 198 -51.50 -4.05 -27.18
N LYS H 199 -52.20 -4.83 -28.02
CA LYS H 199 -51.65 -5.27 -29.29
C LYS H 199 -52.17 -4.41 -30.43
N ASP H 200 -51.26 -4.03 -31.35
CA ASP H 200 -51.64 -3.37 -32.60
C ASP H 200 -52.61 -2.23 -32.35
N VAL H 201 -52.19 -1.28 -31.51
CA VAL H 201 -53.05 -0.19 -31.06
C VAL H 201 -53.18 0.92 -32.10
N LYS H 202 -54.41 1.37 -32.29
CA LYS H 202 -54.74 2.39 -33.24
C LYS H 202 -55.37 3.51 -32.46
N ILE H 203 -55.05 4.74 -32.84
CA ILE H 203 -55.61 5.94 -32.23
C ILE H 203 -57.06 6.12 -32.70
N LYS H 204 -57.89 6.77 -31.86
CA LYS H 204 -59.23 7.22 -32.28
C LYS H 204 -59.12 8.22 -33.43
N LYS H 205 -60.10 8.16 -34.33
CA LYS H 205 -60.18 9.04 -35.51
C LYS H 205 -60.36 10.50 -35.11
N LYS H 206 -61.14 10.72 -34.06
CA LYS H 206 -61.34 12.05 -33.49
C LYS H 206 -61.39 11.98 -31.96
N GLY H 207 -60.63 12.86 -31.31
CA GLY H 207 -60.65 12.94 -29.86
C GLY H 207 -61.41 14.12 -29.31
N LYS H 208 -61.25 14.33 -28.02
CA LYS H 208 -61.98 15.36 -27.28
C LYS H 208 -61.05 16.09 -26.32
N ILE H 209 -59.75 15.94 -26.51
CA ILE H 209 -58.76 16.62 -25.67
C ILE H 209 -57.81 17.39 -26.57
N TYR H 210 -57.52 18.62 -26.19
CA TYR H 210 -56.39 19.34 -26.79
C TYR H 210 -55.33 19.61 -25.74
N SER H 211 -54.08 19.58 -26.18
CA SER H 211 -52.94 19.61 -25.28
C SER H 211 -51.85 20.55 -25.77
N LEU H 212 -51.71 21.68 -25.10
CA LEU H 212 -50.61 22.60 -25.35
C LEU H 212 -50.44 23.55 -24.19
N ASN H 213 -49.35 24.32 -24.24
CA ASN H 213 -49.13 25.37 -23.24
C ASN H 213 -49.87 26.65 -23.57
N GLU H 214 -51.05 26.82 -23.00
CA GLU H 214 -51.88 28.02 -23.27
C GLU H 214 -51.38 29.31 -22.58
N GLY H 215 -50.39 29.19 -21.70
CA GLY H 215 -49.85 30.34 -21.02
C GLY H 215 -49.06 31.21 -21.97
N TYR H 216 -48.56 30.61 -23.04
CA TYR H 216 -47.79 31.35 -24.04
C TYR H 216 -48.66 31.83 -25.23
N ALA H 217 -49.94 32.08 -24.91
CA ALA H 217 -50.98 32.51 -25.87
C ALA H 217 -50.69 33.83 -26.59
N LYS H 218 -50.06 34.77 -25.89
CA LYS H 218 -49.79 36.11 -26.45
C LYS H 218 -48.79 36.03 -27.61
N ASP H 219 -48.05 34.94 -27.64
CA ASP H 219 -47.05 34.70 -28.69
C ASP H 219 -47.51 33.68 -29.74
N PHE H 220 -48.75 33.19 -29.64
CA PHE H 220 -49.30 32.20 -30.57
C PHE H 220 -49.33 32.72 -31.99
N ASP H 221 -49.03 31.82 -32.93
CA ASP H 221 -49.37 31.94 -34.33
C ASP H 221 -50.90 32.10 -34.40
N PRO H 222 -51.40 33.06 -35.20
CA PRO H 222 -52.86 33.32 -35.20
C PRO H 222 -53.72 32.10 -35.58
N ALA H 223 -53.11 31.13 -36.27
CA ALA H 223 -53.77 29.87 -36.62
C ALA H 223 -53.91 28.96 -35.40
N VAL H 224 -52.93 29.02 -34.49
CA VAL H 224 -53.02 28.26 -33.23
C VAL H 224 -54.13 28.87 -32.38
N THR H 225 -54.11 30.20 -32.26
CA THR H 225 -55.17 30.96 -31.60
C THR H 225 -56.56 30.56 -32.10
N GLU H 226 -56.77 30.63 -33.42
CA GLU H 226 -58.08 30.31 -33.97
C GLU H 226 -58.49 28.88 -33.66
N TYR H 227 -57.55 27.95 -33.84
CA TYR H 227 -57.83 26.52 -33.61
C TYR H 227 -58.28 26.23 -32.17
N ILE H 228 -57.50 26.67 -31.20
CA ILE H 228 -57.80 26.46 -29.79
C ILE H 228 -59.13 27.13 -29.38
N GLN H 229 -59.36 28.33 -29.92
CA GLN H 229 -60.62 29.03 -29.72
C GLN H 229 -61.84 28.20 -30.16
N ARG H 230 -61.66 27.40 -31.22
CA ARG H 230 -62.71 26.52 -31.74
C ARG H 230 -62.97 25.29 -30.88
N LYS H 231 -61.91 24.82 -30.23
CA LYS H 231 -61.96 23.69 -29.29
C LYS H 231 -62.71 24.10 -28.04
N LYS H 232 -62.48 25.35 -27.62
CA LYS H 232 -63.14 25.91 -26.45
C LYS H 232 -64.55 26.43 -26.74
N PHE H 233 -64.72 27.05 -27.91
CA PHE H 233 -66.01 27.62 -28.30
C PHE H 233 -66.48 27.10 -29.64
N PRO H 234 -66.92 25.83 -29.69
CA PRO H 234 -67.29 25.21 -30.95
C PRO H 234 -68.43 25.97 -31.63
N PRO H 235 -68.35 26.15 -32.97
CA PRO H 235 -69.35 26.92 -33.74
C PRO H 235 -70.71 26.25 -33.77
N ASP H 236 -70.76 24.94 -33.54
CA ASP H 236 -72.00 24.17 -33.58
C ASP H 236 -72.47 23.75 -32.18
N ASN H 237 -73.25 22.68 -32.10
CA ASN H 237 -73.77 22.16 -30.82
C ASN H 237 -72.80 21.29 -30.05
N SER H 238 -71.61 21.08 -30.57
CA SER H 238 -70.72 20.07 -29.99
C SER H 238 -70.13 20.56 -28.65
N ALA H 239 -69.89 19.60 -27.75
CA ALA H 239 -69.24 19.91 -26.48
C ALA H 239 -67.83 20.48 -26.71
N PRO H 240 -67.45 21.52 -25.94
CA PRO H 240 -66.05 21.97 -26.02
C PRO H 240 -65.08 20.82 -25.68
N TYR H 241 -63.85 20.90 -26.18
CA TYR H 241 -62.84 19.90 -25.88
C TYR H 241 -62.34 20.11 -24.46
N GLY H 242 -62.00 19.01 -23.78
CA GLY H 242 -61.30 19.15 -22.52
C GLY H 242 -59.83 19.46 -22.77
N ALA H 243 -59.16 20.08 -21.80
CA ALA H 243 -57.73 20.41 -21.91
C ALA H 243 -56.88 19.63 -20.91
N ARG H 244 -55.72 19.14 -21.36
CA ARG H 244 -54.72 18.52 -20.50
C ARG H 244 -53.34 18.89 -21.03
N TYR H 245 -52.46 19.29 -20.12
CA TYR H 245 -51.06 19.54 -20.46
C TYR H 245 -50.18 19.25 -19.27
N VAL H 246 -49.48 18.12 -19.34
CA VAL H 246 -48.60 17.66 -18.28
C VAL H 246 -47.31 18.48 -18.34
N GLY H 247 -46.94 18.88 -19.55
CA GLY H 247 -45.69 19.60 -19.78
C GLY H 247 -44.55 18.61 -20.00
N SER H 248 -44.90 17.33 -20.11
CA SER H 248 -43.93 16.27 -20.31
C SER H 248 -44.34 15.47 -21.55
N MET H 249 -43.57 15.57 -22.62
CA MET H 249 -44.04 15.11 -23.93
C MET H 249 -44.52 13.65 -23.98
N VAL H 250 -43.77 12.75 -23.38
CA VAL H 250 -44.10 11.31 -23.40
C VAL H 250 -45.46 11.02 -22.76
N ALA H 251 -45.77 11.71 -21.66
CA ALA H 251 -47.06 11.54 -20.98
C ALA H 251 -48.17 12.14 -21.82
N ASP H 252 -47.92 13.32 -22.40
CA ASP H 252 -48.93 14.01 -23.19
C ASP H 252 -49.24 13.24 -24.48
N VAL H 253 -48.20 12.77 -25.15
CA VAL H 253 -48.36 11.97 -26.37
C VAL H 253 -48.97 10.60 -26.07
N HIS H 254 -48.56 9.97 -24.98
CA HIS H 254 -49.16 8.70 -24.62
C HIS H 254 -50.66 8.82 -24.29
N ARG H 255 -51.06 9.87 -23.56
CA ARG H 255 -52.48 10.13 -23.32
C ARG H 255 -53.24 10.31 -24.65
N THR H 256 -52.59 11.01 -25.58
CA THR H 256 -53.13 11.26 -26.92
C THR H 256 -53.33 9.96 -27.69
N LEU H 257 -52.40 9.03 -27.55
CA LEU H 257 -52.55 7.71 -28.15
C LEU H 257 -53.75 6.92 -27.59
N VAL H 258 -53.84 6.92 -26.26
CA VAL H 258 -54.84 6.12 -25.55
C VAL H 258 -56.25 6.73 -25.61
N TYR H 259 -56.35 8.05 -25.45
CA TYR H 259 -57.63 8.73 -25.38
C TYR H 259 -57.99 9.46 -26.66
N GLY H 260 -57.00 9.68 -27.51
CA GLY H 260 -57.21 10.45 -28.73
C GLY H 260 -57.17 11.92 -28.42
N GLY H 261 -57.30 12.72 -29.48
CA GLY H 261 -57.18 14.16 -29.40
C GLY H 261 -55.94 14.66 -30.12
N ILE H 262 -55.41 15.77 -29.62
CA ILE H 262 -54.39 16.51 -30.31
C ILE H 262 -53.37 17.08 -29.32
N PHE H 263 -52.09 16.89 -29.65
CA PHE H 263 -50.98 17.51 -28.94
C PHE H 263 -50.30 18.50 -29.86
N LEU H 264 -49.98 19.67 -29.31
CA LEU H 264 -49.36 20.71 -30.09
C LEU H 264 -48.22 21.39 -29.36
N TYR H 265 -47.05 21.36 -29.97
CA TYR H 265 -45.97 22.28 -29.63
C TYR H 265 -45.57 22.97 -30.93
N PRO H 266 -46.31 24.03 -31.28
CA PRO H 266 -46.27 24.63 -32.61
C PRO H 266 -45.20 25.71 -32.79
N ALA H 267 -44.94 26.05 -34.04
CA ALA H 267 -44.11 27.21 -34.36
C ALA H 267 -44.85 28.49 -34.00
N ASN H 268 -44.08 29.52 -33.67
CA ASN H 268 -44.60 30.89 -33.60
C ASN H 268 -43.53 31.84 -34.15
N LYS H 269 -43.72 33.15 -33.98
CA LYS H 269 -42.74 34.13 -34.47
C LYS H 269 -41.40 34.07 -33.76
N LYS H 270 -41.45 33.97 -32.42
CA LYS H 270 -40.23 33.90 -31.60
C LYS H 270 -39.46 32.60 -31.83
N SER H 271 -40.20 31.55 -32.18
CA SER H 271 -39.66 30.20 -32.33
C SER H 271 -40.18 29.58 -33.64
N PRO H 272 -39.63 30.01 -34.80
CA PRO H 272 -40.20 29.62 -36.10
C PRO H 272 -40.05 28.14 -36.45
N ASN H 273 -39.16 27.45 -35.74
CA ASN H 273 -38.98 26.01 -35.88
C ASN H 273 -39.49 25.22 -34.66
N GLY H 274 -40.30 25.86 -33.81
CA GLY H 274 -40.83 25.25 -32.58
C GLY H 274 -39.72 25.05 -31.55
N LYS H 275 -39.96 24.18 -30.57
CA LYS H 275 -38.99 24.00 -29.48
C LYS H 275 -38.49 22.58 -29.35
N LEU H 276 -39.36 21.61 -29.66
CA LEU H 276 -39.01 20.19 -29.50
C LEU H 276 -38.06 19.75 -30.61
N ARG H 277 -37.28 18.72 -30.29
CA ARG H 277 -36.17 18.27 -31.11
C ARG H 277 -36.58 17.22 -32.11
N LEU H 278 -36.30 17.50 -33.38
CA LEU H 278 -36.70 16.63 -34.47
C LEU H 278 -36.25 15.17 -34.32
N LEU H 279 -34.97 14.93 -34.03
CA LEU H 279 -34.44 13.57 -34.13
C LEU H 279 -34.92 12.61 -33.06
N TYR H 280 -35.06 13.12 -31.84
CA TYR H 280 -35.29 12.23 -30.69
C TYR H 280 -36.53 12.58 -29.88
N GLU H 281 -37.37 13.44 -30.45
CA GLU H 281 -38.66 13.74 -29.84
C GLU H 281 -39.74 13.71 -30.90
N CYS H 282 -39.65 14.61 -31.88
CA CYS H 282 -40.72 14.70 -32.88
C CYS H 282 -40.79 13.47 -33.75
N ASN H 283 -39.68 13.05 -34.35
CA ASN H 283 -39.67 11.88 -35.23
C ASN H 283 -40.16 10.54 -34.65
N PRO H 284 -39.62 10.10 -33.50
CA PRO H 284 -40.15 8.87 -32.91
C PRO H 284 -41.64 8.94 -32.55
N MET H 285 -42.12 10.09 -32.08
CA MET H 285 -43.54 10.28 -31.79
C MET H 285 -44.41 10.32 -33.07
N ALA H 286 -43.90 10.98 -34.11
CA ALA H 286 -44.55 10.94 -35.43
C ALA H 286 -44.65 9.51 -35.99
N TYR H 287 -43.60 8.74 -35.79
CA TYR H 287 -43.61 7.37 -36.24
C TYR H 287 -44.65 6.52 -35.49
N VAL H 288 -44.65 6.60 -34.16
CA VAL H 288 -45.64 5.87 -33.36
C VAL H 288 -47.04 6.22 -33.82
N MET H 289 -47.30 7.52 -33.94
CA MET H 289 -48.59 8.05 -34.36
C MET H 289 -49.09 7.48 -35.69
N GLU H 290 -48.26 7.56 -36.73
CA GLU H 290 -48.64 7.08 -38.05
C GLU H 290 -48.85 5.58 -38.10
N LYS H 291 -48.02 4.86 -37.38
CA LYS H 291 -48.21 3.40 -37.16
C LYS H 291 -49.52 3.08 -36.43
N ALA H 292 -50.00 4.01 -35.59
CA ALA H 292 -51.31 3.86 -34.94
C ALA H 292 -52.46 4.48 -35.74
N GLY H 293 -52.22 4.80 -37.01
CA GLY H 293 -53.22 5.48 -37.86
C GLY H 293 -53.50 6.93 -37.51
N GLY H 294 -52.62 7.55 -36.72
CA GLY H 294 -52.76 8.95 -36.38
C GLY H 294 -51.92 9.77 -37.34
N MET H 295 -51.74 11.04 -36.99
CA MET H 295 -50.98 11.95 -37.85
C MET H 295 -50.03 12.82 -37.05
N ALA H 296 -49.02 13.34 -37.74
CA ALA H 296 -48.06 14.24 -37.13
C ALA H 296 -47.48 15.15 -38.18
N THR H 297 -47.77 16.44 -38.03
CA THR H 297 -47.36 17.49 -38.97
C THR H 297 -46.60 18.61 -38.26
N THR H 298 -45.79 19.35 -39.03
CA THR H 298 -45.15 20.56 -38.54
C THR H 298 -46.01 21.79 -38.87
N GLY H 299 -47.11 21.55 -39.58
CA GLY H 299 -47.93 22.64 -40.09
C GLY H 299 -47.72 22.79 -41.57
N LYS H 300 -46.50 22.58 -42.03
CA LYS H 300 -46.13 22.72 -43.44
C LYS H 300 -46.00 21.37 -44.11
N GLU H 301 -45.58 20.37 -43.34
CA GLU H 301 -45.38 19.04 -43.90
C GLU H 301 -45.47 17.98 -42.81
N ALA H 302 -45.58 16.71 -43.21
CA ALA H 302 -45.40 15.59 -42.29
C ALA H 302 -44.05 15.73 -41.56
N VAL H 303 -44.05 15.49 -40.25
CA VAL H 303 -42.81 15.49 -39.46
C VAL H 303 -41.79 14.51 -40.05
N LEU H 304 -42.29 13.34 -40.43
CA LEU H 304 -41.51 12.25 -40.98
C LEU H 304 -40.83 12.54 -42.34
N ASP H 305 -41.21 13.64 -42.98
CA ASP H 305 -40.67 14.00 -44.27
C ASP H 305 -39.55 15.02 -44.18
N VAL H 306 -39.43 15.70 -43.06
CA VAL H 306 -38.34 16.67 -42.90
C VAL H 306 -36.98 15.97 -43.07
N ILE H 307 -36.14 16.49 -43.95
CA ILE H 307 -34.75 16.03 -44.01
C ILE H 307 -33.91 16.92 -43.08
N PRO H 308 -33.35 16.33 -42.01
CA PRO H 308 -32.57 17.10 -41.04
C PRO H 308 -31.15 17.46 -41.52
N THR H 309 -30.66 18.63 -41.11
CA THR H 309 -29.29 19.12 -41.38
C THR H 309 -28.48 19.34 -40.08
N ASP H 310 -29.16 19.33 -38.93
CA ASP H 310 -28.47 19.36 -37.64
C ASP H 310 -29.12 18.29 -36.76
N ILE H 311 -28.29 17.55 -36.02
CA ILE H 311 -28.82 16.48 -35.17
C ILE H 311 -29.68 17.00 -34.01
N HIS H 312 -29.57 18.30 -33.71
CA HIS H 312 -30.29 18.92 -32.61
C HIS H 312 -31.26 19.97 -33.09
N GLN H 313 -31.64 19.89 -34.36
CA GLN H 313 -32.55 20.89 -34.91
C GLN H 313 -33.94 20.70 -34.30
N ARG H 314 -34.65 21.81 -34.16
CA ARG H 314 -36.00 21.79 -33.66
C ARG H 314 -37.01 21.66 -34.80
N ALA H 315 -38.17 21.09 -34.48
CA ALA H 315 -39.30 21.04 -35.40
C ALA H 315 -40.60 21.33 -34.63
N PRO H 316 -41.55 22.06 -35.26
CA PRO H 316 -42.86 22.23 -34.69
C PRO H 316 -43.56 20.89 -34.78
N VAL H 317 -44.52 20.63 -33.90
CA VAL H 317 -45.25 19.37 -33.96
C VAL H 317 -46.71 19.47 -33.46
N ILE H 318 -47.59 18.92 -34.28
CA ILE H 318 -49.01 18.85 -34.03
C ILE H 318 -49.36 17.43 -34.40
N LEU H 319 -49.73 16.65 -33.40
CA LEU H 319 -49.97 15.23 -33.60
C LEU H 319 -51.22 14.73 -32.89
N GLY H 320 -51.68 13.57 -33.33
CA GLY H 320 -52.78 12.88 -32.69
C GLY H 320 -53.77 12.29 -33.65
N SER H 321 -55.04 12.39 -33.30
CA SER H 321 -56.15 11.85 -34.10
C SER H 321 -56.21 12.50 -35.49
N PRO H 322 -56.34 11.69 -36.55
CA PRO H 322 -56.27 12.23 -37.91
C PRO H 322 -57.31 13.31 -38.21
N ASP H 323 -58.54 13.17 -37.70
CA ASP H 323 -59.55 14.23 -37.87
C ASP H 323 -59.13 15.54 -37.21
N ASP H 324 -58.52 15.43 -36.04
CA ASP H 324 -58.11 16.61 -35.30
C ASP H 324 -56.94 17.31 -35.97
N VAL H 325 -55.94 16.54 -36.36
CA VAL H 325 -54.76 17.05 -37.05
C VAL H 325 -55.14 17.68 -38.40
N LEU H 326 -56.01 17.04 -39.18
CA LEU H 326 -56.49 17.61 -40.44
C LEU H 326 -57.26 18.90 -40.24
N GLU H 327 -58.07 18.96 -39.17
CA GLU H 327 -58.76 20.19 -38.81
C GLU H 327 -57.79 21.31 -38.49
N PHE H 328 -56.75 21.02 -37.71
CA PHE H 328 -55.71 22.00 -37.44
C PHE H 328 -55.07 22.53 -38.74
N LEU H 329 -54.78 21.62 -39.66
CA LEU H 329 -54.24 21.94 -40.98
C LEU H 329 -55.16 22.84 -41.81
N LYS H 330 -56.47 22.59 -41.75
CA LYS H 330 -57.44 23.48 -42.35
C LYS H 330 -57.32 24.92 -41.83
N VAL H 331 -57.21 25.06 -40.51
CA VAL H 331 -57.09 26.38 -39.89
C VAL H 331 -55.72 27.01 -40.21
N TYR H 332 -54.68 26.19 -40.21
CA TYR H 332 -53.32 26.65 -40.49
C TYR H 332 -53.20 27.23 -41.89
N GLU H 333 -53.78 26.51 -42.86
CA GLU H 333 -53.83 26.94 -44.25
C GLU H 333 -54.64 28.21 -44.45
N LYS H 334 -55.66 28.38 -43.61
CA LYS H 334 -56.51 29.58 -43.65
C LYS H 334 -55.70 30.85 -43.36
N HIS H 335 -54.58 30.68 -42.65
CA HIS H 335 -53.71 31.77 -42.25
C HIS H 335 -52.37 31.83 -43.01
N SER H 336 -52.15 30.89 -43.92
CA SER H 336 -50.90 30.81 -44.66
C SER H 336 -50.94 31.53 -46.00
N ALA H 337 -50.10 32.40 -46.26
O7 ROK I . 44.29 8.05 -23.57
S2 ROK I . 44.63 7.34 -24.77
O6 ROK I . 44.18 8.09 -25.91
N5 ROK I . 46.13 7.16 -24.89
C10 ROK I . 46.95 6.73 -23.92
O13 ROK I . 46.50 6.45 -22.69
N12 ROK I . 48.23 6.60 -24.25
C15 ROK I . 49.24 6.15 -23.31
C16 ROK I . 50.25 7.26 -23.34
S17 ROK I . 50.02 8.12 -21.78
C1 ROK I . 43.98 5.89 -24.79
C4 ROK I . 43.77 5.25 -26.00
C9 ROK I . 43.21 3.97 -26.05
C11 ROK I . 42.85 3.32 -24.87
N14 ROK I . 42.31 2.09 -24.93
C8 ROK I . 43.06 3.95 -23.64
C3 ROK I . 43.63 5.23 -23.60
O7 ROK J . 23.55 -4.26 30.36
S2 ROK J . 22.46 -3.86 31.17
O6 ROK J . 22.02 -5.03 31.88
N5 ROK J . 23.03 -2.89 32.21
C10 ROK J . 23.62 -1.73 32.00
O13 ROK J . 23.73 -1.24 30.77
N12 ROK J . 24.08 -1.09 33.08
C15 ROK J . 24.77 0.21 33.07
C16 ROK J . 26.05 -0.11 32.28
S17 ROK J . 27.61 0.43 33.00
C1 ROK J . 21.26 -3.30 30.29
C4 ROK J . 19.97 -3.21 30.81
C9 ROK J . 18.93 -2.74 30.00
C11 ROK J . 19.17 -2.38 28.67
N14 ROK J . 18.17 -1.93 27.90
C8 ROK J . 20.47 -2.48 28.14
C3 ROK J . 21.50 -2.94 28.94
O7 ROK K . 56.14 9.60 -18.42
S2 ROK K . 56.58 10.73 -19.20
O6 ROK K . 57.81 10.36 -19.84
N5 ROK K . 55.58 11.01 -20.28
C10 ROK K . 54.29 11.28 -20.09
O13 ROK K . 53.75 11.28 -18.87
N12 ROK K . 53.53 11.53 -21.16
C15 ROK K . 52.12 11.83 -21.00
C16 ROK K . 51.46 10.54 -20.58
S17 ROK K . 50.69 9.99 -22.09
C1 ROK K . 56.82 12.04 -18.31
C4 ROK K . 57.62 13.09 -18.80
C9 ROK K . 57.82 14.26 -18.03
C11 ROK K . 57.22 14.36 -16.76
N14 ROK K . 57.41 15.48 -15.99
C8 ROK K . 56.42 13.32 -16.27
C3 ROK K . 56.22 12.18 -17.05
O7 ROK L . 31.82 4.69 35.26
S2 ROK L . 32.07 4.01 36.50
O6 ROK L . 31.65 4.84 37.60
N5 ROK L . 31.30 2.70 36.56
C10 ROK L . 31.19 1.79 35.61
O13 ROK L . 31.73 1.92 34.40
N12 ROK L . 30.49 0.70 35.90
C15 ROK L . 30.27 -0.39 34.95
C16 ROK L . 28.92 -0.94 35.41
S17 ROK L . 27.64 0.28 35.03
C1 ROK L . 33.64 3.72 36.62
C4 ROK L . 34.27 3.65 37.89
C9 ROK L . 35.64 3.39 37.97
C11 ROK L . 36.38 3.21 36.78
N14 ROK L . 37.71 2.97 36.82
C8 ROK L . 35.75 3.27 35.54
C3 ROK L . 34.38 3.52 35.46
O7 ROK M . -40.96 1.14 23.79
S2 ROK M . -41.70 0.74 24.96
O6 ROK M . -40.91 1.03 26.12
N5 ROK M . -42.99 1.53 25.06
C10 ROK M . -43.89 1.60 24.08
O13 ROK M . -43.73 0.98 22.91
N12 ROK M . -44.99 2.31 24.31
C15 ROK M . -45.99 2.38 23.27
C16 ROK M . -45.46 3.35 22.25
S17 ROK M . -46.16 4.88 22.83
C1 ROK M . -42.03 -0.81 24.89
C4 ROK M . -42.28 -1.52 26.06
C9 ROK M . -42.56 -2.88 26.00
C11 ROK M . -42.59 -3.53 24.78
N14 ROK M . -42.86 -4.85 24.71
C8 ROK M . -42.33 -2.82 23.59
C3 ROK M . -42.05 -1.46 23.66
O7 ROK N . -31.03 -20.35 -30.26
S2 ROK N . -29.96 -20.71 -31.12
O6 ROK N . -30.34 -21.88 -31.83
N5 ROK N . -29.69 -19.61 -32.15
C10 ROK N . -29.40 -18.34 -31.90
O13 ROK N . -29.31 -17.86 -30.65
N12 ROK N . -29.21 -17.52 -32.94
C15 ROK N . -28.85 -16.12 -32.80
C16 ROK N . -30.06 -15.40 -32.29
S17 ROK N . -30.76 -14.57 -33.71
C1 ROK N . -28.63 -21.04 -30.29
C4 ROK N . -27.69 -21.92 -30.84
C9 ROK N . -26.53 -22.23 -30.15
C11 ROK N . -26.30 -21.66 -28.89
N14 ROK N . -25.16 -21.96 -28.20
C8 ROK N . -27.24 -20.78 -28.33
C3 ROK N . -28.40 -20.48 -29.04
O7 ROK O . -50.29 9.19 18.60
S2 ROK O . -50.11 10.38 19.38
O6 ROK O . -51.38 10.73 19.99
N5 ROK O . -49.14 10.13 20.51
C10 ROK O . -47.99 9.50 20.34
O13 ROK O . -47.60 9.04 19.15
N12 ROK O . -47.20 9.35 21.39
C15 ROK O . -45.94 8.68 21.19
C16 ROK O . -45.76 7.83 22.42
S17 ROK O . -45.32 6.27 21.66
C1 ROK O . -49.55 11.58 18.51
C4 ROK O . -49.64 12.90 18.99
C9 ROK O . -49.15 13.95 18.22
C11 ROK O . -48.56 13.70 16.99
N14 ROK O . -48.08 14.74 16.24
C8 ROK O . -48.46 12.40 16.50
C3 ROK O . -48.95 11.34 17.26
O7 ROK P . -33.12 -8.77 -35.17
S2 ROK P . -33.70 -9.09 -36.44
O6 ROK P . -32.88 -8.62 -37.52
N5 ROK P . -33.81 -10.60 -36.60
C10 ROK P . -34.21 -11.45 -35.67
O13 ROK P . -34.57 -11.04 -34.45
N12 ROK P . -34.26 -12.75 -35.95
C15 ROK P . -34.72 -13.68 -34.94
C16 ROK P . -33.57 -14.63 -34.73
S17 ROK P . -32.68 -14.11 -33.24
C1 ROK P . -35.17 -8.46 -36.57
C4 ROK P . -35.74 -8.20 -37.82
C9 ROK P . -37.03 -7.67 -37.90
C11 ROK P . -37.76 -7.37 -36.75
N14 ROK P . -39.02 -6.84 -36.83
C8 ROK P . -37.19 -7.63 -35.51
C3 ROK P . -35.92 -8.18 -35.42
#